data_8SF0
#
_entry.id   8SF0
#
_cell.length_a   1.00
_cell.length_b   1.00
_cell.length_c   1.00
_cell.angle_alpha   90.00
_cell.angle_beta   90.00
_cell.angle_gamma   90.00
#
_symmetry.space_group_name_H-M   'P 1'
#
loop_
_entity.id
_entity.type
_entity.pdbx_description
1 polymer 'Ryanodine receptor 1'
2 non-polymer "ADENOSINE-3',5'-CYCLIC-MONOPHOSPHATE"
3 non-polymer 'ZINC ION'
#
_entity_poly.entity_id   1
_entity_poly.type   'polypeptide(L)'
_entity_poly.pdbx_seq_one_letter_code
;MGDGGEGEDEVQFLRTDDEVVLQCSATVLKEQLKLCLAAEGFGNRLCFLEPTSNAQNVPPDLAICCFTLEQSLSVRALQE
MLANTVEAGVESSQGGGHRTLLYGHAILLRHAHSRMYLSCLTTSRSMTDKLAFDVGLQEDATGEACWWTMHPASKQRSEG
EKVRVGDDLILVSVSSERYLHLSTASGELQVDASFMQTLWNMNPICSCCEEGYVTGGHVLRLFHGHMDECLTISAADSDD
QRRLVYYEGGAVCTHARSLWRLEPLRISWSGSHLRWGQPLRIRHVTTGRYLALTEDQGLVVVDACKAHTKATSFCFRVSK
EKLDTAPKRDVEGMGPPEIKYGESLCFVQHVASGLWLTYAAPDPKALRLGVLKKKAILHQEGHMDDALFLTRCQQEESQA
ARMIHSTAGLYNQFIKGLDSFSGKPRGSGPPAGPALPIEAVILSLQDLIGYFEPPSEELQHEEKQSKLRSLRNRQSLFQE
EGMLSLVLNCIDRLNVYTTAAHFAEYAGEEAAESWKEIVNLLYELLASLIRGNRANCALFSTNLDWVVSKLDRLEASSGI
LEVLYCVLIESPEVLNIIQENHIKSIISLLDKHGRNHKVLDVLCSLCVCNGVAVRSNQDLITENLLPGRELLLQTNLINY
VTSIRPNIFVGRAEGSTQYGKWYFEVMVDEVVPFLTAQATHLRVGWALTEGYSPYPGGGEGWGGNGVGDDLYSYGFDGLH
LWTGHVARPVTSPGQHLLAPEDVVSCCLDLSVPSISFRINGCPVQGVFEAFNLDGLFFPVVSFSAGVKVRFLLGGRHGEF
KFLPPPGYAPCHEAVLPRERLRLEPIKEYRREGPRGPHLVGPSRCLSHTDFVPCPVDTVQIVLPPHLERIREKLAENIHE
LWALTRIEQGWTYGPVRDDNKRLHPCLVNFHSLPEPERNYNLQMSGETLKTLLALGCHVGMADEKAEDNLKKTKLPKTYM
MSNGYKPAPLDLSHVRLTPAQTTLVDRLAENGHNVWARDRVAQGWSYSAVQDIPARRNPRLVPYRLLDEATKRSNRDSLC
QAVRTLLGYGYNIEPPDQEPSQVENQSRWDRVRIFRAEKSYTVQSGRWYFEFEAVTTGEMRVGWARPELRPDVELGADEL
AYVFNGHRGQRWHLGSEPFGRPWQSGDVVGCMIDLTENTIIFTLNGEVLMSDSGSETAFREIEIGDGFLPVCSLGPGQVG
HLNLGQDVSSLRFFAICGLQEGFEPFAINMQRPVTTWFSKSLPQFEPVPPEHPHYEVARMDGTVDTPPCLRLAHRTWGSQ
NSLVEMLFLRLSLPVQFHQHFRCTAGATPLAPPGLQPPAEDEARAAEPDPDYENLRRSAGGWGEAEGGKEGTAKEGTPGG
TPQPGVEAQPVRAENEKDATTEKNKKRGFLFKAKKAAMMTQPPATPALPRLPHDVVPADNRDDPEIILNTTTYYYSVRVF
AGQEPSCVWVGWVTPDYHQHDMNFDLSKVRAVTVTMGDEQGNVHSSLKCSNCYMVWGGDFVSPGQQGRISHTDLVIGCLV
DLATGLMTFTANGKESNTFFQVEPNTKLFPAVFVLPTHQNVIQFELGKQKNIMPLSAAMFLSERKNPAPQCPPRLEVQML
MPVSWSRMPNHFLQVETRRAGERLGWAVQCQDPLTMMALHIPEENRCMDILELSERLDLQRFHSHTLRLYRAVCALGNNR
VAHALCSHVDQAQLLHALEDAHLPGPLRAGYYDLLISIHLESACRSRRSMLSEYIVPLTPETRAITLFPPGRKGGNARRH
GLPGVGVTTSLRPPHHFSPPCFVAALPAAGVAEAPARLSPAIPLEALRDKALRMLGEAVRDGGQHARDPVGGSVEFQFVP
VLKLVSTLLVMGIFGDEDVKQILKMIEPEVFTEEEEEEEEEEEEEEEEEEDEEEKEEDEEEEEKEDAEKEEEEAPEGEKE
DLEEGLLQMKLPESVKLQMCNLLEYFCDQELQHRVESLAAFAERYVDKLQANQRSRYALLMRAFTMSAAETARRTREFRS
PPQEQINMLLHFKDEADEEDCPLPEDIRQDLQDFHQDLLAHCGIQLEGEEEEPEEETSLSSRLRSLLETVRLVKKKEEKP
EEELPAEEKKPQSLQELVSHMVVRWAQEDYVQSPELVRAMFSLLHRQYDGLGELLRALPRAYTISPSSVEDTMSLLECLG
QIRSLLIVQMGPQEENLMIQSIGNIMNNKVFYQHPNLMRALGMHETVMEVMVNVLGGGETKEIRFPKMVTSCCRFLCYFC
RISRQNQRSMFDHLSYLLENSGIGLGMQGSTPLDVAAASVIDNNELALALQEQDLEKVVSYLAGCGLQSCPMLLAKGYPD
IGWNPCGGERYLDFLRFAVFVNGESVEENANVVVRLLIRKPECFGPALRGEGGSGLLAAIEEAIRISEDPARDGPGVRRD
RRREHFGEEPPEENRVHLGHAIMSFYAALIDLLGRCAPEMHLIQAGKGEALRIRAILRSLVPLDDLVGIISLPLQIPTLG
KDGALVQPKMSASFVPDHKASMVLFLDRVYGIENQDFLLHVLDVGFLPDMRAAASLDTATFSTTEMALALNRYLCLAVLP
LITKCAPLFAGTEHRAIMVDSMLHTVYRLSRGRSLTKAQRDVIEDCLMALCRYIRPSMLQHLLRRLVFDVPILNEFAKMP
LKLLTNHYERCWKYYCLPTGWANFGVTSEEELHLTRKLFWGIFDSLAHKKYDQELYRMAMPCLCAIAGALPPDYVDASYS
SKAEKKATVDAEGNFDPRPVETLNVIIPEKLDSFINKFAEYTHEKWAFDKIQNNWSYGENVDEELKTHPMLRPYKTFSEK
DKEIYRWPIKESLKAMIAWEWTIEKAREGEEERTEKKKTRKISQTAQTYDPREGYNPQPPDLSGVTLSRELQAMAEQLAE
NYHNTWGRKKKQELEAKGGGTHPLLVPYDTLTAKEKARDREKAQELLKFLQMNGYAVTRGLKDMELDTSSIEKRFAFGFL
QQLLRWMDISQEFIAHLEAVVSSGRVEKSPHEQEIKFFAKILLPLINQYFTNHCLYFLSTPAKVLGSGGHASNKEKEMIT
SLFCKLAALVRHRVSLFGTDAPAVVNCLHILARSLDARTVMKSGPEIVKAGLRSFFESASEDIEKMVENLRLGKVSQART
QVKGVGQNLTYTTVALLPVLTTLFQHIAQHQFGDDVILDDVQVSCYRTLCSIYSLGTTKNTYVEKLRPALGECLARLAAA
MPVAFLEPQLNEYNACSVYTTKSPRERAILGLPNSVEEMCPDIPVLDRLMADIGGLAESGARYTEMPHVIEITLPMLCSY
LPRWWERGPEAPPPALPAGAPPPCTAVTSDHLNSLLGNILRIIVNNLGIDEATWMKRLAVFAQPIVSRARPELLHSHFIP
TIGRLRKRAGKVVAEEEQLRLEAKAEAEEGELLVRDEFSVLCRDLYALYPLLIRYVDNNRAHWLTEPNANAEELFRMVGE
IFIYWSKSHNFKREEQNFVVQNEINNMSFLTADSKSKMAKAGDAQSGGSDQERTKKKRRGDRYSVQTSLIVATLKKMLPI
GLNMCAPTDQDLIMLAKTRYALKDTDEEVREFLQNNLHLQGKVEGSPSLRWQMALYRGLPGREEDADDPEKIVRRVQEVS
AVLYHLEQTEHPYKSKKAVWHKLLSKQRRRAVVACFRMTPLYNLPTHRACNMFLESYKAAWILTEDHSFEDRMIDDLSKA
GEQEEEEEEVEEKKPDPLHQLVLHFSRTALTEKSKLDEDYLYMAYADIMAKSCHLEEGGENGEAEEEEVEVSFEEKEMEK
QRLLYQQSRLHTRGAAEMVLQMISACKGETGAMVSSTLKLGISILNGGNAEVQQKMLDYLKDKKEVGFFQSIQALMQTCS
VLDLNAFERQNKAEGLGMVNEDGTVINRQNGEKVMADDEFTQDLFRFLQLLCEGHNNDFQNYLRTQTGNTTTINIIICTV
DYLLRLQESISDFYWYYSGKDVIEEQGKRNFSKAMSVAKQVFNSLTEYIQGPCTGNQQSLAHSRLWDAVVGFLHVFAHMM
MKLAQDSSQIELLKELLDLQKDMVVMLLSLLEGNVVNGMIARQMVDMLVESSSNVEMILKFFDMFLKLKDIVGSEAFQDY
VTDPRGLISKKDFQKAMDSQKQFTGPEIQFLLSCSEADENEMINFEEFANRFQEPARDIGFNVAVLLTNLSEHVPHDPRL
RNFLELAESILEYFRPYLGRIEIMGASRRIERIYFEISETNRAQWEMPQVKESKRQFIFDVVNEGGEAEKMELFVSFCED
TIFEMQIAAQISEPEGEPEADEDEGMGEAAAEGAEEGAAGAEGAAGTVAAGATARLAAAAARALRGLSYRSLRRRVRRLR
RLTAREAATALAALLWAVVARAGAAGAGAAAGALRLLWGSLFGGGLVEGAKKVTVTELLAGMPDPTSDEVHGEQPAGPGG
DADGAGEGEGEGDAAEGDGDEEVAGHEAGPGGAEGVVAVADGGPFRPEGAGGLGDMGDTTPAEPPTPEGSPILKRKLGVD
GEEEELVPEPEPEPEPEPEKADEENGEKEEVPEAPPEPPKKAPPSPPAKKEEAGGAGMEFWGELEVQRVKFLNYLSRNFY
TLRFLALFLAFAINFILLFYKVSDSPPGEDDMEGSAAGDLAGAGSGGGSGWGSGAGEEAEGDEDENMVYYFLEESTGYME
PALWCLSLLHTLVAFLCIIGYNCLKVPLVIFKREKELARKLEFDGLYITEQPGDDDVKGQWDRLVLNTPSFPSNYWDKFV
KRKVLDKHGDIFGRERIAELLGMDLASLEITAHNERKPDPPPGLLTWLMSIDVKYQIWKFGVIFTDNSFLYLGWYMVMSL
LGHYNNFFFAAHLLDIAMGVKTLRTILSSVTHNGKQLVMTVGLLAVVVYLYTVVAFNFFRKFYNKSEDEDEPDMKCDDMM
TCYLFHMYVGVRAGGGIGDEIEDPAGDEYELYRVVFDITFFFFVIVILLAIIQGLIIDAFGELRDQQEQVKEDMETKCFI
CGIGSDYFDTTPHGFETHTLEEHNLANYMFFLMYLINKDETEHTGQESYVWKMYQERCWDFFPAGDCFRKQYEDQLS
;
_entity_poly.pdbx_strand_id   A,B,C,D
#
# COMPACT_ATOMS: atom_id res chain seq x y z
N ASN A 3950 19.48 -24.33 -71.42
CA ASN A 3950 20.92 -24.19 -71.58
C ASN A 3950 21.55 -23.70 -70.28
N PHE A 3951 21.65 -22.39 -70.12
CA PHE A 3951 22.17 -21.82 -68.89
C PHE A 3951 21.27 -22.13 -67.70
N SER A 3952 19.95 -22.23 -67.94
CA SER A 3952 19.04 -22.59 -66.86
C SER A 3952 19.29 -23.99 -66.34
N LYS A 3953 19.58 -24.94 -67.24
CA LYS A 3953 19.87 -26.31 -66.81
C LYS A 3953 21.09 -26.36 -65.91
N ALA A 3954 22.16 -25.64 -66.29
CA ALA A 3954 23.35 -25.59 -65.46
C ALA A 3954 23.08 -24.87 -64.15
N MET A 3955 22.23 -23.84 -64.19
CA MET A 3955 21.89 -23.10 -62.97
C MET A 3955 21.06 -23.96 -62.03
N SER A 3956 20.16 -24.78 -62.58
CA SER A 3956 19.35 -25.67 -61.74
C SER A 3956 20.21 -26.65 -60.96
N VAL A 3957 21.38 -27.01 -61.51
CA VAL A 3957 22.30 -27.88 -60.79
C VAL A 3957 22.81 -27.19 -59.53
N ALA A 3958 23.16 -25.92 -59.63
CA ALA A 3958 23.65 -25.17 -58.48
C ALA A 3958 22.61 -25.06 -57.38
N LYS A 3959 21.31 -25.12 -57.71
CA LYS A 3959 20.28 -25.10 -56.70
C LYS A 3959 20.37 -26.31 -55.78
N GLN A 3960 20.62 -27.50 -56.36
CA GLN A 3960 20.77 -28.70 -55.56
C GLN A 3960 21.97 -28.61 -54.64
N VAL A 3961 23.08 -28.03 -55.13
CA VAL A 3961 24.29 -27.94 -54.33
C VAL A 3961 24.06 -27.07 -53.10
N PHE A 3962 23.36 -25.95 -53.27
CA PHE A 3962 23.09 -25.07 -52.13
C PHE A 3962 22.21 -25.77 -51.09
N ASN A 3963 21.19 -26.50 -51.54
CA ASN A 3963 20.36 -27.26 -50.60
C ASN A 3963 21.17 -28.35 -49.91
N SER A 3964 22.02 -29.04 -50.66
CA SER A 3964 22.88 -30.06 -50.05
C SER A 3964 23.86 -29.43 -49.07
N LEU A 3965 24.41 -28.27 -49.41
CA LEU A 3965 25.27 -27.54 -48.48
C LEU A 3965 24.49 -27.13 -47.24
N THR A 3966 23.24 -26.68 -47.42
CA THR A 3966 22.42 -26.28 -46.29
C THR A 3966 22.12 -27.47 -45.38
N GLU A 3967 21.76 -28.61 -45.96
CA GLU A 3967 21.34 -29.76 -45.15
C GLU A 3967 22.44 -30.23 -44.22
N TYR A 3968 23.70 -30.10 -44.62
CA TYR A 3968 24.80 -30.47 -43.73
C TYR A 3968 24.81 -29.60 -42.48
N ILE A 3969 24.53 -28.30 -42.63
CA ILE A 3969 24.57 -27.36 -41.53
C ILE A 3969 23.18 -26.85 -41.17
N GLN A 3970 22.12 -27.47 -41.71
CA GLN A 3970 20.76 -27.02 -41.39
C GLN A 3970 20.47 -27.17 -39.90
N GLY A 3971 21.08 -28.14 -39.25
CA GLY A 3971 21.03 -28.25 -37.81
C GLY A 3971 22.26 -27.61 -37.21
N PRO A 3972 22.21 -27.28 -35.92
CA PRO A 3972 23.35 -26.59 -35.29
C PRO A 3972 24.59 -27.46 -35.21
N CYS A 3973 25.10 -27.89 -36.38
CA CYS A 3973 26.31 -28.69 -36.46
C CYS A 3973 27.49 -27.73 -36.54
N THR A 3974 28.10 -27.45 -35.39
CA THR A 3974 29.22 -26.52 -35.35
C THR A 3974 30.44 -27.08 -36.06
N GLY A 3975 30.60 -28.41 -36.08
CA GLY A 3975 31.75 -28.99 -36.76
C GLY A 3975 31.75 -28.72 -38.25
N ASN A 3976 30.59 -28.86 -38.90
CA ASN A 3976 30.50 -28.57 -40.33
C ASN A 3976 30.49 -27.07 -40.59
N GLN A 3977 29.92 -26.28 -39.67
CA GLN A 3977 29.94 -24.83 -39.83
C GLN A 3977 31.36 -24.29 -39.76
N GLN A 3978 32.18 -24.83 -38.85
CA GLN A 3978 33.55 -24.37 -38.71
C GLN A 3978 34.36 -24.68 -39.96
N SER A 3979 34.14 -25.86 -40.55
CA SER A 3979 34.89 -26.23 -41.76
C SER A 3979 34.54 -25.31 -42.92
N LEU A 3980 33.25 -25.02 -43.11
CA LEU A 3980 32.84 -24.15 -44.21
C LEU A 3980 33.31 -22.72 -44.01
N ALA A 3981 33.57 -22.29 -42.77
CA ALA A 3981 33.97 -20.92 -42.53
C ALA A 3981 35.32 -20.61 -43.15
N HIS A 3982 36.28 -21.54 -43.06
CA HIS A 3982 37.62 -21.33 -43.57
C HIS A 3982 37.82 -21.87 -44.97
N SER A 3983 36.79 -22.44 -45.59
CA SER A 3983 36.91 -22.96 -46.94
C SER A 3983 36.80 -21.81 -47.94
N ARG A 3984 36.69 -22.14 -49.23
CA ARG A 3984 36.57 -21.16 -50.29
C ARG A 3984 35.13 -20.76 -50.56
N LEU A 3985 34.23 -20.98 -49.60
CA LEU A 3985 32.82 -20.68 -49.80
C LEU A 3985 32.59 -19.18 -49.99
N TRP A 3986 33.35 -18.35 -49.25
CA TRP A 3986 33.18 -16.90 -49.37
C TRP A 3986 33.49 -16.42 -50.78
N ASP A 3987 34.54 -16.96 -51.40
CA ASP A 3987 34.90 -16.55 -52.75
C ASP A 3987 33.82 -16.94 -53.75
N ALA A 3988 33.22 -18.12 -53.57
CA ALA A 3988 32.19 -18.58 -54.50
C ALA A 3988 30.97 -17.66 -54.49
N VAL A 3989 30.51 -17.27 -53.29
CA VAL A 3989 29.31 -16.44 -53.19
C VAL A 3989 29.56 -15.06 -53.78
N VAL A 3990 30.78 -14.53 -53.61
CA VAL A 3990 31.11 -13.22 -54.18
C VAL A 3990 30.93 -13.23 -55.69
N GLY A 3991 31.43 -14.27 -56.36
CA GLY A 3991 31.21 -14.39 -57.78
C GLY A 3991 29.75 -14.59 -58.14
N PHE A 3992 29.04 -15.41 -57.36
CA PHE A 3992 27.63 -15.68 -57.64
C PHE A 3992 26.80 -14.41 -57.51
N LEU A 3993 27.08 -13.59 -56.48
CA LEU A 3993 26.30 -12.37 -56.27
C LEU A 3993 26.43 -11.42 -57.45
N HIS A 3994 27.64 -11.28 -58.00
CA HIS A 3994 27.83 -10.43 -59.17
C HIS A 3994 27.04 -10.93 -60.36
N VAL A 3995 27.01 -12.25 -60.57
CA VAL A 3995 26.26 -12.81 -61.70
C VAL A 3995 24.78 -12.53 -61.55
N PHE A 3996 24.24 -12.70 -60.33
CA PHE A 3996 22.81 -12.54 -60.11
C PHE A 3996 22.37 -11.10 -60.31
N ALA A 3997 23.21 -10.14 -59.90
CA ALA A 3997 22.86 -8.73 -60.03
C ALA A 3997 22.68 -8.35 -61.50
N HIS A 3998 23.60 -8.78 -62.36
CA HIS A 3998 23.49 -8.46 -63.78
C HIS A 3998 22.44 -9.33 -64.47
N MET A 3999 22.21 -10.54 -63.97
CA MET A 3999 21.19 -11.41 -64.56
C MET A 3999 19.80 -10.82 -64.38
N MET A 4000 19.52 -10.23 -63.22
CA MET A 4000 18.23 -9.60 -62.99
C MET A 4000 18.00 -8.44 -63.94
N MET A 4001 18.99 -7.56 -64.10
CA MET A 4001 18.81 -6.37 -64.90
C MET A 4001 18.62 -6.70 -66.38
N LYS A 4002 19.38 -7.67 -66.89
CA LYS A 4002 19.24 -8.04 -68.30
C LYS A 4002 17.86 -8.62 -68.59
N LEU A 4003 17.37 -9.50 -67.71
CA LEU A 4003 16.04 -10.06 -67.89
C LEU A 4003 14.94 -9.06 -67.56
N ALA A 4004 15.24 -8.04 -66.76
CA ALA A 4004 14.24 -7.02 -66.45
C ALA A 4004 13.84 -6.24 -67.70
N GLN A 4005 14.82 -5.85 -68.51
CA GLN A 4005 14.51 -5.13 -69.75
C GLN A 4005 13.78 -6.02 -70.74
N ASP A 4006 14.17 -7.29 -70.83
CA ASP A 4006 13.51 -8.21 -71.75
C ASP A 4006 12.10 -8.52 -71.26
N SER A 4007 11.13 -8.37 -72.15
CA SER A 4007 9.74 -8.59 -71.77
C SER A 4007 9.41 -10.08 -71.64
N SER A 4008 9.91 -10.90 -72.56
CA SER A 4008 9.55 -12.31 -72.61
C SER A 4008 10.53 -13.22 -71.88
N GLN A 4009 11.54 -12.65 -71.22
CA GLN A 4009 12.51 -13.46 -70.47
C GLN A 4009 11.98 -13.63 -69.04
N ILE A 4010 11.05 -14.57 -68.89
CA ILE A 4010 10.41 -14.83 -67.61
C ILE A 4010 10.75 -16.22 -67.08
N GLU A 4011 10.85 -17.21 -67.96
CA GLU A 4011 11.12 -18.57 -67.51
C GLU A 4011 12.49 -18.69 -66.86
N LEU A 4012 13.49 -18.01 -67.41
CA LEU A 4012 14.80 -17.99 -66.77
C LEU A 4012 14.76 -17.16 -65.49
N LEU A 4013 14.02 -16.05 -65.49
CA LEU A 4013 13.92 -15.21 -64.30
C LEU A 4013 13.30 -15.96 -63.13
N LYS A 4014 12.23 -16.72 -63.40
CA LYS A 4014 11.61 -17.51 -62.34
C LYS A 4014 12.57 -18.53 -61.78
N GLU A 4015 13.35 -19.19 -62.65
CA GLU A 4015 14.40 -20.09 -62.18
C GLU A 4015 15.52 -19.31 -61.51
N LEU A 4016 15.81 -18.11 -62.00
CA LEU A 4016 16.87 -17.30 -61.40
C LEU A 4016 16.54 -16.91 -59.98
N LEU A 4017 15.31 -16.45 -59.73
CA LEU A 4017 14.95 -15.93 -58.42
C LEU A 4017 15.04 -16.99 -57.34
N ASP A 4018 14.80 -18.25 -57.70
CA ASP A 4018 14.81 -19.32 -56.70
C ASP A 4018 16.22 -19.62 -56.21
N LEU A 4019 17.24 -19.33 -57.03
CA LEU A 4019 18.59 -19.76 -56.69
C LEU A 4019 19.15 -18.97 -55.51
N GLN A 4020 19.04 -17.64 -55.53
CA GLN A 4020 19.54 -16.85 -54.41
C GLN A 4020 18.71 -17.07 -53.15
N LYS A 4021 17.41 -17.36 -53.31
CA LYS A 4021 16.58 -17.65 -52.15
C LYS A 4021 17.06 -18.90 -51.44
N ASP A 4022 17.45 -19.92 -52.20
CA ASP A 4022 18.06 -21.10 -51.61
C ASP A 4022 19.48 -20.84 -51.13
N MET A 4023 20.16 -19.84 -51.70
CA MET A 4023 21.51 -19.50 -51.25
C MET A 4023 21.47 -18.89 -49.86
N VAL A 4024 20.60 -17.90 -49.63
CA VAL A 4024 20.59 -17.19 -48.36
C VAL A 4024 20.18 -18.09 -47.21
N VAL A 4025 19.43 -19.17 -47.48
CA VAL A 4025 19.13 -20.14 -46.44
C VAL A 4025 20.43 -20.76 -45.92
N MET A 4026 21.35 -21.09 -46.83
CA MET A 4026 22.67 -21.54 -46.41
C MET A 4026 23.41 -20.45 -45.65
N LEU A 4027 23.27 -19.19 -46.10
CA LEU A 4027 23.85 -18.08 -45.35
C LEU A 4027 23.20 -17.95 -43.98
N LEU A 4028 21.88 -18.09 -43.91
CA LEU A 4028 21.20 -18.09 -42.62
C LEU A 4028 21.60 -19.31 -41.80
N SER A 4029 21.75 -20.46 -42.44
CA SER A 4029 22.20 -21.66 -41.72
C SER A 4029 23.61 -21.48 -41.17
N LEU A 4030 24.48 -20.80 -41.93
CA LEU A 4030 25.81 -20.50 -41.41
C LEU A 4030 25.74 -19.59 -40.20
N LEU A 4031 24.81 -18.63 -40.19
CA LEU A 4031 24.61 -17.76 -39.04
C LEU A 4031 23.78 -18.40 -37.94
N GLU A 4032 23.25 -19.60 -38.18
CA GLU A 4032 22.41 -20.25 -37.18
C GLU A 4032 23.26 -20.72 -36.01
N GLY A 4033 22.83 -20.37 -34.79
CA GLY A 4033 23.59 -20.70 -33.61
C GLY A 4033 24.80 -19.82 -33.36
N ASN A 4034 24.91 -18.71 -34.08
CA ASN A 4034 26.08 -17.85 -33.97
C ASN A 4034 26.06 -17.05 -32.67
N VAL A 4035 27.15 -16.34 -32.43
CA VAL A 4035 27.29 -15.44 -31.29
C VAL A 4035 27.74 -14.08 -31.81
N VAL A 4036 27.53 -13.05 -30.99
CA VAL A 4036 27.98 -11.71 -31.36
C VAL A 4036 29.49 -11.67 -31.33
N ASN A 4037 30.07 -10.87 -32.23
CA ASN A 4037 31.51 -10.86 -32.48
C ASN A 4037 32.01 -12.25 -32.89
N GLY A 4038 31.11 -13.05 -33.46
CA GLY A 4038 31.49 -14.40 -33.84
C GLY A 4038 32.42 -14.42 -35.04
N MET A 4039 33.26 -15.44 -35.10
CA MET A 4039 34.21 -15.56 -36.20
C MET A 4039 33.46 -15.75 -37.53
N ILE A 4040 32.45 -16.62 -37.54
CA ILE A 4040 31.69 -16.86 -38.76
C ILE A 4040 30.93 -15.60 -39.17
N ALA A 4041 30.38 -14.88 -38.19
CA ALA A 4041 29.65 -13.64 -38.49
C ALA A 4041 30.56 -12.61 -39.13
N ARG A 4042 31.78 -12.45 -38.60
CA ARG A 4042 32.71 -11.47 -39.16
C ARG A 4042 33.21 -11.86 -40.55
N GLN A 4043 33.21 -13.15 -40.88
CA GLN A 4043 33.57 -13.56 -42.23
C GLN A 4043 32.59 -13.01 -43.25
N MET A 4044 31.29 -13.03 -42.94
CA MET A 4044 30.31 -12.43 -43.83
C MET A 4044 30.48 -10.93 -43.92
N VAL A 4045 30.93 -10.29 -42.84
CA VAL A 4045 31.17 -8.85 -42.88
C VAL A 4045 32.22 -8.52 -43.92
N ASP A 4046 33.31 -9.29 -43.96
CA ASP A 4046 34.33 -9.09 -44.98
C ASP A 4046 33.78 -9.36 -46.37
N MET A 4047 33.00 -10.44 -46.52
CA MET A 4047 32.46 -10.77 -47.84
C MET A 4047 31.39 -9.79 -48.28
N LEU A 4048 30.66 -9.19 -47.33
CA LEU A 4048 29.65 -8.20 -47.70
C LEU A 4048 30.28 -6.91 -48.19
N VAL A 4049 31.47 -6.56 -47.68
CA VAL A 4049 32.16 -5.37 -48.15
C VAL A 4049 32.54 -5.53 -49.61
N GLU A 4050 33.08 -6.69 -49.98
CA GLU A 4050 33.50 -6.91 -51.37
C GLU A 4050 32.30 -6.87 -52.32
N SER A 4051 31.19 -7.49 -51.92
CA SER A 4051 30.00 -7.58 -52.77
C SER A 4051 28.95 -6.54 -52.41
N SER A 4052 29.35 -5.45 -51.74
CA SER A 4052 28.40 -4.42 -51.37
C SER A 4052 27.76 -3.79 -52.60
N SER A 4053 28.55 -3.60 -53.67
CA SER A 4053 27.99 -3.07 -54.91
C SER A 4053 27.00 -4.06 -55.53
N ASN A 4054 27.29 -5.36 -55.44
CA ASN A 4054 26.42 -6.35 -56.06
C ASN A 4054 25.04 -6.37 -55.42
N VAL A 4055 24.98 -6.27 -54.08
CA VAL A 4055 23.70 -6.32 -53.39
C VAL A 4055 22.86 -5.08 -53.72
N GLU A 4056 23.49 -4.00 -54.19
CA GLU A 4056 22.74 -2.83 -54.62
C GLU A 4056 21.89 -3.18 -55.84
N MET A 4057 20.71 -2.57 -55.91
CA MET A 4057 19.75 -2.71 -57.01
C MET A 4057 19.07 -4.07 -56.95
N ILE A 4058 19.52 -4.94 -56.05
CA ILE A 4058 18.85 -6.23 -55.86
C ILE A 4058 17.49 -6.01 -55.20
N LEU A 4059 17.41 -5.09 -54.23
CA LEU A 4059 16.15 -4.83 -53.55
C LEU A 4059 15.10 -4.26 -54.51
N LYS A 4060 15.52 -3.46 -55.47
CA LYS A 4060 14.60 -2.93 -56.48
C LYS A 4060 14.12 -4.05 -57.39
N PRO A 4176 9.14 -4.50 -39.31
CA PRO A 4176 7.72 -4.51 -39.69
C PRO A 4176 7.17 -5.92 -39.85
N TYR A 4177 7.70 -6.66 -40.83
CA TYR A 4177 7.32 -8.04 -41.08
C TYR A 4177 8.17 -9.03 -40.31
N LEU A 4178 9.23 -8.56 -39.64
CA LEU A 4178 10.28 -9.41 -39.11
C LEU A 4178 10.03 -9.67 -37.63
N GLY A 4179 9.86 -10.94 -37.28
CA GLY A 4179 9.73 -11.34 -35.89
C GLY A 4179 11.08 -11.58 -35.27
N ARG A 4180 11.12 -11.57 -33.94
CA ARG A 4180 12.37 -11.71 -33.21
C ARG A 4180 12.07 -12.27 -31.83
N ILE A 4181 12.55 -13.49 -31.56
CA ILE A 4181 12.40 -14.12 -30.26
C ILE A 4181 13.77 -14.60 -29.80
N GLU A 4182 13.88 -14.84 -28.49
CA GLU A 4182 15.10 -15.34 -27.89
C GLU A 4182 14.79 -16.61 -27.13
N ILE A 4183 15.58 -17.65 -27.37
CA ILE A 4183 15.43 -18.93 -26.69
C ILE A 4183 16.78 -19.37 -26.13
N MET A 4184 16.73 -20.29 -25.17
CA MET A 4184 17.92 -21.01 -24.72
C MET A 4184 18.05 -22.26 -25.59
N GLY A 4185 19.13 -22.32 -26.37
CA GLY A 4185 19.30 -23.36 -27.35
C GLY A 4185 19.94 -24.62 -26.76
N ALA A 4186 20.31 -25.53 -27.66
CA ALA A 4186 20.95 -26.76 -27.25
C ALA A 4186 22.29 -26.51 -26.57
N SER A 4187 22.95 -25.40 -26.91
CA SER A 4187 24.22 -25.02 -26.31
C SER A 4187 24.06 -24.38 -24.94
N ARG A 4188 22.85 -24.38 -24.39
CA ARG A 4188 22.56 -23.77 -23.08
C ARG A 4188 22.90 -22.28 -23.06
N ARG A 4189 22.72 -21.61 -24.19
CA ARG A 4189 22.97 -20.18 -24.30
C ARG A 4189 21.78 -19.50 -24.95
N ILE A 4190 21.50 -18.27 -24.53
CA ILE A 4190 20.44 -17.48 -25.15
C ILE A 4190 20.82 -17.16 -26.58
N GLU A 4191 19.91 -17.46 -27.51
CA GLU A 4191 20.09 -17.17 -28.91
C GLU A 4191 18.98 -16.24 -29.39
N ARG A 4192 19.06 -15.83 -30.65
CA ARG A 4192 18.06 -14.98 -31.27
C ARG A 4192 17.55 -15.64 -32.54
N ILE A 4193 16.24 -15.64 -32.73
CA ILE A 4193 15.59 -16.30 -33.86
C ILE A 4193 14.77 -15.26 -34.62
N TYR A 4194 14.99 -15.19 -35.93
CA TYR A 4194 14.28 -14.26 -36.80
C TYR A 4194 13.38 -15.04 -37.74
N PHE A 4195 12.15 -14.56 -37.92
CA PHE A 4195 11.17 -15.23 -38.76
C PHE A 4195 10.18 -14.21 -39.30
N GLU A 4196 9.44 -14.64 -40.32
CA GLU A 4196 8.51 -13.75 -41.03
C GLU A 4196 7.11 -13.94 -40.48
N ILE A 4197 6.45 -12.83 -40.15
CA ILE A 4197 5.13 -12.83 -39.56
C ILE A 4197 4.10 -12.43 -40.61
N SER A 4198 3.02 -13.21 -40.71
CA SER A 4198 1.99 -12.95 -41.70
C SER A 4198 1.17 -11.72 -41.33
N GLU A 4199 0.80 -10.93 -42.35
CA GLU A 4199 -0.02 -9.76 -42.11
C GLU A 4199 -1.42 -10.14 -41.62
N THR A 4200 -1.98 -11.21 -42.15
CA THR A 4200 -3.28 -11.66 -41.65
C THR A 4200 -3.19 -12.00 -40.18
N ASN A 4201 -2.14 -12.71 -39.77
CA ASN A 4201 -1.96 -13.06 -38.37
C ASN A 4201 -1.76 -11.83 -37.50
N ARG A 4202 -0.97 -10.86 -37.99
CA ARG A 4202 -0.78 -9.62 -37.23
C ARG A 4202 -2.09 -8.86 -37.05
N ALA A 4203 -2.88 -8.74 -38.11
CA ALA A 4203 -4.17 -8.06 -38.01
C ALA A 4203 -5.11 -8.78 -37.04
N GLN A 4204 -5.16 -10.10 -37.13
CA GLN A 4204 -6.01 -10.87 -36.23
C GLN A 4204 -5.56 -10.73 -34.78
N TRP A 4205 -4.25 -10.65 -34.55
CA TRP A 4205 -3.75 -10.42 -33.21
C TRP A 4205 -4.11 -9.04 -32.70
N GLU A 4206 -4.00 -8.03 -33.55
CA GLU A 4206 -4.36 -6.66 -33.14
C GLU A 4206 -5.87 -6.45 -33.07
N MET A 4207 -6.66 -7.41 -33.51
CA MET A 4207 -8.10 -7.30 -33.41
C MET A 4207 -8.52 -7.07 -31.96
N PRO A 4208 -9.51 -6.21 -31.71
CA PRO A 4208 -9.83 -5.82 -30.33
C PRO A 4208 -10.25 -6.98 -29.43
N GLN A 4209 -10.98 -7.97 -29.94
CA GLN A 4209 -11.38 -9.08 -29.08
C GLN A 4209 -10.17 -9.92 -28.67
N VAL A 4210 -9.21 -10.10 -29.58
CA VAL A 4210 -7.98 -10.80 -29.24
C VAL A 4210 -7.18 -10.00 -28.21
N LYS A 4211 -7.16 -8.68 -28.36
CA LYS A 4211 -6.48 -7.85 -27.37
C LYS A 4211 -7.15 -7.96 -26.01
N GLU A 4212 -8.48 -8.01 -25.99
CA GLU A 4212 -9.21 -8.19 -24.73
C GLU A 4212 -8.87 -9.53 -24.09
N SER A 4213 -8.82 -10.59 -24.90
CA SER A 4213 -8.46 -11.91 -24.38
C SER A 4213 -7.04 -11.89 -23.81
N LYS A 4214 -6.11 -11.23 -24.49
CA LYS A 4214 -4.75 -11.13 -24.00
C LYS A 4214 -4.69 -10.38 -22.67
N ARG A 4215 -5.42 -9.27 -22.56
CA ARG A 4215 -5.43 -8.51 -21.32
C ARG A 4215 -6.00 -9.35 -20.17
N GLN A 4216 -7.09 -10.07 -20.43
CA GLN A 4216 -7.68 -10.92 -19.40
C GLN A 4216 -6.71 -12.01 -18.99
N PHE A 4217 -6.01 -12.62 -19.95
CA PHE A 4217 -5.02 -13.64 -19.64
C PHE A 4217 -3.91 -13.08 -18.76
N ILE A 4218 -3.40 -11.90 -19.10
CA ILE A 4218 -2.33 -11.28 -18.33
C ILE A 4218 -2.79 -11.02 -16.90
N PHE A 4219 -3.98 -10.44 -16.76
CA PHE A 4219 -4.51 -10.14 -15.43
C PHE A 4219 -4.68 -11.42 -14.61
N ASP A 4220 -5.22 -12.46 -15.23
CA ASP A 4220 -5.47 -13.72 -14.52
C ASP A 4220 -4.16 -14.36 -14.07
N VAL A 4221 -3.15 -14.41 -14.93
CA VAL A 4221 -1.91 -15.07 -14.55
C VAL A 4221 -1.18 -14.26 -13.49
N VAL A 4222 -1.18 -12.93 -13.61
CA VAL A 4222 -0.49 -12.12 -12.60
C VAL A 4222 -1.18 -12.25 -11.25
N ASN A 4223 -2.51 -12.35 -11.24
CA ASN A 4223 -3.21 -12.57 -9.97
C ASN A 4223 -2.89 -13.95 -9.40
N GLU A 4224 -3.23 -15.01 -10.14
CA GLU A 4224 -2.98 -16.38 -9.69
C GLU A 4224 -2.11 -17.11 -10.71
N GLY A 4225 -0.80 -16.94 -10.58
CA GLY A 4225 0.14 -17.71 -11.36
C GLY A 4225 1.49 -17.80 -10.68
N GLY A 4226 2.18 -18.90 -10.96
CA GLY A 4226 3.53 -19.09 -10.47
C GLY A 4226 4.49 -19.37 -11.61
N GLU A 4227 5.79 -19.18 -11.37
CA GLU A 4227 6.77 -19.36 -12.44
C GLU A 4227 6.77 -20.78 -12.98
N ALA A 4228 6.41 -21.76 -12.16
CA ALA A 4228 6.35 -23.14 -12.63
C ALA A 4228 5.26 -23.33 -13.68
N GLU A 4229 4.10 -22.72 -13.47
CA GLU A 4229 2.97 -22.88 -14.37
C GLU A 4229 2.76 -21.69 -15.29
N LYS A 4230 3.57 -20.63 -15.14
CA LYS A 4230 3.37 -19.42 -15.94
C LYS A 4230 3.54 -19.71 -17.43
N MET A 4231 4.61 -20.44 -17.79
CA MET A 4231 4.86 -20.73 -19.19
C MET A 4231 3.84 -21.72 -19.74
N GLU A 4232 3.40 -22.68 -18.93
CA GLU A 4232 2.36 -23.59 -19.38
C GLU A 4232 1.06 -22.86 -19.67
N LEU A 4233 0.67 -21.96 -18.77
CA LEU A 4233 -0.53 -21.15 -19.01
C LEU A 4233 -0.36 -20.27 -20.23
N PHE A 4234 0.84 -19.70 -20.42
CA PHE A 4234 1.08 -18.87 -21.60
C PHE A 4234 0.94 -19.66 -22.88
N VAL A 4235 1.50 -20.87 -22.93
CA VAL A 4235 1.42 -21.67 -24.14
C VAL A 4235 -0.01 -22.12 -24.40
N SER A 4236 -0.75 -22.46 -23.34
CA SER A 4236 -2.15 -22.81 -23.52
C SER A 4236 -2.95 -21.63 -24.07
N PHE A 4237 -2.70 -20.43 -23.55
CA PHE A 4237 -3.36 -19.24 -24.05
C PHE A 4237 -2.99 -18.98 -25.50
N CYS A 4238 -1.73 -19.19 -25.86
CA CYS A 4238 -1.31 -19.04 -27.25
C CYS A 4238 -2.05 -20.03 -28.16
N GLU A 4239 -2.20 -21.28 -27.72
CA GLU A 4239 -2.91 -22.26 -28.52
C GLU A 4239 -4.38 -21.86 -28.71
N ASP A 4240 -5.03 -21.42 -27.63
CA ASP A 4240 -6.41 -20.98 -27.74
C ASP A 4240 -6.54 -19.78 -28.66
N THR A 4241 -5.60 -18.84 -28.57
CA THR A 4241 -5.62 -17.68 -29.44
C THR A 4241 -5.45 -18.08 -30.90
N ILE A 4242 -4.55 -19.02 -31.18
CA ILE A 4242 -4.33 -19.47 -32.55
C ILE A 4242 -5.60 -20.12 -33.10
N PHE A 4243 -6.27 -20.94 -32.29
CA PHE A 4243 -7.51 -21.53 -32.75
C PHE A 4243 -8.58 -20.47 -33.00
N GLU A 4244 -8.63 -19.45 -32.15
CA GLU A 4244 -9.58 -18.36 -32.37
C GLU A 4244 -9.28 -17.63 -33.67
N MET A 4245 -8.00 -17.42 -33.98
CA MET A 4245 -7.64 -16.83 -35.26
C MET A 4245 -8.07 -17.71 -36.43
N GLN A 4246 -7.92 -19.03 -36.29
CA GLN A 4246 -8.40 -19.93 -37.33
C GLN A 4246 -9.90 -19.79 -37.53
N ILE A 4247 -10.65 -19.69 -36.43
CA ILE A 4247 -12.11 -19.54 -36.53
C ILE A 4247 -12.46 -18.21 -37.20
N ALA A 4248 -11.76 -17.13 -36.83
CA ALA A 4248 -12.03 -15.83 -37.42
C ALA A 4248 -11.74 -15.84 -38.91
N ALA A 4249 -10.63 -16.45 -39.32
CA ALA A 4249 -10.32 -16.55 -40.74
C ALA A 4249 -11.36 -17.41 -41.47
N GLN A 4250 -11.84 -18.47 -40.82
CA GLN A 4250 -12.84 -19.33 -41.43
C GLN A 4250 -14.15 -18.57 -41.67
N ILE A 4251 -14.59 -17.79 -40.67
CA ILE A 4251 -15.86 -17.09 -40.79
C ILE A 4251 -15.72 -15.74 -41.47
N SER A 4252 -14.51 -15.32 -41.81
CA SER A 4252 -14.32 -14.06 -42.52
C SER A 4252 -15.03 -14.08 -43.87
N GLU A 4253 -15.73 -12.99 -44.18
CA GLU A 4253 -16.46 -12.92 -45.43
C GLU A 4253 -15.50 -12.73 -46.60
N PRO A 4254 -15.62 -13.53 -47.67
CA PRO A 4254 -14.76 -13.41 -48.86
C PRO A 4254 -15.10 -12.19 -49.70
N PHE A 4540 -30.09 -30.15 -55.54
CA PHE A 4540 -30.26 -28.84 -54.93
C PHE A 4540 -29.41 -28.72 -53.66
N TRP A 4541 -28.53 -29.71 -53.46
CA TRP A 4541 -27.75 -29.76 -52.22
C TRP A 4541 -26.64 -28.70 -52.21
N GLY A 4542 -26.04 -28.43 -53.38
CA GLY A 4542 -24.93 -27.48 -53.42
C GLY A 4542 -25.36 -26.07 -53.06
N GLU A 4543 -26.45 -25.60 -53.65
CA GLU A 4543 -26.93 -24.25 -53.34
C GLU A 4543 -27.38 -24.16 -51.89
N LEU A 4544 -28.05 -25.19 -51.39
CA LEU A 4544 -28.45 -25.21 -49.99
C LEU A 4544 -27.24 -25.12 -49.06
N GLU A 4545 -26.19 -25.90 -49.37
CA GLU A 4545 -25.01 -25.90 -48.52
C GLU A 4545 -24.29 -24.55 -48.55
N VAL A 4546 -24.16 -23.95 -49.73
CA VAL A 4546 -23.44 -22.68 -49.81
C VAL A 4546 -24.24 -21.58 -49.13
N GLN A 4547 -25.57 -21.56 -49.30
CA GLN A 4547 -26.38 -20.58 -48.60
C GLN A 4547 -26.32 -20.78 -47.09
N ARG A 4548 -26.34 -22.04 -46.65
CA ARG A 4548 -26.27 -22.33 -45.22
C ARG A 4548 -24.95 -21.87 -44.62
N VAL A 4549 -23.83 -22.14 -45.31
CA VAL A 4549 -22.54 -21.74 -44.76
C VAL A 4549 -22.41 -20.22 -44.77
N LYS A 4550 -22.95 -19.55 -45.80
CA LYS A 4550 -22.94 -18.09 -45.82
C LYS A 4550 -23.74 -17.52 -44.65
N PHE A 4551 -24.93 -18.07 -44.41
CA PHE A 4551 -25.77 -17.59 -43.32
C PHE A 4551 -25.12 -17.83 -41.96
N LEU A 4552 -24.52 -19.02 -41.78
CA LEU A 4552 -23.89 -19.34 -40.50
C LEU A 4552 -22.68 -18.45 -40.26
N ASN A 4553 -21.89 -18.19 -41.30
CA ASN A 4553 -20.76 -17.27 -41.15
C ASN A 4553 -21.24 -15.86 -40.83
N TYR A 4554 -22.35 -15.44 -41.45
CA TYR A 4554 -22.91 -14.13 -41.13
C TYR A 4554 -23.31 -14.04 -39.66
N LEU A 4555 -23.98 -15.07 -39.15
CA LEU A 4555 -24.37 -15.07 -37.74
C LEU A 4555 -23.14 -15.07 -36.83
N SER A 4556 -22.11 -15.85 -37.18
CA SER A 4556 -20.91 -15.88 -36.36
C SER A 4556 -20.22 -14.52 -36.35
N ARG A 4557 -20.21 -13.83 -37.49
CA ARG A 4557 -19.61 -12.50 -37.55
C ARG A 4557 -20.40 -11.50 -36.74
N ASN A 4558 -21.74 -11.58 -36.78
CA ASN A 4558 -22.60 -10.58 -36.17
C ASN A 4558 -23.21 -11.04 -34.84
N PHE A 4559 -22.60 -12.03 -34.19
CA PHE A 4559 -23.07 -12.46 -32.88
C PHE A 4559 -23.20 -11.30 -31.89
N TYR A 4560 -22.17 -10.47 -31.77
CA TYR A 4560 -22.20 -9.41 -30.77
C TYR A 4560 -23.19 -8.32 -31.13
N THR A 4561 -23.32 -8.01 -32.42
CA THR A 4561 -24.34 -7.06 -32.85
C THR A 4561 -25.73 -7.60 -32.56
N LEU A 4562 -25.94 -8.91 -32.73
CA LEU A 4562 -27.23 -9.51 -32.42
C LEU A 4562 -27.49 -9.48 -30.92
N ARG A 4563 -26.45 -9.64 -30.10
CA ARG A 4563 -26.63 -9.52 -28.65
C ARG A 4563 -27.04 -8.11 -28.25
N PHE A 4564 -26.39 -7.11 -28.84
CA PHE A 4564 -26.78 -5.72 -28.56
C PHE A 4564 -28.17 -5.43 -29.07
N LEU A 4565 -28.54 -6.02 -30.21
CA LEU A 4565 -29.89 -5.87 -30.73
C LEU A 4565 -30.92 -6.49 -29.80
N ALA A 4566 -30.60 -7.65 -29.21
CA ALA A 4566 -31.49 -8.26 -28.24
C ALA A 4566 -31.64 -7.37 -27.02
N LEU A 4567 -30.55 -6.76 -26.55
CA LEU A 4567 -30.65 -5.85 -25.41
C LEU A 4567 -31.54 -4.65 -25.74
N PHE A 4568 -31.34 -4.06 -26.92
CA PHE A 4568 -32.16 -2.92 -27.33
C PHE A 4568 -33.63 -3.30 -27.45
N LEU A 4569 -33.90 -4.49 -27.99
CA LEU A 4569 -35.28 -4.94 -28.12
C LEU A 4569 -35.92 -5.20 -26.76
N ALA A 4570 -35.14 -5.71 -25.81
CA ALA A 4570 -35.66 -5.88 -24.45
C ALA A 4570 -36.01 -4.54 -23.83
N PHE A 4571 -35.14 -3.54 -24.00
CA PHE A 4571 -35.45 -2.21 -23.50
C PHE A 4571 -36.70 -1.64 -24.15
N ALA A 4572 -36.84 -1.82 -25.48
CA ALA A 4572 -38.01 -1.30 -26.16
C ALA A 4572 -39.29 -1.99 -25.68
N ILE A 4573 -39.24 -3.31 -25.53
CA ILE A 4573 -40.41 -4.06 -25.09
C ILE A 4573 -40.80 -3.63 -23.68
N ASN A 4574 -39.82 -3.47 -22.79
CA ASN A 4574 -40.16 -3.08 -21.42
C ASN A 4574 -40.65 -1.63 -21.34
N PHE A 4575 -40.11 -0.76 -22.18
CA PHE A 4575 -40.63 0.60 -22.24
C PHE A 4575 -42.08 0.61 -22.70
N ILE A 4576 -42.42 -0.25 -23.66
CA ILE A 4576 -43.83 -0.38 -24.04
C ILE A 4576 -44.64 -0.95 -22.89
N LEU A 4577 -44.07 -1.92 -22.16
CA LEU A 4577 -44.75 -2.51 -21.01
C LEU A 4577 -45.03 -1.50 -19.91
N LEU A 4578 -44.26 -0.40 -19.87
CA LEU A 4578 -44.56 0.67 -18.92
C LEU A 4578 -45.93 1.30 -19.14
N PHE A 4579 -46.68 0.87 -20.16
CA PHE A 4579 -47.96 1.47 -20.49
C PHE A 4579 -49.13 0.54 -20.22
N TYR A 4580 -48.89 -0.65 -19.66
CA TYR A 4580 -50.00 -1.53 -19.31
C TYR A 4580 -50.87 -0.96 -18.22
N LYS A 4581 -52.13 -1.34 -18.24
CA LYS A 4581 -53.13 -0.92 -17.28
C LYS A 4581 -54.05 -2.10 -17.01
N VAL A 4582 -54.52 -2.21 -15.77
CA VAL A 4582 -55.42 -3.28 -15.37
C VAL A 4582 -56.79 -2.67 -15.11
N SER A 4583 -57.84 -3.37 -15.55
CA SER A 4583 -59.21 -2.92 -15.34
C SER A 4583 -60.12 -4.11 -15.16
N ASP A 4584 -61.14 -3.93 -14.32
CA ASP A 4584 -62.19 -4.94 -14.21
C ASP A 4584 -62.98 -5.05 -15.50
N SER A 4585 -63.30 -3.92 -16.13
CA SER A 4585 -64.03 -3.90 -17.38
C SER A 4585 -63.10 -4.25 -18.55
N PRO A 4586 -63.64 -4.86 -19.60
CA PRO A 4586 -62.83 -5.11 -20.79
C PRO A 4586 -62.40 -3.82 -21.42
N PRO A 4587 -61.24 -3.80 -22.11
CA PRO A 4587 -60.65 -2.65 -22.79
C PRO A 4587 -61.67 -1.81 -23.56
N MET A 4627 -62.49 -11.31 -12.64
CA MET A 4627 -61.72 -11.30 -13.87
C MET A 4627 -61.13 -9.91 -14.14
N VAL A 4628 -59.83 -9.85 -14.40
CA VAL A 4628 -59.13 -8.61 -14.67
C VAL A 4628 -58.38 -8.74 -15.99
N TYR A 4629 -58.49 -7.72 -16.83
CA TYR A 4629 -57.84 -7.69 -18.13
C TYR A 4629 -56.69 -6.69 -18.11
N TYR A 4630 -55.61 -7.05 -18.81
CA TYR A 4630 -54.44 -6.19 -18.95
C TYR A 4630 -54.37 -5.68 -20.38
N PHE A 4631 -54.17 -4.39 -20.55
CA PHE A 4631 -54.15 -3.80 -21.88
C PHE A 4631 -53.23 -2.57 -21.88
N LEU A 4632 -52.93 -2.09 -23.08
CA LEU A 4632 -52.11 -0.90 -23.27
C LEU A 4632 -53.03 0.31 -23.42
N GLU A 4633 -52.79 1.33 -22.62
CA GLU A 4633 -53.53 2.59 -22.72
C GLU A 4633 -52.55 3.70 -23.08
N GLU A 4634 -52.50 4.04 -24.37
CA GLU A 4634 -51.68 5.15 -24.83
C GLU A 4634 -52.36 5.80 -26.03
N SER A 4635 -52.00 7.05 -26.28
CA SER A 4635 -52.76 7.87 -27.23
C SER A 4635 -52.50 7.44 -28.68
N THR A 4636 -51.25 7.17 -29.04
CA THR A 4636 -50.91 7.01 -30.45
C THR A 4636 -51.61 5.81 -31.07
N GLY A 4637 -51.63 4.68 -30.38
CA GLY A 4637 -52.21 3.47 -30.92
C GLY A 4637 -51.24 2.59 -31.70
N TYR A 4638 -49.97 3.00 -31.80
CA TYR A 4638 -48.96 2.21 -32.51
C TYR A 4638 -48.21 1.26 -31.58
N MET A 4639 -48.25 1.51 -30.28
CA MET A 4639 -47.55 0.64 -29.34
C MET A 4639 -48.14 -0.75 -29.30
N GLU A 4640 -49.46 -0.88 -29.46
CA GLU A 4640 -50.08 -2.20 -29.41
C GLU A 4640 -49.55 -3.14 -30.49
N PRO A 4641 -49.43 -2.74 -31.78
CA PRO A 4641 -48.82 -3.64 -32.75
C PRO A 4641 -47.29 -3.64 -32.69
N ALA A 4642 -46.70 -2.51 -32.28
CA ALA A 4642 -45.26 -2.45 -32.14
C ALA A 4642 -44.77 -3.48 -31.12
N LEU A 4643 -45.53 -3.69 -30.05
CA LEU A 4643 -45.12 -4.65 -29.02
C LEU A 4643 -45.10 -6.07 -29.57
N TRP A 4644 -46.13 -6.46 -30.33
CA TRP A 4644 -46.16 -7.78 -30.93
C TRP A 4644 -45.02 -7.97 -31.92
N CYS A 4645 -44.80 -6.96 -32.77
CA CYS A 4645 -43.71 -7.05 -33.74
C CYS A 4645 -42.36 -7.18 -33.03
N LEU A 4646 -42.13 -6.38 -31.99
CA LEU A 4646 -40.86 -6.41 -31.29
C LEU A 4646 -40.67 -7.70 -30.50
N SER A 4647 -41.76 -8.26 -29.97
CA SER A 4647 -41.64 -9.54 -29.27
C SER A 4647 -41.25 -10.66 -30.23
N LEU A 4648 -41.88 -10.70 -31.41
CA LEU A 4648 -41.47 -11.69 -32.40
C LEU A 4648 -40.03 -11.49 -32.84
N LEU A 4649 -39.65 -10.23 -33.10
CA LEU A 4649 -38.29 -9.93 -33.52
C LEU A 4649 -37.29 -10.31 -32.45
N HIS A 4650 -37.64 -10.12 -31.18
CA HIS A 4650 -36.73 -10.45 -30.09
C HIS A 4650 -36.57 -11.95 -29.95
N THR A 4651 -37.66 -12.71 -30.09
CA THR A 4651 -37.53 -14.16 -30.07
C THR A 4651 -36.65 -14.65 -31.20
N LEU A 4652 -36.85 -14.09 -32.41
CA LEU A 4652 -36.00 -14.46 -33.54
C LEU A 4652 -34.54 -14.11 -33.27
N VAL A 4653 -34.28 -12.94 -32.70
CA VAL A 4653 -32.92 -12.51 -32.43
C VAL A 4653 -32.27 -13.41 -31.38
N ALA A 4654 -33.04 -13.85 -30.38
CA ALA A 4654 -32.48 -14.77 -29.38
C ALA A 4654 -32.14 -16.12 -30.00
N PHE A 4655 -33.01 -16.63 -30.89
CA PHE A 4655 -32.70 -17.88 -31.58
C PHE A 4655 -31.44 -17.74 -32.44
N LEU A 4656 -31.33 -16.62 -33.18
CA LEU A 4656 -30.14 -16.39 -33.99
C LEU A 4656 -28.90 -16.21 -33.13
N CYS A 4657 -29.06 -15.66 -31.92
CA CYS A 4657 -27.93 -15.55 -31.00
C CYS A 4657 -27.45 -16.92 -30.56
N ILE A 4658 -28.39 -17.84 -30.28
CA ILE A 4658 -27.99 -19.21 -29.94
C ILE A 4658 -27.24 -19.84 -31.10
N ILE A 4659 -27.76 -19.69 -32.32
CA ILE A 4659 -27.10 -20.31 -33.47
C ILE A 4659 -25.71 -19.71 -33.69
N GLY A 4660 -25.60 -18.39 -33.55
CA GLY A 4660 -24.31 -17.75 -33.71
C GLY A 4660 -23.31 -18.18 -32.65
N TYR A 4661 -23.78 -18.38 -31.41
CA TYR A 4661 -22.90 -18.93 -30.39
C TYR A 4661 -22.45 -20.33 -30.76
N ASN A 4662 -23.39 -21.18 -31.18
CA ASN A 4662 -23.06 -22.55 -31.55
C ASN A 4662 -22.03 -22.58 -32.68
N CYS A 4663 -22.07 -21.60 -33.58
CA CYS A 4663 -21.15 -21.59 -34.70
C CYS A 4663 -19.90 -20.76 -34.47
N LEU A 4664 -19.82 -20.01 -33.37
CA LEU A 4664 -18.67 -19.14 -33.14
C LEU A 4664 -17.85 -19.52 -31.91
N LYS A 4665 -18.50 -19.80 -30.77
CA LYS A 4665 -17.79 -20.00 -29.52
C LYS A 4665 -17.84 -21.42 -29.00
N VAL A 4666 -18.74 -22.25 -29.50
CA VAL A 4666 -18.70 -23.69 -29.18
C VAL A 4666 -17.43 -24.33 -29.70
N PRO A 4667 -16.95 -24.07 -30.92
CA PRO A 4667 -15.72 -24.74 -31.38
C PRO A 4667 -14.52 -24.50 -30.47
N LEU A 4668 -14.38 -23.31 -29.89
CA LEU A 4668 -13.28 -23.08 -28.96
C LEU A 4668 -13.41 -23.96 -27.72
N VAL A 4669 -14.63 -24.12 -27.20
CA VAL A 4669 -14.84 -24.96 -26.03
C VAL A 4669 -14.51 -26.42 -26.35
N ILE A 4670 -14.95 -26.89 -27.52
CA ILE A 4670 -14.68 -28.27 -27.91
C ILE A 4670 -13.17 -28.48 -28.11
N PHE A 4671 -12.51 -27.53 -28.79
CA PHE A 4671 -11.07 -27.62 -28.99
C PHE A 4671 -10.34 -27.68 -27.67
N LYS A 4672 -10.72 -26.80 -26.73
CA LYS A 4672 -10.13 -26.84 -25.40
C LYS A 4672 -10.30 -28.22 -24.79
N ARG A 4673 -11.56 -28.63 -24.57
CA ARG A 4673 -11.80 -29.88 -23.86
C ARG A 4673 -11.07 -31.05 -24.49
N GLU A 4674 -11.03 -31.09 -25.83
CA GLU A 4674 -10.26 -32.13 -26.50
C GLU A 4674 -8.77 -32.02 -26.17
N LYS A 4675 -8.24 -30.81 -26.07
CA LYS A 4675 -6.81 -30.68 -25.81
C LYS A 4675 -6.46 -31.05 -24.37
N GLU A 4676 -7.27 -30.64 -23.39
CA GLU A 4676 -6.98 -31.12 -22.04
C GLU A 4676 -7.17 -32.63 -21.92
N LEU A 4677 -8.18 -33.20 -22.60
CA LEU A 4677 -8.34 -34.65 -22.54
C LEU A 4677 -7.13 -35.36 -23.14
N ALA A 4678 -6.65 -34.87 -24.29
CA ALA A 4678 -5.47 -35.47 -24.91
C ALA A 4678 -4.25 -35.36 -24.02
N ARG A 4679 -4.03 -34.19 -23.41
CA ARG A 4679 -2.86 -34.01 -22.55
C ARG A 4679 -2.93 -34.89 -21.32
N LYS A 4680 -4.10 -34.95 -20.66
CA LYS A 4680 -4.24 -35.79 -19.49
C LYS A 4680 -4.13 -37.27 -19.84
N LEU A 4681 -4.56 -37.65 -21.04
CA LEU A 4681 -4.50 -39.05 -21.43
C LEU A 4681 -3.08 -39.48 -21.77
N GLU A 4682 -2.33 -38.62 -22.47
CA GLU A 4682 -1.05 -39.05 -23.02
C GLU A 4682 0.14 -38.66 -22.14
N PHE A 4683 -0.02 -37.68 -21.25
CA PHE A 4683 1.04 -37.37 -20.29
C PHE A 4683 0.79 -38.03 -18.94
N ASP A 4684 -0.42 -37.89 -18.40
CA ASP A 4684 -0.72 -38.40 -17.08
C ASP A 4684 -1.28 -39.81 -17.07
N GLY A 4685 -1.75 -40.31 -18.22
CA GLY A 4685 -2.37 -41.61 -18.26
C GLY A 4685 -3.60 -41.66 -17.37
N LEU A 4686 -4.46 -40.66 -17.50
CA LEU A 4686 -5.60 -40.53 -16.59
C LEU A 4686 -6.51 -41.73 -16.66
N TYR A 4687 -6.77 -42.24 -17.86
CA TYR A 4687 -7.62 -43.42 -18.01
C TYR A 4687 -6.83 -44.72 -18.07
N ILE A 4688 -5.56 -44.67 -18.50
CA ILE A 4688 -4.74 -45.87 -18.53
C ILE A 4688 -4.37 -46.29 -17.10
N THR A 4689 -3.98 -45.33 -16.26
CA THR A 4689 -3.48 -45.63 -14.93
C THR A 4689 -4.33 -45.01 -13.83
N GLU A 4690 -4.67 -43.72 -13.94
CA GLU A 4690 -5.31 -43.01 -12.84
C GLU A 4690 -6.75 -43.46 -12.65
N GLN A 4691 -7.50 -43.61 -13.75
CA GLN A 4691 -8.89 -44.02 -13.71
C GLN A 4691 -9.71 -43.14 -12.78
N PRO A 4692 -10.02 -41.91 -13.17
CA PRO A 4692 -10.72 -40.99 -12.26
C PRO A 4692 -12.08 -41.54 -11.84
N GLY A 4693 -12.45 -41.24 -10.60
CA GLY A 4693 -13.65 -41.77 -10.01
C GLY A 4693 -14.90 -41.04 -10.45
N ASP A 4694 -16.01 -41.41 -9.82
CA ASP A 4694 -17.31 -40.81 -10.16
C ASP A 4694 -17.42 -39.35 -9.75
N ASP A 4695 -16.51 -38.85 -8.91
CA ASP A 4695 -16.55 -37.45 -8.53
C ASP A 4695 -16.31 -36.54 -9.72
N ASP A 4696 -15.36 -36.90 -10.58
CA ASP A 4696 -15.04 -36.11 -11.77
C ASP A 4696 -16.08 -36.40 -12.83
N VAL A 4697 -17.13 -35.57 -12.86
CA VAL A 4697 -18.20 -35.76 -13.83
C VAL A 4697 -17.68 -35.53 -15.24
N LYS A 4698 -16.77 -34.58 -15.41
CA LYS A 4698 -16.17 -34.35 -16.73
C LYS A 4698 -15.39 -35.58 -17.19
N GLY A 4699 -14.59 -36.17 -16.30
CA GLY A 4699 -13.85 -37.36 -16.65
C GLY A 4699 -14.76 -38.54 -16.96
N GLN A 4700 -15.84 -38.69 -16.20
CA GLN A 4700 -16.77 -39.79 -16.46
C GLN A 4700 -17.52 -39.59 -17.77
N TRP A 4701 -17.85 -38.35 -18.11
CA TRP A 4701 -18.53 -38.10 -19.38
C TRP A 4701 -17.59 -38.24 -20.56
N ASP A 4702 -16.30 -37.95 -20.37
CA ASP A 4702 -15.33 -38.00 -21.46
C ASP A 4702 -15.07 -39.41 -21.98
N ARG A 4703 -15.55 -40.44 -21.29
CA ARG A 4703 -15.35 -41.81 -21.77
C ARG A 4703 -16.06 -42.07 -23.10
N LEU A 4704 -17.09 -41.29 -23.42
CA LEU A 4704 -17.87 -41.55 -24.63
C LEU A 4704 -17.15 -41.15 -25.91
N VAL A 4705 -16.01 -40.46 -25.81
CA VAL A 4705 -15.33 -39.95 -26.99
C VAL A 4705 -14.00 -40.66 -27.25
N LEU A 4706 -13.46 -41.40 -26.27
CA LEU A 4706 -12.15 -42.01 -26.44
C LEU A 4706 -12.14 -43.01 -27.59
N ASN A 4707 -13.19 -43.83 -27.70
CA ASN A 4707 -13.25 -44.86 -28.73
C ASN A 4707 -13.89 -44.38 -30.02
N THR A 4708 -14.22 -43.10 -30.13
CA THR A 4708 -14.89 -42.60 -31.33
C THR A 4708 -13.92 -42.60 -32.51
N PRO A 4709 -14.44 -42.68 -33.74
CA PRO A 4709 -13.54 -42.63 -34.91
C PRO A 4709 -12.69 -41.37 -34.96
N SER A 4710 -13.22 -40.22 -34.53
CA SER A 4710 -12.47 -38.97 -34.49
C SER A 4710 -12.58 -38.40 -33.09
N PHE A 4711 -11.70 -38.86 -32.19
CA PHE A 4711 -11.64 -38.26 -30.86
C PHE A 4711 -11.20 -36.80 -30.90
N PRO A 4712 -10.09 -36.42 -31.56
CA PRO A 4712 -9.85 -35.00 -31.79
C PRO A 4712 -10.45 -34.55 -33.12
N SER A 4713 -11.34 -33.56 -33.08
CA SER A 4713 -11.90 -32.98 -34.29
C SER A 4713 -11.64 -31.50 -34.44
N ASN A 4714 -11.45 -30.78 -33.34
CA ASN A 4714 -11.01 -29.39 -33.36
C ASN A 4714 -9.57 -29.22 -32.92
N TYR A 4715 -9.07 -30.13 -32.08
CA TYR A 4715 -7.68 -30.10 -31.64
C TYR A 4715 -6.75 -30.42 -32.82
N TRP A 4716 -5.65 -29.68 -32.92
CA TRP A 4716 -4.73 -29.87 -34.04
C TRP A 4716 -4.10 -31.26 -34.02
N ASP A 4717 -3.72 -31.75 -32.83
CA ASP A 4717 -2.97 -32.99 -32.72
C ASP A 4717 -3.87 -34.17 -33.03
N LYS A 4718 -3.83 -34.62 -34.28
CA LYS A 4718 -4.64 -35.75 -34.74
C LYS A 4718 -3.94 -37.08 -34.56
N PHE A 4719 -2.72 -37.10 -34.01
CA PHE A 4719 -1.99 -38.32 -33.74
C PHE A 4719 -1.95 -38.66 -32.26
N VAL A 4720 -2.92 -38.14 -31.49
CA VAL A 4720 -2.92 -38.37 -30.06
C VAL A 4720 -3.15 -39.84 -29.74
N LYS A 4721 -3.97 -40.52 -30.54
CA LYS A 4721 -4.20 -41.95 -30.32
C LYS A 4721 -2.92 -42.74 -30.54
N ARG A 4722 -2.18 -42.40 -31.59
CA ARG A 4722 -0.89 -43.07 -31.83
C ARG A 4722 0.08 -42.80 -30.69
N LYS A 4723 0.13 -41.55 -30.22
CA LYS A 4723 1.05 -41.21 -29.14
C LYS A 4723 0.69 -41.96 -27.85
N VAL A 4724 -0.61 -42.03 -27.54
CA VAL A 4724 -1.05 -42.77 -26.36
C VAL A 4724 -0.69 -44.24 -26.50
N LEU A 4725 -0.91 -44.81 -27.68
CA LEU A 4725 -0.54 -46.21 -27.92
C LEU A 4725 0.94 -46.42 -27.64
N ASP A 4726 1.81 -45.64 -28.29
CA ASP A 4726 3.24 -45.84 -28.12
C ASP A 4726 3.67 -45.65 -26.67
N LYS A 4727 3.11 -44.64 -25.99
CA LYS A 4727 3.60 -44.33 -24.65
C LYS A 4727 3.11 -45.34 -23.61
N HIS A 4728 1.88 -45.83 -23.72
CA HIS A 4728 1.30 -46.60 -22.63
C HIS A 4728 0.94 -48.04 -22.96
N GLY A 4729 0.72 -48.40 -24.23
CA GLY A 4729 0.32 -49.76 -24.53
C GLY A 4729 1.39 -50.79 -24.21
N ASP A 4730 2.65 -50.47 -24.52
CA ASP A 4730 3.74 -51.42 -24.30
C ASP A 4730 3.86 -51.84 -22.85
N ILE A 4731 3.35 -51.06 -21.91
CA ILE A 4731 3.46 -51.38 -20.49
C ILE A 4731 2.11 -51.82 -19.92
N PHE A 4732 1.01 -51.33 -20.49
CA PHE A 4732 -0.31 -51.60 -19.92
C PHE A 4732 -1.20 -52.44 -20.83
N GLY A 4733 -0.63 -53.15 -21.79
CA GLY A 4733 -1.43 -53.98 -22.67
C GLY A 4733 -1.78 -53.26 -23.95
N ARG A 4734 -1.08 -53.60 -25.05
CA ARG A 4734 -1.35 -52.94 -26.32
C ARG A 4734 -2.77 -53.21 -26.79
N GLU A 4735 -3.22 -54.46 -26.67
CA GLU A 4735 -4.58 -54.80 -27.08
C GLU A 4735 -5.60 -54.04 -26.25
N ARG A 4736 -5.39 -53.95 -24.93
CA ARG A 4736 -6.35 -53.26 -24.08
C ARG A 4736 -6.37 -51.77 -24.37
N ILE A 4737 -5.21 -51.17 -24.63
CA ILE A 4737 -5.14 -49.76 -24.99
C ILE A 4737 -5.88 -49.51 -26.30
N ALA A 4738 -5.68 -50.39 -27.30
CA ALA A 4738 -6.39 -50.24 -28.56
C ALA A 4738 -7.89 -50.38 -28.37
N GLU A 4739 -8.32 -51.32 -27.53
CA GLU A 4739 -9.75 -51.48 -27.25
C GLU A 4739 -10.31 -50.24 -26.56
N LEU A 4740 -9.56 -49.67 -25.61
CA LEU A 4740 -10.01 -48.47 -24.92
C LEU A 4740 -10.15 -47.30 -25.87
N LEU A 4741 -9.18 -47.12 -26.77
CA LEU A 4741 -9.19 -45.98 -27.67
C LEU A 4741 -9.98 -46.23 -28.95
N GLY A 4742 -10.53 -47.42 -29.13
CA GLY A 4742 -11.39 -47.68 -30.27
C GLY A 4742 -10.68 -47.57 -31.62
N MET A 4743 -9.44 -48.04 -31.69
CA MET A 4743 -8.68 -48.05 -32.93
C MET A 4743 -8.30 -49.50 -33.26
N ASP A 4744 -8.52 -49.88 -34.51
CA ASP A 4744 -8.20 -51.23 -34.96
C ASP A 4744 -6.70 -51.34 -35.21
N LEU A 4745 -6.05 -52.29 -34.52
CA LEU A 4745 -4.61 -52.46 -34.68
C LEU A 4745 -4.26 -52.92 -36.09
N ALA A 4746 -5.09 -53.80 -36.67
CA ALA A 4746 -4.83 -54.27 -38.02
C ALA A 4746 -4.98 -53.15 -39.05
N SER A 4747 -5.78 -52.13 -38.75
CA SER A 4747 -5.96 -51.03 -39.68
C SER A 4747 -4.72 -50.16 -39.80
N LEU A 4748 -3.83 -50.19 -38.82
CA LEU A 4748 -2.61 -49.40 -38.89
C LEU A 4748 -1.71 -49.84 -40.03
N GLU A 4749 -1.56 -51.15 -40.21
CA GLU A 4749 -0.72 -51.66 -41.30
C GLU A 4749 -1.31 -51.32 -42.66
N ILE A 4750 -2.61 -51.42 -42.81
CA ILE A 4750 -3.27 -51.11 -44.07
C ILE A 4750 -4.03 -49.79 -43.95
N ASP A 4772 -20.90 -40.08 -36.79
CA ASP A 4772 -20.32 -40.39 -35.49
C ASP A 4772 -21.29 -40.00 -34.39
N VAL A 4773 -22.30 -40.84 -34.18
CA VAL A 4773 -23.40 -40.51 -33.27
C VAL A 4773 -22.89 -40.40 -31.84
N LYS A 4774 -22.01 -41.30 -31.42
CA LYS A 4774 -21.48 -41.26 -30.05
C LYS A 4774 -20.70 -39.97 -29.80
N TYR A 4775 -19.86 -39.58 -30.76
CA TYR A 4775 -19.11 -38.34 -30.62
C TYR A 4775 -20.04 -37.13 -30.61
N GLN A 4776 -21.10 -37.17 -31.41
CA GLN A 4776 -22.07 -36.08 -31.40
C GLN A 4776 -22.76 -35.98 -30.04
N ILE A 4777 -23.13 -37.12 -29.45
CA ILE A 4777 -23.73 -37.10 -28.12
C ILE A 4777 -22.75 -36.51 -27.11
N TRP A 4778 -21.47 -36.92 -27.18
CA TRP A 4778 -20.48 -36.36 -26.27
C TRP A 4778 -20.37 -34.85 -26.42
N LYS A 4779 -20.29 -34.38 -27.68
CA LYS A 4779 -20.15 -32.95 -27.91
C LYS A 4779 -21.37 -32.18 -27.41
N PHE A 4780 -22.56 -32.72 -27.63
CA PHE A 4780 -23.77 -32.03 -27.17
C PHE A 4780 -23.85 -32.02 -25.65
N GLY A 4781 -23.45 -33.11 -24.99
CA GLY A 4781 -23.38 -33.09 -23.54
C GLY A 4781 -22.36 -32.09 -23.02
N VAL A 4782 -21.28 -31.87 -23.78
CA VAL A 4782 -20.30 -30.86 -23.41
C VAL A 4782 -20.88 -29.46 -23.58
N ILE A 4783 -21.59 -29.23 -24.68
CA ILE A 4783 -22.16 -27.92 -24.95
C ILE A 4783 -23.22 -27.55 -23.93
N PHE A 4784 -24.07 -28.51 -23.57
CA PHE A 4784 -25.15 -28.23 -22.62
C PHE A 4784 -24.65 -27.96 -21.21
N THR A 4785 -23.37 -28.21 -20.92
CA THR A 4785 -22.77 -27.83 -19.65
C THR A 4785 -22.02 -26.51 -19.74
N ASP A 4786 -22.09 -25.83 -20.88
CA ASP A 4786 -21.43 -24.54 -21.06
C ASP A 4786 -22.28 -23.44 -20.44
N ASN A 4787 -21.67 -22.61 -19.61
CA ASN A 4787 -22.41 -21.57 -18.90
C ASN A 4787 -23.01 -20.55 -19.86
N SER A 4788 -22.23 -20.11 -20.86
CA SER A 4788 -22.73 -19.12 -21.80
C SER A 4788 -23.84 -19.70 -22.67
N PHE A 4789 -23.68 -20.94 -23.12
CA PHE A 4789 -24.74 -21.58 -23.90
C PHE A 4789 -26.00 -21.74 -23.08
N LEU A 4790 -25.87 -22.10 -21.81
CA LEU A 4790 -27.04 -22.23 -20.95
C LEU A 4790 -27.71 -20.88 -20.72
N TYR A 4791 -26.91 -19.81 -20.57
CA TYR A 4791 -27.49 -18.49 -20.44
C TYR A 4791 -28.27 -18.09 -21.69
N LEU A 4792 -27.72 -18.38 -22.87
CA LEU A 4792 -28.44 -18.06 -24.10
C LEU A 4792 -29.69 -18.91 -24.25
N GLY A 4793 -29.65 -20.16 -23.79
CA GLY A 4793 -30.84 -20.99 -23.79
C GLY A 4793 -31.92 -20.46 -22.86
N TRP A 4794 -31.52 -19.99 -21.69
CA TRP A 4794 -32.48 -19.36 -20.78
C TRP A 4794 -33.05 -18.08 -21.37
N TYR A 4795 -32.22 -17.30 -22.06
CA TYR A 4795 -32.69 -16.13 -22.77
C TYR A 4795 -33.77 -16.50 -23.79
N MET A 4796 -33.52 -17.55 -24.56
CA MET A 4796 -34.51 -18.04 -25.51
C MET A 4796 -35.78 -18.52 -24.82
N VAL A 4797 -35.63 -19.20 -23.68
CA VAL A 4797 -36.80 -19.72 -22.97
C VAL A 4797 -37.69 -18.58 -22.49
N MET A 4798 -37.08 -17.53 -21.92
CA MET A 4798 -37.90 -16.40 -21.48
C MET A 4798 -38.44 -15.61 -22.67
N SER A 4799 -37.74 -15.59 -23.80
CA SER A 4799 -38.32 -14.98 -25.00
C SER A 4799 -39.56 -15.74 -25.45
N LEU A 4800 -39.53 -17.07 -25.40
CA LEU A 4800 -40.70 -17.85 -25.73
C LEU A 4800 -41.82 -17.61 -24.73
N LEU A 4801 -41.49 -17.54 -23.43
CA LEU A 4801 -42.49 -17.30 -22.41
C LEU A 4801 -43.07 -15.89 -22.48
N GLY A 4802 -42.36 -14.96 -23.12
CA GLY A 4802 -42.91 -13.62 -23.31
C GLY A 4802 -44.17 -13.60 -24.15
N HIS A 4803 -44.29 -14.52 -25.10
CA HIS A 4803 -45.50 -14.59 -25.90
C HIS A 4803 -46.67 -15.15 -25.10
N TYR A 4804 -46.38 -15.97 -24.09
CA TYR A 4804 -47.43 -16.39 -23.16
C TYR A 4804 -47.82 -15.24 -22.25
N ASN A 4805 -46.84 -14.54 -21.67
CA ASN A 4805 -47.10 -13.41 -20.78
C ASN A 4805 -45.98 -12.38 -20.99
N ASN A 4806 -46.28 -11.34 -21.78
CA ASN A 4806 -45.35 -10.27 -22.13
C ASN A 4806 -44.47 -9.78 -20.99
N PHE A 4807 -44.95 -9.85 -19.75
CA PHE A 4807 -44.12 -9.40 -18.64
C PHE A 4807 -42.95 -10.32 -18.36
N PHE A 4808 -42.93 -11.53 -18.93
CA PHE A 4808 -41.74 -12.37 -18.87
C PHE A 4808 -40.56 -11.76 -19.61
N PHE A 4809 -40.80 -10.78 -20.48
CA PHE A 4809 -39.72 -10.07 -21.15
C PHE A 4809 -38.94 -9.16 -20.20
N ALA A 4810 -39.45 -8.95 -18.99
CA ALA A 4810 -38.71 -8.16 -18.01
C ALA A 4810 -37.50 -8.91 -17.49
N ALA A 4811 -37.52 -10.24 -17.53
CA ALA A 4811 -36.38 -11.04 -17.12
C ALA A 4811 -35.17 -10.83 -18.02
N HIS A 4812 -35.36 -10.24 -19.19
CA HIS A 4812 -34.26 -9.93 -20.09
C HIS A 4812 -33.54 -8.64 -19.72
N LEU A 4813 -34.11 -7.82 -18.84
CA LEU A 4813 -33.39 -6.66 -18.36
C LEU A 4813 -32.21 -7.04 -17.47
N LEU A 4814 -32.20 -8.25 -16.93
CA LEU A 4814 -31.02 -8.76 -16.23
C LEU A 4814 -29.82 -8.91 -17.15
N ASP A 4815 -30.03 -8.90 -18.48
CA ASP A 4815 -28.94 -8.99 -19.43
C ASP A 4815 -28.01 -7.79 -19.40
N ILE A 4816 -28.42 -6.67 -18.80
CA ILE A 4816 -27.51 -5.53 -18.70
C ILE A 4816 -26.30 -5.89 -17.84
N ALA A 4817 -26.52 -6.66 -16.78
CA ALA A 4817 -25.41 -7.10 -15.94
C ALA A 4817 -24.45 -7.97 -16.72
N MET A 4818 -24.97 -8.88 -17.55
CA MET A 4818 -24.11 -9.74 -18.36
C MET A 4818 -23.36 -8.93 -19.42
N GLY A 4819 -24.01 -7.93 -20.00
CA GLY A 4819 -23.44 -7.20 -21.13
C GLY A 4819 -22.50 -6.08 -20.78
N VAL A 4820 -22.94 -5.13 -19.95
CA VAL A 4820 -22.17 -3.92 -19.73
C VAL A 4820 -20.95 -4.22 -18.86
N LYS A 4821 -19.77 -3.84 -19.35
CA LYS A 4821 -18.55 -4.07 -18.58
C LYS A 4821 -18.53 -3.24 -17.31
N THR A 4822 -19.02 -2.00 -17.37
CA THR A 4822 -19.07 -1.16 -16.18
C THR A 4822 -19.99 -1.78 -15.13
N LEU A 4823 -21.14 -2.30 -15.54
CA LEU A 4823 -22.04 -2.97 -14.60
C LEU A 4823 -21.42 -4.23 -14.04
N ARG A 4824 -20.70 -4.99 -14.87
CA ARG A 4824 -20.00 -6.17 -14.37
C ARG A 4824 -18.97 -5.79 -13.32
N THR A 4825 -18.21 -4.73 -13.58
CA THR A 4825 -17.23 -4.27 -12.59
C THR A 4825 -17.89 -3.83 -11.30
N ILE A 4826 -19.01 -3.11 -11.40
CA ILE A 4826 -19.70 -2.64 -10.20
C ILE A 4826 -20.24 -3.81 -9.40
N LEU A 4827 -20.86 -4.78 -10.07
CA LEU A 4827 -21.41 -5.94 -9.36
C LEU A 4827 -20.34 -6.90 -8.89
N SER A 4828 -19.12 -6.81 -9.43
CA SER A 4828 -18.02 -7.59 -8.89
C SER A 4828 -17.72 -7.20 -7.46
N SER A 4829 -17.98 -5.95 -7.09
CA SER A 4829 -17.82 -5.55 -5.70
C SER A 4829 -18.81 -6.29 -4.79
N VAL A 4830 -20.04 -6.49 -5.26
CA VAL A 4830 -21.02 -7.23 -4.47
C VAL A 4830 -20.65 -8.70 -4.41
N THR A 4831 -20.22 -9.27 -5.54
CA THR A 4831 -19.97 -10.71 -5.59
C THR A 4831 -18.61 -11.13 -5.07
N HIS A 4832 -17.67 -10.19 -4.88
CA HIS A 4832 -16.34 -10.55 -4.39
C HIS A 4832 -16.41 -11.11 -2.97
N ASN A 4833 -17.19 -10.48 -2.11
CA ASN A 4833 -17.44 -10.95 -0.75
C ASN A 4833 -18.83 -11.54 -0.62
N GLY A 4834 -19.29 -12.25 -1.65
CA GLY A 4834 -20.63 -12.81 -1.62
C GLY A 4834 -20.79 -13.87 -0.54
N LYS A 4835 -19.76 -14.70 -0.35
CA LYS A 4835 -19.82 -15.71 0.70
C LYS A 4835 -19.91 -15.06 2.07
N GLN A 4836 -19.14 -14.00 2.30
CA GLN A 4836 -19.21 -13.29 3.57
C GLN A 4836 -20.55 -12.57 3.74
N LEU A 4837 -21.13 -12.07 2.65
CA LEU A 4837 -22.45 -11.46 2.73
C LEU A 4837 -23.52 -12.47 3.12
N VAL A 4838 -23.47 -13.67 2.52
CA VAL A 4838 -24.41 -14.72 2.90
C VAL A 4838 -24.20 -15.11 4.36
N MET A 4839 -22.94 -15.24 4.78
CA MET A 4839 -22.66 -15.61 6.15
C MET A 4839 -23.15 -14.57 7.14
N THR A 4840 -22.98 -13.28 6.82
CA THR A 4840 -23.44 -12.24 7.74
C THR A 4840 -24.96 -12.11 7.73
N VAL A 4841 -25.62 -12.45 6.62
CA VAL A 4841 -27.07 -12.54 6.65
C VAL A 4841 -27.53 -13.67 7.56
N GLY A 4842 -26.86 -14.82 7.50
CA GLY A 4842 -27.18 -15.90 8.41
C GLY A 4842 -26.92 -15.54 9.87
N LEU A 4843 -25.83 -14.81 10.12
CA LEU A 4843 -25.54 -14.34 11.47
C LEU A 4843 -26.61 -13.37 11.96
N LEU A 4844 -27.09 -12.50 11.07
CA LEU A 4844 -28.21 -11.63 11.39
C LEU A 4844 -29.43 -12.43 11.77
N ALA A 4845 -29.72 -13.49 11.00
CA ALA A 4845 -30.87 -14.35 11.32
C ALA A 4845 -30.73 -15.00 12.69
N VAL A 4846 -29.53 -15.49 13.01
CA VAL A 4846 -29.30 -16.12 14.31
C VAL A 4846 -29.45 -15.12 15.45
N VAL A 4847 -28.88 -13.92 15.30
CA VAL A 4847 -28.96 -12.90 16.35
C VAL A 4847 -30.39 -12.47 16.56
N VAL A 4848 -31.14 -12.28 15.47
CA VAL A 4848 -32.54 -11.92 15.59
C VAL A 4848 -33.33 -13.06 16.23
N TYR A 4849 -32.95 -14.31 15.98
CA TYR A 4849 -33.60 -15.42 16.66
C TYR A 4849 -33.35 -15.38 18.16
N LEU A 4850 -32.14 -15.01 18.57
CA LEU A 4850 -31.86 -14.90 20.00
C LEU A 4850 -32.67 -13.78 20.64
N TYR A 4851 -32.78 -12.64 19.95
CA TYR A 4851 -33.65 -11.59 20.47
C TYR A 4851 -35.10 -12.05 20.52
N THR A 4852 -35.52 -12.88 19.57
CA THR A 4852 -36.87 -13.41 19.58
C THR A 4852 -37.10 -14.36 20.74
N VAL A 4853 -36.13 -15.21 21.06
CA VAL A 4853 -36.32 -16.14 22.17
C VAL A 4853 -36.36 -15.37 23.48
N VAL A 4854 -35.64 -14.25 23.57
CA VAL A 4854 -35.73 -13.42 24.77
C VAL A 4854 -37.10 -12.72 24.84
N ALA A 4855 -37.57 -12.21 23.70
CA ALA A 4855 -38.83 -11.47 23.68
C ALA A 4855 -40.01 -12.39 23.99
N PHE A 4856 -40.06 -13.56 23.36
CA PHE A 4856 -41.17 -14.48 23.54
C PHE A 4856 -41.29 -14.96 24.98
N ASN A 4857 -40.21 -14.86 25.75
CA ASN A 4857 -40.23 -15.28 27.14
C ASN A 4857 -40.45 -14.13 28.12
N PHE A 4858 -40.03 -12.90 27.78
CA PHE A 4858 -40.09 -11.83 28.78
C PHE A 4858 -40.88 -10.60 28.38
N PHE A 4859 -41.19 -10.39 27.10
CA PHE A 4859 -41.77 -9.12 26.65
C PHE A 4859 -42.99 -9.34 25.78
N ARG A 4860 -43.75 -10.40 26.04
CA ARG A 4860 -44.88 -10.74 25.17
C ARG A 4860 -45.96 -9.67 25.17
N LYS A 4861 -46.10 -8.94 26.28
CA LYS A 4861 -47.18 -7.96 26.39
C LYS A 4861 -46.96 -6.73 25.52
N PHE A 4862 -45.73 -6.46 25.11
CA PHE A 4862 -45.41 -5.26 24.35
C PHE A 4862 -45.63 -5.42 22.85
N TYR A 4863 -46.05 -6.60 22.38
CA TYR A 4863 -46.13 -6.89 20.95
C TYR A 4863 -47.57 -6.89 20.45
N ASN A 4864 -48.40 -6.00 20.99
CA ASN A 4864 -49.78 -5.86 20.54
C ASN A 4864 -49.79 -4.84 19.40
N LYS A 4865 -50.07 -5.31 18.18
CA LYS A 4865 -50.09 -4.47 17.00
C LYS A 4865 -51.49 -4.19 16.50
N SER A 4866 -52.44 -4.02 17.41
CA SER A 4866 -53.82 -3.69 17.08
C SER A 4866 -54.20 -2.41 17.83
N GLU A 4867 -54.65 -1.40 17.07
CA GLU A 4867 -55.13 -0.18 17.71
C GLU A 4867 -56.42 -0.44 18.49
N ASP A 4868 -57.30 -1.28 17.94
CA ASP A 4868 -58.55 -1.60 18.61
C ASP A 4868 -58.28 -2.34 19.91
N GLU A 4869 -58.98 -1.93 20.98
CA GLU A 4869 -58.83 -2.60 22.26
C GLU A 4869 -59.59 -3.92 22.31
N ASP A 4870 -60.65 -4.05 21.50
CA ASP A 4870 -61.49 -5.24 21.57
C ASP A 4870 -60.73 -6.50 21.13
N GLU A 4871 -60.09 -6.44 19.97
CA GLU A 4871 -59.38 -7.60 19.45
C GLU A 4871 -57.87 -7.37 19.46
N PRO A 4872 -57.12 -8.12 20.27
CA PRO A 4872 -55.66 -7.98 20.23
C PRO A 4872 -55.07 -8.61 18.99
N ASP A 4873 -53.86 -8.17 18.66
CA ASP A 4873 -53.08 -8.69 17.53
C ASP A 4873 -51.67 -9.01 17.99
N MET A 4874 -51.57 -9.75 19.09
CA MET A 4874 -50.27 -10.08 19.67
C MET A 4874 -49.37 -10.73 18.65
N LYS A 4875 -48.23 -10.09 18.37
CA LYS A 4875 -47.28 -10.56 17.39
C LYS A 4875 -46.18 -11.41 17.99
N CYS A 4876 -46.27 -11.76 19.27
CA CYS A 4876 -45.24 -12.58 19.89
C CYS A 4876 -45.82 -13.65 20.82
N ASP A 4877 -47.07 -14.04 20.60
CA ASP A 4877 -47.64 -15.17 21.32
C ASP A 4877 -47.27 -16.50 20.68
N ASP A 4878 -46.77 -16.48 19.46
CA ASP A 4878 -46.25 -17.65 18.76
C ASP A 4878 -44.78 -17.42 18.48
N MET A 4879 -43.97 -18.46 18.63
CA MET A 4879 -42.54 -18.32 18.36
C MET A 4879 -42.27 -18.02 16.90
N MET A 4880 -42.96 -18.73 16.00
CA MET A 4880 -42.80 -18.47 14.57
C MET A 4880 -43.25 -17.05 14.22
N THR A 4881 -44.38 -16.62 14.76
CA THR A 4881 -44.89 -15.28 14.48
C THR A 4881 -43.95 -14.22 15.02
N CYS A 4882 -43.40 -14.43 16.22
CA CYS A 4882 -42.49 -13.45 16.79
C CYS A 4882 -41.19 -13.36 16.00
N TYR A 4883 -40.67 -14.51 15.55
CA TYR A 4883 -39.46 -14.48 14.73
C TYR A 4883 -39.72 -13.78 13.40
N LEU A 4884 -40.86 -14.06 12.77
CA LEU A 4884 -41.20 -13.38 11.53
C LEU A 4884 -41.36 -11.88 11.74
N PHE A 4885 -42.02 -11.49 12.83
CA PHE A 4885 -42.17 -10.07 13.16
C PHE A 4885 -40.82 -9.41 13.33
N HIS A 4886 -39.92 -10.04 14.08
CA HIS A 4886 -38.61 -9.47 14.31
C HIS A 4886 -37.85 -9.31 13.01
N MET A 4887 -37.66 -10.40 12.26
CA MET A 4887 -36.92 -10.34 11.00
C MET A 4887 -37.53 -9.33 10.03
N TYR A 4888 -38.85 -9.34 9.89
CA TYR A 4888 -39.49 -8.50 8.89
C TYR A 4888 -39.44 -7.02 9.27
N VAL A 4889 -39.74 -6.70 10.52
CA VAL A 4889 -40.05 -5.33 10.92
C VAL A 4889 -38.90 -4.68 11.67
N GLY A 4890 -38.29 -5.38 12.62
CA GLY A 4890 -37.25 -4.76 13.43
C GLY A 4890 -35.94 -4.58 12.71
N VAL A 4891 -35.71 -5.35 11.64
CA VAL A 4891 -34.49 -5.16 10.86
C VAL A 4891 -34.66 -4.03 9.85
N ARG A 4892 -35.87 -3.83 9.36
CA ARG A 4892 -36.16 -2.72 8.46
C ARG A 4892 -36.47 -1.42 9.19
N ALA A 4893 -36.67 -1.48 10.51
CA ALA A 4893 -36.91 -0.27 11.28
C ALA A 4893 -35.61 0.48 11.53
N GLY A 4894 -35.71 1.80 11.59
CA GLY A 4894 -34.51 2.62 11.77
C GLY A 4894 -33.87 2.43 13.12
N GLY A 4895 -34.66 2.41 14.19
CA GLY A 4895 -34.18 2.19 15.53
C GLY A 4895 -34.40 0.80 16.08
N GLY A 4896 -34.72 -0.16 15.24
CA GLY A 4896 -34.92 -1.52 15.70
C GLY A 4896 -36.36 -1.80 16.09
N ILE A 4897 -36.54 -2.86 16.86
CA ILE A 4897 -37.87 -3.28 17.28
C ILE A 4897 -38.51 -2.29 18.25
N GLY A 4898 -37.71 -1.38 18.83
CA GLY A 4898 -38.26 -0.43 19.78
C GLY A 4898 -39.16 0.60 19.14
N ASP A 4899 -38.97 0.87 17.85
CA ASP A 4899 -39.92 1.72 17.14
C ASP A 4899 -41.27 1.04 16.99
N GLU A 4900 -41.27 -0.28 16.82
CA GLU A 4900 -42.45 -1.01 16.38
C GLU A 4900 -43.19 -1.73 17.50
N ILE A 4901 -42.64 -1.78 18.71
CA ILE A 4901 -43.39 -2.38 19.81
C ILE A 4901 -43.76 -1.32 20.83
N GLU A 4902 -44.52 -1.73 21.86
CA GLU A 4902 -45.10 -0.78 22.81
C GLU A 4902 -44.01 -0.07 23.61
N ASP A 4903 -44.32 1.16 24.02
CA ASP A 4903 -43.40 1.93 24.84
C ASP A 4903 -43.25 1.29 26.21
N PRO A 4904 -42.02 1.15 26.72
CA PRO A 4904 -41.80 0.48 28.00
C PRO A 4904 -41.87 1.37 29.22
N ALA A 4905 -42.09 2.68 29.05
CA ALA A 4905 -42.13 3.59 30.18
C ALA A 4905 -43.29 3.27 31.11
N GLY A 4906 -43.07 3.50 32.40
CA GLY A 4906 -44.08 3.18 33.40
C GLY A 4906 -44.36 1.70 33.53
N ASP A 4907 -43.31 0.88 33.52
CA ASP A 4907 -43.47 -0.57 33.60
C ASP A 4907 -42.33 -1.12 34.46
N GLU A 4908 -42.56 -2.32 35.01
CA GLU A 4908 -41.55 -2.92 35.88
C GLU A 4908 -40.35 -3.42 35.09
N TYR A 4909 -40.54 -3.77 33.81
CA TYR A 4909 -39.46 -4.24 32.95
C TYR A 4909 -38.93 -3.14 32.05
N GLU A 4910 -38.98 -1.89 32.50
CA GLU A 4910 -38.61 -0.78 31.62
C GLU A 4910 -37.13 -0.79 31.29
N LEU A 4911 -36.27 -0.99 32.30
CA LEU A 4911 -34.83 -0.98 32.03
C LEU A 4911 -34.42 -2.20 31.22
N TYR A 4912 -35.02 -3.35 31.49
CA TYR A 4912 -34.75 -4.54 30.67
C TYR A 4912 -35.16 -4.29 29.23
N ARG A 4913 -36.31 -3.64 29.03
CA ARG A 4913 -36.78 -3.37 27.67
C ARG A 4913 -35.87 -2.37 26.95
N VAL A 4914 -35.40 -1.33 27.65
CA VAL A 4914 -34.52 -0.37 26.98
C VAL A 4914 -33.18 -1.01 26.67
N VAL A 4915 -32.68 -1.88 27.54
CA VAL A 4915 -31.44 -2.60 27.22
C VAL A 4915 -31.66 -3.51 26.01
N PHE A 4916 -32.79 -4.21 25.98
CA PHE A 4916 -33.16 -5.05 24.83
C PHE A 4916 -33.17 -4.24 23.55
N ASP A 4917 -33.89 -3.12 23.54
CA ASP A 4917 -34.03 -2.31 22.34
C ASP A 4917 -32.70 -1.72 21.90
N ILE A 4918 -31.91 -1.20 22.84
CA ILE A 4918 -30.67 -0.53 22.48
C ILE A 4918 -29.64 -1.53 21.98
N THR A 4919 -29.57 -2.71 22.60
CA THR A 4919 -28.65 -3.72 22.10
C THR A 4919 -29.11 -4.23 20.73
N PHE A 4920 -30.42 -4.35 20.50
CA PHE A 4920 -30.90 -4.69 19.18
C PHE A 4920 -30.47 -3.66 18.15
N PHE A 4921 -30.67 -2.38 18.47
CA PHE A 4921 -30.31 -1.31 17.54
C PHE A 4921 -28.81 -1.27 17.29
N PHE A 4922 -28.00 -1.55 18.30
CA PHE A 4922 -26.55 -1.49 18.13
C PHE A 4922 -26.05 -2.70 17.34
N PHE A 4923 -26.32 -3.90 17.81
CA PHE A 4923 -25.77 -5.10 17.18
C PHE A 4923 -26.37 -5.34 15.80
N VAL A 4924 -27.69 -5.17 15.66
CA VAL A 4924 -28.36 -5.52 14.41
C VAL A 4924 -28.32 -4.35 13.44
N ILE A 4925 -28.92 -3.22 13.84
CA ILE A 4925 -29.08 -2.10 12.91
C ILE A 4925 -27.74 -1.48 12.57
N VAL A 4926 -26.86 -1.32 13.55
CA VAL A 4926 -25.61 -0.60 13.36
C VAL A 4926 -24.48 -1.55 12.96
N ILE A 4927 -24.19 -2.54 13.82
CA ILE A 4927 -22.99 -3.35 13.64
C ILE A 4927 -23.09 -4.23 12.40
N LEU A 4928 -24.20 -4.94 12.22
CA LEU A 4928 -24.28 -5.91 11.13
C LEU A 4928 -24.43 -5.22 9.77
N LEU A 4929 -25.25 -4.18 9.70
CA LEU A 4929 -25.34 -3.41 8.46
C LEU A 4929 -24.01 -2.73 8.16
N ALA A 4930 -23.29 -2.31 9.21
CA ALA A 4930 -21.94 -1.78 9.02
C ALA A 4930 -21.01 -2.85 8.46
N ILE A 4931 -21.18 -4.10 8.90
CA ILE A 4931 -20.37 -5.19 8.37
C ILE A 4931 -20.64 -5.36 6.89
N ILE A 4932 -21.90 -5.28 6.48
CA ILE A 4932 -22.24 -5.40 5.05
C ILE A 4932 -21.63 -4.23 4.25
N GLN A 4933 -21.81 -3.01 4.76
CA GLN A 4933 -21.20 -1.83 4.14
C GLN A 4933 -19.71 -2.00 3.95
N GLY A 4934 -19.02 -2.41 5.02
CA GLY A 4934 -17.58 -2.59 4.96
C GLY A 4934 -17.15 -3.71 4.04
N LEU A 4935 -17.95 -4.78 3.95
CA LEU A 4935 -17.63 -5.85 3.02
C LEU A 4935 -17.65 -5.34 1.59
N ILE A 4936 -18.67 -4.55 1.25
CA ILE A 4936 -18.74 -4.01 -0.12
C ILE A 4936 -17.59 -3.04 -0.38
N ILE A 4937 -17.31 -2.16 0.58
CA ILE A 4937 -16.25 -1.17 0.40
C ILE A 4937 -14.89 -1.84 0.30
N ASP A 4938 -14.64 -2.84 1.15
CA ASP A 4938 -13.39 -3.58 1.09
C ASP A 4938 -13.28 -4.37 -0.21
N ALA A 4939 -14.40 -4.83 -0.77
CA ALA A 4939 -14.33 -5.46 -2.08
C ALA A 4939 -13.90 -4.47 -3.15
N PHE A 4940 -14.45 -3.26 -3.11
CA PHE A 4940 -14.01 -2.20 -4.02
C PHE A 4940 -12.49 -1.99 -3.91
N GLY A 4941 -12.02 -1.81 -2.67
CA GLY A 4941 -10.61 -1.56 -2.46
C GLY A 4941 -9.72 -2.70 -2.90
N GLU A 4942 -10.15 -3.94 -2.61
CA GLU A 4942 -9.36 -5.11 -2.96
C GLU A 4942 -9.26 -5.28 -4.48
N LEU A 4943 -10.37 -5.08 -5.19
CA LEU A 4943 -10.32 -5.18 -6.65
C LEU A 4943 -9.43 -4.09 -7.24
N ARG A 4944 -9.52 -2.86 -6.71
CA ARG A 4944 -8.64 -1.80 -7.18
C ARG A 4944 -7.17 -2.15 -6.93
N ASP A 4945 -6.88 -2.69 -5.74
CA ASP A 4945 -5.50 -3.06 -5.43
C ASP A 4945 -5.02 -4.19 -6.33
N GLN A 4946 -5.90 -5.14 -6.67
CA GLN A 4946 -5.51 -6.20 -7.58
C GLN A 4946 -5.15 -5.66 -8.96
N GLN A 4947 -5.98 -4.74 -9.48
CA GLN A 4947 -5.66 -4.14 -10.77
C GLN A 4947 -4.35 -3.38 -10.73
N GLU A 4948 -4.13 -2.61 -9.66
CA GLU A 4948 -2.90 -1.85 -9.52
C GLU A 4948 -1.69 -2.76 -9.43
N GLN A 4949 -1.82 -3.88 -8.69
CA GLN A 4949 -0.71 -4.81 -8.56
C GLN A 4949 -0.38 -5.47 -9.89
N VAL A 4950 -1.39 -5.85 -10.67
CA VAL A 4950 -1.13 -6.42 -11.98
C VAL A 4950 -0.40 -5.42 -12.87
N LYS A 4951 -0.88 -4.17 -12.87
CA LYS A 4951 -0.23 -3.15 -13.69
C LYS A 4951 1.21 -2.92 -13.26
N GLU A 4952 1.45 -2.86 -11.95
CA GLU A 4952 2.81 -2.63 -11.45
C GLU A 4952 3.73 -3.80 -11.79
N ASP A 4953 3.24 -5.04 -11.67
CA ASP A 4953 4.06 -6.19 -12.02
C ASP A 4953 4.43 -6.17 -13.50
N MET A 4954 3.47 -5.87 -14.37
CA MET A 4954 3.77 -5.79 -15.79
C MET A 4954 4.74 -4.65 -16.09
N GLU A 4955 4.62 -3.53 -15.37
CA GLU A 4955 5.49 -2.39 -15.63
C GLU A 4955 6.92 -2.66 -15.17
N THR A 4956 7.09 -3.39 -14.06
CA THR A 4956 8.39 -3.53 -13.43
C THR A 4956 9.09 -4.85 -13.73
N LYS A 4957 8.43 -5.81 -14.36
CA LYS A 4957 9.09 -7.06 -14.73
C LYS A 4957 8.74 -7.44 -16.16
N CYS A 4958 9.63 -8.22 -16.77
CA CYS A 4958 9.39 -8.79 -18.09
C CYS A 4958 8.61 -10.08 -17.95
N PHE A 4959 7.63 -10.26 -18.84
CA PHE A 4959 6.75 -11.42 -18.73
C PHE A 4959 7.50 -12.73 -18.97
N ILE A 4960 8.43 -12.74 -19.91
CA ILE A 4960 9.06 -13.99 -20.32
C ILE A 4960 10.18 -14.37 -19.36
N CYS A 4961 11.11 -13.45 -19.10
CA CYS A 4961 12.30 -13.79 -18.33
C CYS A 4961 12.23 -13.37 -16.87
N GLY A 4962 11.33 -12.45 -16.51
CA GLY A 4962 11.19 -12.03 -15.13
C GLY A 4962 12.27 -11.10 -14.63
N ILE A 4963 13.15 -10.64 -15.50
CA ILE A 4963 14.20 -9.70 -15.11
C ILE A 4963 13.59 -8.31 -14.95
N GLY A 4964 13.93 -7.64 -13.85
CA GLY A 4964 13.31 -6.37 -13.55
C GLY A 4964 13.72 -5.27 -14.50
N SER A 4965 12.90 -4.21 -14.52
CA SER A 4965 13.18 -3.07 -15.38
C SER A 4965 14.38 -2.26 -14.89
N ASP A 4966 14.76 -2.42 -13.62
CA ASP A 4966 15.91 -1.69 -13.10
C ASP A 4966 17.19 -2.10 -13.82
N TYR A 4967 17.30 -3.37 -14.21
CA TYR A 4967 18.46 -3.80 -14.97
C TYR A 4967 18.43 -3.27 -16.39
N PHE A 4968 17.28 -3.36 -17.06
CA PHE A 4968 17.21 -2.96 -18.46
C PHE A 4968 17.26 -1.45 -18.63
N ASP A 4969 16.94 -0.68 -17.60
CA ASP A 4969 16.96 0.77 -17.68
C ASP A 4969 18.37 1.36 -17.56
N THR A 4970 19.40 0.54 -17.67
CA THR A 4970 20.76 1.06 -17.75
C THR A 4970 20.93 1.96 -18.98
N THR A 4971 20.42 1.50 -20.11
CA THR A 4971 20.36 2.29 -21.34
C THR A 4971 19.04 3.05 -21.41
N PRO A 4972 18.98 4.15 -22.16
CA PRO A 4972 17.72 4.88 -22.29
C PRO A 4972 16.69 4.04 -23.02
N HIS A 4973 15.50 3.92 -22.40
CA HIS A 4973 14.40 3.11 -22.93
C HIS A 4973 14.81 1.65 -23.13
N GLY A 4974 15.71 1.18 -22.27
CA GLY A 4974 16.16 -0.20 -22.38
C GLY A 4974 15.07 -1.21 -22.10
N PHE A 4975 14.24 -0.96 -21.10
CA PHE A 4975 13.15 -1.88 -20.80
C PHE A 4975 12.11 -1.88 -21.91
N GLU A 4976 11.81 -0.70 -22.47
CA GLU A 4976 10.90 -0.63 -23.60
C GLU A 4976 11.44 -1.40 -24.80
N THR A 4977 12.74 -1.24 -25.09
CA THR A 4977 13.34 -2.00 -26.18
C THR A 4977 13.28 -3.50 -25.91
N HIS A 4978 13.54 -3.90 -24.67
CA HIS A 4978 13.52 -5.32 -24.33
C HIS A 4978 12.12 -5.91 -24.48
N THR A 4979 11.09 -5.20 -24.01
CA THR A 4979 9.75 -5.74 -24.05
C THR A 4979 9.02 -5.49 -25.36
N LEU A 4980 9.60 -4.72 -26.28
CA LEU A 4980 9.02 -4.56 -27.61
C LEU A 4980 9.79 -5.27 -28.71
N GLU A 4981 11.04 -5.65 -28.48
CA GLU A 4981 11.80 -6.29 -29.55
C GLU A 4981 12.44 -7.61 -29.14
N GLU A 4982 12.81 -7.76 -27.87
CA GLU A 4982 13.58 -8.93 -27.46
C GLU A 4982 12.70 -10.05 -26.92
N HIS A 4983 11.83 -9.76 -25.96
CA HIS A 4983 11.03 -10.78 -25.32
C HIS A 4983 9.54 -10.48 -25.41
N ASN A 4984 9.08 -10.14 -26.61
CA ASN A 4984 7.67 -9.82 -26.81
C ASN A 4984 6.84 -11.10 -26.77
N LEU A 4985 5.87 -11.15 -25.84
CA LEU A 4985 5.00 -12.31 -25.76
C LEU A 4985 4.18 -12.48 -27.03
N ALA A 4986 3.78 -11.36 -27.66
CA ALA A 4986 3.16 -11.46 -28.97
C ALA A 4986 4.09 -12.09 -29.98
N ASN A 4987 5.38 -11.76 -29.91
CA ASN A 4987 6.35 -12.38 -30.80
C ASN A 4987 6.45 -13.88 -30.56
N TYR A 4988 6.43 -14.30 -29.29
CA TYR A 4988 6.48 -15.73 -29.00
C TYR A 4988 5.24 -16.45 -29.53
N MET A 4989 4.07 -15.84 -29.37
CA MET A 4989 2.85 -16.43 -29.95
C MET A 4989 2.95 -16.51 -31.46
N PHE A 4990 3.45 -15.45 -32.10
CA PHE A 4990 3.63 -15.46 -33.55
C PHE A 4990 4.58 -16.56 -33.98
N PHE A 4991 5.63 -16.79 -33.18
CA PHE A 4991 6.58 -17.85 -33.51
C PHE A 4991 5.94 -19.23 -33.38
N LEU A 4992 5.12 -19.43 -32.36
CA LEU A 4992 4.39 -20.69 -32.24
C LEU A 4992 3.48 -20.91 -33.43
N MET A 4993 2.74 -19.86 -33.83
CA MET A 4993 1.88 -19.96 -35.00
C MET A 4993 2.69 -20.26 -36.26
N TYR A 4994 3.83 -19.60 -36.41
CA TYR A 4994 4.68 -19.80 -37.58
C TYR A 4994 5.19 -21.23 -37.65
N LEU A 4995 5.62 -21.77 -36.51
CA LEU A 4995 6.03 -23.18 -36.47
C LEU A 4995 4.87 -24.10 -36.83
N ILE A 4996 3.67 -23.82 -36.32
CA ILE A 4996 2.53 -24.68 -36.61
C ILE A 4996 2.21 -24.67 -38.10
N ASN A 4997 2.19 -23.49 -38.72
CA ASN A 4997 1.90 -23.43 -40.15
C ASN A 4997 3.01 -24.04 -40.98
N LYS A 4998 4.27 -23.90 -40.56
CA LYS A 4998 5.38 -24.43 -41.33
C LYS A 4998 5.34 -25.96 -41.35
N ASP A 4999 5.83 -26.53 -42.45
CA ASP A 4999 5.94 -27.96 -42.57
C ASP A 4999 7.13 -28.48 -41.76
N GLU A 5000 7.08 -29.77 -41.43
CA GLU A 5000 8.12 -30.37 -40.60
C GLU A 5000 9.48 -30.34 -41.31
N THR A 5001 9.49 -30.64 -42.61
CA THR A 5001 10.75 -30.74 -43.33
C THR A 5001 11.44 -29.39 -43.47
N GLU A 5002 10.67 -28.33 -43.68
CA GLU A 5002 11.23 -27.01 -43.94
C GLU A 5002 11.86 -26.37 -42.72
N HIS A 5003 11.70 -26.98 -41.54
CA HIS A 5003 12.25 -26.40 -40.32
C HIS A 5003 13.76 -26.23 -40.41
N THR A 5004 14.25 -25.09 -39.93
CA THR A 5004 15.68 -24.93 -39.70
C THR A 5004 16.05 -25.67 -38.41
N GLY A 5005 17.33 -25.62 -38.06
CA GLY A 5005 17.77 -26.37 -36.89
C GLY A 5005 17.14 -25.87 -35.60
N GLN A 5006 17.16 -24.55 -35.40
CA GLN A 5006 16.58 -23.98 -34.19
C GLN A 5006 15.07 -24.15 -34.18
N GLU A 5007 14.43 -23.96 -35.33
CA GLU A 5007 12.99 -24.16 -35.42
C GLU A 5007 12.60 -25.59 -35.08
N SER A 5008 13.34 -26.57 -35.61
CA SER A 5008 13.03 -27.96 -35.33
C SER A 5008 13.31 -28.31 -33.86
N TYR A 5009 14.38 -27.76 -33.30
CA TYR A 5009 14.67 -27.97 -31.89
C TYR A 5009 13.51 -27.50 -31.02
N VAL A 5010 13.08 -26.25 -31.22
CA VAL A 5010 12.00 -25.72 -30.40
C VAL A 5010 10.67 -26.41 -30.72
N TRP A 5011 10.47 -26.84 -31.96
CA TRP A 5011 9.24 -27.55 -32.31
C TRP A 5011 9.14 -28.89 -31.59
N LYS A 5012 10.20 -29.68 -31.62
CA LYS A 5012 10.19 -30.96 -30.91
C LYS A 5012 10.07 -30.74 -29.41
N MET A 5013 10.77 -29.73 -28.89
CA MET A 5013 10.75 -29.49 -27.45
C MET A 5013 9.39 -28.99 -26.99
N TYR A 5014 8.64 -28.33 -27.88
CA TYR A 5014 7.27 -27.95 -27.59
C TYR A 5014 6.33 -29.16 -27.70
N GLN A 5015 6.58 -30.04 -28.68
CA GLN A 5015 5.77 -31.25 -28.81
C GLN A 5015 5.89 -32.12 -27.57
N GLU A 5016 7.07 -32.11 -26.94
CA GLU A 5016 7.24 -32.76 -25.65
C GLU A 5016 6.76 -31.90 -24.49
N ARG A 5017 6.36 -30.66 -24.76
CA ARG A 5017 5.86 -29.73 -23.74
C ARG A 5017 6.87 -29.52 -22.61
N CYS A 5018 8.09 -29.14 -22.99
CA CYS A 5018 9.12 -28.72 -22.06
C CYS A 5018 9.37 -27.23 -22.28
N TRP A 5019 8.99 -26.41 -21.31
CA TRP A 5019 9.07 -24.96 -21.45
C TRP A 5019 10.36 -24.42 -20.83
N ASP A 5020 11.48 -24.94 -21.32
CA ASP A 5020 12.79 -24.45 -20.91
C ASP A 5020 13.48 -23.63 -22.00
N PHE A 5021 12.99 -23.67 -23.24
CA PHE A 5021 13.52 -22.78 -24.26
C PHE A 5021 13.08 -21.34 -24.03
N PHE A 5022 12.04 -21.12 -23.24
CA PHE A 5022 11.70 -19.76 -22.82
C PHE A 5022 12.80 -19.27 -21.89
N PRO A 5023 13.46 -18.16 -22.20
CA PRO A 5023 14.59 -17.72 -21.37
C PRO A 5023 14.16 -17.33 -19.97
N ALA A 5024 14.57 -18.10 -18.97
CA ALA A 5024 14.18 -17.89 -17.59
C ALA A 5024 15.34 -17.25 -16.84
N GLY A 5025 15.20 -15.98 -16.51
CA GLY A 5025 16.22 -15.28 -15.75
C GLY A 5025 17.44 -14.86 -16.53
N ASP A 5026 17.45 -15.06 -17.85
CA ASP A 5026 18.58 -14.67 -18.67
C ASP A 5026 18.07 -14.03 -19.94
N CYS A 5027 18.90 -13.16 -20.52
CA CYS A 5027 18.55 -12.48 -21.76
C CYS A 5027 19.81 -12.28 -22.58
N PHE A 5028 19.63 -11.77 -23.80
CA PHE A 5028 20.76 -11.55 -24.70
C PHE A 5028 21.75 -10.54 -24.10
N ARG A 5029 21.23 -9.45 -23.53
CA ARG A 5029 22.11 -8.47 -22.90
C ARG A 5029 22.84 -9.06 -21.70
N LYS A 5030 22.11 -9.70 -20.80
CA LYS A 5030 22.73 -10.28 -19.62
C LYS A 5030 23.75 -11.36 -19.99
N GLN A 5031 23.60 -11.97 -21.16
CA GLN A 5031 24.59 -12.94 -21.62
C GLN A 5031 25.83 -12.22 -22.19
N TYR A 5032 25.65 -11.48 -23.26
CA TYR A 5032 26.77 -10.81 -23.92
C TYR A 5032 26.93 -9.36 -23.47
N GLU A 5033 26.92 -9.08 -22.16
CA GLU A 5033 27.24 -7.73 -21.70
C GLU A 5033 28.57 -7.23 -22.26
N ASP A 5034 29.63 -8.00 -22.08
CA ASP A 5034 30.96 -7.54 -22.48
C ASP A 5034 31.05 -7.37 -23.99
N GLN A 5035 30.51 -8.32 -24.74
CA GLN A 5035 30.65 -8.27 -26.20
C GLN A 5035 29.72 -7.23 -26.83
N LEU A 5036 28.59 -6.91 -26.19
CA LEU A 5036 27.76 -5.83 -26.67
C LEU A 5036 28.31 -4.46 -26.29
N SER A 5037 28.98 -4.36 -25.14
CA SER A 5037 29.58 -3.10 -24.70
C SER A 5037 30.69 -2.66 -25.63
N ASN B 3950 45.03 56.28 -29.63
CA ASN B 3950 46.42 55.83 -29.58
C ASN B 3950 46.50 54.40 -29.06
N PHE B 3951 46.62 54.26 -27.74
CA PHE B 3951 46.63 52.93 -27.13
C PHE B 3951 45.30 52.22 -27.31
N SER B 3952 44.19 52.97 -27.35
CA SER B 3952 42.90 52.36 -27.60
C SER B 3952 42.81 51.74 -28.98
N LYS B 3953 43.36 52.40 -29.99
CA LYS B 3953 43.34 51.85 -31.35
C LYS B 3953 44.09 50.53 -31.41
N ALA B 3954 45.27 50.46 -30.78
CA ALA B 3954 46.02 49.22 -30.75
C ALA B 3954 45.29 48.15 -29.93
N MET B 3955 44.61 48.57 -28.85
CA MET B 3955 43.86 47.62 -28.03
C MET B 3955 42.66 47.08 -28.79
N SER B 3956 42.00 47.93 -29.59
CA SER B 3956 40.86 47.47 -30.37
C SER B 3956 41.24 46.38 -31.36
N VAL B 3957 42.50 46.38 -31.82
CA VAL B 3957 42.98 45.32 -32.70
C VAL B 3957 42.97 43.98 -31.96
N ALA B 3958 43.44 43.97 -30.72
CA ALA B 3958 43.47 42.74 -29.93
C ALA B 3958 42.08 42.17 -29.69
N LYS B 3959 41.04 43.01 -29.70
CA LYS B 3959 39.68 42.52 -29.57
C LYS B 3959 39.30 41.60 -30.72
N GLN B 3960 39.66 41.99 -31.94
CA GLN B 3960 39.38 41.16 -33.11
C GLN B 3960 40.11 39.83 -33.03
N VAL B 3961 41.36 39.84 -32.55
CA VAL B 3961 42.15 38.61 -32.47
C VAL B 3961 41.49 37.62 -31.53
N PHE B 3962 41.01 38.09 -30.38
CA PHE B 3962 40.37 37.20 -29.42
C PHE B 3962 39.09 36.59 -30.01
N ASN B 3963 38.30 37.40 -30.71
CA ASN B 3963 37.10 36.86 -31.35
C ASN B 3963 37.47 35.87 -32.44
N SER B 3964 38.50 36.18 -33.23
CA SER B 3964 38.95 35.23 -34.25
C SER B 3964 39.48 33.96 -33.63
N LEU B 3965 40.22 34.08 -32.52
CA LEU B 3965 40.67 32.90 -31.79
C LEU B 3965 39.49 32.11 -31.26
N THR B 3966 38.47 32.80 -30.75
CA THR B 3966 37.29 32.11 -30.24
C THR B 3966 36.55 31.37 -31.35
N GLU B 3967 36.37 32.01 -32.51
CA GLU B 3967 35.57 31.42 -33.58
C GLU B 3967 36.15 30.10 -34.05
N TYR B 3968 37.47 29.95 -34.02
CA TYR B 3968 38.08 28.67 -34.40
C TYR B 3968 37.65 27.56 -33.46
N ILE B 3969 37.55 27.85 -32.16
CA ILE B 3969 37.21 26.87 -31.15
C ILE B 3969 35.84 27.12 -30.55
N GLN B 3970 35.05 28.03 -31.14
CA GLN B 3970 33.72 28.31 -30.59
C GLN B 3970 32.83 27.08 -30.64
N GLY B 3971 33.05 26.20 -31.60
CA GLY B 3971 32.41 24.91 -31.62
C GLY B 3971 33.33 23.87 -31.01
N PRO B 3972 32.78 22.73 -30.60
CA PRO B 3972 33.61 21.71 -29.95
C PRO B 3972 34.64 21.10 -30.88
N CYS B 3973 35.54 21.94 -31.41
CA CYS B 3973 36.62 21.49 -32.28
C CYS B 3973 37.81 21.10 -31.40
N THR B 3974 37.91 19.81 -31.09
CA THR B 3974 38.98 19.35 -30.22
C THR B 3974 40.35 19.46 -30.89
N GLY B 3975 40.39 19.38 -32.22
CA GLY B 3975 41.67 19.52 -32.91
C GLY B 3975 42.30 20.88 -32.73
N ASN B 3976 41.50 21.94 -32.84
CA ASN B 3976 42.02 23.29 -32.63
C ASN B 3976 42.23 23.58 -31.15
N GLN B 3977 41.40 23.00 -30.28
CA GLN B 3977 41.60 23.18 -28.84
C GLN B 3977 42.90 22.55 -28.38
N GLN B 3978 43.23 21.37 -28.91
CA GLN B 3978 44.45 20.69 -28.52
C GLN B 3978 45.68 21.49 -28.95
N SER B 3979 45.63 22.07 -30.15
CA SER B 3979 46.77 22.86 -30.64
C SER B 3979 47.00 24.09 -29.77
N LEU B 3980 45.93 24.80 -29.42
CA LEU B 3980 46.07 26.00 -28.59
C LEU B 3980 46.53 25.67 -27.17
N ALA B 3981 46.29 24.44 -26.70
CA ALA B 3981 46.66 24.10 -25.34
C ALA B 3981 48.17 24.12 -25.14
N HIS B 3982 48.93 23.61 -26.12
CA HIS B 3982 50.38 23.53 -26.02
C HIS B 3982 51.09 24.71 -26.65
N SER B 3983 50.36 25.68 -27.20
CA SER B 3983 50.98 26.85 -27.81
C SER B 3983 51.38 27.84 -26.71
N ARG B 3984 51.78 29.04 -27.11
CA ARG B 3984 52.18 30.09 -26.18
C ARG B 3984 51.01 30.94 -25.72
N LEU B 3985 49.78 30.43 -25.84
CA LEU B 3985 48.61 31.21 -25.47
C LEU B 3985 48.59 31.52 -23.97
N TRP B 3986 49.04 30.56 -23.14
CA TRP B 3986 49.05 30.78 -21.70
C TRP B 3986 49.94 31.95 -21.32
N ASP B 3987 51.11 32.06 -21.95
CA ASP B 3987 52.02 33.16 -21.64
C ASP B 3987 51.42 34.50 -22.04
N ALA B 3988 50.71 34.55 -23.16
CA ALA B 3988 50.12 35.81 -23.61
C ALA B 3988 49.07 36.33 -22.63
N VAL B 3989 48.19 35.44 -22.14
CA VAL B 3989 47.13 35.86 -21.24
C VAL B 3989 47.70 36.34 -19.91
N VAL B 3990 48.79 35.70 -19.45
CA VAL B 3990 49.41 36.12 -18.20
C VAL B 3990 49.87 37.57 -18.28
N GLY B 3991 50.51 37.95 -19.39
CA GLY B 3991 50.89 39.33 -19.58
C GLY B 3991 49.69 40.25 -19.72
N PHE B 3992 48.67 39.81 -20.45
CA PHE B 3992 47.48 40.64 -20.65
C PHE B 3992 46.76 40.90 -19.33
N LEU B 3993 46.66 39.88 -18.47
CA LEU B 3993 45.96 40.04 -17.20
C LEU B 3993 46.64 41.09 -16.32
N HIS B 3994 47.97 41.10 -16.29
CA HIS B 3994 48.69 42.11 -15.52
C HIS B 3994 48.42 43.50 -16.05
N VAL B 3995 48.37 43.67 -17.37
CA VAL B 3995 48.11 44.98 -17.96
C VAL B 3995 46.72 45.46 -17.59
N PHE B 3996 45.72 44.57 -17.66
CA PHE B 3996 44.34 44.97 -17.40
C PHE B 3996 44.13 45.37 -15.95
N ALA B 3997 44.80 44.68 -15.02
CA ALA B 3997 44.65 44.99 -13.60
C ALA B 3997 45.11 46.41 -13.29
N HIS B 3998 46.27 46.81 -13.83
CA HIS B 3998 46.77 48.16 -13.59
C HIS B 3998 46.03 49.19 -14.43
N MET B 3999 45.52 48.80 -15.60
CA MET B 3999 44.78 49.72 -16.44
C MET B 3999 43.48 50.15 -15.76
N MET B 4000 42.80 49.22 -15.09
CA MET B 4000 41.58 49.56 -14.38
C MET B 4000 41.85 50.57 -13.26
N MET B 4001 42.88 50.32 -12.45
CA MET B 4001 43.14 51.17 -11.30
C MET B 4001 43.54 52.58 -11.71
N LYS B 4002 44.36 52.71 -12.75
CA LYS B 4002 44.79 54.03 -13.20
C LYS B 4002 43.61 54.84 -13.71
N LEU B 4003 42.74 54.22 -14.51
CA LEU B 4003 41.55 54.92 -15.00
C LEU B 4003 40.50 55.10 -13.92
N ALA B 4004 40.52 54.28 -12.87
CA ALA B 4004 39.56 54.44 -11.78
C ALA B 4004 39.77 55.76 -11.06
N GLN B 4005 41.02 56.12 -10.77
CA GLN B 4005 41.30 57.39 -10.11
C GLN B 4005 40.97 58.57 -11.01
N ASP B 4006 41.27 58.45 -12.30
CA ASP B 4006 40.98 59.53 -13.24
C ASP B 4006 39.47 59.65 -13.44
N SER B 4007 38.96 60.87 -13.29
CA SER B 4007 37.52 61.09 -13.40
C SER B 4007 37.06 61.06 -14.86
N SER B 4008 37.82 61.67 -15.76
CA SER B 4008 37.41 61.82 -17.15
C SER B 4008 37.93 60.72 -18.07
N GLN B 4009 38.62 59.72 -17.52
CA GLN B 4009 39.13 58.62 -18.34
C GLN B 4009 38.06 57.53 -18.39
N ILE B 4010 37.08 57.74 -19.27
CA ILE B 4010 35.95 56.84 -19.41
C ILE B 4010 35.94 56.17 -20.78
N GLU B 4011 36.32 56.89 -21.83
CA GLU B 4011 36.27 56.34 -23.18
C GLU B 4011 37.24 55.17 -23.33
N LEU B 4012 38.43 55.28 -22.74
CA LEU B 4012 39.36 54.16 -22.76
C LEU B 4012 38.86 53.04 -21.86
N LEU B 4013 38.27 53.38 -20.71
CA LEU B 4013 37.77 52.36 -19.79
C LEU B 4013 36.66 51.53 -20.44
N LYS B 4014 35.74 52.19 -21.15
CA LYS B 4014 34.69 51.45 -21.84
C LYS B 4014 35.25 50.52 -22.88
N GLU B 4015 36.27 50.97 -23.63
CA GLU B 4015 36.95 50.08 -24.56
C GLU B 4015 37.76 49.03 -23.81
N LEU B 4016 38.32 49.40 -22.66
CA LEU B 4016 39.10 48.44 -21.88
C LEU B 4016 38.25 47.30 -21.38
N LEU B 4017 37.06 47.59 -20.84
CA LEU B 4017 36.24 46.55 -20.22
C LEU B 4017 35.80 45.50 -21.22
N ASP B 4018 35.63 45.89 -22.48
CA ASP B 4018 35.15 44.94 -23.49
C ASP B 4018 36.21 43.90 -23.83
N LEU B 4019 37.49 44.25 -23.66
CA LEU B 4019 38.55 43.37 -24.14
C LEU B 4019 38.64 42.09 -23.32
N GLN B 4020 38.65 42.19 -21.99
CA GLN B 4020 38.71 40.99 -21.17
C GLN B 4020 37.42 40.18 -21.26
N LYS B 4021 36.29 40.85 -21.47
CA LYS B 4021 35.03 40.13 -21.66
C LYS B 4021 35.08 39.24 -22.89
N ASP B 4022 35.67 39.74 -23.97
CA ASP B 4022 35.89 38.92 -25.15
C ASP B 4022 37.01 37.90 -24.94
N MET B 4023 37.93 38.19 -24.01
CA MET B 4023 39.00 37.22 -23.73
C MET B 4023 38.45 35.98 -23.03
N VAL B 4024 37.64 36.17 -21.99
CA VAL B 4024 37.16 35.04 -21.20
C VAL B 4024 36.25 34.13 -22.01
N VAL B 4025 35.60 34.66 -23.05
CA VAL B 4025 34.83 33.79 -23.95
C VAL B 4025 35.75 32.77 -24.60
N MET B 4026 36.93 33.21 -25.04
CA MET B 4026 37.93 32.27 -25.54
C MET B 4026 38.37 31.30 -24.44
N LEU B 4027 38.53 31.81 -23.22
CA LEU B 4027 38.83 30.93 -22.09
C LEU B 4027 37.70 29.95 -21.84
N LEU B 4028 36.45 30.43 -21.90
CA LEU B 4028 35.31 29.53 -21.79
C LEU B 4028 35.23 28.58 -22.98
N SER B 4029 35.55 29.06 -24.17
CA SER B 4029 35.58 28.20 -25.35
C SER B 4029 36.65 27.11 -25.22
N LEU B 4030 37.79 27.47 -24.64
CA LEU B 4030 38.82 26.46 -24.38
C LEU B 4030 38.33 25.40 -23.40
N LEU B 4031 37.55 25.81 -22.39
CA LEU B 4031 36.97 24.87 -21.44
C LEU B 4031 35.71 24.20 -21.97
N GLU B 4032 35.23 24.60 -23.15
CA GLU B 4032 34.01 24.01 -23.68
C GLU B 4032 34.28 22.58 -24.13
N GLY B 4033 33.41 21.66 -23.69
CA GLY B 4033 33.59 20.26 -23.99
C GLY B 4033 34.66 19.56 -23.17
N ASN B 4034 35.14 20.20 -22.11
CA ASN B 4034 36.23 19.65 -21.32
C ASN B 4034 35.74 18.50 -20.44
N VAL B 4035 36.69 17.85 -19.78
CA VAL B 4035 36.41 16.79 -18.83
C VAL B 4035 37.14 17.12 -17.52
N VAL B 4036 36.70 16.49 -16.43
CA VAL B 4036 37.36 16.68 -15.15
C VAL B 4036 38.73 16.03 -15.19
N ASN B 4037 39.68 16.63 -14.48
CA ASN B 4037 41.10 16.27 -14.57
C ASN B 4037 41.60 16.40 -16.01
N GLY B 4038 40.96 17.26 -16.80
CA GLY B 4038 41.36 17.41 -18.18
C GLY B 4038 42.69 18.12 -18.32
N MET B 4039 43.41 17.79 -19.40
CA MET B 4039 44.70 18.41 -19.64
C MET B 4039 44.56 19.91 -19.86
N ILE B 4040 43.57 20.31 -20.67
CA ILE B 4040 43.36 21.73 -20.93
C ILE B 4040 42.94 22.46 -19.66
N ALA B 4041 42.09 21.81 -18.85
CA ALA B 4041 41.65 22.42 -17.60
C ALA B 4041 42.81 22.66 -16.65
N ARG B 4042 43.72 21.69 -16.54
CA ARG B 4042 44.87 21.84 -15.65
C ARG B 4042 45.86 22.89 -16.15
N GLN B 4043 45.90 23.15 -17.46
CA GLN B 4043 46.75 24.22 -17.96
C GLN B 4043 46.31 25.57 -17.42
N MET B 4044 45.00 25.82 -17.34
CA MET B 4044 44.52 27.06 -16.75
C MET B 4044 44.83 27.11 -15.26
N VAL B 4045 44.84 25.97 -14.59
CA VAL B 4045 45.19 25.95 -13.17
C VAL B 4045 46.60 26.47 -12.96
N ASP B 4046 47.54 26.03 -13.79
CA ASP B 4046 48.91 26.55 -13.71
C ASP B 4046 48.95 28.03 -14.04
N MET B 4047 48.22 28.46 -15.07
CA MET B 4047 48.24 29.87 -15.45
C MET B 4047 47.52 30.74 -14.45
N LEU B 4048 46.52 30.20 -13.74
CA LEU B 4048 45.82 30.98 -12.72
C LEU B 4048 46.70 31.21 -11.50
N VAL B 4049 47.59 30.26 -11.19
CA VAL B 4049 48.51 30.44 -10.07
C VAL B 4049 49.45 31.61 -10.33
N GLU B 4050 50.00 31.69 -11.55
CA GLU B 4050 50.92 32.78 -11.87
C GLU B 4050 50.22 34.14 -11.82
N SER B 4051 49.01 34.21 -12.36
CA SER B 4051 48.27 35.47 -12.43
C SER B 4051 47.24 35.61 -11.30
N SER B 4052 47.41 34.87 -10.21
CA SER B 4052 46.48 34.96 -9.10
C SER B 4052 46.45 36.36 -8.51
N SER B 4053 47.62 37.01 -8.42
CA SER B 4053 47.66 38.39 -7.95
C SER B 4053 46.93 39.33 -8.91
N ASN B 4054 47.06 39.08 -10.21
CA ASN B 4054 46.45 39.98 -11.20
C ASN B 4054 44.93 39.96 -11.09
N VAL B 4055 44.34 38.77 -10.91
CA VAL B 4055 42.89 38.67 -10.84
C VAL B 4055 42.35 39.36 -9.58
N GLU B 4056 43.20 39.56 -8.57
CA GLU B 4056 42.78 40.29 -7.39
C GLU B 4056 42.48 41.75 -7.76
N MET B 4057 41.48 42.32 -7.08
CA MET B 4057 41.05 43.70 -7.24
C MET B 4057 40.30 43.89 -8.55
N ILE B 4058 40.27 42.85 -9.39
CA ILE B 4058 39.49 42.92 -10.62
C ILE B 4058 38.00 42.89 -10.29
N LEU B 4059 37.60 42.06 -9.31
CA LEU B 4059 36.20 41.97 -8.93
C LEU B 4059 35.68 43.29 -8.37
N LYS B 4060 36.51 44.02 -7.65
CA LYS B 4060 36.13 45.34 -7.13
C LYS B 4060 35.98 46.33 -8.27
N PRO B 4176 24.03 31.90 -7.35
CA PRO B 4176 22.89 32.83 -7.31
C PRO B 4176 22.35 33.16 -8.69
N TYR B 4177 23.17 33.81 -9.52
CA TYR B 4177 22.82 34.15 -10.89
C TYR B 4177 23.21 33.07 -11.88
N LEU B 4178 23.93 32.04 -11.43
CA LEU B 4178 24.60 31.10 -12.30
C LEU B 4178 23.76 29.85 -12.46
N GLY B 4179 23.35 29.56 -13.69
CA GLY B 4179 22.64 28.33 -14.01
C GLY B 4179 23.60 27.20 -14.29
N ARG B 4180 23.09 25.98 -14.20
CA ARG B 4180 23.92 24.79 -14.36
C ARG B 4180 23.04 23.64 -14.82
N ILE B 4181 23.27 23.16 -16.04
CA ILE B 4181 22.56 22.02 -16.59
C ILE B 4181 23.58 21.02 -17.12
N GLU B 4182 23.12 19.78 -17.28
CA GLU B 4182 23.95 18.70 -17.81
C GLU B 4182 23.26 18.10 -19.02
N ILE B 4183 24.00 17.97 -20.12
CA ILE B 4183 23.48 17.37 -21.35
C ILE B 4183 24.45 16.29 -21.82
N MET B 4184 23.94 15.41 -22.68
CA MET B 4184 24.78 14.48 -23.44
C MET B 4184 25.17 15.19 -24.74
N GLY B 4185 26.46 15.45 -24.92
CA GLY B 4185 26.93 16.24 -26.02
C GLY B 4185 27.18 15.40 -27.28
N ALA B 4186 27.81 16.04 -28.26
CA ALA B 4186 28.13 15.36 -29.50
C ALA B 4186 29.09 14.20 -29.28
N SER B 4187 29.91 14.28 -28.23
CA SER B 4187 30.86 13.22 -27.89
C SER B 4187 30.20 12.05 -27.17
N ARG B 4188 28.87 12.05 -27.06
CA ARG B 4188 28.12 10.99 -26.36
C ARG B 4188 28.54 10.89 -24.90
N ARG B 4189 28.88 12.01 -24.28
CA ARG B 4189 29.27 12.04 -22.88
C ARG B 4189 28.50 13.16 -22.17
N ILE B 4190 28.17 12.92 -20.91
CA ILE B 4190 27.52 13.94 -20.10
C ILE B 4190 28.47 15.10 -19.88
N GLU B 4191 28.00 16.32 -20.18
CA GLU B 4191 28.77 17.53 -19.99
C GLU B 4191 28.02 18.45 -19.02
N ARG B 4192 28.65 19.58 -18.70
CA ARG B 4192 28.04 20.58 -17.83
C ARG B 4192 28.06 21.93 -18.54
N ILE B 4193 26.94 22.64 -18.47
CA ILE B 4193 26.76 23.92 -19.16
C ILE B 4193 26.41 24.98 -18.12
N TYR B 4194 27.14 26.09 -18.15
CA TYR B 4194 26.92 27.20 -17.22
C TYR B 4194 26.43 28.40 -18.01
N PHE B 4195 25.42 29.08 -17.47
CA PHE B 4195 24.83 30.23 -18.14
C PHE B 4195 24.23 31.17 -17.10
N GLU B 4196 23.94 32.38 -17.53
CA GLU B 4196 23.45 33.44 -16.65
C GLU B 4196 21.93 33.51 -16.72
N ILE B 4197 21.29 33.51 -15.55
CA ILE B 4197 19.84 33.52 -15.44
C ILE B 4197 19.37 34.91 -15.05
N SER B 4198 18.37 35.42 -15.76
CA SER B 4198 17.85 36.76 -15.51
C SER B 4198 17.05 36.80 -14.21
N GLU B 4199 17.19 37.90 -13.47
CA GLU B 4199 16.43 38.06 -12.23
C GLU B 4199 14.94 38.17 -12.49
N THR B 4200 14.56 38.86 -13.57
CA THR B 4200 13.14 38.92 -13.92
C THR B 4200 12.59 37.54 -14.18
N ASN B 4201 13.33 36.71 -14.91
CA ASN B 4201 12.89 35.35 -15.19
C ASN B 4201 12.81 34.52 -13.92
N ARG B 4202 13.80 34.66 -13.03
CA ARG B 4202 13.76 33.94 -11.76
C ARG B 4202 12.56 34.33 -10.91
N ALA B 4203 12.28 35.63 -10.83
CA ALA B 4203 11.11 36.09 -10.06
C ALA B 4203 9.81 35.57 -10.67
N GLN B 4204 9.70 35.63 -11.99
CA GLN B 4204 8.50 35.14 -12.65
C GLN B 4204 8.33 33.64 -12.45
N TRP B 4205 9.43 32.89 -12.44
CA TRP B 4205 9.36 31.47 -12.15
C TRP B 4205 8.93 31.20 -10.72
N GLU B 4206 9.45 31.96 -9.76
CA GLU B 4206 9.06 31.77 -8.37
C GLU B 4206 7.68 32.34 -8.06
N MET B 4207 7.07 33.04 -9.01
CA MET B 4207 5.72 33.54 -8.81
C MET B 4207 4.77 32.40 -8.47
N PRO B 4208 3.83 32.61 -7.53
CA PRO B 4208 3.00 31.49 -7.05
C PRO B 4208 2.16 30.81 -8.12
N GLN B 4209 1.64 31.54 -9.10
CA GLN B 4209 0.84 30.89 -10.13
C GLN B 4209 1.70 30.00 -11.02
N VAL B 4210 2.94 30.42 -11.30
CA VAL B 4210 3.86 29.58 -12.05
C VAL B 4210 4.22 28.34 -11.24
N LYS B 4211 4.41 28.51 -9.93
CA LYS B 4211 4.69 27.36 -9.08
C LYS B 4211 3.52 26.39 -9.08
N GLU B 4212 2.29 26.91 -9.04
CA GLU B 4212 1.10 26.07 -9.12
C GLU B 4212 1.04 25.30 -10.43
N SER B 4213 1.33 25.99 -11.54
CA SER B 4213 1.35 25.32 -12.84
C SER B 4213 2.41 24.22 -12.87
N LYS B 4214 3.59 24.48 -12.30
CA LYS B 4214 4.63 23.47 -12.25
C LYS B 4214 4.20 22.26 -11.43
N ARG B 4215 3.57 22.49 -10.28
CA ARG B 4215 3.12 21.39 -9.45
C ARG B 4215 2.07 20.55 -10.18
N GLN B 4216 1.13 21.22 -10.85
CA GLN B 4216 0.11 20.49 -11.60
C GLN B 4216 0.73 19.69 -12.72
N PHE B 4217 1.72 20.26 -13.42
CA PHE B 4217 2.41 19.54 -14.48
C PHE B 4217 3.10 18.30 -13.93
N ILE B 4218 3.79 18.43 -12.80
CA ILE B 4218 4.50 17.30 -12.21
C ILE B 4218 3.52 16.20 -11.83
N PHE B 4219 2.42 16.59 -11.17
CA PHE B 4219 1.42 15.60 -10.77
C PHE B 4219 0.83 14.89 -11.98
N ASP B 4220 0.51 15.64 -13.03
CA ASP B 4220 -0.10 15.06 -14.22
C ASP B 4220 0.86 14.08 -14.91
N VAL B 4221 2.13 14.45 -15.07
CA VAL B 4221 3.05 13.57 -15.78
C VAL B 4221 3.35 12.33 -14.95
N VAL B 4222 3.49 12.48 -13.63
CA VAL B 4222 3.77 11.31 -12.80
C VAL B 4222 2.59 10.35 -12.81
N ASN B 4223 1.36 10.89 -12.84
CA ASN B 4223 0.19 10.02 -12.94
C ASN B 4223 0.14 9.32 -14.30
N GLU B 4224 0.05 10.11 -15.39
CA GLU B 4224 -0.01 9.55 -16.73
C GLU B 4224 1.14 10.10 -17.57
N GLY B 4225 2.29 9.44 -17.47
CA GLY B 4225 3.41 9.74 -18.34
C GLY B 4225 4.35 8.57 -18.46
N GLY B 4226 5.01 8.50 -19.62
CA GLY B 4226 6.02 7.50 -19.85
C GLY B 4226 7.34 8.13 -20.25
N GLU B 4227 8.44 7.38 -20.13
CA GLU B 4227 9.76 7.94 -20.42
C GLU B 4227 9.87 8.40 -21.87
N ALA B 4228 9.13 7.76 -22.78
CA ALA B 4228 9.16 8.17 -24.18
C ALA B 4228 8.58 9.57 -24.36
N GLU B 4229 7.48 9.88 -23.69
CA GLU B 4229 6.81 11.16 -23.83
C GLU B 4229 7.09 12.11 -22.67
N LYS B 4230 7.85 11.68 -21.67
CA LYS B 4230 8.08 12.53 -20.50
C LYS B 4230 8.83 13.81 -20.88
N MET B 4231 9.89 13.67 -21.70
CA MET B 4231 10.66 14.83 -22.08
C MET B 4231 9.89 15.73 -23.04
N GLU B 4232 9.08 15.14 -23.92
CA GLU B 4232 8.25 15.95 -24.81
C GLU B 4232 7.24 16.77 -24.02
N LEU B 4233 6.59 16.15 -23.04
CA LEU B 4233 5.66 16.88 -22.18
C LEU B 4233 6.38 17.95 -21.38
N PHE B 4234 7.59 17.65 -20.90
CA PHE B 4234 8.35 18.64 -20.15
C PHE B 4234 8.69 19.84 -21.01
N VAL B 4235 9.13 19.62 -22.26
CA VAL B 4235 9.49 20.73 -23.12
C VAL B 4235 8.26 21.54 -23.50
N SER B 4236 7.13 20.87 -23.73
CA SER B 4236 5.90 21.61 -24.01
C SER B 4236 5.49 22.47 -22.82
N PHE B 4237 5.60 21.93 -21.61
CA PHE B 4237 5.29 22.69 -20.41
C PHE B 4237 6.24 23.88 -20.27
N CYS B 4238 7.52 23.68 -20.57
CA CYS B 4238 8.47 24.77 -20.53
C CYS B 4238 8.10 25.87 -21.52
N GLU B 4239 7.69 25.50 -22.72
CA GLU B 4239 7.29 26.49 -23.72
C GLU B 4239 6.07 27.28 -23.24
N ASP B 4240 5.07 26.58 -22.71
CA ASP B 4240 3.89 27.25 -22.19
C ASP B 4240 4.24 28.19 -21.05
N THR B 4241 5.13 27.74 -20.16
CA THR B 4241 5.56 28.59 -19.05
C THR B 4241 6.28 29.83 -19.55
N ILE B 4242 7.14 29.68 -20.55
CA ILE B 4242 7.86 30.83 -21.09
C ILE B 4242 6.88 31.83 -21.71
N PHE B 4243 5.88 31.34 -22.44
CA PHE B 4243 4.89 32.25 -22.98
C PHE B 4243 4.11 32.96 -21.88
N GLU B 4244 3.79 32.23 -20.81
CA GLU B 4244 3.10 32.86 -19.68
C GLU B 4244 3.96 33.95 -19.05
N MET B 4245 5.27 33.71 -18.93
CA MET B 4245 6.17 34.75 -18.44
C MET B 4245 6.19 35.96 -19.37
N GLN B 4246 6.16 35.72 -20.68
CA GLN B 4246 6.08 36.85 -21.61
C GLN B 4246 4.81 37.65 -21.39
N ILE B 4247 3.68 36.96 -21.19
CA ILE B 4247 2.41 37.65 -20.95
C ILE B 4247 2.47 38.45 -19.66
N ALA B 4248 3.03 37.86 -18.60
CA ALA B 4248 3.13 38.55 -17.32
C ALA B 4248 4.00 39.79 -17.43
N ALA B 4249 5.14 39.68 -18.13
CA ALA B 4249 5.99 40.84 -18.33
C ALA B 4249 5.28 41.91 -19.17
N GLN B 4250 4.49 41.48 -20.16
CA GLN B 4250 3.76 42.43 -21.00
C GLN B 4250 2.73 43.21 -20.18
N ILE B 4251 1.98 42.50 -19.32
CA ILE B 4251 0.93 43.16 -18.56
C ILE B 4251 1.43 43.76 -17.25
N SER B 4252 2.71 43.59 -16.93
CA SER B 4252 3.27 44.19 -15.73
C SER B 4252 3.17 45.71 -15.79
N GLU B 4253 2.75 46.31 -14.68
CA GLU B 4253 2.60 47.76 -14.64
C GLU B 4253 3.96 48.43 -14.58
N PRO B 4254 4.23 49.43 -15.43
CA PRO B 4254 5.51 50.16 -15.43
C PRO B 4254 5.63 51.11 -14.24
N PHE B 4540 -6.99 62.05 -31.64
CA PHE B 4540 -7.29 61.60 -30.28
C PHE B 4540 -7.03 60.10 -30.14
N TRP B 4541 -6.39 59.52 -31.17
CA TRP B 4541 -6.19 58.07 -31.18
C TRP B 4541 -5.10 57.64 -30.19
N GLY B 4542 -4.06 58.46 -30.03
CA GLY B 4542 -2.96 58.07 -29.15
C GLY B 4542 -3.39 57.96 -27.69
N GLU B 4543 -4.10 58.96 -27.19
CA GLU B 4543 -4.56 58.92 -25.80
C GLU B 4543 -5.56 57.79 -25.60
N LEU B 4544 -6.45 57.58 -26.56
CA LEU B 4544 -7.39 56.47 -26.47
C LEU B 4544 -6.66 55.13 -26.40
N GLU B 4545 -5.64 54.95 -27.25
CA GLU B 4545 -4.92 53.69 -27.27
C GLU B 4545 -4.14 53.47 -25.97
N VAL B 4546 -3.49 54.51 -25.45
CA VAL B 4546 -2.71 54.32 -24.23
C VAL B 4546 -3.63 54.06 -23.04
N GLN B 4547 -4.77 54.77 -22.97
CA GLN B 4547 -5.72 54.50 -21.89
C GLN B 4547 -6.29 53.08 -22.01
N ARG B 4548 -6.59 52.65 -23.24
CA ARG B 4548 -7.13 51.31 -23.44
C ARG B 4548 -6.14 50.24 -23.03
N VAL B 4549 -4.86 50.40 -23.40
CA VAL B 4549 -3.88 49.38 -23.04
C VAL B 4549 -3.64 49.38 -21.53
N LYS B 4550 -3.66 50.56 -20.90
CA LYS B 4550 -3.53 50.62 -19.45
C LYS B 4550 -4.69 49.90 -18.77
N PHE B 4551 -5.92 50.15 -19.23
CA PHE B 4551 -7.09 49.52 -18.64
C PHE B 4551 -7.07 48.01 -18.83
N LEU B 4552 -6.70 47.56 -20.04
CA LEU B 4552 -6.67 46.12 -20.32
C LEU B 4552 -5.59 45.43 -19.49
N ASN B 4553 -4.43 46.07 -19.33
CA ASN B 4553 -3.39 45.50 -18.47
C ASN B 4553 -3.85 45.44 -17.02
N TYR B 4554 -4.58 46.48 -16.57
CA TYR B 4554 -5.12 46.46 -15.22
C TYR B 4554 -6.07 45.28 -15.02
N LEU B 4555 -6.97 45.06 -15.97
CA LEU B 4555 -7.90 43.94 -15.87
C LEU B 4555 -7.15 42.61 -15.89
N SER B 4556 -6.14 42.48 -16.75
CA SER B 4556 -5.38 41.24 -16.79
C SER B 4556 -4.65 40.98 -15.48
N ARG B 4557 -4.12 42.04 -14.86
CA ARG B 4557 -3.45 41.89 -13.57
C ARG B 4557 -4.43 41.50 -12.48
N ASN B 4558 -5.63 42.10 -12.49
CA ASN B 4558 -6.59 41.92 -11.40
C ASN B 4558 -7.72 40.95 -11.74
N PHE B 4559 -7.51 40.08 -12.73
CA PHE B 4559 -8.51 39.06 -13.06
C PHE B 4559 -8.94 38.25 -11.83
N TYR B 4560 -7.99 37.74 -11.06
CA TYR B 4560 -8.34 36.87 -9.94
C TYR B 4560 -9.01 37.65 -8.81
N THR B 4561 -8.58 38.88 -8.58
CA THR B 4561 -9.26 39.72 -7.60
C THR B 4561 -10.68 40.01 -8.04
N LEU B 4562 -10.90 40.22 -9.34
CA LEU B 4562 -12.24 40.44 -9.85
C LEU B 4562 -13.10 39.19 -9.71
N ARG B 4563 -12.50 38.01 -9.88
CA ARG B 4563 -13.24 36.77 -9.67
C ARG B 4563 -13.67 36.62 -8.22
N PHE B 4564 -12.76 36.91 -7.29
CA PHE B 4564 -13.12 36.86 -5.87
C PHE B 4564 -14.16 37.91 -5.53
N LEU B 4565 -14.08 39.09 -6.16
CA LEU B 4565 -15.08 40.11 -5.96
C LEU B 4565 -16.45 39.67 -6.47
N ALA B 4566 -16.48 38.97 -7.61
CA ALA B 4566 -17.74 38.43 -8.11
C ALA B 4566 -18.31 37.41 -7.14
N LEU B 4567 -17.46 36.56 -6.57
CA LEU B 4567 -17.94 35.59 -5.59
C LEU B 4567 -18.52 36.29 -4.36
N PHE B 4568 -17.82 37.30 -3.85
CA PHE B 4568 -18.31 38.03 -2.70
C PHE B 4568 -19.62 38.75 -3.00
N LEU B 4569 -19.74 39.31 -4.20
CA LEU B 4569 -20.98 39.99 -4.58
C LEU B 4569 -22.13 39.00 -4.71
N ALA B 4570 -21.85 37.80 -5.22
CA ALA B 4570 -22.89 36.77 -5.28
C ALA B 4570 -23.36 36.39 -3.88
N PHE B 4571 -22.42 36.22 -2.95
CA PHE B 4571 -22.81 35.93 -1.57
C PHE B 4571 -23.64 37.06 -0.97
N ALA B 4572 -23.24 38.32 -1.21
CA ALA B 4572 -23.98 39.45 -0.67
C ALA B 4572 -25.39 39.51 -1.26
N ILE B 4573 -25.51 39.30 -2.57
CA ILE B 4573 -26.81 39.36 -3.22
C ILE B 4573 -27.71 38.26 -2.69
N ASN B 4574 -27.17 37.05 -2.53
CA ASN B 4574 -28.00 35.95 -2.04
C ASN B 4574 -28.37 36.12 -0.57
N PHE B 4575 -27.48 36.70 0.22
CA PHE B 4575 -27.82 37.01 1.61
C PHE B 4575 -28.95 38.02 1.67
N ILE B 4576 -28.93 39.01 0.78
CA ILE B 4576 -30.07 39.93 0.70
C ILE B 4576 -31.32 39.20 0.25
N LEU B 4577 -31.18 38.27 -0.70
CA LEU B 4577 -32.31 37.48 -1.19
C LEU B 4577 -32.93 36.63 -0.10
N LEU B 4578 -32.16 36.30 0.96
CA LEU B 4578 -32.75 35.60 2.10
C LEU B 4578 -33.85 36.39 2.79
N PHE B 4579 -34.15 37.61 2.35
CA PHE B 4579 -35.14 38.45 2.99
C PHE B 4579 -36.38 38.66 2.15
N TYR B 4580 -36.49 38.02 0.98
CA TYR B 4580 -37.70 38.13 0.18
C TYR B 4580 -38.89 37.51 0.88
N LYS B 4581 -40.06 38.04 0.56
CA LYS B 4581 -41.33 37.59 1.10
C LYS B 4581 -42.37 37.69 0.00
N VAL B 4582 -43.31 36.75 -0.01
CA VAL B 4582 -44.37 36.72 -1.00
C VAL B 4582 -45.68 37.07 -0.30
N SER B 4583 -46.51 37.87 -0.96
CA SER B 4583 -47.80 38.26 -0.42
C SER B 4583 -48.80 38.44 -1.55
N ASP B 4584 -50.06 38.10 -1.26
CA ASP B 4584 -51.14 38.40 -2.20
C ASP B 4584 -51.34 39.90 -2.34
N SER B 4585 -51.29 40.63 -1.24
CA SER B 4585 -51.43 42.08 -1.25
C SER B 4585 -50.14 42.75 -1.72
N PRO B 4586 -50.25 43.91 -2.36
CA PRO B 4586 -49.04 44.65 -2.73
C PRO B 4586 -48.29 45.09 -1.50
N PRO B 4587 -46.95 45.24 -1.59
CA PRO B 4587 -46.06 45.65 -0.52
C PRO B 4587 -46.60 46.80 0.34
N MET B 4627 -52.54 36.90 -8.43
CA MET B 4627 -51.33 37.70 -8.54
C MET B 4627 -50.58 37.74 -7.21
N VAL B 4628 -49.29 37.45 -7.24
CA VAL B 4628 -48.44 37.45 -6.06
C VAL B 4628 -47.23 38.33 -6.31
N TYR B 4629 -46.91 39.18 -5.34
CA TYR B 4629 -45.79 40.09 -5.42
C TYR B 4629 -44.67 39.64 -4.50
N TYR B 4630 -43.43 39.81 -4.94
CA TYR B 4630 -42.24 39.48 -4.17
C TYR B 4630 -41.56 40.78 -3.76
N PHE B 4631 -41.21 40.89 -2.49
CA PHE B 4631 -40.60 42.11 -1.97
C PHE B 4631 -39.68 41.77 -0.81
N LEU B 4632 -38.87 42.75 -0.42
CA LEU B 4632 -37.95 42.63 0.70
C LEU B 4632 -38.63 43.18 1.95
N GLU B 4633 -38.67 42.38 3.01
CA GLU B 4633 -39.20 42.82 4.30
C GLU B 4633 -38.07 42.78 5.33
N GLU B 4634 -37.48 43.93 5.58
CA GLU B 4634 -36.46 44.06 6.61
C GLU B 4634 -36.54 45.45 7.22
N SER B 4635 -36.02 45.56 8.45
CA SER B 4635 -36.25 46.76 9.25
C SER B 4635 -35.46 47.97 8.72
N THR B 4636 -34.20 47.77 8.36
CA THR B 4636 -33.32 48.91 8.09
C THR B 4636 -33.80 49.73 6.90
N GLY B 4637 -34.19 49.07 5.81
CA GLY B 4637 -34.58 49.77 4.61
C GLY B 4637 -33.45 50.05 3.64
N TYR B 4638 -32.22 49.63 3.96
CA TYR B 4638 -31.08 49.84 3.08
C TYR B 4638 -30.84 48.65 2.14
N MET B 4639 -31.40 47.49 2.47
CA MET B 4639 -31.21 46.32 1.62
C MET B 4639 -31.87 46.49 0.26
N GLU B 4640 -33.01 47.17 0.20
CA GLU B 4640 -33.69 47.34 -1.07
C GLU B 4640 -32.85 48.08 -2.11
N PRO B 4641 -32.18 49.22 -1.79
CA PRO B 4641 -31.29 49.82 -2.78
C PRO B 4641 -29.93 49.14 -2.86
N ALA B 4642 -29.49 48.56 -1.75
CA ALA B 4642 -28.22 47.83 -1.76
C ALA B 4642 -28.27 46.68 -2.76
N LEU B 4643 -29.42 46.00 -2.86
CA LEU B 4643 -29.54 44.87 -3.78
C LEU B 4643 -29.40 45.32 -5.23
N TRP B 4644 -30.06 46.42 -5.60
CA TRP B 4644 -29.95 46.94 -6.95
C TRP B 4644 -28.51 47.36 -7.27
N CYS B 4645 -27.89 48.08 -6.32
CA CYS B 4645 -26.51 48.51 -6.53
C CYS B 4645 -25.58 47.30 -6.70
N LEU B 4646 -25.74 46.29 -5.85
CA LEU B 4646 -24.86 45.13 -5.91
C LEU B 4646 -25.12 44.29 -7.16
N SER B 4647 -26.37 44.24 -7.63
CA SER B 4647 -26.64 43.51 -8.87
C SER B 4647 -25.98 44.19 -10.06
N LEU B 4648 -26.07 45.52 -10.14
CA LEU B 4648 -25.38 46.23 -11.21
C LEU B 4648 -23.87 46.04 -11.11
N LEU B 4649 -23.32 46.16 -9.89
CA LEU B 4649 -21.89 45.99 -9.70
C LEU B 4649 -21.45 44.59 -10.07
N HIS B 4650 -22.27 43.58 -9.78
CA HIS B 4650 -21.91 42.21 -10.10
C HIS B 4650 -21.94 41.96 -11.60
N THR B 4651 -22.93 42.52 -12.30
CA THR B 4651 -22.94 42.41 -13.75
C THR B 4651 -21.71 43.06 -14.36
N LEU B 4652 -21.36 44.25 -13.86
CA LEU B 4652 -20.15 44.93 -14.34
C LEU B 4652 -18.90 44.09 -14.07
N VAL B 4653 -18.81 43.50 -12.88
CA VAL B 4653 -17.65 42.71 -12.52
C VAL B 4653 -17.56 41.45 -13.38
N ALA B 4654 -18.70 40.85 -13.72
CA ALA B 4654 -18.67 39.68 -14.61
C ALA B 4654 -18.21 40.06 -16.01
N PHE B 4655 -18.68 41.21 -16.52
CA PHE B 4655 -18.21 41.68 -17.82
C PHE B 4655 -16.70 41.94 -17.81
N LEU B 4656 -16.21 42.61 -16.75
CA LEU B 4656 -14.78 42.86 -16.63
C LEU B 4656 -14.00 41.57 -16.48
N CYS B 4657 -14.59 40.55 -15.85
CA CYS B 4657 -13.93 39.26 -15.75
C CYS B 4657 -13.78 38.61 -17.11
N ILE B 4658 -14.82 38.72 -17.96
CA ILE B 4658 -14.70 38.20 -19.32
C ILE B 4658 -13.59 38.93 -20.06
N ILE B 4659 -13.56 40.26 -19.96
CA ILE B 4659 -12.54 41.02 -20.68
C ILE B 4659 -11.15 40.66 -20.17
N GLY B 4660 -10.99 40.53 -18.86
CA GLY B 4660 -9.70 40.17 -18.30
C GLY B 4660 -9.26 38.78 -18.73
N TYR B 4661 -10.20 37.84 -18.83
CA TYR B 4661 -9.87 36.52 -19.36
C TYR B 4661 -9.41 36.63 -20.81
N ASN B 4662 -10.16 37.38 -21.62
CA ASN B 4662 -9.81 37.53 -23.03
C ASN B 4662 -8.42 38.13 -23.19
N CYS B 4663 -8.02 39.00 -22.26
CA CYS B 4663 -6.72 39.65 -22.38
C CYS B 4663 -5.61 38.95 -21.60
N LEU B 4664 -5.93 37.93 -20.79
CA LEU B 4664 -4.91 37.28 -19.98
C LEU B 4664 -4.70 35.81 -20.33
N LYS B 4665 -5.78 35.04 -20.50
CA LYS B 4665 -5.65 33.59 -20.67
C LYS B 4665 -6.02 33.10 -22.06
N VAL B 4666 -6.70 33.90 -22.86
CA VAL B 4666 -6.90 33.55 -24.28
C VAL B 4666 -5.59 33.47 -25.02
N PRO B 4667 -4.63 34.40 -24.86
CA PRO B 4667 -3.38 34.29 -25.62
C PRO B 4667 -2.64 32.98 -25.41
N LEU B 4668 -2.66 32.43 -24.18
CA LEU B 4668 -2.02 31.13 -23.97
C LEU B 4668 -2.71 30.03 -24.76
N VAL B 4669 -4.05 30.06 -24.82
CA VAL B 4669 -4.78 29.05 -25.58
C VAL B 4669 -4.46 29.16 -27.07
N ILE B 4670 -4.42 30.39 -27.58
CA ILE B 4670 -4.12 30.59 -29.00
C ILE B 4670 -2.68 30.15 -29.31
N PHE B 4671 -1.73 30.52 -28.44
CA PHE B 4671 -0.34 30.11 -28.62
C PHE B 4671 -0.23 28.60 -28.64
N LYS B 4672 -0.88 27.93 -27.68
CA LYS B 4672 -0.90 26.48 -27.68
C LYS B 4672 -1.41 25.95 -29.02
N ARG B 4673 -2.67 26.25 -29.34
CA ARG B 4673 -3.28 25.67 -30.52
C ARG B 4673 -2.45 25.91 -31.77
N GLU B 4674 -1.87 27.11 -31.89
CA GLU B 4674 -0.98 27.37 -33.01
C GLU B 4674 0.25 26.46 -32.97
N LYS B 4675 0.79 26.19 -31.77
CA LYS B 4675 1.99 25.37 -31.72
C LYS B 4675 1.70 23.90 -32.03
N GLU B 4676 0.59 23.35 -31.51
CA GLU B 4676 0.26 21.99 -31.93
C GLU B 4676 -0.07 21.91 -33.42
N LEU B 4677 -0.76 22.93 -33.96
CA LEU B 4677 -1.04 22.90 -35.40
C LEU B 4677 0.25 22.93 -36.21
N ALA B 4678 1.20 23.78 -35.82
CA ALA B 4678 2.48 23.85 -36.52
C ALA B 4678 3.24 22.54 -36.42
N ARG B 4679 3.27 21.93 -35.24
CA ARG B 4679 4.00 20.67 -35.07
C ARG B 4679 3.36 19.55 -35.88
N LYS B 4680 2.03 19.43 -35.82
CA LYS B 4680 1.35 18.39 -36.58
C LYS B 4680 1.48 18.62 -38.09
N LEU B 4681 1.55 19.88 -38.51
CA LEU B 4681 1.66 20.17 -39.94
C LEU B 4681 3.06 19.88 -40.46
N GLU B 4682 4.09 20.23 -39.69
CA GLU B 4682 5.45 20.20 -40.23
C GLU B 4682 6.20 18.92 -39.86
N PHE B 4683 5.77 18.20 -38.81
CA PHE B 4683 6.36 16.90 -38.51
C PHE B 4683 5.53 15.76 -39.09
N ASP B 4684 4.22 15.76 -38.83
CA ASP B 4684 3.37 14.67 -39.24
C ASP B 4684 2.75 14.85 -40.61
N GLY B 4685 2.75 16.07 -41.15
CA GLY B 4685 2.11 16.32 -42.43
C GLY B 4685 0.62 16.02 -42.35
N LEU B 4686 -0.03 16.52 -41.31
CA LEU B 4686 -1.43 16.16 -41.05
C LEU B 4686 -2.32 16.57 -42.21
N TYR B 4687 -2.11 17.75 -42.78
CA TYR B 4687 -2.91 18.20 -43.91
C TYR B 4687 -2.26 17.89 -45.25
N ILE B 4688 -0.93 17.76 -45.30
CA ILE B 4688 -0.27 17.41 -46.54
C ILE B 4688 -0.55 15.95 -46.90
N THR B 4689 -0.46 15.05 -45.92
CA THR B 4689 -0.58 13.62 -46.16
C THR B 4689 -1.75 12.99 -45.43
N GLU B 4690 -1.91 13.27 -44.13
CA GLU B 4690 -2.89 12.55 -43.32
C GLU B 4690 -4.31 12.96 -43.68
N GLN B 4691 -4.55 14.26 -43.85
CA GLN B 4691 -5.87 14.79 -44.18
C GLN B 4691 -6.93 14.30 -43.20
N PRO B 4692 -6.95 14.83 -41.97
CA PRO B 4692 -7.89 14.32 -40.96
C PRO B 4692 -9.34 14.47 -41.41
N GLY B 4693 -10.16 13.51 -41.02
CA GLY B 4693 -11.54 13.45 -41.44
C GLY B 4693 -12.44 14.39 -40.67
N ASP B 4694 -13.73 14.26 -40.93
CA ASP B 4694 -14.73 15.12 -40.28
C ASP B 4694 -14.88 14.84 -38.80
N ASP B 4695 -14.36 13.72 -38.30
CA ASP B 4695 -14.44 13.42 -36.88
C ASP B 4695 -13.67 14.44 -36.06
N ASP B 4696 -12.48 14.82 -36.52
CA ASP B 4696 -11.65 15.80 -35.82
C ASP B 4696 -12.18 17.19 -36.11
N VAL B 4697 -13.06 17.67 -35.23
CA VAL B 4697 -13.65 18.99 -35.42
C VAL B 4697 -12.59 20.07 -35.30
N LYS B 4698 -11.61 19.88 -34.42
CA LYS B 4698 -10.51 20.84 -34.30
C LYS B 4698 -9.71 20.90 -35.60
N GLY B 4699 -9.39 19.73 -36.18
CA GLY B 4699 -8.67 19.72 -37.43
C GLY B 4699 -9.45 20.34 -38.57
N GLN B 4700 -10.76 20.08 -38.62
CA GLN B 4700 -11.58 20.66 -39.68
C GLN B 4700 -11.70 22.18 -39.51
N TRP B 4701 -11.78 22.66 -38.28
CA TRP B 4701 -11.86 24.11 -38.06
C TRP B 4701 -10.53 24.79 -38.33
N ASP B 4702 -9.42 24.08 -38.10
CA ASP B 4702 -8.10 24.68 -38.27
C ASP B 4702 -7.76 25.01 -39.72
N ARG B 4703 -8.55 24.55 -40.68
CA ARG B 4703 -8.28 24.87 -42.08
C ARG B 4703 -8.40 26.35 -42.38
N LEU B 4704 -9.14 27.09 -41.57
CA LEU B 4704 -9.39 28.51 -41.85
C LEU B 4704 -8.18 29.39 -41.57
N VAL B 4705 -7.13 28.85 -40.94
CA VAL B 4705 -5.98 29.68 -40.54
C VAL B 4705 -4.72 29.33 -41.34
N LEU B 4706 -4.69 28.19 -42.05
CA LEU B 4706 -3.48 27.79 -42.74
C LEU B 4706 -3.07 28.80 -43.81
N ASN B 4707 -4.04 29.30 -44.57
CA ASN B 4707 -3.76 30.24 -45.66
C ASN B 4707 -3.78 31.69 -45.23
N THR B 4708 -3.95 31.97 -43.94
CA THR B 4708 -4.01 33.35 -43.47
C THR B 4708 -2.65 34.02 -43.59
N PRO B 4709 -2.63 35.35 -43.72
CA PRO B 4709 -1.33 36.06 -43.79
C PRO B 4709 -0.43 35.79 -42.59
N SER B 4710 -1.01 35.65 -41.39
CA SER B 4710 -0.24 35.35 -40.18
C SER B 4710 -0.87 34.13 -39.52
N PHE B 4711 -0.48 32.94 -39.97
CA PHE B 4711 -0.92 31.72 -39.30
C PHE B 4711 -0.39 31.62 -37.88
N PRO B 4712 0.92 31.78 -37.60
CA PRO B 4712 1.34 31.93 -36.21
C PRO B 4712 1.37 33.41 -35.80
N SER B 4713 0.62 33.77 -34.77
CA SER B 4713 0.65 35.12 -34.23
C SER B 4713 1.07 35.19 -32.78
N ASN B 4714 0.84 34.13 -32.01
CA ASN B 4714 1.35 34.01 -30.65
C ASN B 4714 2.50 33.02 -30.54
N TYR B 4715 2.54 32.02 -31.42
CA TYR B 4715 3.63 31.06 -31.44
C TYR B 4715 4.93 31.73 -31.89
N TRP B 4716 6.03 31.40 -31.23
CA TRP B 4716 7.31 32.03 -31.53
C TRP B 4716 7.76 31.71 -32.95
N ASP B 4717 7.59 30.46 -33.38
CA ASP B 4717 8.14 30.00 -34.66
C ASP B 4717 7.35 30.62 -35.80
N LYS B 4718 7.86 31.73 -36.33
CA LYS B 4718 7.23 32.45 -37.43
C LYS B 4718 7.69 31.95 -38.79
N PHE B 4719 8.57 30.96 -38.84
CA PHE B 4719 9.03 30.37 -40.09
C PHE B 4719 8.43 28.99 -40.34
N VAL B 4720 7.28 28.71 -39.72
CA VAL B 4720 6.68 27.39 -39.87
C VAL B 4720 6.22 27.16 -41.30
N LYS B 4721 5.75 28.20 -41.97
CA LYS B 4721 5.35 28.06 -43.37
C LYS B 4721 6.54 27.70 -44.25
N ARG B 4722 7.67 28.36 -44.02
CA ARG B 4722 8.88 28.03 -44.77
C ARG B 4722 9.32 26.60 -44.49
N LYS B 4723 9.28 26.19 -43.22
CA LYS B 4723 9.69 24.83 -42.87
C LYS B 4723 8.78 23.79 -43.52
N VAL B 4724 7.47 24.03 -43.50
CA VAL B 4724 6.53 23.12 -44.14
C VAL B 4724 6.80 23.05 -45.63
N LEU B 4725 7.04 24.20 -46.26
CA LEU B 4725 7.36 24.22 -47.68
C LEU B 4725 8.58 23.36 -47.97
N ASP B 4726 9.69 23.62 -47.28
CA ASP B 4726 10.91 22.86 -47.55
C ASP B 4726 10.72 21.38 -47.29
N LYS B 4727 10.02 21.01 -46.22
CA LYS B 4727 9.94 19.60 -45.86
C LYS B 4727 8.99 18.83 -46.77
N HIS B 4728 7.88 19.42 -47.20
CA HIS B 4728 6.84 18.64 -47.87
C HIS B 4728 6.54 19.04 -49.30
N GLY B 4729 6.84 20.27 -49.72
CA GLY B 4729 6.49 20.68 -51.08
C GLY B 4729 7.25 19.91 -52.14
N ASP B 4730 8.55 19.68 -51.91
CA ASP B 4730 9.37 19.01 -52.91
C ASP B 4730 8.87 17.62 -53.25
N ILE B 4731 8.07 17.00 -52.38
CA ILE B 4731 7.57 15.66 -52.62
C ILE B 4731 6.07 15.67 -52.95
N PHE B 4732 5.34 16.66 -52.43
CA PHE B 4732 3.89 16.68 -52.59
C PHE B 4732 3.38 17.85 -53.44
N GLY B 4733 4.25 18.47 -54.23
CA GLY B 4733 3.82 19.57 -55.07
C GLY B 4733 4.08 20.90 -54.40
N ARG B 4734 5.13 21.60 -54.85
CA ARG B 4734 5.46 22.89 -54.25
C ARG B 4734 4.34 23.90 -54.46
N GLU B 4735 3.78 23.94 -55.68
CA GLU B 4735 2.68 24.86 -55.97
C GLU B 4735 1.47 24.55 -55.10
N ARG B 4736 1.14 23.26 -54.94
CA ARG B 4736 -0.03 22.90 -54.15
C ARG B 4736 0.18 23.22 -52.68
N ILE B 4737 1.40 23.00 -52.16
CA ILE B 4737 1.71 23.34 -50.78
C ILE B 4737 1.59 24.85 -50.57
N ALA B 4738 2.11 25.65 -51.52
CA ALA B 4738 2.00 27.10 -51.41
C ALA B 4738 0.54 27.53 -51.44
N GLU B 4739 -0.27 26.92 -52.31
CA GLU B 4739 -1.69 27.25 -52.37
C GLU B 4739 -2.39 26.89 -51.06
N LEU B 4740 -2.05 25.74 -50.48
CA LEU B 4740 -2.65 25.32 -49.22
C LEU B 4740 -2.29 26.29 -48.10
N LEU B 4741 -1.03 26.71 -48.03
CA LEU B 4741 -0.59 27.57 -46.94
C LEU B 4741 -0.80 29.05 -47.22
N GLY B 4742 -1.32 29.41 -48.39
CA GLY B 4742 -1.65 30.79 -48.67
C GLY B 4742 -0.46 31.73 -48.68
N MET B 4743 0.67 31.27 -49.23
CA MET B 4743 1.87 32.08 -49.36
C MET B 4743 2.23 32.18 -50.83
N ASP B 4744 2.52 33.40 -51.28
CA ASP B 4744 2.89 33.64 -52.67
C ASP B 4744 4.35 33.24 -52.88
N LEU B 4745 4.59 32.32 -53.82
CA LEU B 4745 5.94 31.86 -54.08
C LEU B 4745 6.80 32.99 -54.65
N ALA B 4746 6.22 33.83 -55.51
CA ALA B 4746 6.97 34.95 -56.08
C ALA B 4746 7.34 35.98 -55.02
N SER B 4747 6.57 36.07 -53.94
CA SER B 4747 6.87 37.02 -52.88
C SER B 4747 8.11 36.65 -52.10
N LEU B 4748 8.52 35.38 -52.12
CA LEU B 4748 9.72 34.97 -51.40
C LEU B 4748 10.97 35.63 -51.96
N GLU B 4749 11.08 35.69 -53.29
CA GLU B 4749 12.25 36.32 -53.91
C GLU B 4749 12.30 37.81 -53.61
N ILE B 4750 11.16 38.48 -53.65
CA ILE B 4750 11.11 39.91 -53.38
C ILE B 4750 10.46 40.16 -52.02
N ASP B 4772 -7.06 40.87 -40.94
CA ASP B 4772 -7.08 39.44 -41.20
C ASP B 4772 -8.39 38.85 -40.69
N VAL B 4773 -9.45 39.05 -41.46
CA VAL B 4773 -10.80 38.68 -41.02
C VAL B 4773 -10.92 37.18 -40.84
N LYS B 4774 -10.35 36.41 -41.77
CA LYS B 4774 -10.43 34.95 -41.68
C LYS B 4774 -9.72 34.44 -40.43
N TYR B 4775 -8.53 34.98 -40.14
CA TYR B 4775 -7.82 34.58 -38.94
C TYR B 4775 -8.57 34.98 -37.68
N GLN B 4776 -9.21 36.15 -37.70
CA GLN B 4776 -10.02 36.57 -36.56
C GLN B 4776 -11.19 35.63 -36.34
N ILE B 4777 -11.85 35.20 -37.42
CA ILE B 4777 -12.94 34.24 -37.29
C ILE B 4777 -12.42 32.93 -36.70
N TRP B 4778 -11.26 32.46 -37.18
CA TRP B 4778 -10.69 31.24 -36.63
C TRP B 4778 -10.41 31.38 -35.14
N LYS B 4779 -9.79 32.50 -34.75
CA LYS B 4779 -9.46 32.70 -33.35
C LYS B 4779 -10.71 32.77 -32.47
N PHE B 4780 -11.75 33.44 -32.96
CA PHE B 4780 -12.98 33.54 -32.18
C PHE B 4780 -13.67 32.19 -32.07
N GLY B 4781 -13.66 31.40 -33.14
CA GLY B 4781 -14.19 30.04 -33.04
C GLY B 4781 -13.39 29.19 -32.08
N VAL B 4782 -12.09 29.44 -31.96
CA VAL B 4782 -11.27 28.73 -30.98
C VAL B 4782 -11.62 29.17 -29.56
N ILE B 4783 -11.80 30.47 -29.36
CA ILE B 4783 -12.10 30.99 -28.04
C ILE B 4783 -13.46 30.51 -27.55
N PHE B 4784 -14.46 30.50 -28.44
CA PHE B 4784 -15.80 30.09 -28.04
C PHE B 4784 -15.90 28.60 -27.72
N THR B 4785 -14.88 27.81 -28.02
CA THR B 4785 -14.82 26.42 -27.60
C THR B 4785 -14.00 26.23 -26.33
N ASP B 4786 -13.55 27.32 -25.72
CA ASP B 4786 -12.77 27.24 -24.48
C ASP B 4786 -13.72 27.07 -23.30
N ASN B 4787 -13.43 26.08 -22.46
CA ASN B 4787 -14.31 25.77 -21.34
C ASN B 4787 -14.39 26.93 -20.34
N SER B 4788 -13.24 27.53 -20.01
CA SER B 4788 -13.23 28.62 -19.06
C SER B 4788 -13.94 29.86 -19.61
N PHE B 4789 -13.70 30.16 -20.89
CA PHE B 4789 -14.39 31.29 -21.51
C PHE B 4789 -15.89 31.06 -21.55
N LEU B 4790 -16.31 29.83 -21.84
CA LEU B 4790 -17.74 29.52 -21.85
C LEU B 4790 -18.33 29.64 -20.46
N TYR B 4791 -17.60 29.21 -19.44
CA TYR B 4791 -18.08 29.36 -18.06
C TYR B 4791 -18.24 30.84 -17.70
N LEU B 4792 -17.28 31.68 -18.09
CA LEU B 4792 -17.40 33.10 -17.80
C LEU B 4792 -18.55 33.73 -18.58
N GLY B 4793 -18.79 33.25 -19.81
CA GLY B 4793 -19.94 33.72 -20.57
C GLY B 4793 -21.26 33.33 -19.92
N TRP B 4794 -21.34 32.12 -19.40
CA TRP B 4794 -22.54 31.70 -18.67
C TRP B 4794 -22.72 32.52 -17.40
N TYR B 4795 -21.62 32.83 -16.71
CA TYR B 4795 -21.67 33.70 -15.56
C TYR B 4795 -22.26 35.06 -15.93
N MET B 4796 -21.80 35.63 -17.04
CA MET B 4796 -22.35 36.89 -17.52
C MET B 4796 -23.82 36.77 -17.88
N VAL B 4797 -24.20 35.65 -18.50
CA VAL B 4797 -25.60 35.47 -18.91
C VAL B 4797 -26.51 35.43 -17.69
N MET B 4798 -26.12 34.69 -16.65
CA MET B 4798 -26.95 34.66 -15.45
C MET B 4798 -26.90 35.99 -14.70
N SER B 4799 -25.79 36.73 -14.79
CA SER B 4799 -25.78 38.08 -14.23
C SER B 4799 -26.79 38.98 -14.93
N LEU B 4800 -26.88 38.88 -16.26
CA LEU B 4800 -27.87 39.64 -16.99
C LEU B 4800 -29.29 39.20 -16.63
N LEU B 4801 -29.51 37.89 -16.50
CA LEU B 4801 -30.82 37.38 -16.14
C LEU B 4801 -31.20 37.73 -14.70
N GLY B 4802 -30.23 38.04 -13.86
CA GLY B 4802 -30.54 38.48 -12.50
C GLY B 4802 -31.35 39.76 -12.46
N HIS B 4803 -31.14 40.64 -13.43
CA HIS B 4803 -31.92 41.88 -13.47
C HIS B 4803 -33.35 41.61 -13.92
N TYR B 4804 -33.57 40.55 -14.69
CA TYR B 4804 -34.93 40.12 -14.98
C TYR B 4804 -35.57 39.48 -13.77
N ASN B 4805 -34.86 38.58 -13.10
CA ASN B 4805 -35.37 37.90 -11.90
C ASN B 4805 -34.20 37.67 -10.95
N ASN B 4806 -34.06 38.54 -9.94
CA ASN B 4806 -32.99 38.51 -8.94
C ASN B 4806 -32.62 37.12 -8.45
N PHE B 4807 -33.57 36.19 -8.42
CA PHE B 4807 -33.23 34.86 -7.95
C PHE B 4807 -32.35 34.09 -8.92
N PHE B 4808 -32.19 34.57 -10.15
CA PHE B 4808 -31.20 33.99 -11.06
C PHE B 4808 -29.78 34.20 -10.56
N PHE B 4809 -29.57 35.12 -9.62
CA PHE B 4809 -28.26 35.30 -9.02
C PHE B 4809 -27.87 34.15 -8.11
N ALA B 4810 -28.81 33.26 -7.78
CA ALA B 4810 -28.47 32.09 -6.99
C ALA B 4810 -27.64 31.10 -7.77
N ALA B 4811 -27.75 31.10 -9.10
CA ALA B 4811 -26.94 30.23 -9.93
C ALA B 4811 -25.45 30.56 -9.85
N HIS B 4812 -25.10 31.73 -9.32
CA HIS B 4812 -23.71 32.10 -9.13
C HIS B 4812 -23.11 31.51 -7.87
N LEU B 4813 -23.93 30.96 -6.96
CA LEU B 4813 -23.38 30.27 -5.81
C LEU B 4813 -22.69 28.96 -6.21
N LEU B 4814 -23.00 28.43 -7.38
CA LEU B 4814 -22.26 27.29 -7.92
C LEU B 4814 -20.79 27.63 -8.19
N ASP B 4815 -20.45 28.92 -8.24
CA ASP B 4815 -19.07 29.33 -8.46
C ASP B 4815 -18.14 28.96 -7.31
N ILE B 4816 -18.68 28.62 -6.14
CA ILE B 4816 -17.81 28.19 -5.04
C ILE B 4816 -17.08 26.90 -5.42
N ALA B 4817 -17.77 26.00 -6.12
CA ALA B 4817 -17.14 24.76 -6.57
C ALA B 4817 -16.02 25.05 -7.54
N MET B 4818 -16.22 25.99 -8.47
CA MET B 4818 -15.18 26.35 -9.41
C MET B 4818 -13.99 27.02 -8.71
N GLY B 4819 -14.28 27.86 -7.72
CA GLY B 4819 -13.24 28.67 -7.09
C GLY B 4819 -12.44 28.01 -6.01
N VAL B 4820 -13.11 27.46 -4.99
CA VAL B 4820 -12.40 26.97 -3.81
C VAL B 4820 -11.67 25.67 -4.13
N LYS B 4821 -10.37 25.64 -3.85
CA LYS B 4821 -9.59 24.44 -4.10
C LYS B 4821 -10.03 23.30 -3.20
N THR B 4822 -10.35 23.59 -1.94
CA THR B 4822 -10.82 22.55 -1.03
C THR B 4822 -12.13 21.95 -1.53
N LEU B 4823 -13.05 22.79 -2.01
CA LEU B 4823 -14.31 22.28 -2.55
C LEU B 4823 -14.06 21.48 -3.82
N ARG B 4824 -13.13 21.92 -4.67
CA ARG B 4824 -12.79 21.14 -5.86
C ARG B 4824 -12.26 19.77 -5.48
N THR B 4825 -11.38 19.72 -4.47
CA THR B 4825 -10.85 18.43 -4.02
C THR B 4825 -11.95 17.54 -3.46
N ILE B 4826 -12.87 18.12 -2.69
CA ILE B 4826 -13.95 17.32 -2.11
C ILE B 4826 -14.86 16.78 -3.19
N LEU B 4827 -15.22 17.61 -4.17
CA LEU B 4827 -16.11 17.16 -5.25
C LEU B 4827 -15.40 16.26 -6.24
N SER B 4828 -14.06 16.25 -6.25
CA SER B 4828 -13.34 15.29 -7.06
C SER B 4828 -13.62 13.87 -6.60
N SER B 4829 -13.91 13.68 -5.32
CA SER B 4829 -14.31 12.36 -4.85
C SER B 4829 -15.63 11.92 -5.47
N VAL B 4830 -16.58 12.85 -5.63
CA VAL B 4830 -17.84 12.50 -6.26
C VAL B 4830 -17.64 12.25 -7.76
N THR B 4831 -16.84 13.08 -8.41
CA THR B 4831 -16.70 12.99 -9.86
C THR B 4831 -15.71 11.94 -10.33
N HIS B 4832 -14.86 11.40 -9.43
CA HIS B 4832 -13.88 10.41 -9.84
C HIS B 4832 -14.56 9.12 -10.31
N ASN B 4833 -15.58 8.68 -9.58
CA ASN B 4833 -16.39 7.52 -9.96
C ASN B 4833 -17.76 7.96 -10.46
N GLY B 4834 -17.81 9.07 -11.19
CA GLY B 4834 -19.09 9.58 -11.68
C GLY B 4834 -19.75 8.63 -12.66
N LYS B 4835 -18.96 8.00 -13.53
CA LYS B 4835 -19.52 7.04 -14.48
C LYS B 4835 -20.11 5.85 -13.74
N GLN B 4836 -19.43 5.36 -12.72
CA GLN B 4836 -19.96 4.25 -11.93
C GLN B 4836 -21.18 4.67 -11.12
N LEU B 4837 -21.23 5.91 -10.66
CA LEU B 4837 -22.41 6.41 -9.97
C LEU B 4837 -23.62 6.46 -10.89
N VAL B 4838 -23.43 6.95 -12.12
CA VAL B 4838 -24.52 6.96 -13.10
C VAL B 4838 -24.96 5.53 -13.42
N MET B 4839 -23.99 4.62 -13.58
CA MET B 4839 -24.32 3.25 -13.89
C MET B 4839 -25.09 2.58 -12.76
N THR B 4840 -24.71 2.85 -11.51
CA THR B 4840 -25.42 2.23 -10.39
C THR B 4840 -26.79 2.86 -10.17
N VAL B 4841 -26.96 4.13 -10.54
CA VAL B 4841 -28.30 4.70 -10.54
C VAL B 4841 -29.18 4.03 -11.59
N GLY B 4842 -28.63 3.78 -12.78
CA GLY B 4842 -29.38 3.04 -13.78
C GLY B 4842 -29.70 1.62 -13.35
N LEU B 4843 -28.76 0.97 -12.67
CA LEU B 4843 -29.02 -0.37 -12.14
C LEU B 4843 -30.11 -0.34 -11.08
N LEU B 4844 -30.12 0.69 -10.24
CA LEU B 4844 -31.20 0.88 -9.29
C LEU B 4844 -32.53 1.02 -9.99
N ALA B 4845 -32.56 1.80 -11.08
CA ALA B 4845 -33.80 1.96 -11.85
C ALA B 4845 -34.28 0.64 -12.42
N VAL B 4846 -33.36 -0.17 -12.96
CA VAL B 4846 -33.74 -1.46 -13.53
C VAL B 4846 -34.25 -2.41 -12.45
N VAL B 4847 -33.58 -2.47 -11.30
CA VAL B 4847 -34.01 -3.36 -10.22
C VAL B 4847 -35.37 -2.95 -9.69
N VAL B 4848 -35.59 -1.64 -9.52
CA VAL B 4848 -36.89 -1.18 -9.08
C VAL B 4848 -37.95 -1.46 -10.13
N TYR B 4849 -37.59 -1.42 -11.42
CA TYR B 4849 -38.55 -1.81 -12.46
C TYR B 4849 -38.93 -3.28 -12.33
N LEU B 4850 -37.97 -4.14 -12.01
CA LEU B 4850 -38.29 -5.56 -11.83
C LEU B 4850 -39.21 -5.77 -10.63
N TYR B 4851 -38.93 -5.06 -9.52
CA TYR B 4851 -39.85 -5.14 -8.39
C TYR B 4851 -41.23 -4.61 -8.77
N THR B 4852 -41.29 -3.59 -9.62
CA THR B 4852 -42.56 -3.06 -10.07
C THR B 4852 -43.32 -4.05 -10.94
N VAL B 4853 -42.62 -4.77 -11.83
CA VAL B 4853 -43.33 -5.74 -12.67
C VAL B 4853 -43.84 -6.89 -11.83
N VAL B 4854 -43.14 -7.23 -10.75
CA VAL B 4854 -43.65 -8.26 -9.84
C VAL B 4854 -44.86 -7.74 -9.07
N ALA B 4855 -44.79 -6.49 -8.59
CA ALA B 4855 -45.87 -5.94 -7.79
C ALA B 4855 -47.13 -5.76 -8.62
N PHE B 4856 -47.02 -5.19 -9.82
CA PHE B 4856 -48.17 -4.93 -10.66
C PHE B 4856 -48.91 -6.21 -11.04
N ASN B 4857 -48.24 -7.35 -10.96
CA ASN B 4857 -48.85 -8.62 -11.29
C ASN B 4857 -49.36 -9.39 -10.08
N PHE B 4858 -48.75 -9.22 -8.90
CA PHE B 4858 -49.12 -10.07 -7.77
C PHE B 4858 -49.59 -9.34 -6.52
N PHE B 4859 -49.34 -8.04 -6.37
CA PHE B 4859 -49.58 -7.36 -5.10
C PHE B 4859 -50.34 -6.06 -5.30
N ARG B 4860 -51.23 -6.02 -6.29
CA ARG B 4860 -51.92 -4.78 -6.62
C ARG B 4860 -52.83 -4.30 -5.50
N LYS B 4861 -53.36 -5.22 -4.69
CA LYS B 4861 -54.30 -4.85 -3.65
C LYS B 4861 -53.66 -4.11 -2.48
N PHE B 4862 -52.35 -4.23 -2.32
CA PHE B 4862 -51.65 -3.64 -1.18
C PHE B 4862 -51.25 -2.19 -1.42
N TYR B 4863 -51.53 -1.62 -2.60
CA TYR B 4863 -51.04 -0.30 -2.97
C TYR B 4863 -52.15 0.75 -2.91
N ASN B 4864 -53.06 0.63 -1.95
CA ASN B 4864 -54.11 1.61 -1.75
C ASN B 4864 -53.58 2.69 -0.81
N LYS B 4865 -53.38 3.90 -1.34
CA LYS B 4865 -52.84 5.01 -0.57
C LYS B 4865 -53.89 6.05 -0.24
N SER B 4866 -55.12 5.61 0.04
CA SER B 4866 -56.21 6.49 0.43
C SER B 4866 -56.76 6.01 1.77
N GLU B 4867 -56.79 6.91 2.76
CA GLU B 4867 -57.39 6.57 4.04
C GLU B 4867 -58.90 6.38 3.90
N ASP B 4868 -59.54 7.21 3.08
CA ASP B 4868 -60.98 7.12 2.87
C ASP B 4868 -61.32 5.79 2.21
N GLU B 4869 -62.36 5.12 2.71
CA GLU B 4869 -62.80 3.87 2.12
C GLU B 4869 -63.61 4.10 0.85
N ASP B 4870 -64.26 5.27 0.73
CA ASP B 4870 -65.14 5.51 -0.41
C ASP B 4870 -64.37 5.56 -1.72
N GLU B 4871 -63.30 6.36 -1.77
CA GLU B 4871 -62.54 6.51 -3.01
C GLU B 4871 -61.15 5.88 -2.86
N PRO B 4872 -60.86 4.81 -3.60
CA PRO B 4872 -59.50 4.25 -3.55
C PRO B 4872 -58.50 5.12 -4.29
N ASP B 4873 -57.24 4.93 -3.93
CA ASP B 4873 -56.11 5.62 -4.56
C ASP B 4873 -55.03 4.62 -4.93
N MET B 4874 -55.45 3.55 -5.61
CA MET B 4874 -54.54 2.47 -5.98
C MET B 4874 -53.33 3.01 -6.75
N LYS B 4875 -52.15 2.82 -6.19
CA LYS B 4875 -50.92 3.31 -6.78
C LYS B 4875 -50.23 2.28 -7.65
N CYS B 4876 -50.86 1.14 -7.91
CA CYS B 4876 -50.24 0.12 -8.75
C CYS B 4876 -51.23 -0.51 -9.72
N ASP B 4877 -52.31 0.19 -10.06
CA ASP B 4877 -53.21 -0.27 -11.11
C ASP B 4877 -52.71 0.12 -12.50
N ASP B 4878 -51.75 1.03 -12.58
CA ASP B 4878 -51.09 1.41 -13.81
C ASP B 4878 -49.62 1.06 -13.68
N MET B 4879 -49.02 0.57 -14.76
CA MET B 4879 -47.60 0.23 -14.72
C MET B 4879 -46.73 1.46 -14.52
N MET B 4880 -47.05 2.54 -15.24
CA MET B 4880 -46.30 3.79 -15.08
C MET B 4880 -46.45 4.33 -13.66
N THR B 4881 -47.67 4.32 -13.14
CA THR B 4881 -47.92 4.82 -11.79
C THR B 4881 -47.21 3.97 -10.75
N CYS B 4882 -47.21 2.65 -10.92
CA CYS B 4882 -46.54 1.78 -9.96
C CYS B 4882 -45.03 1.97 -10.00
N TYR B 4883 -44.45 2.14 -11.20
CA TYR B 4883 -43.02 2.39 -11.28
C TYR B 4883 -42.66 3.73 -10.65
N LEU B 4884 -43.46 4.77 -10.90
CA LEU B 4884 -43.21 6.06 -10.28
C LEU B 4884 -43.32 5.97 -8.77
N PHE B 4885 -44.34 5.26 -8.27
CA PHE B 4885 -44.50 5.08 -6.83
C PHE B 4885 -43.29 4.38 -6.24
N HIS B 4886 -42.84 3.30 -6.88
CA HIS B 4886 -41.69 2.57 -6.37
C HIS B 4886 -40.46 3.45 -6.32
N MET B 4887 -40.06 4.02 -7.47
CA MET B 4887 -38.87 4.87 -7.53
C MET B 4887 -38.95 6.03 -6.55
N TYR B 4888 -40.10 6.70 -6.48
CA TYR B 4888 -40.20 7.90 -5.67
C TYR B 4888 -40.19 7.58 -4.18
N VAL B 4889 -40.96 6.57 -3.77
CA VAL B 4889 -41.29 6.38 -2.36
C VAL B 4889 -40.50 5.25 -1.74
N GLY B 4890 -40.39 4.10 -2.41
CA GLY B 4890 -39.73 2.96 -1.81
C GLY B 4890 -38.23 3.09 -1.74
N VAL B 4891 -37.65 3.94 -2.58
CA VAL B 4891 -36.21 4.15 -2.51
C VAL B 4891 -35.86 5.18 -1.44
N ARG B 4892 -36.74 6.13 -1.20
CA ARG B 4892 -36.55 7.10 -0.13
C ARG B 4892 -37.03 6.60 1.23
N ALA B 4893 -37.76 5.49 1.26
CA ALA B 4893 -38.20 4.91 2.52
C ALA B 4893 -37.06 4.17 3.21
N GLY B 4894 -37.07 4.20 4.54
CA GLY B 4894 -36.00 3.57 5.29
C GLY B 4894 -35.98 2.07 5.15
N GLY B 4895 -37.13 1.43 5.24
CA GLY B 4895 -37.26 0.00 5.08
C GLY B 4895 -37.79 -0.46 3.74
N GLY B 4896 -37.81 0.40 2.74
CA GLY B 4896 -38.29 0.02 1.43
C GLY B 4896 -39.78 0.26 1.27
N ILE B 4897 -40.34 -0.40 0.26
CA ILE B 4897 -41.75 -0.24 -0.06
C ILE B 4897 -42.65 -0.83 1.02
N GLY B 4898 -42.10 -1.66 1.91
CA GLY B 4898 -42.91 -2.27 2.95
C GLY B 4898 -43.40 -1.29 3.99
N ASP B 4899 -42.67 -0.18 4.17
CA ASP B 4899 -43.18 0.89 5.03
C ASP B 4899 -44.40 1.55 4.42
N GLU B 4900 -44.43 1.67 3.10
CA GLU B 4900 -45.38 2.53 2.41
C GLU B 4900 -46.56 1.80 1.81
N ILE B 4901 -46.56 0.46 1.79
CA ILE B 4901 -47.74 -0.25 1.30
C ILE B 4901 -48.41 -1.00 2.44
N GLU B 4902 -49.55 -1.63 2.15
CA GLU B 4902 -50.39 -2.23 3.17
C GLU B 4902 -49.68 -3.38 3.87
N ASP B 4903 -50.04 -3.59 5.13
CA ASP B 4903 -49.48 -4.69 5.90
C ASP B 4903 -49.94 -6.02 5.33
N PRO B 4904 -49.04 -7.00 5.15
CA PRO B 4904 -49.43 -8.28 4.55
C PRO B 4904 -49.91 -9.33 5.53
N ALA B 4905 -49.96 -9.04 6.82
CA ALA B 4905 -50.37 -10.03 7.80
C ALA B 4905 -51.84 -10.41 7.60
N GLY B 4906 -52.14 -11.67 7.90
CA GLY B 4906 -53.49 -12.18 7.70
C GLY B 4906 -53.91 -12.22 6.24
N ASP B 4907 -53.02 -12.67 5.36
CA ASP B 4907 -53.30 -12.73 3.94
C ASP B 4907 -52.66 -13.99 3.37
N GLU B 4908 -53.19 -14.43 2.23
CA GLU B 4908 -52.68 -15.65 1.62
C GLU B 4908 -51.30 -15.45 1.00
N TYR B 4909 -50.98 -14.22 0.59
CA TYR B 4909 -49.68 -13.89 0.01
C TYR B 4909 -48.74 -13.26 1.02
N GLU B 4910 -48.87 -13.60 2.30
CA GLU B 4910 -48.10 -12.92 3.33
C GLU B 4910 -46.61 -13.23 3.20
N LEU B 4911 -46.25 -14.51 3.02
CA LEU B 4911 -44.84 -14.86 2.93
C LEU B 4911 -44.23 -14.33 1.64
N TYR B 4912 -44.97 -14.37 0.55
CA TYR B 4912 -44.49 -13.76 -0.69
C TYR B 4912 -44.25 -12.27 -0.51
N ARG B 4913 -45.16 -11.60 0.19
CA ARG B 4913 -45.01 -10.16 0.40
C ARG B 4913 -43.82 -9.85 1.31
N VAL B 4914 -43.60 -10.64 2.35
CA VAL B 4914 -42.45 -10.37 3.23
C VAL B 4914 -41.15 -10.65 2.49
N VAL B 4915 -41.11 -11.68 1.65
CA VAL B 4915 -39.92 -11.92 0.83
C VAL B 4915 -39.69 -10.76 -0.13
N PHE B 4916 -40.76 -10.29 -0.76
CA PHE B 4916 -40.70 -9.12 -1.64
C PHE B 4916 -40.11 -7.92 -0.91
N ASP B 4917 -40.68 -7.58 0.24
CA ASP B 4917 -40.25 -6.40 0.98
C ASP B 4917 -38.82 -6.53 1.47
N ILE B 4918 -38.45 -7.70 2.00
CA ILE B 4918 -37.12 -7.86 2.58
C ILE B 4918 -36.06 -7.86 1.49
N THR B 4919 -36.33 -8.49 0.34
CA THR B 4919 -35.38 -8.44 -0.75
C THR B 4919 -35.27 -7.03 -1.30
N PHE B 4920 -36.37 -6.28 -1.37
CA PHE B 4920 -36.30 -4.89 -1.76
C PHE B 4920 -35.41 -4.10 -0.82
N PHE B 4921 -35.62 -4.27 0.49
CA PHE B 4921 -34.83 -3.54 1.49
C PHE B 4921 -33.37 -3.92 1.42
N PHE B 4922 -33.06 -5.19 1.16
CA PHE B 4922 -31.67 -5.62 1.12
C PHE B 4922 -30.99 -5.15 -0.16
N PHE B 4923 -31.52 -5.50 -1.32
CA PHE B 4923 -30.85 -5.19 -2.58
C PHE B 4923 -30.85 -3.69 -2.87
N VAL B 4924 -31.97 -3.02 -2.63
CA VAL B 4924 -32.11 -1.62 -3.01
C VAL B 4924 -31.59 -0.71 -1.90
N ILE B 4925 -32.20 -0.80 -0.72
CA ILE B 4925 -31.89 0.15 0.34
C ILE B 4925 -30.47 -0.07 0.87
N VAL B 4926 -30.06 -1.32 1.03
CA VAL B 4926 -28.80 -1.64 1.67
C VAL B 4926 -27.68 -1.77 0.63
N ILE B 4927 -27.84 -2.70 -0.32
CA ILE B 4927 -26.74 -3.05 -1.20
C ILE B 4927 -26.39 -1.91 -2.15
N LEU B 4928 -27.38 -1.31 -2.80
CA LEU B 4928 -27.08 -0.32 -3.83
C LEU B 4928 -26.62 1.00 -3.22
N LEU B 4929 -27.25 1.43 -2.13
CA LEU B 4929 -26.76 2.62 -1.44
C LEU B 4929 -25.38 2.37 -0.85
N ALA B 4930 -25.12 1.13 -0.41
CA ALA B 4930 -23.77 0.76 0.02
C ALA B 4930 -22.78 0.86 -1.13
N ILE B 4931 -23.21 0.49 -2.34
CA ILE B 4931 -22.35 0.61 -3.51
C ILE B 4931 -21.99 2.06 -3.74
N ILE B 4932 -22.97 2.96 -3.62
CA ILE B 4932 -22.70 4.39 -3.80
C ILE B 4932 -21.73 4.90 -2.72
N GLN B 4933 -22.01 4.55 -1.46
CA GLN B 4933 -21.12 4.90 -0.35
C GLN B 4933 -19.70 4.46 -0.63
N GLY B 4934 -19.54 3.19 -1.02
CA GLY B 4934 -18.21 2.65 -1.28
C GLY B 4934 -17.53 3.27 -2.47
N LEU B 4935 -18.31 3.64 -3.50
CA LEU B 4935 -17.72 4.32 -4.64
C LEU B 4935 -17.11 5.65 -4.21
N ILE B 4936 -17.84 6.41 -3.39
CA ILE B 4936 -17.31 7.70 -2.93
C ILE B 4936 -16.08 7.50 -2.05
N ILE B 4937 -16.15 6.54 -1.12
CA ILE B 4937 -15.03 6.29 -0.21
C ILE B 4937 -13.81 5.80 -0.96
N ASP B 4938 -14.00 4.89 -1.92
CA ASP B 4938 -12.90 4.41 -2.73
C ASP B 4938 -12.32 5.52 -3.60
N ALA B 4939 -13.15 6.48 -4.04
CA ALA B 4939 -12.61 7.63 -4.75
C ALA B 4939 -11.70 8.46 -3.84
N PHE B 4940 -12.12 8.69 -2.60
CA PHE B 4940 -11.27 9.36 -1.63
C PHE B 4940 -9.92 8.64 -1.50
N GLY B 4941 -9.98 7.33 -1.28
CA GLY B 4941 -8.76 6.56 -1.09
C GLY B 4941 -7.87 6.56 -2.32
N GLU B 4942 -8.47 6.43 -3.50
CA GLU B 4942 -7.69 6.39 -4.74
C GLU B 4942 -7.00 7.73 -5.01
N LEU B 4943 -7.70 8.85 -4.78
CA LEU B 4943 -7.07 10.15 -4.97
C LEU B 4943 -5.93 10.34 -3.97
N ARG B 4944 -6.14 9.95 -2.72
CA ARG B 4944 -5.07 10.04 -1.74
C ARG B 4944 -3.86 9.20 -2.15
N ASP B 4945 -4.11 7.98 -2.63
CA ASP B 4945 -3.02 7.12 -3.06
C ASP B 4945 -2.30 7.70 -4.26
N GLN B 4946 -3.03 8.34 -5.18
CA GLN B 4946 -2.39 8.99 -6.33
C GLN B 4946 -1.46 10.11 -5.87
N GLN B 4947 -1.93 10.95 -4.95
CA GLN B 4947 -1.07 12.01 -4.45
C GLN B 4947 0.17 11.45 -3.76
N GLU B 4948 -0.01 10.41 -2.94
CA GLU B 4948 1.11 9.80 -2.25
C GLU B 4948 2.10 9.19 -3.22
N GLN B 4949 1.60 8.55 -4.27
CA GLN B 4949 2.48 7.94 -5.26
C GLN B 4949 3.28 8.99 -6.02
N VAL B 4950 2.65 10.11 -6.38
CA VAL B 4950 3.37 11.18 -7.05
C VAL B 4950 4.48 11.72 -6.14
N LYS B 4951 4.14 11.96 -4.87
CA LYS B 4951 5.13 12.47 -3.94
C LYS B 4951 6.30 11.49 -3.77
N GLU B 4952 5.99 10.20 -3.65
CA GLU B 4952 7.03 9.19 -3.47
C GLU B 4952 7.92 9.09 -4.71
N ASP B 4953 7.33 9.14 -5.91
CA ASP B 4953 8.13 9.08 -7.11
C ASP B 4953 9.07 10.28 -7.21
N MET B 4954 8.57 11.47 -6.90
CA MET B 4954 9.43 12.65 -6.93
C MET B 4954 10.53 12.56 -5.87
N GLU B 4955 10.21 11.99 -4.70
CA GLU B 4955 11.20 11.90 -3.63
C GLU B 4955 12.28 10.89 -3.96
N THR B 4956 11.93 9.79 -4.63
CA THR B 4956 12.84 8.67 -4.80
C THR B 4956 13.51 8.61 -6.17
N LYS B 4957 13.09 9.43 -7.13
CA LYS B 4957 13.74 9.45 -8.44
C LYS B 4957 13.98 10.89 -8.88
N CYS B 4958 14.98 11.05 -9.74
CA CYS B 4958 15.26 12.34 -10.38
C CYS B 4958 14.39 12.49 -11.61
N PHE B 4959 13.85 13.70 -11.79
CA PHE B 4959 12.91 13.93 -12.89
C PHE B 4959 13.59 13.80 -14.24
N ILE B 4960 14.82 14.27 -14.37
CA ILE B 4960 15.46 14.34 -15.68
C ILE B 4960 16.06 13.00 -16.06
N CYS B 4961 16.87 12.41 -15.18
CA CYS B 4961 17.61 11.20 -15.54
C CYS B 4961 16.98 9.92 -15.03
N GLY B 4962 16.09 9.99 -14.04
CA GLY B 4962 15.43 8.80 -13.54
C GLY B 4962 16.29 7.93 -12.64
N ILE B 4963 17.48 8.37 -12.28
CA ILE B 4963 18.34 7.61 -11.38
C ILE B 4963 17.82 7.76 -9.96
N GLY B 4964 17.74 6.64 -9.24
CA GLY B 4964 17.15 6.66 -7.92
C GLY B 4964 17.99 7.40 -6.91
N SER B 4965 17.34 7.78 -5.81
CA SER B 4965 18.04 8.49 -4.73
C SER B 4965 18.99 7.57 -3.97
N ASP B 4966 18.80 6.25 -4.07
CA ASP B 4966 19.69 5.33 -3.38
C ASP B 4966 21.12 5.44 -3.90
N TYR B 4967 21.28 5.72 -5.20
CA TYR B 4967 22.61 5.91 -5.75
C TYR B 4967 23.21 7.24 -5.30
N PHE B 4968 22.43 8.32 -5.36
CA PHE B 4968 22.96 9.63 -5.03
C PHE B 4968 23.21 9.81 -3.55
N ASP B 4969 22.55 9.03 -2.70
CA ASP B 4969 22.71 9.14 -1.26
C ASP B 4969 23.98 8.47 -0.75
N THR B 4970 24.91 8.12 -1.63
CA THR B 4970 26.21 7.65 -1.20
C THR B 4970 26.93 8.73 -0.39
N THR B 4971 26.91 9.95 -0.88
CA THR B 4971 27.41 11.12 -0.16
C THR B 4971 26.29 11.75 0.67
N PRO B 4972 26.64 12.49 1.73
CA PRO B 4972 25.60 13.16 2.52
C PRO B 4972 24.89 14.22 1.69
N HIS B 4973 23.55 14.14 1.68
CA HIS B 4973 22.70 15.05 0.90
C HIS B 4973 23.05 15.01 -0.58
N GLY B 4974 23.48 13.85 -1.06
CA GLY B 4974 23.83 13.72 -2.47
C GLY B 4974 22.65 13.89 -3.39
N PHE B 4975 21.49 13.32 -3.03
CA PHE B 4975 20.31 13.47 -3.87
C PHE B 4975 19.82 14.91 -3.87
N GLU B 4976 19.87 15.58 -2.71
CA GLU B 4976 19.50 16.99 -2.66
C GLU B 4976 20.43 17.83 -3.54
N THR B 4977 21.74 17.57 -3.47
CA THR B 4977 22.67 18.29 -4.32
C THR B 4977 22.39 18.02 -5.79
N HIS B 4978 22.10 16.77 -6.14
CA HIS B 4978 21.83 16.43 -7.53
C HIS B 4978 20.57 17.13 -8.04
N THR B 4979 19.50 17.14 -7.25
CA THR B 4979 18.25 17.71 -7.71
C THR B 4979 18.15 19.21 -7.51
N LEU B 4980 19.11 19.83 -6.81
CA LEU B 4980 19.13 21.29 -6.71
C LEU B 4980 20.23 21.95 -7.52
N GLU B 4981 21.24 21.22 -7.97
CA GLU B 4981 22.32 21.86 -8.71
C GLU B 4981 22.63 21.18 -10.04
N GLU B 4982 22.44 19.87 -10.13
CA GLU B 4982 22.88 19.14 -11.32
C GLU B 4982 21.78 18.98 -12.35
N HIS B 4983 20.62 18.47 -11.94
CA HIS B 4983 19.55 18.17 -12.89
C HIS B 4983 18.26 18.89 -12.51
N ASN B 4984 18.35 20.19 -12.22
CA ASN B 4984 17.17 20.96 -11.83
C ASN B 4984 16.30 21.22 -13.05
N LEU B 4985 15.04 20.78 -12.99
CA LEU B 4985 14.12 21.03 -14.09
C LEU B 4985 13.88 22.51 -14.29
N ALA B 4986 13.87 23.29 -13.19
CA ALA B 4986 13.83 24.74 -13.32
C ALA B 4986 15.04 25.24 -14.07
N ASN B 4987 16.21 24.66 -13.82
CA ASN B 4987 17.41 25.05 -14.55
C ASN B 4987 17.29 24.75 -16.03
N TYR B 4988 16.71 23.59 -16.38
CA TYR B 4988 16.52 23.26 -17.78
C TYR B 4988 15.57 24.23 -18.46
N MET B 4989 14.48 24.59 -17.77
CA MET B 4989 13.56 25.59 -18.32
C MET B 4989 14.27 26.93 -18.50
N PHE B 4990 15.07 27.33 -17.51
CA PHE B 4990 15.81 28.58 -17.62
C PHE B 4990 16.78 28.55 -18.79
N PHE B 4991 17.39 27.38 -19.04
CA PHE B 4991 18.31 27.26 -20.17
C PHE B 4991 17.57 27.37 -21.49
N LEU B 4992 16.38 26.76 -21.58
CA LEU B 4992 15.58 26.91 -22.80
C LEU B 4992 15.21 28.37 -23.03
N MET B 4993 14.79 29.07 -21.97
CA MET B 4993 14.48 30.49 -22.09
C MET B 4993 15.70 31.29 -22.51
N TYR B 4994 16.85 30.98 -21.92
CA TYR B 4994 18.09 31.69 -22.24
C TYR B 4994 18.47 31.50 -23.70
N LEU B 4995 18.35 30.27 -24.21
CA LEU B 4995 18.60 30.02 -25.62
C LEU B 4995 17.63 30.80 -26.49
N ILE B 4996 16.35 30.84 -26.12
CA ILE B 4996 15.36 31.54 -26.92
C ILE B 4996 15.68 33.03 -26.99
N ASN B 4997 16.01 33.64 -25.85
CA ASN B 4997 16.33 35.06 -25.86
C ASN B 4997 17.64 35.34 -26.58
N LYS B 4998 18.62 34.44 -26.48
CA LYS B 4998 19.90 34.68 -27.12
C LYS B 4998 19.76 34.66 -28.64
N ASP B 4999 20.61 35.44 -29.30
CA ASP B 4999 20.65 35.46 -30.75
C ASP B 4999 21.35 34.22 -31.28
N GLU B 5000 21.07 33.90 -32.55
CA GLU B 5000 21.64 32.69 -33.15
C GLU B 5000 23.17 32.78 -33.24
N THR B 5001 23.68 33.95 -33.63
CA THR B 5001 25.12 34.09 -33.84
C THR B 5001 25.91 33.98 -32.54
N GLU B 5002 25.37 34.52 -31.45
CA GLU B 5002 26.09 34.57 -30.18
C GLU B 5002 26.21 33.21 -29.51
N HIS B 5003 25.54 32.18 -30.04
CA HIS B 5003 25.58 30.86 -29.42
C HIS B 5003 27.01 30.33 -29.34
N THR B 5004 27.34 29.73 -28.21
CA THR B 5004 28.56 28.93 -28.11
C THR B 5004 28.32 27.59 -28.79
N GLY B 5005 29.35 26.74 -28.80
CA GLY B 5005 29.21 25.47 -29.50
C GLY B 5005 28.15 24.56 -28.89
N GLN B 5006 28.19 24.42 -27.57
CA GLN B 5006 27.21 23.57 -26.90
C GLN B 5006 25.81 24.18 -26.97
N GLU B 5007 25.72 25.50 -26.82
CA GLU B 5007 24.42 26.16 -26.93
C GLU B 5007 23.82 25.97 -28.32
N SER B 5008 24.64 26.11 -29.37
CA SER B 5008 24.14 25.95 -30.72
C SER B 5008 23.77 24.49 -31.00
N TYR B 5009 24.55 23.56 -30.48
CA TYR B 5009 24.22 22.14 -30.62
C TYR B 5009 22.86 21.84 -30.03
N VAL B 5010 22.63 22.24 -28.78
CA VAL B 5010 21.36 21.95 -28.13
C VAL B 5010 20.22 22.77 -28.77
N TRP B 5011 20.52 23.97 -29.27
CA TRP B 5011 19.49 24.77 -29.91
C TRP B 5011 18.99 24.12 -31.20
N LYS B 5012 19.92 23.68 -32.05
CA LYS B 5012 19.52 23.00 -33.28
C LYS B 5012 18.81 21.69 -32.97
N MET B 5013 19.31 20.96 -31.97
CA MET B 5013 18.73 19.66 -31.65
C MET B 5013 17.34 19.83 -31.04
N TYR B 5014 17.08 20.96 -30.39
CA TYR B 5014 15.73 21.27 -29.92
C TYR B 5014 14.84 21.73 -31.07
N GLN B 5015 15.39 22.48 -32.03
CA GLN B 5015 14.62 22.90 -33.19
C GLN B 5015 14.16 21.69 -33.99
N GLU B 5016 14.97 20.64 -34.01
CA GLU B 5016 14.55 19.37 -34.60
C GLU B 5016 13.70 18.53 -33.64
N ARG B 5017 13.54 18.98 -32.40
CA ARG B 5017 12.74 18.29 -31.38
C ARG B 5017 13.22 16.86 -31.16
N CYS B 5018 14.51 16.71 -30.88
CA CYS B 5018 15.10 15.45 -30.46
C CYS B 5018 15.53 15.60 -29.01
N TRP B 5019 14.85 14.89 -28.11
CA TRP B 5019 15.09 15.03 -26.67
C TRP B 5019 16.06 13.95 -26.17
N ASP B 5020 17.24 13.92 -26.78
CA ASP B 5020 18.30 13.03 -26.35
C ASP B 5020 19.43 13.76 -25.64
N PHE B 5021 19.49 15.09 -25.72
CA PHE B 5021 20.46 15.83 -24.92
C PHE B 5021 20.07 15.84 -23.45
N PHE B 5022 18.82 15.56 -23.12
CA PHE B 5022 18.45 15.36 -21.73
C PHE B 5022 19.10 14.08 -21.25
N PRO B 5023 19.92 14.12 -20.19
CA PRO B 5023 20.64 12.91 -19.77
C PRO B 5023 19.71 11.83 -19.27
N ALA B 5024 19.61 10.72 -20.01
CA ALA B 5024 18.71 9.63 -19.69
C ALA B 5024 19.50 8.49 -19.08
N GLY B 5025 19.33 8.28 -17.78
CA GLY B 5025 20.00 7.19 -17.09
C GLY B 5025 21.47 7.41 -16.79
N ASP B 5026 22.00 8.59 -17.08
CA ASP B 5026 23.40 8.90 -16.80
C ASP B 5026 23.50 10.29 -16.21
N CYS B 5027 24.56 10.51 -15.42
CA CYS B 5027 24.80 11.80 -14.80
C CYS B 5027 26.30 12.02 -14.72
N PHE B 5028 26.67 13.23 -14.28
CA PHE B 5028 28.09 13.59 -14.17
C PHE B 5028 28.81 12.67 -13.20
N ARG B 5029 28.20 12.38 -12.05
CA ARG B 5029 28.81 11.49 -11.08
C ARG B 5029 28.95 10.08 -11.64
N LYS B 5030 27.86 9.54 -12.18
CA LYS B 5030 27.90 8.19 -12.72
C LYS B 5030 28.90 8.08 -13.88
N GLN B 5031 29.19 9.18 -14.55
CA GLN B 5031 30.21 9.16 -15.60
C GLN B 5031 31.61 9.20 -14.99
N TYR B 5032 31.95 10.27 -14.30
CA TYR B 5032 33.29 10.43 -13.74
C TYR B 5032 33.36 10.00 -12.27
N GLU B 5033 32.84 8.82 -11.92
CA GLU B 5033 33.05 8.30 -10.57
C GLU B 5033 34.52 8.28 -10.17
N ASP B 5034 35.36 7.66 -11.00
CA ASP B 5034 36.76 7.49 -10.63
C ASP B 5034 37.48 8.83 -10.56
N GLN B 5035 37.21 9.71 -11.52
CA GLN B 5035 37.94 10.99 -11.56
C GLN B 5035 37.43 11.97 -10.52
N LEU B 5036 36.17 11.87 -10.09
CA LEU B 5036 35.69 12.68 -9.00
C LEU B 5036 36.15 12.15 -7.64
N SER B 5037 36.30 10.83 -7.51
CA SER B 5037 36.76 10.22 -6.27
C SER B 5037 38.18 10.63 -5.94
N ASN C 3950 57.39 10.17 51.74
CA ASN C 3950 58.59 9.55 51.21
C ASN C 3950 58.34 8.99 49.81
N PHE C 3951 57.90 7.74 49.74
CA PHE C 3951 57.57 7.14 48.46
C PHE C 3951 56.38 7.83 47.81
N SER C 3952 55.44 8.35 48.62
CA SER C 3952 54.31 9.08 48.06
C SER C 3952 54.75 10.36 47.37
N LYS C 3953 55.72 11.07 47.94
CA LYS C 3953 56.21 12.30 47.31
C LYS C 3953 56.82 12.01 45.94
N ALA C 3954 57.62 10.95 45.85
CA ALA C 3954 58.20 10.57 44.57
C ALA C 3954 57.12 10.10 43.60
N MET C 3955 56.10 9.41 44.12
CA MET C 3955 55.01 8.94 43.27
C MET C 3955 54.18 10.10 42.75
N SER C 3956 53.97 11.13 43.58
CA SER C 3956 53.22 12.30 43.15
C SER C 3956 53.89 13.01 41.98
N VAL C 3957 55.22 12.91 41.88
CA VAL C 3957 55.93 13.48 40.74
C VAL C 3957 55.52 12.77 39.46
N ALA C 3958 55.44 11.44 39.49
CA ALA C 3958 55.05 10.68 38.31
C ALA C 3958 53.64 11.02 37.84
N LYS C 3959 52.76 11.48 38.73
CA LYS C 3959 51.44 11.90 38.33
C LYS C 3959 51.49 13.08 37.37
N GLN C 3960 52.35 14.05 37.66
CA GLN C 3960 52.51 15.20 36.78
C GLN C 3960 53.04 14.80 35.42
N VAL C 3961 53.98 13.85 35.39
CA VAL C 3961 54.57 13.41 34.12
C VAL C 3961 53.51 12.79 33.23
N PHE C 3962 52.64 11.96 33.79
CA PHE C 3962 51.60 11.32 32.99
C PHE C 3962 50.63 12.36 32.43
N ASN C 3963 50.25 13.35 33.24
CA ASN C 3963 49.39 14.41 32.73
C ASN C 3963 50.09 15.23 31.66
N SER C 3964 51.37 15.53 31.86
CA SER C 3964 52.13 16.24 30.83
C SER C 3964 52.26 15.42 29.57
N LEU C 3965 52.49 14.11 29.71
CA LEU C 3965 52.51 13.22 28.55
C LEU C 3965 51.15 13.20 27.86
N THR C 3966 50.07 13.18 28.64
CA THR C 3966 48.74 13.18 28.06
C THR C 3966 48.46 14.47 27.30
N GLU C 3967 48.82 15.62 27.87
CA GLU C 3967 48.49 16.90 27.27
C GLU C 3967 49.10 17.05 25.89
N TYR C 3968 50.28 16.47 25.66
CA TYR C 3968 50.90 16.53 24.34
C TYR C 3968 50.03 15.82 23.30
N ILE C 3969 49.43 14.68 23.68
CA ILE C 3969 48.63 13.88 22.78
C ILE C 3969 47.16 13.90 23.15
N GLN C 3970 46.75 14.79 24.06
CA GLN C 3970 45.34 14.85 24.45
C GLN C 3970 44.46 15.22 23.27
N GLY C 3971 44.98 15.98 22.32
CA GLY C 3971 44.31 16.22 21.07
C GLY C 3971 44.82 15.26 20.02
N PRO C 3972 44.07 15.07 18.94
CA PRO C 3972 44.47 14.11 17.91
C PRO C 3972 45.75 14.51 17.19
N CYS C 3973 46.84 14.64 17.95
CA CYS C 3973 48.15 14.98 17.38
C CYS C 3973 48.83 13.68 16.99
N THR C 3974 48.70 13.31 15.71
CA THR C 3974 49.28 12.07 15.24
C THR C 3974 50.81 12.12 15.24
N GLY C 3975 51.39 13.31 15.07
CA GLY C 3975 52.84 13.41 15.09
C GLY C 3975 53.45 13.03 16.43
N ASN C 3976 52.85 13.49 17.52
CA ASN C 3976 53.34 13.14 18.85
C ASN C 3976 52.95 11.70 19.21
N GLN C 3977 51.79 11.24 18.74
CA GLN C 3977 51.40 9.85 18.99
C GLN C 3977 52.35 8.88 18.32
N GLN C 3978 52.77 9.19 17.09
CA GLN C 3978 53.67 8.31 16.37
C GLN C 3978 55.03 8.22 17.06
N SER C 3979 55.52 9.35 17.58
CA SER C 3979 56.82 9.35 18.26
C SER C 3979 56.76 8.50 19.53
N LEU C 3980 55.70 8.64 20.32
CA LEU C 3980 55.58 7.87 21.55
C LEU C 3980 55.40 6.38 21.28
N ALA C 3981 54.89 6.00 20.11
CA ALA C 3981 54.64 4.60 19.83
C ALA C 3981 55.94 3.80 19.77
N HIS C 3982 56.99 4.37 19.16
CA HIS C 3982 58.26 3.68 19.00
C HIS C 3982 59.26 4.00 20.10
N SER C 3983 58.89 4.83 21.07
CA SER C 3983 59.79 5.16 22.17
C SER C 3983 59.78 4.03 23.20
N ARG C 3984 60.40 4.26 24.35
CA ARG C 3984 60.47 3.29 25.42
C ARG C 3984 59.28 3.37 26.37
N LEU C 3985 58.17 3.97 25.92
CA LEU C 3985 57.01 4.14 26.79
C LEU C 3985 56.41 2.80 27.19
N TRP C 3986 56.41 1.82 26.26
CA TRP C 3986 55.85 0.51 26.56
C TRP C 3986 56.59 -0.16 27.70
N ASP C 3987 57.92 -0.07 27.71
CA ASP C 3987 58.71 -0.69 28.76
C ASP C 3987 58.42 -0.04 30.12
N ALA C 3988 58.24 1.28 30.14
CA ALA C 3988 57.98 1.97 31.40
C ALA C 3988 56.67 1.52 32.03
N VAL C 3989 55.60 1.42 31.23
CA VAL C 3989 54.30 1.05 31.76
C VAL C 3989 54.32 -0.39 32.29
N VAL C 3990 55.06 -1.27 31.62
CA VAL C 3990 55.15 -2.66 32.08
C VAL C 3990 55.71 -2.73 33.49
N GLY C 3991 56.78 -1.97 33.76
CA GLY C 3991 57.31 -1.91 35.11
C GLY C 3991 56.34 -1.26 36.08
N PHE C 3992 55.68 -0.19 35.66
CA PHE C 3992 54.74 0.51 36.54
C PHE C 3992 53.57 -0.39 36.92
N LEU C 3993 53.05 -1.16 35.96
CA LEU C 3993 51.90 -2.03 36.24
C LEU C 3993 52.24 -3.07 37.30
N HIS C 3994 53.44 -3.64 37.23
CA HIS C 3994 53.86 -4.61 38.24
C HIS C 3994 53.94 -3.98 39.62
N VAL C 3995 54.45 -2.75 39.70
CA VAL C 3995 54.55 -2.07 40.99
C VAL C 3995 53.17 -1.82 41.58
N PHE C 3996 52.22 -1.37 40.74
CA PHE C 3996 50.89 -1.03 41.23
C PHE C 3996 50.14 -2.25 41.73
N ALA C 3997 50.31 -3.39 41.05
CA ALA C 3997 49.62 -4.61 41.46
C ALA C 3997 50.03 -5.03 42.87
N HIS C 3998 51.33 -5.01 43.16
CA HIS C 3998 51.79 -5.40 44.49
C HIS C 3998 51.54 -4.29 45.52
N MET C 3999 51.53 -3.03 45.08
CA MET C 3999 51.26 -1.94 46.00
C MET C 3999 49.84 -2.00 46.54
N MET C 4000 48.87 -2.36 45.69
CA MET C 4000 47.50 -2.50 46.15
C MET C 4000 47.36 -3.60 47.20
N MET C 4001 47.95 -4.76 46.94
CA MET C 4001 47.79 -5.90 47.84
C MET C 4001 48.42 -5.65 49.20
N LYS C 4002 49.61 -5.03 49.22
CA LYS C 4002 50.28 -4.76 50.48
C LYS C 4002 49.48 -3.78 51.33
N LEU C 4003 48.96 -2.71 50.72
CA LEU C 4003 48.14 -1.76 51.45
C LEU C 4003 46.76 -2.30 51.76
N ALA C 4004 46.29 -3.29 51.00
CA ALA C 4004 44.98 -3.89 51.28
C ALA C 4004 44.98 -4.59 52.63
N GLN C 4005 46.02 -5.36 52.93
CA GLN C 4005 46.10 -6.03 54.22
C GLN C 4005 46.26 -5.04 55.36
N ASP C 4006 47.05 -3.99 55.15
CA ASP C 4006 47.25 -2.98 56.19
C ASP C 4006 45.97 -2.17 56.38
N SER C 4007 45.54 -2.06 57.63
CA SER C 4007 44.30 -1.36 57.93
C SER C 4007 44.47 0.16 57.84
N SER C 4008 45.57 0.68 58.34
CA SER C 4008 45.78 2.12 58.44
C SER C 4008 46.55 2.71 57.26
N GLN C 4009 46.88 1.90 56.25
CA GLN C 4009 47.59 2.39 55.07
C GLN C 4009 46.55 2.85 54.05
N ILE C 4010 46.03 4.06 54.27
CA ILE C 4010 45.00 4.63 53.42
C ILE C 4010 45.50 5.86 52.67
N GLU C 4011 46.32 6.69 53.31
CA GLU C 4011 46.79 7.91 52.68
C GLU C 4011 47.64 7.62 51.45
N LEU C 4012 48.49 6.59 51.53
CA LEU C 4012 49.26 6.19 50.36
C LEU C 4012 48.35 5.54 49.32
N LEU C 4013 47.38 4.75 49.76
CA LEU C 4013 46.46 4.09 48.83
C LEU C 4013 45.66 5.11 48.03
N LYS C 4014 45.16 6.16 48.70
CA LYS C 4014 44.42 7.19 47.98
C LYS C 4014 45.29 7.88 46.95
N GLU C 4015 46.56 8.16 47.30
CA GLU C 4015 47.49 8.69 46.32
C GLU C 4015 47.84 7.64 45.28
N LEU C 4016 47.91 6.38 45.68
CA LEU C 4016 48.22 5.32 44.73
C LEU C 4016 47.16 5.18 43.66
N LEU C 4017 45.88 5.19 44.05
CA LEU C 4017 44.80 4.92 43.11
C LEU C 4017 44.73 5.98 42.02
N ASP C 4018 45.12 7.22 42.34
CA ASP C 4018 45.02 8.30 41.37
C ASP C 4018 46.05 8.15 40.25
N LEU C 4019 47.17 7.48 40.53
CA LEU C 4019 48.26 7.45 39.57
C LEU C 4019 47.91 6.62 38.33
N GLN C 4020 47.38 5.41 38.51
CA GLN C 4020 47.00 4.61 37.36
C GLN C 4020 45.81 5.19 36.62
N LYS C 4021 44.91 5.87 37.34
CA LYS C 4021 43.79 6.54 36.69
C LYS C 4021 44.27 7.61 35.72
N ASP C 4022 45.29 8.37 36.13
CA ASP C 4022 45.91 9.33 35.22
C ASP C 4022 46.76 8.64 34.16
N MET C 4023 47.25 7.43 34.44
CA MET C 4023 48.03 6.70 33.44
C MET C 4023 47.15 6.25 32.28
N VAL C 4024 46.00 5.64 32.57
CA VAL C 4024 45.16 5.08 31.53
C VAL C 4024 44.59 6.17 30.62
N VAL C 4025 44.46 7.41 31.11
CA VAL C 4025 44.06 8.51 30.24
C VAL C 4025 45.08 8.70 29.13
N MET C 4026 46.37 8.62 29.48
CA MET C 4026 47.41 8.64 28.45
C MET C 4026 47.29 7.42 27.53
N LEU C 4027 46.97 6.26 28.10
CA LEU C 4027 46.72 5.09 27.27
C LEU C 4027 45.51 5.30 26.38
N LEU C 4028 44.44 5.88 26.92
CA LEU C 4028 43.28 6.22 26.10
C LEU C 4028 43.63 7.30 25.09
N SER C 4029 44.45 8.27 25.48
CA SER C 4029 44.88 9.31 24.55
C SER C 4029 45.72 8.71 23.41
N LEU C 4030 46.55 7.73 23.73
CA LEU C 4030 47.30 7.03 22.68
C LEU C 4030 46.37 6.31 21.72
N LEU C 4031 45.28 5.73 22.23
CA LEU C 4031 44.30 5.07 21.38
C LEU C 4031 43.32 6.05 20.75
N GLU C 4032 43.39 7.33 21.11
CA GLU C 4032 42.46 8.30 20.56
C GLU C 4032 42.77 8.56 19.09
N GLY C 4033 41.73 8.48 18.25
CA GLY C 4033 41.91 8.64 16.83
C GLY C 4033 42.49 7.43 16.12
N ASN C 4034 42.55 6.29 16.79
CA ASN C 4034 43.17 5.10 16.23
C ASN C 4034 42.28 4.47 15.16
N VAL C 4035 42.82 3.46 14.50
CA VAL C 4035 42.10 2.67 13.51
C VAL C 4035 42.26 1.19 13.88
N VAL C 4036 41.36 0.36 13.34
CA VAL C 4036 41.45 -1.07 13.58
C VAL C 4036 42.66 -1.61 12.85
N ASN C 4037 43.28 -2.64 13.43
CA ASN C 4037 44.58 -3.15 12.99
C ASN C 4037 45.64 -2.05 13.01
N GLY C 4038 45.45 -1.03 13.84
CA GLY C 4038 46.38 0.07 13.89
C GLY C 4038 47.71 -0.34 14.52
N MET C 4039 48.77 0.34 14.08
CA MET C 4039 50.10 0.04 14.60
C MET C 4039 50.17 0.35 16.10
N ILE C 4040 49.64 1.51 16.51
CA ILE C 4040 49.66 1.88 17.92
C ILE C 4040 48.81 0.92 18.74
N ALA C 4041 47.66 0.51 18.19
CA ALA C 4041 46.79 -0.43 18.90
C ALA C 4041 47.48 -1.76 19.13
N ARG C 4042 48.19 -2.28 18.11
CA ARG C 4042 48.88 -3.55 18.25
C ARG C 4042 50.06 -3.47 19.22
N GLN C 4043 50.65 -2.29 19.40
CA GLN C 4043 51.72 -2.15 20.38
C GLN C 4043 51.20 -2.42 21.79
N MET C 4044 50.00 -1.94 22.11
CA MET C 4044 49.41 -2.25 23.41
C MET C 4044 49.09 -3.73 23.54
N VAL C 4045 48.74 -4.38 22.43
CA VAL C 4045 48.47 -5.82 22.48
C VAL C 4045 49.71 -6.57 22.93
N ASP C 4046 50.88 -6.21 22.39
CA ASP C 4046 52.12 -6.83 22.83
C ASP C 4046 52.41 -6.51 24.29
N MET C 4047 52.20 -5.25 24.70
CA MET C 4047 52.49 -4.87 26.07
C MET C 4047 51.48 -5.46 27.05
N LEU C 4048 50.24 -5.71 26.60
CA LEU C 4048 49.25 -6.33 27.48
C LEU C 4048 49.57 -7.79 27.73
N VAL C 4049 50.18 -8.47 26.76
CA VAL C 4049 50.57 -9.86 26.95
C VAL C 4049 51.62 -9.98 28.05
N GLU C 4050 52.63 -9.09 28.02
CA GLU C 4050 53.68 -9.14 29.03
C GLU C 4050 53.13 -8.86 30.43
N SER C 4051 52.25 -7.87 30.55
CA SER C 4051 51.70 -7.46 31.84
C SER C 4051 50.32 -8.06 32.10
N SER C 4052 49.97 -9.15 31.42
CA SER C 4052 48.68 -9.77 31.63
C SER C 4052 48.51 -10.25 33.06
N SER C 4053 49.59 -10.80 33.65
CA SER C 4053 49.54 -11.20 35.05
C SER C 4053 49.35 -10.00 35.97
N ASN C 4054 49.97 -8.88 35.64
CA ASN C 4054 49.89 -7.70 36.51
C ASN C 4054 48.46 -7.16 36.57
N VAL C 4055 47.76 -7.13 35.44
CA VAL C 4055 46.41 -6.59 35.43
C VAL C 4055 45.46 -7.50 36.22
N GLU C 4056 45.83 -8.76 36.43
CA GLU C 4056 45.02 -9.64 37.26
C GLU C 4056 45.02 -9.14 38.70
N MET C 4057 43.87 -9.33 39.37
CA MET C 4057 43.65 -8.96 40.76
C MET C 4057 43.52 -7.45 40.91
N ILE C 4058 43.76 -6.71 39.83
CA ILE C 4058 43.55 -5.26 39.87
C ILE C 4058 42.06 -4.96 39.94
N LEU C 4059 41.24 -5.71 39.21
CA LEU C 4059 39.80 -5.48 39.22
C LEU C 4059 39.20 -5.73 40.59
N LYS C 4060 39.72 -6.71 41.32
CA LYS C 4060 39.26 -6.99 42.68
C LYS C 4060 39.67 -5.85 43.62
N PRO C 4176 27.31 -2.21 29.97
CA PRO C 4176 26.33 -1.76 30.97
C PRO C 4176 26.43 -0.27 31.25
N TYR C 4177 27.56 0.17 31.79
CA TYR C 4177 27.83 1.57 32.08
C TYR C 4177 28.50 2.28 30.92
N LEU C 4178 28.90 1.54 29.88
CA LEU C 4178 29.79 2.03 28.85
C LEU C 4178 28.99 2.49 27.64
N GLY C 4179 29.11 3.77 27.30
CA GLY C 4179 28.49 4.31 26.10
C GLY C 4179 29.39 4.13 24.90
N ARG C 4180 28.80 4.22 23.72
CA ARG C 4180 29.53 3.99 22.47
C ARG C 4180 28.82 4.74 21.35
N ILE C 4181 29.50 5.74 20.79
CA ILE C 4181 28.99 6.50 19.66
C ILE C 4181 30.06 6.53 18.57
N GLU C 4182 29.61 6.83 17.35
CA GLU C 4182 30.50 6.94 16.20
C GLU C 4182 30.32 8.31 15.57
N ILE C 4183 31.43 9.00 15.32
CA ILE C 4183 31.41 10.31 14.69
C ILE C 4183 32.41 10.31 13.53
N MET C 4184 32.23 11.28 12.62
CA MET C 4184 33.23 11.59 11.61
C MET C 4184 34.17 12.64 12.21
N GLY C 4185 35.43 12.27 12.39
CA GLY C 4185 36.37 13.11 13.08
C GLY C 4185 37.05 14.13 12.16
N ALA C 4186 38.07 14.78 12.71
CA ALA C 4186 38.82 15.76 11.93
C ALA C 4186 39.51 15.13 10.73
N SER C 4187 39.84 13.84 10.83
CA SER C 4187 40.47 13.10 9.74
C SER C 4187 39.49 12.68 8.66
N ARG C 4188 38.24 13.13 8.73
CA ARG C 4188 37.19 12.77 7.77
C ARG C 4188 36.97 11.26 7.72
N ARG C 4189 37.11 10.59 8.86
CA ARG C 4189 36.89 9.16 8.96
C ARG C 4189 35.99 8.86 10.15
N ILE C 4190 35.16 7.84 10.01
CA ILE C 4190 34.31 7.40 11.11
C ILE C 4190 35.18 6.85 12.23
N GLU C 4191 34.97 7.35 13.45
CA GLU C 4191 35.68 6.90 14.63
C GLU C 4191 34.67 6.36 15.64
N ARG C 4192 35.20 5.84 16.75
CA ARG C 4192 34.37 5.33 17.83
C ARG C 4192 34.78 6.01 19.13
N ILE C 4193 33.79 6.43 19.91
CA ILE C 4193 34.00 7.17 21.15
C ILE C 4193 33.34 6.40 22.29
N TYR C 4194 34.11 6.15 23.36
CA TYR C 4194 33.61 5.44 24.53
C TYR C 4194 33.58 6.40 25.71
N PHE C 4195 32.50 6.34 26.48
CA PHE C 4195 32.31 7.23 27.62
C PHE C 4195 31.41 6.56 28.65
N GLU C 4196 31.43 7.11 29.85
CA GLU C 4196 30.70 6.53 30.98
C GLU C 4196 29.36 7.23 31.14
N ILE C 4197 28.29 6.43 31.25
CA ILE C 4197 26.93 6.93 31.33
C ILE C 4197 26.45 6.80 32.78
N SER C 4198 25.87 7.88 33.31
CA SER C 4198 25.40 7.91 34.69
C SER C 4198 24.14 7.06 34.85
N GLU C 4199 24.05 6.35 35.98
CA GLU C 4199 22.87 5.55 36.25
C GLU C 4199 21.63 6.40 36.45
N THR C 4200 21.78 7.57 37.08
CA THR C 4200 20.63 8.46 37.20
C THR C 4200 20.13 8.89 35.84
N ASN C 4201 21.04 9.23 34.92
CA ASN C 4201 20.65 9.62 33.58
C ASN C 4201 19.99 8.47 32.83
N ARG C 4202 20.54 7.25 32.97
CA ARG C 4202 19.93 6.09 32.33
C ARG C 4202 18.52 5.83 32.84
N ALA C 4203 18.33 5.91 34.15
CA ALA C 4203 16.99 5.70 34.73
C ALA C 4203 16.02 6.77 34.25
N GLN C 4204 16.46 8.02 34.23
CA GLN C 4204 15.60 9.11 33.78
C GLN C 4204 15.25 8.95 32.30
N TRP C 4205 16.19 8.46 31.49
CA TRP C 4205 15.90 8.19 30.10
C TRP C 4205 14.90 7.05 29.94
N GLU C 4206 15.04 5.99 30.72
CA GLU C 4206 14.10 4.87 30.64
C GLU C 4206 12.77 5.18 31.30
N MET C 4207 12.65 6.31 31.98
CA MET C 4207 11.38 6.70 32.57
C MET C 4207 10.29 6.75 31.51
N PRO C 4208 9.07 6.29 31.83
CA PRO C 4208 8.03 6.15 30.79
C PRO C 4208 7.66 7.46 30.09
N GLN C 4209 7.63 8.58 30.80
CA GLN C 4209 7.27 9.84 30.13
C GLN C 4209 8.36 10.26 29.14
N VAL C 4210 9.63 10.02 29.48
CA VAL C 4210 10.71 10.29 28.54
C VAL C 4210 10.61 9.37 27.33
N LYS C 4211 10.26 8.11 27.57
CA LYS C 4211 10.08 7.19 26.45
C LYS C 4211 8.94 7.63 25.55
N GLU C 4212 7.85 8.12 26.15
CA GLU C 4212 6.73 8.65 25.37
C GLU C 4212 7.15 9.85 24.53
N SER C 4213 7.93 10.76 25.13
CA SER C 4213 8.42 11.92 24.39
C SER C 4213 9.31 11.47 23.23
N LYS C 4214 10.17 10.48 23.45
CA LYS C 4214 11.02 9.97 22.39
C LYS C 4214 10.20 9.37 21.26
N ARG C 4215 9.18 8.58 21.60
CA ARG C 4215 8.34 7.98 20.57
C ARG C 4215 7.62 9.05 19.76
N GLN C 4216 7.09 10.07 20.43
CA GLN C 4216 6.41 11.16 19.73
C GLN C 4216 7.38 11.89 18.82
N PHE C 4217 8.60 12.14 19.29
CA PHE C 4217 9.61 12.80 18.47
C PHE C 4217 9.92 11.98 17.22
N ILE C 4218 10.10 10.66 17.39
CA ILE C 4218 10.41 9.79 16.25
C ILE C 4218 9.28 9.82 15.24
N PHE C 4219 8.04 9.69 15.72
CA PHE C 4219 6.89 9.70 14.82
C PHE C 4219 6.80 11.03 14.07
N ASP C 4220 6.99 12.14 14.78
CA ASP C 4220 6.88 13.46 14.15
C ASP C 4220 7.96 13.66 13.09
N VAL C 4221 9.21 13.30 13.38
CA VAL C 4221 10.26 13.53 12.41
C VAL C 4221 10.10 12.61 11.21
N VAL C 4222 9.70 11.36 11.42
CA VAL C 4222 9.53 10.45 10.29
C VAL C 4222 8.38 10.92 9.40
N ASN C 4223 7.32 11.47 10.01
CA ASN C 4223 6.23 12.01 9.20
C ASN C 4223 6.69 13.25 8.43
N GLU C 4224 7.11 14.31 9.15
CA GLU C 4224 7.56 15.53 8.52
C GLU C 4224 8.99 15.84 8.95
N GLY C 4225 9.95 15.26 8.23
CA GLY C 4225 11.34 15.60 8.42
C GLY C 4225 12.16 15.28 7.19
N GLY C 4226 13.23 16.06 7.02
CA GLY C 4226 14.17 15.83 5.94
C GLY C 4226 15.57 15.67 6.47
N GLU C 4227 16.46 15.08 5.67
CA GLU C 4227 17.83 14.83 6.14
C GLU C 4227 18.55 16.11 6.50
N ALA C 4228 18.21 17.23 5.85
CA ALA C 4228 18.84 18.50 6.17
C ALA C 4228 18.50 18.95 7.59
N GLU C 4229 17.24 18.79 8.01
CA GLU C 4229 16.79 19.24 9.31
C GLU C 4229 16.65 18.10 10.31
N LYS C 4230 16.89 16.86 9.90
CA LYS C 4230 16.69 15.73 10.80
C LYS C 4230 17.62 15.81 12.01
N MET C 4231 18.91 16.11 11.76
CA MET C 4231 19.86 16.17 12.85
C MET C 4231 19.62 17.40 13.73
N GLU C 4232 19.20 18.52 13.14
CA GLU C 4232 18.87 19.69 13.94
C GLU C 4232 17.69 19.41 14.86
N LEU C 4233 16.65 18.77 14.34
CA LEU C 4233 15.50 18.39 15.18
C LEU C 4233 15.92 17.40 16.25
N PHE C 4234 16.80 16.46 15.90
CA PHE C 4234 17.27 15.49 16.90
C PHE C 4234 18.02 16.17 18.02
N VAL C 4235 18.90 17.12 17.70
CA VAL C 4235 19.67 17.79 18.73
C VAL C 4235 18.77 18.66 19.59
N SER C 4236 17.78 19.32 18.97
CA SER C 4236 16.84 20.10 19.76
C SER C 4236 16.05 19.21 20.72
N PHE C 4237 15.61 18.05 20.24
CA PHE C 4237 14.90 17.11 21.09
C PHE C 4237 15.79 16.62 22.23
N CYS C 4238 17.06 16.37 21.94
CA CYS C 4238 18.00 15.98 22.98
C CYS C 4238 18.15 17.06 24.04
N GLU C 4239 18.24 18.31 23.61
CA GLU C 4239 18.36 19.42 24.56
C GLU C 4239 17.12 19.51 25.45
N ASP C 4240 15.93 19.41 24.84
CA ASP C 4240 14.70 19.45 25.61
C ASP C 4240 14.63 18.29 26.59
N THR C 4241 15.04 17.10 26.15
CA THR C 4241 15.04 15.94 27.03
C THR C 4241 15.99 16.14 28.20
N ILE C 4242 17.17 16.70 27.94
CA ILE C 4242 18.14 16.92 29.02
C ILE C 4242 17.58 17.92 30.03
N PHE C 4243 16.93 18.98 29.55
CA PHE C 4243 16.32 19.91 30.49
C PHE C 4243 15.21 19.25 31.30
N GLU C 4244 14.43 18.39 30.66
CA GLU C 4244 13.39 17.66 31.40
C GLU C 4244 13.99 16.76 32.46
N MET C 4245 15.11 16.11 32.16
CA MET C 4245 15.82 15.32 33.18
C MET C 4245 16.30 16.20 34.32
N GLN C 4246 16.80 17.39 34.01
CA GLN C 4246 17.19 18.32 35.08
C GLN C 4246 16.00 18.66 35.97
N ILE C 4247 14.85 18.92 35.36
CA ILE C 4247 13.65 19.25 36.13
C ILE C 4247 13.24 18.07 37.00
N ALA C 4248 13.27 16.86 36.44
CA ALA C 4248 12.89 15.68 37.20
C ALA C 4248 13.82 15.45 38.38
N ALA C 4249 15.13 15.62 38.17
CA ALA C 4249 16.08 15.49 39.26
C ALA C 4249 15.86 16.58 40.32
N GLN C 4250 15.51 17.79 39.87
CA GLN C 4250 15.26 18.89 40.81
C GLN C 4250 14.05 18.59 41.70
N ILE C 4251 12.97 18.09 41.09
CA ILE C 4251 11.74 17.85 41.85
C ILE C 4251 11.72 16.47 42.49
N SER C 4252 12.73 15.65 42.27
CA SER C 4252 12.79 14.34 42.91
C SER C 4252 12.85 14.48 44.43
N GLU C 4253 12.06 13.67 45.11
CA GLU C 4253 12.02 13.73 46.57
C GLU C 4253 13.29 13.14 47.17
N PRO C 4254 13.96 13.84 48.09
CA PRO C 4254 15.17 13.33 48.74
C PRO C 4254 14.87 12.23 49.76
N PHE C 4540 11.34 33.60 60.35
CA PHE C 4540 10.48 32.48 60.00
C PHE C 4540 10.54 32.19 58.50
N TRP C 4541 11.50 32.85 57.82
CA TRP C 4541 11.58 32.74 56.37
C TRP C 4541 12.13 31.37 55.93
N GLY C 4542 13.07 30.82 56.70
CA GLY C 4542 13.68 29.56 56.30
C GLY C 4542 12.69 28.41 56.31
N GLU C 4543 11.91 28.27 57.37
CA GLU C 4543 10.92 27.20 57.44
C GLU C 4543 9.85 27.39 56.38
N LEU C 4544 9.41 28.63 56.16
CA LEU C 4544 8.44 28.89 55.12
C LEU C 4544 8.97 28.49 53.75
N GLU C 4545 10.23 28.84 53.46
CA GLU C 4545 10.80 28.52 52.16
C GLU C 4545 10.96 27.01 51.97
N VAL C 4546 11.41 26.30 53.00
CA VAL C 4546 11.61 24.86 52.84
C VAL C 4546 10.27 24.15 52.71
N GLN C 4547 9.26 24.57 53.48
CA GLN C 4547 7.94 23.97 53.33
C GLN C 4547 7.35 24.27 51.95
N ARG C 4548 7.55 25.50 51.46
CA ARG C 4548 7.04 25.86 50.15
C ARG C 4548 7.69 25.05 49.04
N VAL C 4549 9.01 24.87 49.11
CA VAL C 4549 9.68 24.11 48.06
C VAL C 4549 9.28 22.63 48.13
N LYS C 4550 9.10 22.10 49.35
CA LYS C 4550 8.63 20.73 49.49
C LYS C 4550 7.24 20.56 48.88
N PHE C 4551 6.33 21.49 49.17
CA PHE C 4551 4.98 21.42 48.65
C PHE C 4551 4.95 21.54 47.12
N LEU C 4552 5.75 22.47 46.58
CA LEU C 4552 5.78 22.67 45.13
C LEU C 4552 6.37 21.45 44.44
N ASN C 4553 7.41 20.85 45.01
CA ASN C 4553 7.96 19.63 44.43
C ASN C 4553 6.95 18.49 44.49
N TYR C 4554 6.18 18.41 45.59
CA TYR C 4554 5.14 17.41 45.69
C TYR C 4554 4.10 17.58 44.58
N LEU C 4555 3.65 18.81 44.36
CA LEU C 4555 2.68 19.06 43.30
C LEU C 4555 3.26 18.73 41.92
N SER C 4556 4.53 19.09 41.69
CA SER C 4556 5.14 18.78 40.40
C SER C 4556 5.24 17.28 40.19
N ARG C 4557 5.56 16.53 41.24
CA ARG C 4557 5.63 15.08 41.13
C ARG C 4557 4.26 14.47 40.87
N ASN C 4558 3.22 14.99 41.53
CA ASN C 4558 1.89 14.39 41.47
C ASN C 4558 0.93 15.14 40.55
N PHE C 4559 1.45 15.92 39.61
CA PHE C 4559 0.60 16.60 38.63
C PHE C 4559 -0.36 15.64 37.92
N TYR C 4560 0.16 14.52 37.41
CA TYR C 4560 -0.69 13.63 36.63
C TYR C 4560 -1.70 12.90 37.51
N THR C 4561 -1.31 12.54 38.73
CA THR C 4561 -2.27 11.96 39.66
C THR C 4561 -3.36 12.95 40.01
N LEU C 4562 -3.00 14.23 40.15
CA LEU C 4562 -4.00 15.27 40.41
C LEU C 4562 -4.93 15.45 39.23
N ARG C 4563 -4.41 15.32 38.00
CA ARG C 4563 -5.27 15.40 36.82
C ARG C 4563 -6.26 14.25 36.79
N PHE C 4564 -5.79 13.04 37.08
CA PHE C 4564 -6.70 11.89 37.14
C PHE C 4564 -7.71 12.04 38.26
N LEU C 4565 -7.28 12.62 39.38
CA LEU C 4565 -8.20 12.88 40.49
C LEU C 4565 -9.27 13.89 40.09
N ALA C 4566 -8.88 14.92 39.33
CA ALA C 4566 -9.86 15.87 38.83
C ALA C 4566 -10.85 15.20 37.91
N LEU C 4567 -10.38 14.30 37.03
CA LEU C 4567 -11.30 13.58 36.16
C LEU C 4567 -12.27 12.72 36.97
N PHE C 4568 -11.76 11.99 37.97
CA PHE C 4568 -12.63 11.17 38.80
C PHE C 4568 -13.64 12.00 39.56
N LEU C 4569 -13.22 13.16 40.06
CA LEU C 4569 -14.14 14.04 40.78
C LEU C 4569 -15.20 14.61 39.85
N ALA C 4570 -14.84 14.92 38.61
CA ALA C 4570 -15.84 15.37 37.64
C ALA C 4570 -16.86 14.28 37.38
N PHE C 4571 -16.40 13.03 37.20
CA PHE C 4571 -17.34 11.93 37.02
C PHE C 4571 -18.25 11.76 38.23
N ALA C 4572 -17.69 11.86 39.45
CA ALA C 4572 -18.50 11.71 40.64
C ALA C 4572 -19.54 12.82 40.75
N ILE C 4573 -19.13 14.06 40.48
CA ILE C 4573 -20.04 15.19 40.57
C ILE C 4573 -21.17 15.04 39.56
N ASN C 4574 -20.83 14.64 38.33
CA ASN C 4574 -21.87 14.50 37.31
C ASN C 4574 -22.80 13.32 37.59
N PHE C 4575 -22.26 12.24 38.16
CA PHE C 4575 -23.11 11.13 38.57
C PHE C 4575 -24.09 11.57 39.66
N ILE C 4576 -23.63 12.41 40.59
CA ILE C 4576 -24.57 12.98 41.56
C ILE C 4576 -25.57 13.88 40.88
N LEU C 4577 -25.13 14.66 39.89
CA LEU C 4577 -26.02 15.54 39.14
C LEU C 4577 -27.09 14.78 38.39
N LEU C 4578 -26.85 13.49 38.08
CA LEU C 4578 -27.90 12.68 37.48
C LEU C 4578 -29.13 12.52 38.37
N PHE C 4579 -29.12 13.08 39.58
CA PHE C 4579 -30.22 12.93 40.52
C PHE C 4579 -31.00 14.22 40.75
N TYR C 4580 -30.66 15.30 40.05
CA TYR C 4580 -31.43 16.54 40.18
C TYR C 4580 -32.85 16.37 39.66
N LYS C 4581 -33.74 17.15 40.24
CA LYS C 4581 -35.15 17.17 39.90
C LYS C 4581 -35.63 18.61 39.99
N VAL C 4582 -36.56 18.98 39.11
CA VAL C 4582 -37.13 20.32 39.08
C VAL C 4582 -38.58 20.23 39.54
N SER C 4583 -39.00 21.20 40.36
CA SER C 4583 -40.36 21.24 40.85
C SER C 4583 -40.79 22.69 41.02
N ASP C 4584 -42.08 22.93 40.77
CA ASP C 4584 -42.66 24.25 41.07
C ASP C 4584 -42.66 24.50 42.57
N SER C 4585 -43.01 23.50 43.36
CA SER C 4585 -43.03 23.61 44.81
C SER C 4585 -41.61 23.54 45.38
N PRO C 4586 -41.36 24.20 46.51
CA PRO C 4586 -40.05 24.06 47.15
C PRO C 4586 -39.84 22.64 47.61
N PRO C 4587 -38.57 22.18 47.68
CA PRO C 4587 -38.17 20.84 48.11
C PRO C 4587 -38.92 20.33 49.33
N MET C 4627 -41.50 30.45 39.28
CA MET C 4627 -40.29 30.08 40.01
C MET C 4627 -40.15 28.56 40.09
N VAL C 4628 -38.99 28.05 39.72
CA VAL C 4628 -38.70 26.62 39.74
C VAL C 4628 -37.43 26.38 40.54
N TYR C 4629 -37.47 25.39 41.42
CA TYR C 4629 -36.35 25.03 42.26
C TYR C 4629 -35.74 23.72 41.79
N TYR C 4630 -34.42 23.61 41.87
CA TYR C 4630 -33.68 22.41 41.53
C TYR C 4630 -33.12 21.79 42.80
N PHE C 4631 -33.32 20.49 42.97
CA PHE C 4631 -32.88 19.82 44.18
C PHE C 4631 -32.54 18.36 43.86
N LEU C 4632 -31.89 17.71 44.81
CA LEU C 4632 -31.53 16.30 44.70
C LEU C 4632 -32.61 15.46 45.36
N GLU C 4633 -33.14 14.49 44.63
CA GLU C 4633 -34.12 13.55 45.18
C GLU C 4633 -33.51 12.15 45.13
N GLU C 4634 -32.99 11.70 46.27
CA GLU C 4634 -32.47 10.35 46.39
C GLU C 4634 -32.69 9.87 47.82
N SER C 4635 -32.70 8.54 47.98
CA SER C 4635 -33.15 7.95 49.24
C SER C 4635 -32.13 8.14 50.36
N THR C 4636 -30.84 7.94 50.07
CA THR C 4636 -29.85 7.86 51.14
C THR C 4636 -29.74 9.16 51.91
N GLY C 4637 -29.70 10.30 51.21
CA GLY C 4637 -29.51 11.57 51.86
C GLY C 4637 -28.05 12.00 52.01
N TYR C 4638 -27.11 11.20 51.55
CA TYR C 4638 -25.69 11.53 51.63
C TYR C 4638 -25.19 12.25 50.38
N MET C 4639 -25.91 12.15 49.28
CA MET C 4639 -25.48 12.80 48.05
C MET C 4639 -25.52 14.32 48.17
N GLU C 4640 -26.48 14.86 48.91
CA GLU C 4640 -26.56 16.31 49.06
C GLU C 4640 -25.32 16.93 49.67
N PRO C 4641 -24.75 16.40 50.79
CA PRO C 4641 -23.49 16.95 51.29
C PRO C 4641 -22.27 16.45 50.51
N ALA C 4642 -22.36 15.23 49.98
CA ALA C 4642 -21.27 14.70 49.18
C ALA C 4642 -21.00 15.59 47.97
N LEU C 4643 -22.05 16.13 47.36
CA LEU C 4643 -21.87 16.99 46.19
C LEU C 4643 -21.12 18.27 46.54
N TRP C 4644 -21.48 18.91 47.65
CA TRP C 4644 -20.79 20.11 48.08
C TRP C 4644 -19.32 19.82 48.40
N CYS C 4645 -19.08 18.72 49.14
CA CYS C 4645 -17.71 18.36 49.47
C CYS C 4645 -16.89 18.09 48.22
N LEU C 4646 -17.46 17.35 47.26
CA LEU C 4646 -16.73 17.01 46.05
C LEU C 4646 -16.51 18.23 45.15
N SER C 4647 -17.47 19.17 45.14
CA SER C 4647 -17.26 20.39 44.36
C SER C 4647 -16.13 21.22 44.93
N LEU C 4648 -16.07 21.37 46.26
CA LEU C 4648 -14.95 22.08 46.86
C LEU C 4648 -13.63 21.36 46.59
N LEU C 4649 -13.62 20.04 46.75
CA LEU C 4649 -12.41 19.27 46.51
C LEU C 4649 -11.96 19.38 45.07
N HIS C 4650 -12.91 19.42 44.13
CA HIS C 4650 -12.56 19.52 42.72
C HIS C 4650 -11.99 20.89 42.39
N THR C 4651 -12.56 21.96 42.96
CA THR C 4651 -11.98 23.28 42.76
C THR C 4651 -10.56 23.34 43.31
N LEU C 4652 -10.36 22.78 44.50
CA LEU C 4652 -9.01 22.74 45.07
C LEU C 4652 -8.05 21.96 44.19
N VAL C 4653 -8.50 20.82 43.66
CA VAL C 4653 -7.65 19.98 42.83
C VAL C 4653 -7.31 20.70 41.52
N ALA C 4654 -8.26 21.46 40.96
CA ALA C 4654 -7.96 22.21 39.75
C ALA C 4654 -6.94 23.32 40.02
N PHE C 4655 -7.07 24.01 41.16
CA PHE C 4655 -6.08 25.02 41.51
C PHE C 4655 -4.69 24.39 41.70
N LEU C 4656 -4.63 23.24 42.39
CA LEU C 4656 -3.35 22.56 42.57
C LEU C 4656 -2.80 22.05 41.25
N CYS C 4657 -3.68 21.69 40.31
CA CYS C 4657 -3.22 21.29 38.98
C CYS C 4657 -2.57 22.45 38.25
N ILE C 4658 -3.16 23.65 38.36
CA ILE C 4658 -2.53 24.83 37.76
C ILE C 4658 -1.17 25.07 38.37
N ILE C 4659 -1.08 25.00 39.71
CA ILE C 4659 0.20 25.27 40.36
C ILE C 4659 1.23 24.21 39.96
N GLY C 4660 0.83 22.95 39.90
CA GLY C 4660 1.74 21.90 39.49
C GLY C 4660 2.21 22.07 38.06
N TYR C 4661 1.32 22.52 37.17
CA TYR C 4661 1.75 22.82 35.81
C TYR C 4661 2.76 23.96 35.80
N ASN C 4662 2.47 25.03 36.54
CA ASN C 4662 3.37 26.18 36.59
C ASN C 4662 4.75 25.76 37.11
N CYS C 4663 4.80 24.78 38.00
CA CYS C 4663 6.08 24.37 38.57
C CYS C 4663 6.72 23.18 37.84
N LEU C 4664 6.02 22.56 36.90
CA LEU C 4664 6.57 21.37 36.24
C LEU C 4664 6.79 21.55 34.75
N LYS C 4665 5.82 22.13 34.02
CA LYS C 4665 5.88 22.19 32.57
C LYS C 4665 6.08 23.59 32.00
N VAL C 4666 5.85 24.62 32.80
CA VAL C 4666 6.22 25.99 32.38
C VAL C 4666 7.72 26.12 32.19
N PRO C 4667 8.59 25.61 33.06
CA PRO C 4667 10.03 25.78 32.84
C PRO C 4667 10.51 25.24 31.50
N LEU C 4668 9.96 24.12 31.03
CA LEU C 4668 10.34 23.62 29.71
C LEU C 4668 9.96 24.60 28.61
N VAL C 4669 8.77 25.20 28.70
CA VAL C 4669 8.33 26.16 27.69
C VAL C 4669 9.25 27.39 27.70
N ILE C 4670 9.58 27.88 28.90
CA ILE C 4670 10.46 29.05 28.99
C ILE C 4670 11.84 28.73 28.45
N PHE C 4671 12.39 27.56 28.82
CA PHE C 4671 13.70 27.14 28.32
C PHE C 4671 13.69 27.06 26.80
N LYS C 4672 12.66 26.43 26.23
CA LYS C 4672 12.53 26.40 24.78
C LYS C 4672 12.57 27.81 24.21
N ARG C 4673 11.57 28.63 24.57
CA ARG C 4673 11.46 29.94 23.95
C ARG C 4673 12.75 30.74 24.06
N GLU C 4674 13.41 30.65 25.22
CA GLU C 4674 14.70 31.31 25.36
C GLU C 4674 15.73 30.74 24.39
N LYS C 4675 15.71 29.42 24.16
CA LYS C 4675 16.73 28.85 23.27
C LYS C 4675 16.47 29.20 21.81
N GLU C 4676 15.20 29.18 21.36
CA GLU C 4676 14.97 29.65 19.99
C GLU C 4676 15.27 31.14 19.84
N LEU C 4677 14.95 31.95 20.87
CA LEU C 4677 15.28 33.37 20.76
C LEU C 4677 16.78 33.58 20.67
N ALA C 4678 17.55 32.86 21.49
CA ALA C 4678 19.01 32.98 21.44
C ALA C 4678 19.56 32.54 20.10
N ARG C 4679 19.06 31.42 19.56
CA ARG C 4679 19.56 30.93 18.27
C ARG C 4679 19.22 31.90 17.15
N LYS C 4680 17.98 32.39 17.10
CA LYS C 4680 17.59 33.32 16.07
C LYS C 4680 18.34 34.65 16.20
N LEU C 4681 18.67 35.05 17.42
CA LEU C 4681 19.38 36.31 17.62
C LEU C 4681 20.85 36.20 17.22
N GLU C 4682 21.50 35.09 17.56
CA GLU C 4682 22.94 35.02 17.41
C GLU C 4682 23.38 34.33 16.13
N PHE C 4683 22.51 33.54 15.49
CA PHE C 4683 22.82 32.98 14.18
C PHE C 4683 22.21 33.81 13.05
N ASP C 4684 20.92 34.11 13.16
CA ASP C 4684 20.23 34.80 12.08
C ASP C 4684 20.24 36.32 12.21
N GLY C 4685 20.55 36.84 13.40
CA GLY C 4685 20.50 38.27 13.61
C GLY C 4685 19.10 38.80 13.40
N LEU C 4686 18.12 38.15 14.00
CA LEU C 4686 16.71 38.47 13.74
C LEU C 4686 16.41 39.91 14.13
N TYR C 4687 16.93 40.38 15.26
CA TYR C 4687 16.70 41.75 15.69
C TYR C 4687 17.81 42.70 15.26
N ILE C 4688 19.03 42.19 15.05
CA ILE C 4688 20.11 43.04 14.58
C ILE C 4688 19.89 43.43 13.12
N THR C 4689 19.50 42.47 12.28
CA THR C 4689 19.39 42.70 10.85
C THR C 4689 17.97 42.50 10.34
N GLU C 4690 17.31 41.39 10.70
CA GLU C 4690 16.04 41.03 10.09
C GLU C 4690 14.93 41.95 10.56
N GLN C 4691 14.87 42.25 11.86
CA GLN C 4691 13.85 43.11 12.44
C GLN C 4691 12.45 42.64 12.07
N PRO C 4692 11.96 41.55 12.67
CA PRO C 4692 10.66 41.00 12.28
C PRO C 4692 9.54 42.00 12.49
N GLY C 4693 8.56 41.96 11.60
CA GLY C 4693 7.47 42.91 11.59
C GLY C 4693 6.41 42.60 12.63
N ASP C 4694 5.33 43.38 12.56
CA ASP C 4694 4.22 43.22 13.51
C ASP C 4694 3.46 41.92 13.33
N ASP C 4695 3.65 41.22 12.21
CA ASP C 4695 2.96 39.95 12.01
C ASP C 4695 3.41 38.91 13.03
N ASP C 4696 4.71 38.86 13.31
CA ASP C 4696 5.26 37.91 14.28
C ASP C 4696 5.00 38.44 15.67
N VAL C 4697 3.87 38.01 16.26
CA VAL C 4697 3.51 38.46 17.60
C VAL C 4697 4.52 37.95 18.62
N LYS C 4698 5.03 36.74 18.42
CA LYS C 4698 6.06 36.21 19.32
C LYS C 4698 7.32 37.07 19.26
N GLY C 4699 7.76 37.43 18.05
CA GLY C 4699 8.93 38.27 17.91
C GLY C 4699 8.73 39.65 18.51
N GLN C 4700 7.54 40.22 18.32
CA GLN C 4700 7.26 41.54 18.89
C GLN C 4700 7.21 41.49 20.42
N TRP C 4701 6.67 40.41 20.98
CA TRP C 4701 6.62 40.29 22.43
C TRP C 4701 7.99 40.01 23.02
N ASP C 4702 8.85 39.32 22.26
CA ASP C 4702 10.16 38.95 22.78
C ASP C 4702 11.09 40.14 23.00
N ARG C 4703 10.74 41.33 22.52
CA ARG C 4703 11.57 42.50 22.74
C ARG C 4703 11.70 42.87 24.21
N LEU C 4704 10.75 42.46 25.04
CA LEU C 4704 10.76 42.86 26.45
C LEU C 4704 11.81 42.13 27.28
N VAL C 4705 12.46 41.11 26.73
CA VAL C 4705 13.41 40.31 27.50
C VAL C 4705 14.85 40.50 27.03
N LEU C 4706 15.08 41.10 25.85
CA LEU C 4706 16.44 41.22 25.34
C LEU C 4706 17.32 42.05 26.26
N ASN C 4707 16.79 43.16 26.78
CA ASN C 4707 17.56 44.06 27.62
C ASN C 4707 17.48 43.72 29.10
N THR C 4708 16.82 42.63 29.46
CA THR C 4708 16.68 42.27 30.87
C THR C 4708 18.02 41.84 31.46
N PRO C 4709 18.19 41.99 32.77
CA PRO C 4709 19.45 41.54 33.40
C PRO C 4709 19.76 40.07 33.14
N SER C 4710 18.73 39.21 33.12
CA SER C 4710 18.91 37.79 32.84
C SER C 4710 17.98 37.41 31.71
N PHE C 4711 18.43 37.62 30.46
CA PHE C 4711 17.66 37.15 29.31
C PHE C 4711 17.55 35.64 29.28
N PRO C 4712 18.65 34.85 29.37
CA PRO C 4712 18.47 33.41 29.59
C PRO C 4712 18.44 33.07 31.08
N SER C 4713 17.37 32.45 31.54
CA SER C 4713 17.28 31.99 32.92
C SER C 4713 17.07 30.50 33.05
N ASN C 4714 16.47 29.86 32.05
CA ASN C 4714 16.37 28.41 31.99
C ASN C 4714 17.29 27.80 30.94
N TYR C 4715 17.61 28.56 29.89
CA TYR C 4715 18.53 28.10 28.86
C TYR C 4715 19.95 28.00 29.44
N TRP C 4716 20.66 26.92 29.08
CA TRP C 4716 21.99 26.70 29.61
C TRP C 4716 22.96 27.79 29.19
N ASP C 4717 22.89 28.22 27.92
CA ASP C 4717 23.87 29.14 27.36
C ASP C 4717 23.67 30.52 27.96
N LYS C 4718 24.43 30.83 29.01
CA LYS C 4718 24.36 32.12 29.69
C LYS C 4718 25.30 33.15 29.08
N PHE C 4719 26.05 32.80 28.04
CA PHE C 4719 26.93 33.73 27.35
C PHE C 4719 26.38 34.16 26.00
N VAL C 4720 25.06 34.06 25.82
CA VAL C 4720 24.47 34.41 24.53
C VAL C 4720 24.62 35.89 24.24
N LYS C 4721 24.55 36.73 25.27
CA LYS C 4721 24.74 38.16 25.06
C LYS C 4721 26.15 38.46 24.59
N ARG C 4722 27.14 37.81 25.20
CA ARG C 4722 28.53 37.98 24.75
C ARG C 4722 28.70 37.50 23.32
N LYS C 4723 28.11 36.35 22.99
CA LYS C 4723 28.24 35.82 21.63
C LYS C 4723 27.60 36.75 20.61
N VAL C 4724 26.41 37.28 20.93
CA VAL C 4724 25.75 38.22 20.02
C VAL C 4724 26.60 39.47 19.86
N LEU C 4725 27.17 39.98 20.96
CA LEU C 4725 28.04 41.14 20.87
C LEU C 4725 29.20 40.88 19.92
N ASP C 4726 29.95 39.80 20.16
CA ASP C 4726 31.11 39.52 19.32
C ASP C 4726 30.72 39.32 17.86
N LYS C 4727 29.61 38.61 17.61
CA LYS C 4727 29.28 38.28 16.22
C LYS C 4727 28.74 39.48 15.45
N HIS C 4728 27.95 40.34 16.08
CA HIS C 4728 27.22 41.35 15.33
C HIS C 4728 27.56 42.80 15.66
N GLY C 4729 28.09 43.10 16.84
CA GLY C 4729 28.36 44.48 17.18
C GLY C 4729 29.43 45.11 16.31
N ASP C 4730 30.50 44.36 16.02
CA ASP C 4730 31.60 44.91 15.25
C ASP C 4730 31.18 45.39 13.87
N ILE C 4731 30.05 44.91 13.35
CA ILE C 4731 29.59 45.29 12.03
C ILE C 4731 28.36 46.20 12.11
N PHE C 4732 27.56 46.07 13.17
CA PHE C 4732 26.31 46.81 13.26
C PHE C 4732 26.28 47.83 14.40
N GLY C 4733 27.44 48.21 14.92
CA GLY C 4733 27.48 49.18 16.00
C GLY C 4733 27.54 48.51 17.35
N ARG C 4734 28.74 48.51 17.96
CA ARG C 4734 28.89 47.87 19.26
C ARG C 4734 28.04 48.55 20.32
N GLU C 4735 28.03 49.89 20.32
CA GLU C 4735 27.22 50.64 21.28
C GLU C 4735 25.74 50.33 21.09
N ARG C 4736 25.28 50.28 19.84
CA ARG C 4736 23.86 50.03 19.60
C ARG C 4736 23.48 48.62 19.98
N ILE C 4737 24.35 47.64 19.73
CA ILE C 4737 24.10 46.27 20.13
C ILE C 4737 24.02 46.17 21.65
N ALA C 4738 24.94 46.84 22.36
CA ALA C 4738 24.91 46.83 23.82
C ALA C 4738 23.63 47.48 24.34
N GLU C 4739 23.20 48.58 23.72
CA GLU C 4739 21.95 49.23 24.12
C GLU C 4739 20.76 48.31 23.89
N LEU C 4740 20.74 47.61 22.75
CA LEU C 4740 19.64 46.70 22.45
C LEU C 4740 19.59 45.56 23.46
N LEU C 4741 20.74 44.99 23.81
CA LEU C 4741 20.77 43.84 24.71
C LEU C 4741 20.81 44.23 26.18
N GLY C 4742 20.83 45.52 26.49
CA GLY C 4742 20.75 45.96 27.89
C GLY C 4742 21.92 45.50 28.74
N MET C 4743 23.13 45.52 28.18
CA MET C 4743 24.33 45.18 28.92
C MET C 4743 25.28 46.37 28.91
N ASP C 4744 25.81 46.69 30.08
CA ASP C 4744 26.74 47.82 30.21
C ASP C 4744 28.11 47.40 29.72
N LEU C 4745 28.65 48.12 28.73
CA LEU C 4745 29.95 47.79 28.18
C LEU C 4745 31.05 47.99 29.22
N ALA C 4746 30.93 49.04 30.05
CA ALA C 4746 31.94 49.28 31.08
C ALA C 4746 31.92 48.19 32.15
N SER C 4747 30.78 47.53 32.35
CA SER C 4747 30.70 46.47 33.35
C SER C 4747 31.48 45.24 32.95
N LEU C 4748 31.77 45.05 31.66
CA LEU C 4748 32.53 43.89 31.22
C LEU C 4748 33.95 43.91 31.78
N GLU C 4749 34.59 45.07 31.75
CA GLU C 4749 35.96 45.17 32.27
C GLU C 4749 36.00 44.93 33.77
N ILE C 4750 35.03 45.46 34.51
CA ILE C 4750 34.98 45.27 35.95
C ILE C 4750 33.86 44.31 36.32
N ASP C 4772 13.46 41.46 38.69
CA ASP C 4772 13.43 41.65 37.25
C ASP C 4772 11.98 41.71 36.77
N VAL C 4773 11.35 42.85 36.99
CA VAL C 4773 9.91 43.00 36.72
C VAL C 4773 9.62 42.84 35.24
N LYS C 4774 10.45 43.43 34.38
CA LYS C 4774 10.23 43.33 32.94
C LYS C 4774 10.32 41.88 32.46
N TYR C 4775 11.33 41.15 32.95
CA TYR C 4775 11.46 39.74 32.58
C TYR C 4775 10.29 38.93 33.10
N GLN C 4776 9.81 39.25 34.31
CA GLN C 4776 8.64 38.55 34.84
C GLN C 4776 7.41 38.80 33.98
N ILE C 4777 7.22 40.04 33.53
CA ILE C 4777 6.10 40.35 32.64
C ILE C 4777 6.23 39.55 31.34
N TRP C 4778 7.45 39.50 30.78
CA TRP C 4778 7.65 38.73 29.56
C TRP C 4778 7.30 37.26 29.77
N LYS C 4779 7.79 36.68 30.87
CA LYS C 4779 7.54 35.27 31.14
C LYS C 4779 6.05 35.00 31.34
N PHE C 4780 5.36 35.88 32.05
CA PHE C 4780 3.93 35.69 32.25
C PHE C 4780 3.15 35.83 30.95
N GLY C 4781 3.53 36.77 30.10
CA GLY C 4781 2.91 36.86 28.78
C GLY C 4781 3.17 35.63 27.94
N VAL C 4782 4.32 34.99 28.12
CA VAL C 4782 4.62 33.74 27.43
C VAL C 4782 3.75 32.61 27.96
N ILE C 4783 3.61 32.54 29.29
CA ILE C 4783 2.83 31.47 29.90
C ILE C 4783 1.36 31.58 29.53
N PHE C 4784 0.82 32.80 29.53
CA PHE C 4784 -0.60 32.98 29.22
C PHE C 4784 -0.93 32.67 27.76
N THR C 4785 0.06 32.50 26.89
CA THR C 4785 -0.17 32.06 25.53
C THR C 4785 0.05 30.56 25.37
N ASP C 4786 0.29 29.84 26.47
CA ASP C 4786 0.48 28.39 26.42
C ASP C 4786 -0.87 27.71 26.37
N ASN C 4787 -1.03 26.79 25.42
CA ASN C 4787 -2.32 26.12 25.23
C ASN C 4787 -2.71 25.28 26.45
N SER C 4788 -1.75 24.52 27.00
CA SER C 4788 -2.05 23.69 28.14
C SER C 4788 -2.37 24.52 29.38
N PHE C 4789 -1.61 25.60 29.60
CA PHE C 4789 -1.89 26.48 30.72
C PHE C 4789 -3.26 27.13 30.58
N LEU C 4790 -3.62 27.53 29.36
CA LEU C 4790 -4.93 28.12 29.14
C LEU C 4790 -6.04 27.09 29.37
N TYR C 4791 -5.82 25.85 28.96
CA TYR C 4791 -6.80 24.80 29.22
C TYR C 4791 -6.98 24.58 30.72
N LEU C 4792 -5.89 24.57 31.48
CA LEU C 4792 -6.01 24.40 32.93
C LEU C 4792 -6.68 25.60 33.57
N GLY C 4793 -6.44 26.81 33.03
CA GLY C 4793 -7.14 27.98 33.52
C GLY C 4793 -8.63 27.92 33.25
N TRP C 4794 -9.01 27.45 32.07
CA TRP C 4794 -10.44 27.26 31.77
C TRP C 4794 -11.05 26.20 32.68
N TYR C 4795 -10.31 25.13 32.96
CA TYR C 4795 -10.76 24.13 33.90
C TYR C 4795 -11.04 24.75 35.27
N MET C 4796 -10.12 25.59 35.74
CA MET C 4796 -10.33 26.30 37.00
C MET C 4796 -11.53 27.23 36.94
N VAL C 4797 -11.71 27.91 35.81
CA VAL C 4797 -12.83 28.85 35.68
C VAL C 4797 -14.16 28.12 35.77
N MET C 4798 -14.28 26.99 35.08
CA MET C 4798 -15.53 26.24 35.17
C MET C 4798 -15.69 25.57 36.53
N SER C 4799 -14.60 25.23 37.21
CA SER C 4799 -14.71 24.75 38.58
C SER C 4799 -15.26 25.83 39.49
N LEU C 4800 -14.82 27.07 39.32
CA LEU C 4800 -15.36 28.17 40.09
C LEU C 4800 -16.83 28.41 39.76
N LEU C 4801 -17.18 28.35 38.46
CA LEU C 4801 -18.56 28.54 38.05
C LEU C 4801 -19.47 27.40 38.51
N GLY C 4802 -18.91 26.24 38.82
CA GLY C 4802 -19.71 25.16 39.35
C GLY C 4802 -20.36 25.49 40.68
N HIS C 4803 -19.71 26.31 41.49
CA HIS C 4803 -20.31 26.70 42.76
C HIS C 4803 -21.45 27.69 42.55
N TYR C 4804 -21.41 28.46 41.46
CA TYR C 4804 -22.56 29.28 41.09
C TYR C 4804 -23.69 28.41 40.57
N ASN C 4805 -23.39 27.47 39.66
CA ASN C 4805 -24.39 26.57 39.09
C ASN C 4805 -23.73 25.22 38.85
N ASN C 4806 -23.95 24.27 39.77
CA ASN C 4806 -23.39 22.92 39.74
C ASN C 4806 -23.36 22.27 38.36
N PHE C 4807 -24.31 22.61 37.49
CA PHE C 4807 -24.30 22.00 36.16
C PHE C 4807 -23.16 22.50 35.29
N PHE C 4808 -22.47 23.57 35.69
CA PHE C 4808 -21.24 23.97 35.01
C PHE C 4808 -20.14 22.94 35.16
N PHE C 4809 -20.26 22.02 36.12
CA PHE C 4809 -19.30 20.94 36.27
C PHE C 4809 -19.41 19.90 35.15
N ALA C 4810 -20.46 19.98 34.34
CA ALA C 4810 -20.57 19.08 33.20
C ALA C 4810 -19.57 19.42 32.11
N ALA C 4811 -19.13 20.67 32.04
CA ALA C 4811 -18.12 21.07 31.08
C ALA C 4811 -16.78 20.40 31.33
N HIS C 4812 -16.58 19.80 32.50
CA HIS C 4812 -15.37 19.07 32.80
C HIS C 4812 -15.38 17.65 32.26
N LEU C 4813 -16.54 17.15 31.82
CA LEU C 4813 -16.56 15.85 31.16
C LEU C 4813 -15.88 15.89 29.80
N LEU C 4814 -15.72 17.07 29.21
CA LEU C 4814 -14.91 17.22 28.00
C LEU C 4814 -13.44 16.87 28.24
N ASP C 4815 -13.01 16.81 29.50
CA ASP C 4815 -11.63 16.46 29.82
C ASP C 4815 -11.29 15.03 29.46
N ILE C 4816 -12.28 14.17 29.23
CA ILE C 4816 -11.97 12.80 28.81
C ILE C 4816 -11.25 12.80 27.47
N ALA C 4817 -11.67 13.69 26.57
CA ALA C 4817 -11.00 13.80 25.28
C ALA C 4817 -9.56 14.24 25.43
N MET C 4818 -9.30 15.19 26.33
CA MET C 4818 -7.93 15.64 26.57
C MET C 4818 -7.10 14.53 27.22
N GLY C 4819 -7.69 13.77 28.13
CA GLY C 4819 -6.94 12.80 28.91
C GLY C 4819 -6.70 11.46 28.26
N VAL C 4820 -7.77 10.79 27.82
CA VAL C 4820 -7.65 9.41 27.37
C VAL C 4820 -6.96 9.36 26.01
N LYS C 4821 -5.89 8.57 25.92
CA LYS C 4821 -5.16 8.44 24.66
C LYS C 4821 -6.02 7.76 23.60
N THR C 4822 -6.81 6.75 23.99
CA THR C 4822 -7.69 6.09 23.04
C THR C 4822 -8.72 7.07 22.48
N LEU C 4823 -9.30 7.91 23.34
CA LEU C 4823 -10.25 8.90 22.88
C LEU C 4823 -9.58 9.93 21.98
N ARG C 4824 -8.35 10.34 22.32
CA ARG C 4824 -7.62 11.25 21.45
C ARG C 4824 -7.39 10.65 20.08
N THR C 4825 -7.01 9.37 20.03
CA THR C 4825 -6.81 8.70 18.75
C THR C 4825 -8.11 8.61 17.96
N ILE C 4826 -9.22 8.31 18.64
CA ILE C 4826 -10.50 8.20 17.94
C ILE C 4826 -10.92 9.55 17.38
N LEU C 4827 -10.79 10.61 18.17
CA LEU C 4827 -11.18 11.94 17.72
C LEU C 4827 -10.20 12.52 16.71
N SER C 4828 -8.98 11.98 16.63
CA SER C 4828 -8.07 12.39 15.58
C SER C 4828 -8.62 12.05 14.21
N SER C 4829 -9.43 10.99 14.11
CA SER C 4829 -10.09 10.69 12.85
C SER C 4829 -11.06 11.79 12.45
N VAL C 4830 -11.79 12.35 13.42
CA VAL C 4830 -12.71 13.44 13.11
C VAL C 4830 -11.95 14.70 12.76
N THR C 4831 -10.87 14.99 13.50
CA THR C 4831 -10.17 16.26 13.32
C THR C 4831 -9.15 16.24 12.18
N HIS C 4832 -8.80 15.06 11.66
CA HIS C 4832 -7.81 15.00 10.58
C HIS C 4832 -8.33 15.67 9.32
N ASN C 4833 -9.59 15.41 8.97
CA ASN C 4833 -10.26 16.05 7.84
C ASN C 4833 -11.27 17.08 8.34
N GLY C 4834 -10.92 17.81 9.40
CA GLY C 4834 -11.85 18.79 9.94
C GLY C 4834 -12.13 19.93 8.98
N LYS C 4835 -11.10 20.38 8.26
CA LYS C 4835 -11.29 21.44 7.27
C LYS C 4835 -12.23 20.98 6.16
N GLN C 4836 -12.06 19.75 5.69
CA GLN C 4836 -12.95 19.21 4.67
C GLN C 4836 -14.36 19.00 5.20
N LEU C 4837 -14.50 18.63 6.47
CA LEU C 4837 -15.82 18.50 7.08
C LEU C 4837 -16.54 19.85 7.14
N VAL C 4838 -15.82 20.90 7.54
CA VAL C 4838 -16.41 22.24 7.56
C VAL C 4838 -16.79 22.67 6.15
N MET C 4839 -15.91 22.39 5.18
CA MET C 4839 -16.20 22.77 3.79
C MET C 4839 -17.41 22.03 3.25
N THR C 4840 -17.55 20.74 3.57
CA THR C 4840 -18.70 20.00 3.06
C THR C 4840 -19.99 20.39 3.77
N VAL C 4841 -19.90 20.83 5.04
CA VAL C 4841 -21.07 21.40 5.68
C VAL C 4841 -21.49 22.69 5.00
N GLY C 4842 -20.52 23.54 4.64
CA GLY C 4842 -20.85 24.74 3.89
C GLY C 4842 -21.44 24.44 2.52
N LEU C 4843 -20.91 23.41 1.86
CA LEU C 4843 -21.46 22.99 0.57
C LEU C 4843 -22.89 22.48 0.73
N LEU C 4844 -23.16 21.75 1.80
CA LEU C 4844 -24.51 21.33 2.12
C LEU C 4844 -25.42 22.53 2.29
N ALA C 4845 -24.95 23.56 3.00
CA ALA C 4845 -25.75 24.77 3.18
C ALA C 4845 -26.06 25.45 1.86
N VAL C 4846 -25.06 25.54 0.97
CA VAL C 4846 -25.27 26.17 -0.33
C VAL C 4846 -26.25 25.37 -1.18
N VAL C 4847 -26.11 24.05 -1.21
CA VAL C 4847 -27.01 23.21 -2.01
C VAL C 4847 -28.43 23.30 -1.49
N VAL C 4848 -28.60 23.28 -0.16
CA VAL C 4848 -29.93 23.42 0.40
C VAL C 4848 -30.49 24.81 0.12
N TYR C 4849 -29.63 25.84 0.06
CA TYR C 4849 -30.11 27.16 -0.34
C TYR C 4849 -30.62 27.16 -1.77
N LEU C 4850 -29.94 26.45 -2.66
CA LEU C 4850 -30.42 26.37 -4.05
C LEU C 4850 -31.76 25.65 -4.13
N TYR C 4851 -31.91 24.55 -3.38
CA TYR C 4851 -33.21 23.90 -3.34
C TYR C 4851 -34.27 24.82 -2.75
N THR C 4852 -33.89 25.66 -1.79
CA THR C 4852 -34.83 26.61 -1.21
C THR C 4852 -35.24 27.68 -2.21
N VAL C 4853 -34.30 28.18 -3.02
CA VAL C 4853 -34.67 29.21 -3.99
C VAL C 4853 -35.57 28.62 -5.06
N VAL C 4854 -35.40 27.33 -5.38
CA VAL C 4854 -36.31 26.68 -6.31
C VAL C 4854 -37.69 26.49 -5.67
N ALA C 4855 -37.72 26.07 -4.41
CA ALA C 4855 -38.99 25.80 -3.75
C ALA C 4855 -39.79 27.08 -3.55
N PHE C 4856 -39.15 28.14 -3.06
CA PHE C 4856 -39.84 29.39 -2.79
C PHE C 4856 -40.44 30.00 -4.04
N ASN C 4857 -39.96 29.62 -5.21
CA ASN C 4857 -40.47 30.14 -6.46
C ASN C 4857 -41.50 29.22 -7.13
N PHE C 4858 -41.41 27.89 -6.92
CA PHE C 4858 -42.27 27.00 -7.67
C PHE C 4858 -43.16 26.07 -6.85
N PHE C 4859 -42.89 25.87 -5.56
CA PHE C 4859 -43.57 24.83 -4.79
C PHE C 4859 -44.09 25.37 -3.47
N ARG C 4860 -44.48 26.64 -3.43
CA ARG C 4860 -44.89 27.26 -2.17
C ARG C 4860 -46.13 26.63 -1.58
N LYS C 4861 -47.00 26.08 -2.42
CA LYS C 4861 -48.27 25.53 -1.93
C LYS C 4861 -48.10 24.23 -1.17
N PHE C 4862 -46.99 23.53 -1.35
CA PHE C 4862 -46.77 22.23 -0.72
C PHE C 4862 -46.20 22.33 0.68
N TYR C 4863 -45.93 23.53 1.19
CA TYR C 4863 -45.23 23.71 2.46
C TYR C 4863 -46.18 24.15 3.57
N ASN C 4864 -47.41 23.64 3.56
CA ASN C 4864 -48.38 23.93 4.61
C ASN C 4864 -48.19 22.88 5.70
N LYS C 4865 -47.70 23.32 6.87
CA LYS C 4865 -47.44 22.43 7.99
C LYS C 4865 -48.45 22.60 9.11
N SER C 4866 -49.72 22.83 8.76
CA SER C 4866 -50.80 22.94 9.72
C SER C 4866 -51.89 21.94 9.35
N GLU C 4867 -52.24 21.09 10.30
CA GLU C 4867 -53.34 20.16 10.08
C GLU C 4867 -54.67 20.89 9.97
N ASP C 4868 -54.86 21.93 10.79
CA ASP C 4868 -56.08 22.71 10.76
C ASP C 4868 -56.22 23.42 9.43
N GLU C 4869 -57.43 23.36 8.84
CA GLU C 4869 -57.69 24.05 7.59
C GLU C 4869 -57.88 25.55 7.79
N ASP C 4870 -58.33 25.96 8.98
CA ASP C 4870 -58.65 27.36 9.21
C ASP C 4870 -57.41 28.25 9.13
N GLU C 4871 -56.36 27.88 9.86
CA GLU C 4871 -55.15 28.70 9.89
C GLU C 4871 -53.99 27.97 9.20
N PRO C 4872 -53.51 28.49 8.07
CA PRO C 4872 -52.34 27.87 7.44
C PRO C 4872 -51.06 28.15 8.20
N ASP C 4873 -50.07 27.30 7.97
CA ASP C 4873 -48.73 27.43 8.55
C ASP C 4873 -47.68 27.30 7.47
N MET C 4874 -47.86 28.06 6.40
CA MET C 4874 -46.96 27.98 5.24
C MET C 4874 -45.53 28.20 5.66
N LYS C 4875 -44.68 27.20 5.44
CA LYS C 4875 -43.28 27.23 5.82
C LYS C 4875 -42.37 27.72 4.70
N CYS C 4876 -42.94 28.19 3.59
CA CYS C 4876 -42.10 28.66 2.48
C CYS C 4876 -42.66 29.93 1.85
N ASP C 4877 -43.45 30.71 2.59
CA ASP C 4877 -43.87 32.02 2.12
C ASP C 4877 -42.82 33.09 2.40
N ASP C 4878 -41.85 32.80 3.25
CA ASP C 4878 -40.71 33.66 3.52
C ASP C 4878 -39.45 32.92 3.10
N MET C 4879 -38.50 33.65 2.51
CA MET C 4879 -37.26 33.01 2.08
C MET C 4879 -36.45 32.51 3.27
N MET C 4880 -36.37 33.33 4.33
CA MET C 4880 -35.65 32.92 5.52
C MET C 4880 -36.33 31.71 6.17
N THR C 4881 -37.66 31.73 6.26
CA THR C 4881 -38.39 30.62 6.85
C THR C 4881 -38.23 29.35 6.03
N CYS C 4882 -38.27 29.47 4.70
CA CYS C 4882 -38.12 28.29 3.86
C CYS C 4882 -36.71 27.71 3.96
N TYR C 4883 -35.69 28.57 4.01
CA TYR C 4883 -34.33 28.06 4.19
C TYR C 4883 -34.16 27.38 5.54
N LEU C 4884 -34.72 27.97 6.60
CA LEU C 4884 -34.63 27.35 7.90
C LEU C 4884 -35.37 26.02 7.92
N PHE C 4885 -36.55 25.96 7.29
CA PHE C 4885 -37.29 24.70 7.20
C PHE C 4885 -36.49 23.65 6.48
N HIS C 4886 -35.90 24.00 5.34
CA HIS C 4886 -35.11 23.05 4.57
C HIS C 4886 -33.94 22.53 5.39
N MET C 4887 -33.08 23.43 5.86
CA MET C 4887 -31.90 23.01 6.63
C MET C 4887 -32.28 22.19 7.86
N TYR C 4888 -33.30 22.62 8.59
CA TYR C 4888 -33.64 21.97 9.84
C TYR C 4888 -34.26 20.59 9.61
N VAL C 4889 -35.20 20.50 8.68
CA VAL C 4889 -36.10 19.35 8.59
C VAL C 4889 -35.72 18.42 7.45
N GLY C 4890 -35.44 18.96 6.27
CA GLY C 4890 -35.17 18.10 5.13
C GLY C 4890 -33.82 17.42 5.17
N VAL C 4891 -32.88 17.98 5.93
CA VAL C 4891 -31.58 17.33 6.06
C VAL C 4891 -31.63 16.24 7.12
N ARG C 4892 -32.45 16.41 8.15
CA ARG C 4892 -32.64 15.38 9.17
C ARG C 4892 -33.67 14.34 8.77
N ALA C 4893 -34.43 14.57 7.71
CA ALA C 4893 -35.40 13.59 7.24
C ALA C 4893 -34.70 12.47 6.48
N GLY C 4894 -35.25 11.26 6.59
CA GLY C 4894 -34.63 10.12 5.94
C GLY C 4894 -34.67 10.19 4.43
N GLY C 4895 -35.80 10.56 3.87
CA GLY C 4895 -35.96 10.72 2.44
C GLY C 4895 -35.93 12.14 1.93
N GLY C 4896 -35.47 13.09 2.73
CA GLY C 4896 -35.41 14.46 2.31
C GLY C 4896 -36.68 15.23 2.62
N ILE C 4897 -36.82 16.37 1.93
CA ILE C 4897 -37.97 17.24 2.15
C ILE C 4897 -39.27 16.61 1.68
N GLY C 4898 -39.19 15.54 0.88
CA GLY C 4898 -40.40 14.91 0.38
C GLY C 4898 -41.19 14.20 1.44
N ASP C 4899 -40.53 13.77 2.52
CA ASP C 4899 -41.26 13.23 3.66
C ASP C 4899 -42.06 14.31 4.36
N GLU C 4900 -41.55 15.53 4.40
CA GLU C 4900 -42.06 16.57 5.27
C GLU C 4900 -42.95 17.59 4.57
N ILE C 4901 -43.04 17.56 3.24
CA ILE C 4901 -43.97 18.46 2.57
C ILE C 4901 -45.11 17.68 1.93
N GLU C 4902 -46.07 18.40 1.35
CA GLU C 4902 -47.30 17.79 0.86
C GLU C 4902 -47.02 16.83 -0.28
N ASP C 4903 -47.88 15.82 -0.40
CA ASP C 4903 -47.77 14.86 -1.48
C ASP C 4903 -48.06 15.53 -2.82
N PRO C 4904 -47.25 15.29 -3.85
CA PRO C 4904 -47.44 15.95 -5.13
C PRO C 4904 -48.37 15.23 -6.10
N ALA C 4905 -48.91 14.08 -5.74
CA ALA C 4905 -49.77 13.33 -6.64
C ALA C 4905 -51.05 14.10 -6.95
N GLY C 4906 -51.54 13.92 -8.17
CA GLY C 4906 -52.72 14.64 -8.60
C GLY C 4906 -52.52 16.14 -8.71
N ASP C 4907 -51.39 16.56 -9.26
CA ASP C 4907 -51.06 17.98 -9.39
C ASP C 4907 -50.35 18.19 -10.71
N GLU C 4908 -50.39 19.43 -11.20
CA GLU C 4908 -49.77 19.74 -12.48
C GLU C 4908 -48.25 19.73 -12.39
N TYR C 4909 -47.69 20.02 -11.21
CA TYR C 4909 -46.26 20.02 -10.99
C TYR C 4909 -45.76 18.73 -10.35
N GLU C 4910 -46.43 17.62 -10.61
CA GLU C 4910 -46.10 16.37 -9.92
C GLU C 4910 -44.72 15.87 -10.32
N LEU C 4911 -44.42 15.85 -11.62
CA LEU C 4911 -43.12 15.34 -12.06
C LEU C 4911 -42.00 16.27 -11.64
N TYR C 4912 -42.23 17.58 -11.70
CA TYR C 4912 -41.24 18.53 -11.20
C TYR C 4912 -40.98 18.31 -9.72
N ARG C 4913 -42.04 18.07 -8.95
CA ARG C 4913 -41.88 17.86 -7.52
C ARG C 4913 -41.15 16.55 -7.22
N VAL C 4914 -41.43 15.48 -7.96
CA VAL C 4914 -40.72 14.22 -7.71
C VAL C 4914 -39.26 14.35 -8.11
N VAL C 4915 -38.97 15.07 -9.18
CA VAL C 4915 -37.56 15.31 -9.54
C VAL C 4915 -36.87 16.13 -8.45
N PHE C 4916 -37.55 17.16 -7.96
CA PHE C 4916 -37.05 17.97 -6.85
C PHE C 4916 -36.72 17.10 -5.64
N ASP C 4917 -37.68 16.30 -5.21
CA ASP C 4917 -37.51 15.48 -4.01
C ASP C 4917 -36.42 14.44 -4.19
N ILE C 4918 -36.39 13.77 -5.35
CA ILE C 4918 -35.42 12.70 -5.55
C ILE C 4918 -34.01 13.25 -5.67
N THR C 4919 -33.84 14.38 -6.37
CA THR C 4919 -32.52 14.99 -6.42
C THR C 4919 -32.08 15.49 -5.06
N PHE C 4920 -33.01 16.02 -4.25
CA PHE C 4920 -32.67 16.40 -2.89
C PHE C 4920 -32.19 15.20 -2.10
N PHE C 4921 -32.92 14.09 -2.18
CA PHE C 4921 -32.57 12.88 -1.43
C PHE C 4921 -31.23 12.32 -1.90
N PHE C 4922 -30.94 12.41 -3.20
CA PHE C 4922 -29.69 11.86 -3.72
C PHE C 4922 -28.51 12.74 -3.35
N PHE C 4923 -28.55 14.01 -3.75
CA PHE C 4923 -27.41 14.89 -3.56
C PHE C 4923 -27.17 15.20 -2.08
N VAL C 4924 -28.24 15.47 -1.33
CA VAL C 4924 -28.10 15.91 0.05
C VAL C 4924 -28.00 14.72 0.99
N ILE C 4925 -29.05 13.89 1.01
CA ILE C 4925 -29.13 12.83 2.01
C ILE C 4925 -28.08 11.75 1.73
N VAL C 4926 -27.87 11.40 0.47
CA VAL C 4926 -27.00 10.29 0.12
C VAL C 4926 -25.57 10.77 -0.14
N ILE C 4927 -25.40 11.68 -1.11
CA ILE C 4927 -24.06 12.01 -1.58
C ILE C 4927 -23.27 12.77 -0.52
N LEU C 4928 -23.86 13.79 0.10
CA LEU C 4928 -23.09 14.63 1.01
C LEU C 4928 -22.81 13.92 2.34
N LEU C 4929 -23.80 13.21 2.87
CA LEU C 4929 -23.55 12.41 4.06
C LEU C 4929 -22.55 11.30 3.77
N ALA C 4930 -22.59 10.76 2.54
CA ALA C 4930 -21.57 9.79 2.12
C ALA C 4930 -20.19 10.44 2.09
N ILE C 4931 -20.12 11.70 1.68
CA ILE C 4931 -18.85 12.42 1.68
C ILE C 4931 -18.31 12.53 3.09
N ILE C 4932 -19.19 12.84 4.05
CA ILE C 4932 -18.76 12.94 5.45
C ILE C 4932 -18.28 11.58 5.96
N GLN C 4933 -19.07 10.53 5.71
CA GLN C 4933 -18.68 9.17 6.08
C GLN C 4933 -17.31 8.82 5.53
N GLY C 4934 -17.11 9.07 4.24
CA GLY C 4934 -15.84 8.74 3.61
C GLY C 4934 -14.69 9.57 4.11
N LEU C 4935 -14.94 10.84 4.47
CA LEU C 4935 -13.89 11.65 5.05
C LEU C 4935 -13.41 11.06 6.37
N ILE C 4936 -14.35 10.63 7.21
CA ILE C 4936 -13.95 10.03 8.49
C ILE C 4936 -13.21 8.72 8.27
N ILE C 4937 -13.72 7.87 7.37
CA ILE C 4937 -13.10 6.57 7.12
C ILE C 4937 -11.71 6.74 6.52
N ASP C 4938 -11.57 7.67 5.57
CA ASP C 4938 -10.27 7.95 4.97
C ASP C 4938 -9.31 8.54 5.99
N ALA C 4939 -9.81 9.30 6.97
CA ALA C 4939 -8.94 9.75 8.04
C ALA C 4939 -8.42 8.58 8.86
N PHE C 4940 -9.30 7.63 9.19
CA PHE C 4940 -8.86 6.41 9.87
C PHE C 4940 -7.74 5.73 9.08
N GLY C 4941 -7.98 5.51 7.78
CA GLY C 4941 -7.00 4.82 6.96
C GLY C 4941 -5.70 5.58 6.83
N GLU C 4942 -5.77 6.90 6.67
CA GLU C 4942 -4.56 7.72 6.54
C GLU C 4942 -3.72 7.70 7.81
N LEU C 4943 -4.37 7.81 8.97
CA LEU C 4943 -3.62 7.75 10.22
C LEU C 4943 -2.97 6.38 10.42
N ARG C 4944 -3.71 5.31 10.10
CA ARG C 4944 -3.13 3.98 10.20
C ARG C 4944 -1.92 3.83 9.26
N ASP C 4945 -2.05 4.34 8.03
CA ASP C 4945 -0.95 4.25 7.08
C ASP C 4945 0.24 5.07 7.55
N GLN C 4946 0.00 6.22 8.18
CA GLN C 4946 1.10 7.01 8.71
C GLN C 4946 1.85 6.26 9.81
N GLN C 4947 1.11 5.64 10.73
CA GLN C 4947 1.77 4.86 11.77
C GLN C 4947 2.57 3.70 11.18
N GLU C 4948 1.99 3.00 10.20
CA GLU C 4948 2.68 1.88 9.57
C GLU C 4948 3.94 2.35 8.85
N GLN C 4949 3.86 3.49 8.17
CA GLN C 4949 5.02 4.02 7.45
C GLN C 4949 6.13 4.41 8.42
N VAL C 4950 5.79 5.04 9.54
CA VAL C 4950 6.82 5.38 10.52
C VAL C 4950 7.49 4.11 11.06
N LYS C 4951 6.68 3.10 11.39
CA LYS C 4951 7.25 1.86 11.90
C LYS C 4951 8.15 1.19 10.86
N GLU C 4952 7.72 1.17 9.60
CA GLU C 4952 8.52 0.55 8.55
C GLU C 4952 9.83 1.30 8.32
N ASP C 4953 9.78 2.64 8.34
CA ASP C 4953 11.01 3.40 8.16
C ASP C 4953 11.99 3.15 9.29
N MET C 4954 11.50 3.11 10.53
CA MET C 4954 12.38 2.82 11.65
C MET C 4954 12.94 1.39 11.57
N GLU C 4955 12.13 0.45 11.08
CA GLU C 4955 12.59 -0.93 11.00
C GLU C 4955 13.64 -1.11 9.91
N THR C 4956 13.49 -0.40 8.79
CA THR C 4956 14.31 -0.65 7.62
C THR C 4956 15.47 0.33 7.44
N LYS C 4957 15.54 1.39 8.22
CA LYS C 4957 16.67 2.32 8.13
C LYS C 4957 17.19 2.66 9.52
N CYS C 4958 18.46 3.05 9.58
CA CYS C 4958 19.06 3.55 10.80
C CYS C 4958 18.79 5.03 10.93
N PHE C 4959 18.46 5.45 12.15
CA PHE C 4959 18.08 6.85 12.37
C PHE C 4959 19.24 7.80 12.12
N ILE C 4960 20.45 7.42 12.52
CA ILE C 4960 21.57 8.35 12.47
C ILE C 4960 22.17 8.41 11.07
N CYS C 4961 22.50 7.26 10.49
CA CYS C 4961 23.23 7.25 9.23
C CYS C 4961 22.35 7.00 8.01
N GLY C 4962 21.13 6.47 8.19
CA GLY C 4962 20.24 6.24 7.07
C GLY C 4962 20.59 5.05 6.21
N ILE C 4963 21.56 4.24 6.61
CA ILE C 4963 21.92 3.05 5.85
C ILE C 4963 20.87 1.97 6.11
N GLY C 4964 20.42 1.31 5.05
CA GLY C 4964 19.34 0.36 5.18
C GLY C 4964 19.76 -0.89 5.93
N SER C 4965 18.74 -1.61 6.41
CA SER C 4965 18.99 -2.86 7.14
C SER C 4965 19.47 -3.97 6.22
N ASP C 4966 19.24 -3.84 4.91
CA ASP C 4966 19.70 -4.87 3.98
C ASP C 4966 21.22 -4.98 3.98
N TYR C 4967 21.92 -3.85 4.17
CA TYR C 4967 23.37 -3.90 4.25
C TYR C 4967 23.83 -4.51 5.57
N PHE C 4968 23.23 -4.09 6.68
CA PHE C 4968 23.68 -4.57 7.98
C PHE C 4968 23.31 -6.02 8.24
N ASP C 4969 22.30 -6.55 7.54
CA ASP C 4969 21.87 -7.92 7.73
C ASP C 4969 22.77 -8.93 7.02
N THR C 4970 23.95 -8.52 6.57
CA THR C 4970 24.92 -9.47 6.05
C THR C 4970 25.32 -10.47 7.13
N THR C 4971 25.60 -9.98 8.32
CA THR C 4971 25.85 -10.79 9.50
C THR C 4971 24.54 -11.08 10.23
N PRO C 4972 24.48 -12.16 11.02
CA PRO C 4972 23.27 -12.43 11.79
C PRO C 4972 23.04 -11.35 12.84
N HIS C 4973 21.82 -10.79 12.84
CA HIS C 4973 21.44 -9.70 13.75
C HIS C 4973 22.36 -8.50 13.60
N GLY C 4974 22.85 -8.28 12.39
CA GLY C 4974 23.73 -7.14 12.16
C GLY C 4974 23.05 -5.81 12.34
N PHE C 4975 21.81 -5.68 11.86
CA PHE C 4975 21.09 -4.42 12.03
C PHE C 4975 20.76 -4.18 13.50
N GLU C 4976 20.38 -5.23 14.22
CA GLU C 4976 20.13 -5.08 15.65
C GLU C 4976 21.40 -4.64 16.38
N THR C 4977 22.54 -5.25 16.05
CA THR C 4977 23.79 -4.84 16.67
C THR C 4977 24.12 -3.39 16.33
N HIS C 4978 23.89 -2.99 15.07
CA HIS C 4978 24.19 -1.63 14.67
C HIS C 4978 23.31 -0.62 15.41
N THR C 4979 22.01 -0.90 15.53
CA THR C 4979 21.11 0.06 16.14
C THR C 4979 21.05 -0.04 17.66
N LEU C 4980 21.69 -1.06 18.27
CA LEU C 4980 21.78 -1.11 19.72
C LEU C 4980 23.16 -0.80 20.27
N GLU C 4981 24.21 -0.84 19.45
CA GLU C 4981 25.54 -0.58 19.98
C GLU C 4981 26.31 0.47 19.21
N GLU C 4982 26.08 0.60 17.91
CA GLU C 4982 26.91 1.47 17.09
C GLU C 4982 26.32 2.86 16.93
N HIS C 4983 25.05 2.96 16.51
CA HIS C 4983 24.44 4.25 16.22
C HIS C 4983 23.17 4.46 17.03
N ASN C 4984 23.23 4.20 18.33
CA ASN C 4984 22.06 4.35 19.19
C ASN C 4984 21.79 5.83 19.43
N LEU C 4985 20.58 6.27 19.07
CA LEU C 4985 20.22 7.67 19.31
C LEU C 4985 20.20 7.99 20.78
N ALA C 4986 19.79 7.02 21.62
CA ALA C 4986 19.92 7.20 23.06
C ALA C 4986 21.37 7.40 23.46
N ASN C 4987 22.29 6.67 22.82
CA ASN C 4987 23.70 6.84 23.10
C ASN C 4987 24.18 8.24 22.71
N TYR C 4988 23.70 8.75 21.57
CA TYR C 4988 24.09 10.10 21.17
C TYR C 4988 23.56 11.15 22.16
N MET C 4989 22.32 10.98 22.61
CA MET C 4989 21.79 11.89 23.63
C MET C 4989 22.61 11.81 24.92
N PHE C 4990 22.96 10.59 25.33
CA PHE C 4990 23.78 10.42 26.53
C PHE C 4990 25.13 11.09 26.35
N PHE C 4991 25.70 11.02 25.15
CA PHE C 4991 26.98 11.67 24.90
C PHE C 4991 26.86 13.19 24.98
N LEU C 4992 25.78 13.73 24.44
CA LEU C 4992 25.55 15.18 24.57
C LEU C 4992 25.43 15.58 26.03
N MET C 4993 24.66 14.82 26.81
CA MET C 4993 24.53 15.10 28.23
C MET C 4993 25.88 15.00 28.94
N TYR C 4994 26.68 13.98 28.59
CA TYR C 4994 27.97 13.79 29.21
C TYR C 4994 28.91 14.95 28.91
N LEU C 4995 28.91 15.43 27.67
CA LEU C 4995 29.69 16.60 27.32
C LEU C 4995 29.23 17.82 28.10
N ILE C 4996 27.91 18.00 28.23
CA ILE C 4996 27.40 19.17 28.94
C ILE C 4996 27.83 19.14 30.40
N ASN C 4997 27.71 17.98 31.06
CA ASN C 4997 28.12 17.90 32.46
C ASN C 4997 29.62 18.04 32.62
N LYS C 4998 30.39 17.51 31.67
CA LYS C 4998 31.85 17.57 31.80
C LYS C 4998 32.34 19.02 31.70
N ASP C 4999 33.44 19.30 32.39
CA ASP C 4999 34.07 20.60 32.32
C ASP C 4999 34.83 20.75 31.00
N GLU C 5000 35.07 22.01 30.63
CA GLU C 5000 35.74 22.29 29.36
C GLU C 5000 37.17 21.74 29.35
N THR C 5001 37.89 21.92 30.47
CA THR C 5001 39.30 21.52 30.52
C THR C 5001 39.47 20.01 30.43
N GLU C 5002 38.58 19.26 31.07
CA GLU C 5002 38.72 17.81 31.15
C GLU C 5002 38.45 17.11 29.83
N HIS C 5003 37.98 17.83 28.81
CA HIS C 5003 37.66 17.21 27.53
C HIS C 5003 38.88 16.54 26.92
N THR C 5004 38.68 15.35 26.37
CA THR C 5004 39.69 14.73 25.51
C THR C 5004 39.64 15.41 24.15
N GLY C 5005 40.51 14.97 23.24
CA GLY C 5005 40.57 15.63 21.94
C GLY C 5005 39.29 15.48 21.14
N GLN C 5006 38.77 14.26 21.06
CA GLN C 5006 37.54 14.02 20.32
C GLN C 5006 36.35 14.68 21.00
N GLU C 5007 36.30 14.62 22.33
CA GLU C 5007 35.23 15.28 23.06
C GLU C 5007 35.24 16.78 22.83
N SER C 5008 36.42 17.41 22.86
CA SER C 5008 36.50 18.84 22.64
C SER C 5008 36.16 19.20 21.19
N TYR C 5009 36.60 18.38 20.24
CA TYR C 5009 36.25 18.59 18.85
C TYR C 5009 34.74 18.61 18.66
N VAL C 5010 34.05 17.57 19.15
CA VAL C 5010 32.61 17.50 18.97
C VAL C 5010 31.90 18.58 19.81
N TRP C 5011 32.46 18.95 20.96
CA TRP C 5011 31.86 19.98 21.78
C TRP C 5011 31.88 21.34 21.08
N LYS C 5012 33.03 21.72 20.54
CA LYS C 5012 33.12 22.98 19.82
C LYS C 5012 32.25 22.95 18.57
N MET C 5013 32.24 21.81 17.87
CA MET C 5013 31.47 21.72 16.63
C MET C 5013 29.98 21.74 16.91
N TYR C 5014 29.56 21.29 18.09
CA TYR C 5014 28.17 21.43 18.51
C TYR C 5014 27.86 22.86 18.95
N GLN C 5015 28.82 23.52 19.61
CA GLN C 5015 28.62 24.92 20.00
C GLN C 5015 28.43 25.80 18.78
N GLU C 5016 29.09 25.45 17.67
CA GLU C 5016 28.86 26.12 16.40
C GLU C 5016 27.63 25.57 15.68
N ARG C 5017 27.02 24.52 16.21
CA ARG C 5017 25.82 23.89 15.63
C ARG C 5017 26.05 23.46 14.18
N CYS C 5018 27.10 22.66 13.98
CA CYS C 5018 27.37 22.00 12.71
C CYS C 5018 27.18 20.51 12.92
N TRP C 5019 26.14 19.94 12.32
CA TRP C 5019 25.78 18.54 12.52
C TRP C 5019 26.37 17.65 11.42
N ASP C 5020 27.69 17.72 11.29
CA ASP C 5020 28.41 16.86 10.36
C ASP C 5020 29.20 15.78 11.06
N PHE C 5021 29.39 15.87 12.38
CA PHE C 5021 30.00 14.76 13.11
C PHE C 5021 29.05 13.58 13.24
N PHE C 5022 27.76 13.79 13.04
CA PHE C 5022 26.84 12.66 12.95
C PHE C 5022 27.14 11.92 11.66
N PRO C 5023 27.45 10.63 11.72
CA PRO C 5023 27.84 9.90 10.50
C PRO C 5023 26.71 9.80 9.50
N ALA C 5024 26.84 10.48 8.36
CA ALA C 5024 25.80 10.53 7.35
C ALA C 5024 26.18 9.60 6.20
N GLY C 5025 25.49 8.48 6.08
CA GLY C 5025 25.74 7.55 5.00
C GLY C 5025 26.96 6.68 5.15
N ASP C 5026 27.65 6.76 6.28
CA ASP C 5026 28.83 5.94 6.52
C ASP C 5026 28.79 5.40 7.94
N CYS C 5027 29.45 4.26 8.14
CA CYS C 5027 29.51 3.63 9.45
C CYS C 5027 30.86 2.95 9.59
N PHE C 5028 31.11 2.43 10.80
CA PHE C 5028 32.38 1.76 11.09
C PHE C 5028 32.57 0.54 10.19
N ARG C 5029 31.52 -0.26 10.00
CA ARG C 5029 31.62 -1.42 9.13
C ARG C 5029 31.85 -1.01 7.68
N LYS C 5030 31.05 -0.09 7.18
CA LYS C 5030 31.20 0.35 5.80
C LYS C 5030 32.57 0.99 5.56
N GLN C 5031 33.20 1.51 6.61
CA GLN C 5031 34.55 2.05 6.46
C GLN C 5031 35.58 0.92 6.45
N TYR C 5032 35.69 0.18 7.55
CA TYR C 5032 36.69 -0.88 7.67
C TYR C 5032 36.12 -2.25 7.32
N GLU C 5033 35.41 -2.40 6.20
CA GLU C 5033 35.01 -3.73 5.75
C GLU C 5033 36.19 -4.69 5.67
N ASP C 5034 37.24 -4.31 4.94
CA ASP C 5034 38.35 -5.22 4.72
C ASP C 5034 39.08 -5.55 6.02
N GLN C 5035 39.30 -4.54 6.86
CA GLN C 5035 40.08 -4.75 8.08
C GLN C 5035 39.26 -5.46 9.15
N LEU C 5036 37.93 -5.34 9.15
CA LEU C 5036 37.11 -6.12 10.06
C LEU C 5036 36.93 -7.56 9.58
N SER C 5037 36.91 -7.77 8.26
CA SER C 5037 36.77 -9.11 7.70
C SER C 5037 37.97 -9.98 8.04
N ASN D 3950 31.83 -70.44 9.93
CA ASN D 3950 33.10 -70.47 9.21
C ASN D 3950 33.40 -69.11 8.59
N PHE D 3951 32.93 -68.91 7.36
CA PHE D 3951 33.11 -67.62 6.70
C PHE D 3951 32.34 -66.51 7.42
N SER D 3952 31.20 -66.85 8.04
CA SER D 3952 30.46 -65.86 8.80
C SER D 3952 31.23 -65.36 10.01
N LYS D 3953 31.94 -66.27 10.70
CA LYS D 3953 32.74 -65.86 11.86
C LYS D 3953 33.82 -64.87 11.45
N ALA D 3954 34.51 -65.15 10.34
CA ALA D 3954 35.53 -64.23 9.86
C ALA D 3954 34.91 -62.92 9.39
N MET D 3955 33.72 -63.00 8.80
CA MET D 3955 33.04 -61.78 8.33
C MET D 3955 32.58 -60.93 9.51
N SER D 3956 32.13 -61.58 10.60
CA SER D 3956 31.71 -60.83 11.78
C SER D 3956 32.86 -60.02 12.37
N VAL D 3957 34.10 -60.49 12.19
CA VAL D 3957 35.26 -59.72 12.65
C VAL D 3957 35.36 -58.41 11.90
N ALA D 3958 35.16 -58.44 10.58
CA ALA D 3958 35.23 -57.23 9.77
C ALA D 3958 34.17 -56.21 10.16
N LYS D 3959 33.04 -56.65 10.72
CA LYS D 3959 32.03 -55.72 11.19
C LYS D 3959 32.57 -54.83 12.31
N GLN D 3960 33.31 -55.42 13.26
CA GLN D 3960 33.89 -54.65 14.33
C GLN D 3960 34.90 -53.64 13.81
N VAL D 3961 35.70 -54.03 12.81
CA VAL D 3961 36.72 -53.14 12.28
C VAL D 3961 36.07 -51.90 11.66
N PHE D 3962 34.99 -52.09 10.91
CA PHE D 3962 34.32 -50.95 10.29
C PHE D 3962 33.74 -50.00 11.35
N ASN D 3963 33.15 -50.55 12.40
CA ASN D 3963 32.65 -49.71 13.48
C ASN D 3963 33.79 -48.99 14.19
N SER D 3964 34.90 -49.69 14.43
CA SER D 3964 36.06 -49.04 15.04
C SER D 3964 36.63 -47.97 14.13
N LEU D 3965 36.68 -48.24 12.82
CA LEU D 3965 37.11 -47.22 11.86
C LEU D 3965 36.15 -46.03 11.88
N THR D 3966 34.85 -46.30 11.97
CA THR D 3966 33.87 -45.21 12.01
C THR D 3966 34.04 -44.37 13.27
N GLU D 3967 34.22 -45.01 14.43
CA GLU D 3967 34.25 -44.28 15.69
C GLU D 3967 35.39 -43.27 15.72
N TYR D 3968 36.51 -43.57 15.06
CA TYR D 3968 37.62 -42.61 15.00
C TYR D 3968 37.19 -41.34 14.28
N ILE D 3969 36.41 -41.47 13.21
CA ILE D 3969 35.99 -40.35 12.40
C ILE D 3969 34.50 -40.07 12.53
N GLN D 3970 33.82 -40.71 13.49
CA GLN D 3970 32.39 -40.48 13.65
C GLN D 3970 32.09 -39.03 14.00
N GLY D 3971 33.02 -38.36 14.68
CA GLY D 3971 32.93 -36.94 14.88
C GLY D 3971 33.75 -36.22 13.83
N PRO D 3972 33.50 -34.93 13.62
CA PRO D 3972 34.21 -34.19 12.57
C PRO D 3972 35.70 -34.05 12.86
N CYS D 3973 36.40 -35.18 12.97
CA CYS D 3973 37.84 -35.20 13.21
C CYS D 3973 38.52 -35.16 11.84
N THR D 3974 38.90 -33.95 11.41
CA THR D 3974 39.52 -33.80 10.11
C THR D 3974 40.92 -34.43 10.07
N GLY D 3975 41.60 -34.48 11.21
CA GLY D 3975 42.92 -35.09 11.23
C GLY D 3975 42.90 -36.57 10.90
N ASN D 3976 41.94 -37.31 11.46
CA ASN D 3976 41.82 -38.72 11.15
C ASN D 3976 41.21 -38.94 9.77
N GLN D 3977 40.31 -38.04 9.35
CA GLN D 3977 39.75 -38.16 8.00
C GLN D 3977 40.81 -37.97 6.93
N GLN D 3978 41.72 -37.01 7.15
CA GLN D 3978 42.77 -36.75 6.17
C GLN D 3978 43.71 -37.95 6.05
N SER D 3979 44.03 -38.58 7.18
CA SER D 3979 44.93 -39.74 7.15
C SER D 3979 44.30 -40.90 6.38
N LEU D 3980 43.02 -41.17 6.63
CA LEU D 3980 42.35 -42.28 5.94
C LEU D 3980 42.18 -42.00 4.45
N ALA D 3981 42.16 -40.74 4.03
CA ALA D 3981 41.95 -40.42 2.63
C ALA D 3981 43.09 -40.93 1.76
N HIS D 3982 44.34 -40.78 2.23
CA HIS D 3982 45.50 -41.18 1.45
C HIS D 3982 45.99 -42.58 1.78
N SER D 3983 45.32 -43.29 2.69
CA SER D 3983 45.72 -44.65 3.03
C SER D 3983 45.20 -45.62 1.97
N ARG D 3984 45.31 -46.92 2.23
CA ARG D 3984 44.86 -47.95 1.32
C ARG D 3984 43.40 -48.32 1.53
N LEU D 3985 42.62 -47.44 2.16
CA LEU D 3985 41.22 -47.75 2.45
C LEU D 3985 40.41 -47.90 1.17
N TRP D 3986 40.71 -47.08 0.15
CA TRP D 3986 39.98 -47.17 -1.11
C TRP D 3986 40.14 -48.53 -1.76
N ASP D 3987 41.35 -49.09 -1.73
CA ASP D 3987 41.59 -50.39 -2.34
C ASP D 3987 40.82 -51.49 -1.60
N ALA D 3988 40.75 -51.39 -0.27
CA ALA D 3988 40.06 -52.42 0.52
C ALA D 3988 38.57 -52.46 0.17
N VAL D 3989 37.92 -51.29 0.08
CA VAL D 3989 36.49 -51.26 -0.18
C VAL D 3989 36.18 -51.78 -1.58
N VAL D 3990 37.06 -51.51 -2.54
CA VAL D 3990 36.85 -52.01 -3.90
C VAL D 3990 36.78 -53.53 -3.92
N GLY D 3991 37.70 -54.19 -3.21
CA GLY D 3991 37.63 -55.63 -3.10
C GLY D 3991 36.40 -56.10 -2.34
N PHE D 3992 36.05 -55.41 -1.26
CA PHE D 3992 34.90 -55.80 -0.45
C PHE D 3992 33.61 -55.70 -1.26
N LEU D 3993 33.46 -54.64 -2.06
CA LEU D 3993 32.24 -54.44 -2.84
C LEU D 3993 32.04 -55.58 -3.83
N HIS D 3994 33.11 -56.02 -4.48
CA HIS D 3994 33.00 -57.15 -5.41
C HIS D 3994 32.56 -58.42 -4.70
N VAL D 3995 33.09 -58.66 -3.50
CA VAL D 3995 32.70 -59.86 -2.74
C VAL D 3995 31.23 -59.82 -2.38
N PHE D 3996 30.74 -58.65 -1.94
CA PHE D 3996 29.36 -58.54 -1.48
C PHE D 3996 28.38 -58.72 -2.63
N ALA D 3997 28.73 -58.21 -3.82
CA ALA D 3997 27.83 -58.34 -4.97
C ALA D 3997 27.59 -59.80 -5.34
N HIS D 3998 28.66 -60.60 -5.37
CA HIS D 3998 28.51 -62.02 -5.70
C HIS D 3998 27.95 -62.81 -4.52
N MET D 3999 28.21 -62.37 -3.29
CA MET D 3999 27.68 -63.06 -2.13
C MET D 3999 26.15 -62.97 -2.08
N MET D 4000 25.60 -61.81 -2.43
CA MET D 4000 24.15 -61.66 -2.46
C MET D 4000 23.51 -62.60 -3.49
N MET D 4001 24.06 -62.65 -4.70
CA MET D 4001 23.46 -63.43 -5.76
C MET D 4001 23.50 -64.92 -5.47
N LYS D 4002 24.62 -65.41 -4.92
CA LYS D 4002 24.73 -66.83 -4.62
C LYS D 4002 23.73 -67.24 -3.55
N LEU D 4003 23.60 -66.44 -2.49
CA LEU D 4003 22.63 -66.74 -1.44
C LEU D 4003 21.20 -66.46 -1.89
N ALA D 4004 21.00 -65.61 -2.89
CA ALA D 4004 19.66 -65.34 -3.40
C ALA D 4004 19.05 -66.59 -4.01
N GLN D 4005 19.82 -67.32 -4.82
CA GLN D 4005 19.31 -68.55 -5.42
C GLN D 4005 19.07 -69.63 -4.37
N ASP D 4006 19.95 -69.73 -3.38
CA ASP D 4006 19.79 -70.72 -2.33
C ASP D 4006 18.61 -70.34 -1.44
N SER D 4007 17.71 -71.31 -1.23
CA SER D 4007 16.51 -71.04 -0.44
C SER D 4007 16.82 -70.98 1.06
N SER D 4008 17.66 -71.88 1.55
CA SER D 4008 17.92 -72.01 2.98
C SER D 4008 19.15 -71.23 3.45
N GLN D 4009 19.80 -70.48 2.56
CA GLN D 4009 20.96 -69.68 2.94
C GLN D 4009 20.47 -68.31 3.39
N ILE D 4010 20.00 -68.26 4.64
CA ILE D 4010 19.45 -67.04 5.22
C ILE D 4010 20.31 -66.53 6.37
N GLU D 4011 20.86 -67.42 7.18
CA GLU D 4011 21.64 -67.00 8.34
C GLU D 4011 22.89 -66.24 7.93
N LEU D 4012 23.56 -66.69 6.86
CA LEU D 4012 24.70 -65.96 6.35
C LEU D 4012 24.25 -64.66 5.69
N LEU D 4013 23.12 -64.68 4.98
CA LEU D 4013 22.62 -63.48 4.32
C LEU D 4013 22.29 -62.39 5.33
N LYS D 4014 21.65 -62.76 6.45
CA LYS D 4014 21.35 -61.77 7.48
C LYS D 4014 22.61 -61.17 8.05
N GLU D 4015 23.64 -62.00 8.28
CA GLU D 4015 24.93 -61.48 8.70
C GLU D 4015 25.60 -60.70 7.57
N LEU D 4016 25.40 -61.13 6.34
CA LEU D 4016 25.99 -60.43 5.20
C LEU D 4016 25.45 -59.02 5.06
N LEU D 4017 24.12 -58.86 5.16
CA LEU D 4017 23.51 -57.56 4.91
C LEU D 4017 23.97 -56.51 5.90
N ASP D 4018 24.29 -56.92 7.13
CA ASP D 4018 24.68 -55.96 8.16
C ASP D 4018 26.06 -55.37 7.89
N LEU D 4019 26.91 -56.10 7.16
CA LEU D 4019 28.30 -55.68 7.01
C LEU D 4019 28.42 -54.44 6.14
N GLN D 4020 27.76 -54.42 4.97
CA GLN D 4020 27.83 -53.24 4.11
C GLN D 4020 27.10 -52.06 4.73
N LYS D 4021 26.04 -52.33 5.51
CA LYS D 4021 25.34 -51.24 6.19
C LYS D 4021 26.25 -50.53 7.17
N ASP D 4022 27.08 -51.30 7.90
CA ASP D 4022 28.08 -50.69 8.76
C ASP D 4022 29.23 -50.10 7.97
N MET D 4023 29.47 -50.59 6.75
CA MET D 4023 30.53 -50.03 5.91
C MET D 4023 30.17 -48.62 5.45
N VAL D 4024 28.96 -48.43 4.92
CA VAL D 4024 28.58 -47.14 4.35
C VAL D 4024 28.52 -46.06 5.41
N VAL D 4025 28.29 -46.42 6.69
CA VAL D 4025 28.36 -45.43 7.76
C VAL D 4025 29.77 -44.83 7.82
N MET D 4026 30.79 -45.68 7.69
CA MET D 4026 32.15 -45.17 7.59
C MET D 4026 32.33 -44.32 6.34
N LEU D 4027 31.72 -44.74 5.22
CA LEU D 4027 31.74 -43.92 4.01
C LEU D 4027 31.01 -42.60 4.24
N LEU D 4028 29.87 -42.64 4.91
CA LEU D 4028 29.18 -41.40 5.27
C LEU D 4028 29.99 -40.59 6.27
N SER D 4029 30.65 -41.25 7.21
CA SER D 4029 31.50 -40.54 8.16
C SER D 4029 32.68 -39.88 7.46
N LEU D 4030 33.23 -40.54 6.44
CA LEU D 4030 34.29 -39.92 5.66
C LEU D 4030 33.78 -38.68 4.92
N LEU D 4031 32.54 -38.72 4.43
CA LEU D 4031 31.94 -37.56 3.78
C LEU D 4031 31.38 -36.55 4.78
N GLU D 4032 31.40 -36.87 6.07
CA GLU D 4032 30.85 -35.96 7.07
C GLU D 4032 31.75 -34.73 7.21
N GLY D 4033 31.15 -33.55 7.15
CA GLY D 4033 31.90 -32.32 7.21
C GLY D 4033 32.63 -31.95 5.94
N ASN D 4034 32.32 -32.62 4.82
CA ASN D 4034 33.02 -32.40 3.57
C ASN D 4034 32.60 -31.08 2.93
N VAL D 4035 33.29 -30.74 1.85
CA VAL D 4035 32.97 -29.56 1.05
C VAL D 4035 32.85 -30.01 -0.41
N VAL D 4036 32.19 -29.17 -1.22
CA VAL D 4036 32.07 -29.46 -2.63
C VAL D 4036 33.43 -29.32 -3.29
N ASN D 4037 33.67 -30.14 -4.31
CA ASN D 4037 35.00 -30.28 -4.92
C ASN D 4037 36.04 -30.70 -3.89
N GLY D 4038 35.59 -31.35 -2.82
CA GLY D 4038 36.51 -31.75 -1.77
C GLY D 4038 37.43 -32.88 -2.21
N MET D 4039 38.63 -32.90 -1.62
CA MET D 4039 39.60 -33.93 -1.96
C MET D 4039 39.08 -35.31 -1.57
N ILE D 4040 38.51 -35.43 -0.36
CA ILE D 4040 37.99 -36.71 0.09
C ILE D 4040 36.80 -37.14 -0.77
N ALA D 4041 35.95 -36.18 -1.15
CA ALA D 4041 34.80 -36.50 -1.99
C ALA D 4041 35.23 -37.03 -3.34
N ARG D 4042 36.25 -36.41 -3.95
CA ARG D 4042 36.72 -36.86 -5.25
C ARG D 4042 37.41 -38.22 -5.19
N GLN D 4043 37.97 -38.60 -4.03
CA GLN D 4043 38.54 -39.92 -3.89
C GLN D 4043 37.48 -41.00 -4.05
N MET D 4044 36.29 -40.78 -3.48
CA MET D 4044 35.20 -41.73 -3.68
C MET D 4044 34.74 -41.77 -5.12
N VAL D 4045 34.82 -40.63 -5.83
CA VAL D 4045 34.46 -40.61 -7.24
C VAL D 4045 35.34 -41.56 -8.03
N ASP D 4046 36.64 -41.53 -7.77
CA ASP D 4046 37.55 -42.47 -8.44
C ASP D 4046 37.24 -43.90 -8.04
N MET D 4047 36.98 -44.15 -6.76
CA MET D 4047 36.71 -45.51 -6.31
C MET D 4047 35.35 -46.00 -6.79
N LEU D 4048 34.39 -45.09 -6.98
CA LEU D 4048 33.08 -45.51 -7.49
C LEU D 4048 33.15 -45.91 -8.96
N VAL D 4049 34.06 -45.29 -9.73
CA VAL D 4049 34.23 -45.67 -11.12
C VAL D 4049 34.72 -47.11 -11.23
N GLU D 4050 35.71 -47.48 -10.41
CA GLU D 4050 36.26 -48.83 -10.46
C GLU D 4050 35.20 -49.87 -10.07
N SER D 4051 34.43 -49.58 -9.02
CA SER D 4051 33.44 -50.52 -8.50
C SER D 4051 32.03 -50.21 -9.00
N SER D 4052 31.91 -49.47 -10.12
CA SER D 4052 30.60 -49.15 -10.65
C SER D 4052 29.82 -50.41 -11.03
N SER D 4053 30.53 -51.40 -11.59
CA SER D 4053 29.87 -52.67 -11.91
C SER D 4053 29.41 -53.38 -10.65
N ASN D 4054 30.21 -53.31 -9.58
CA ASN D 4054 29.86 -54.03 -8.35
C ASN D 4054 28.58 -53.50 -7.74
N VAL D 4055 28.41 -52.17 -7.73
CA VAL D 4055 27.22 -51.58 -7.12
C VAL D 4055 25.97 -51.94 -7.92
N GLU D 4056 26.13 -52.32 -9.19
CA GLU D 4056 24.98 -52.77 -9.97
C GLU D 4056 24.42 -54.07 -9.39
N MET D 4057 23.10 -54.21 -9.46
CA MET D 4057 22.35 -55.37 -9.00
C MET D 4057 22.29 -55.41 -7.49
N ILE D 4058 23.01 -54.50 -6.82
CA ILE D 4058 22.92 -54.41 -5.37
C ILE D 4058 21.55 -53.85 -4.97
N LEU D 4059 21.04 -52.86 -5.72
CA LEU D 4059 19.75 -52.28 -5.40
C LEU D 4059 18.62 -53.29 -5.54
N LYS D 4060 18.72 -54.19 -6.50
CA LYS D 4060 17.73 -55.25 -6.67
C LYS D 4060 17.80 -56.25 -5.51
N PRO D 4176 12.42 -38.61 -1.98
CA PRO D 4176 11.15 -39.10 -1.41
C PRO D 4176 11.25 -39.35 0.08
N TYR D 4177 12.09 -40.30 0.48
CA TYR D 4177 12.33 -40.63 1.88
C TYR D 4177 13.47 -39.83 2.48
N LEU D 4178 14.19 -39.06 1.66
CA LEU D 4178 15.47 -38.48 2.04
C LEU D 4178 15.27 -37.03 2.46
N GLY D 4179 15.61 -36.73 3.71
CA GLY D 4179 15.58 -35.37 4.21
C GLY D 4179 16.87 -34.65 3.92
N ARG D 4180 16.83 -33.33 3.97
CA ARG D 4180 17.98 -32.51 3.63
C ARG D 4180 17.85 -31.17 4.34
N ILE D 4181 18.78 -30.91 5.27
CA ILE D 4181 18.83 -29.64 5.98
C ILE D 4181 20.25 -29.09 5.89
N GLU D 4182 20.36 -27.78 6.14
CA GLU D 4182 21.65 -27.10 6.13
C GLU D 4182 21.85 -26.41 7.47
N ILE D 4183 23.01 -26.62 8.08
CA ILE D 4183 23.36 -25.98 9.35
C ILE D 4183 24.74 -25.35 9.22
N MET D 4184 25.02 -24.42 10.14
CA MET D 4184 26.37 -23.90 10.34
C MET D 4184 27.05 -24.80 11.37
N GLY D 4185 28.11 -25.50 10.94
CA GLY D 4185 28.74 -26.49 11.76
C GLY D 4185 29.81 -25.90 12.68
N ALA D 4186 30.57 -26.80 13.30
CA ALA D 4186 31.64 -26.37 14.19
C ALA D 4186 32.71 -25.58 13.45
N SER D 4187 32.87 -25.84 12.15
CA SER D 4187 33.84 -25.13 11.32
C SER D 4187 33.35 -23.75 10.89
N ARG D 4188 32.22 -23.29 11.41
CA ARG D 4188 31.63 -22.00 11.05
C ARG D 4188 31.33 -21.91 9.56
N ARG D 4189 30.95 -23.02 8.95
CA ARG D 4189 30.60 -23.07 7.54
C ARG D 4189 29.28 -23.80 7.37
N ILE D 4190 28.49 -23.36 6.39
CA ILE D 4190 27.24 -24.02 6.07
C ILE D 4190 27.52 -25.41 5.54
N GLU D 4191 26.87 -26.42 6.12
CA GLU D 4191 27.00 -27.80 5.70
C GLU D 4191 25.63 -28.33 5.28
N ARG D 4192 25.62 -29.57 4.80
CA ARG D 4192 24.38 -30.23 4.40
C ARG D 4192 24.28 -31.56 5.13
N ILE D 4193 23.09 -31.85 5.65
CA ILE D 4193 22.83 -33.05 6.45
C ILE D 4193 21.71 -33.84 5.79
N TYR D 4194 21.95 -35.13 5.57
CA TYR D 4194 20.97 -36.02 4.96
C TYR D 4194 20.53 -37.05 5.98
N PHE D 4195 19.22 -37.30 6.03
CA PHE D 4195 18.66 -38.24 6.99
C PHE D 4195 17.37 -38.82 6.44
N GLU D 4196 16.93 -39.91 7.06
CA GLU D 4196 15.76 -40.66 6.60
C GLU D 4196 14.53 -40.22 7.38
N ILE D 4197 13.46 -39.91 6.65
CA ILE D 4197 12.22 -39.41 7.23
C ILE D 4197 11.18 -40.54 7.22
N SER D 4198 10.52 -40.74 8.36
CA SER D 4198 9.53 -41.81 8.49
C SER D 4198 8.26 -41.46 7.73
N GLU D 4199 7.66 -42.48 7.10
CA GLU D 4199 6.41 -42.26 6.38
C GLU D 4199 5.27 -41.91 7.32
N THR D 4200 5.23 -42.51 8.50
CA THR D 4200 4.21 -42.12 9.47
C THR D 4200 4.35 -40.65 9.84
N ASN D 4201 5.57 -40.19 10.07
CA ASN D 4201 5.80 -38.79 10.40
C ASN D 4201 5.42 -37.87 9.25
N ARG D 4202 5.77 -38.27 8.02
CA ARG D 4202 5.39 -37.46 6.86
C ARG D 4202 3.88 -37.36 6.71
N ALA D 4203 3.17 -38.47 6.86
CA ALA D 4203 1.70 -38.45 6.78
C ALA D 4203 1.09 -37.58 7.87
N GLN D 4204 1.60 -37.71 9.09
CA GLN D 4204 1.09 -36.91 10.20
C GLN D 4204 1.36 -35.42 9.97
N TRP D 4205 2.50 -35.09 9.38
CA TRP D 4205 2.79 -33.70 9.04
C TRP D 4205 1.86 -33.19 7.96
N GLU D 4206 1.59 -33.99 6.94
CA GLU D 4206 0.68 -33.56 5.87
C GLU D 4206 -0.78 -33.61 6.29
N MET D 4207 -1.08 -34.14 7.47
CA MET D 4207 -2.44 -34.15 7.97
C MET D 4207 -3.00 -32.73 8.02
N PRO D 4208 -4.27 -32.53 7.65
CA PRO D 4208 -4.80 -31.16 7.51
C PRO D 4208 -4.76 -30.33 8.79
N GLN D 4209 -4.98 -30.93 9.95
CA GLN D 4209 -4.94 -30.13 11.18
C GLN D 4209 -3.52 -29.66 11.48
N VAL D 4210 -2.52 -30.50 11.19
CA VAL D 4210 -1.13 -30.08 11.35
C VAL D 4210 -0.79 -28.98 10.36
N LYS D 4211 -1.31 -29.08 9.13
CA LYS D 4211 -1.09 -28.02 8.16
C LYS D 4211 -1.73 -26.72 8.62
N GLU D 4212 -2.92 -26.80 9.21
CA GLU D 4212 -3.58 -25.61 9.74
C GLU D 4212 -2.76 -24.99 10.87
N SER D 4213 -2.23 -25.82 11.77
CA SER D 4213 -1.39 -25.31 12.85
C SER D 4213 -0.14 -24.63 12.29
N LYS D 4214 0.47 -25.23 11.26
CA LYS D 4214 1.64 -24.62 10.64
C LYS D 4214 1.31 -23.27 10.02
N ARG D 4215 0.18 -23.18 9.32
CA ARG D 4215 -0.21 -21.92 8.70
C ARG D 4215 -0.45 -20.85 9.76
N GLN D 4216 -1.13 -21.22 10.85
CA GLN D 4216 -1.37 -20.26 11.93
C GLN D 4216 -0.07 -19.81 12.55
N PHE D 4217 0.88 -20.74 12.76
CA PHE D 4217 2.18 -20.38 13.30
C PHE D 4217 2.90 -19.40 12.39
N ILE D 4218 2.90 -19.66 11.08
CA ILE D 4218 3.58 -18.79 10.13
C ILE D 4218 2.97 -17.39 10.17
N PHE D 4219 1.64 -17.33 10.13
CA PHE D 4219 0.96 -16.04 10.17
C PHE D 4219 1.28 -15.28 11.44
N ASP D 4220 1.26 -15.97 12.58
CA ASP D 4220 1.51 -15.31 13.86
C ASP D 4220 2.94 -14.78 13.94
N VAL D 4221 3.93 -15.57 13.52
CA VAL D 4221 5.30 -15.11 13.64
C VAL D 4221 5.58 -13.98 12.66
N VAL D 4222 5.03 -14.05 11.45
CA VAL D 4222 5.27 -12.97 10.49
C VAL D 4222 4.62 -11.68 10.96
N ASN D 4223 3.45 -11.78 11.60
CA ASN D 4223 2.83 -10.57 12.16
C ASN D 4223 3.65 -10.02 13.33
N GLU D 4224 3.82 -10.82 14.38
CA GLU D 4224 4.59 -10.39 15.56
C GLU D 4224 5.74 -11.37 15.80
N GLY D 4225 6.86 -11.12 15.12
CA GLY D 4225 8.07 -11.86 15.40
C GLY D 4225 9.30 -11.08 14.96
N GLY D 4226 10.40 -11.34 15.67
CA GLY D 4226 11.67 -10.75 15.32
C GLY D 4226 12.72 -11.82 15.11
N GLU D 4227 13.82 -11.48 14.42
CA GLU D 4227 14.85 -12.47 14.12
C GLU D 4227 15.46 -13.06 15.38
N ALA D 4228 15.49 -12.30 16.47
CA ALA D 4228 16.03 -12.81 17.73
C ALA D 4228 15.18 -13.95 18.29
N GLU D 4229 13.86 -13.81 18.22
CA GLU D 4229 12.94 -14.80 18.77
C GLU D 4229 12.32 -15.69 17.71
N LYS D 4230 12.61 -15.45 16.42
CA LYS D 4230 11.98 -16.22 15.36
C LYS D 4230 12.34 -17.70 15.46
N MET D 4231 13.63 -18.00 15.67
CA MET D 4231 14.05 -19.39 15.75
C MET D 4231 13.57 -20.05 17.03
N GLU D 4232 13.52 -19.30 18.13
CA GLU D 4232 12.97 -19.86 19.37
C GLU D 4232 11.50 -20.22 19.21
N LEU D 4233 10.73 -19.33 18.60
CA LEU D 4233 9.31 -19.64 18.35
C LEU D 4233 9.18 -20.82 17.40
N PHE D 4234 10.05 -20.90 16.38
CA PHE D 4234 9.99 -22.02 15.45
C PHE D 4234 10.26 -23.33 16.16
N VAL D 4235 11.28 -23.38 17.03
CA VAL D 4235 11.60 -24.61 17.72
C VAL D 4235 10.50 -24.99 18.69
N SER D 4236 9.90 -24.01 19.37
CA SER D 4236 8.78 -24.31 20.25
C SER D 4236 7.61 -24.89 19.46
N PHE D 4237 7.31 -24.30 18.30
CA PHE D 4237 6.25 -24.82 17.46
C PHE D 4237 6.55 -26.23 16.98
N CYS D 4238 7.81 -26.50 16.64
CA CYS D 4238 8.21 -27.84 16.25
C CYS D 4238 8.00 -28.84 17.40
N GLU D 4239 8.35 -28.45 18.62
CA GLU D 4239 8.15 -29.33 19.76
C GLU D 4239 6.67 -29.62 19.98
N ASP D 4240 5.84 -28.58 19.91
CA ASP D 4240 4.40 -28.78 20.07
C ASP D 4240 3.84 -29.68 18.98
N THR D 4241 4.31 -29.48 17.74
CA THR D 4241 3.86 -30.32 16.64
C THR D 4241 4.26 -31.77 16.85
N ILE D 4242 5.48 -32.01 17.32
CA ILE D 4242 5.94 -33.37 17.56
C ILE D 4242 5.09 -34.04 18.64
N PHE D 4243 4.78 -33.30 19.70
CA PHE D 4243 3.92 -33.88 20.73
C PHE D 4243 2.53 -34.18 20.18
N GLU D 4244 2.01 -33.30 19.33
CA GLU D 4244 0.71 -33.57 18.71
C GLU D 4244 0.75 -34.81 17.84
N MET D 4245 1.85 -35.01 17.11
CA MET D 4245 2.01 -36.26 16.34
C MET D 4245 2.05 -37.47 17.26
N GLN D 4246 2.72 -37.36 18.40
CA GLN D 4246 2.71 -38.46 19.36
C GLN D 4246 1.30 -38.77 19.83
N ILE D 4247 0.51 -37.73 20.11
CA ILE D 4247 -0.87 -37.94 20.56
C ILE D 4247 -1.69 -38.59 19.46
N ALA D 4248 -1.53 -38.13 18.21
CA ALA D 4248 -2.27 -38.70 17.11
C ALA D 4248 -1.93 -40.17 16.90
N ALA D 4249 -0.64 -40.51 16.97
CA ALA D 4249 -0.23 -41.90 16.86
C ALA D 4249 -0.78 -42.74 18.02
N GLN D 4250 -0.81 -42.15 19.22
CA GLN D 4250 -1.34 -42.87 20.38
C GLN D 4250 -2.83 -43.19 20.21
N ILE D 4251 -3.61 -42.20 19.74
CA ILE D 4251 -5.05 -42.40 19.61
C ILE D 4251 -5.44 -43.02 18.28
N SER D 4252 -4.49 -43.26 17.39
CA SER D 4252 -4.80 -43.91 16.12
C SER D 4252 -5.35 -45.31 16.35
N GLU D 4253 -6.41 -45.63 15.62
CA GLU D 4253 -7.05 -46.94 15.78
C GLU D 4253 -6.18 -48.02 15.15
N PRO D 4254 -5.89 -49.12 15.86
CA PRO D 4254 -5.09 -50.23 15.33
C PRO D 4254 -5.87 -51.07 14.30
N PHE D 4540 -11.76 -58.59 36.44
CA PHE D 4540 -12.49 -57.96 35.35
C PHE D 4540 -11.84 -56.63 34.97
N TRP D 4541 -10.64 -56.39 35.53
CA TRP D 4541 -9.99 -55.09 35.32
C TRP D 4541 -9.41 -54.97 33.91
N GLY D 4542 -8.91 -56.07 33.35
CA GLY D 4542 -8.29 -56.00 32.03
C GLY D 4542 -9.28 -55.63 30.94
N GLU D 4543 -10.43 -56.29 30.92
CA GLU D 4543 -11.44 -55.97 29.90
C GLU D 4543 -11.97 -54.56 30.09
N LEU D 4544 -12.19 -54.15 31.34
CA LEU D 4544 -12.62 -52.79 31.60
C LEU D 4544 -11.61 -51.76 31.08
N GLU D 4545 -10.32 -52.01 31.34
CA GLU D 4545 -9.30 -51.07 30.91
C GLU D 4545 -9.19 -51.01 29.39
N VAL D 4546 -9.25 -52.16 28.72
CA VAL D 4546 -9.12 -52.14 27.26
C VAL D 4546 -10.34 -51.49 26.62
N GLN D 4547 -11.54 -51.76 27.14
CA GLN D 4547 -12.73 -51.10 26.62
C GLN D 4547 -12.67 -49.59 26.87
N ARG D 4548 -12.20 -49.19 28.05
CA ARG D 4548 -12.10 -47.78 28.37
C ARG D 4548 -11.12 -47.06 27.45
N VAL D 4549 -9.96 -47.67 27.20
CA VAL D 4549 -8.98 -47.01 26.34
C VAL D 4549 -9.48 -46.96 24.90
N LYS D 4550 -10.19 -48.01 24.45
CA LYS D 4550 -10.78 -47.98 23.11
C LYS D 4550 -11.81 -46.86 22.99
N PHE D 4551 -12.68 -46.73 23.99
CA PHE D 4551 -13.70 -45.69 23.97
C PHE D 4551 -13.09 -44.29 24.00
N LEU D 4552 -12.07 -44.10 24.85
CA LEU D 4552 -11.44 -42.79 24.95
C LEU D 4552 -10.72 -42.43 23.66
N ASN D 4553 -10.05 -43.40 23.04
CA ASN D 4553 -9.41 -43.14 21.75
C ASN D 4553 -10.44 -42.81 20.68
N TYR D 4554 -11.59 -43.50 20.72
CA TYR D 4554 -12.66 -43.19 19.78
C TYR D 4554 -13.14 -41.75 19.94
N LEU D 4555 -13.36 -41.32 21.18
CA LEU D 4555 -13.79 -39.95 21.43
C LEU D 4555 -12.72 -38.95 20.99
N SER D 4556 -11.45 -39.24 21.25
CA SER D 4556 -10.39 -38.34 20.83
C SER D 4556 -10.32 -38.23 19.32
N ARG D 4557 -10.53 -39.34 18.61
CA ARG D 4557 -10.53 -39.31 17.16
C ARG D 4557 -11.71 -38.53 16.61
N ASN D 4558 -12.89 -38.68 17.23
CA ASN D 4558 -14.12 -38.11 16.71
C ASN D 4558 -14.56 -36.85 17.45
N PHE D 4559 -13.64 -36.18 18.15
CA PHE D 4559 -13.96 -34.92 18.81
C PHE D 4559 -14.62 -33.91 17.87
N TYR D 4560 -14.03 -33.69 16.70
CA TYR D 4560 -14.55 -32.66 15.81
C TYR D 4560 -15.88 -33.07 15.19
N THR D 4561 -16.05 -34.35 14.89
CA THR D 4561 -17.35 -34.82 14.42
C THR D 4561 -18.41 -34.66 15.49
N LEU D 4562 -18.04 -34.89 16.75
CA LEU D 4562 -18.98 -34.70 17.85
C LEU D 4562 -19.33 -33.22 18.02
N ARG D 4563 -18.36 -32.32 17.80
CA ARG D 4563 -18.65 -30.89 17.84
C ARG D 4563 -19.63 -30.49 16.75
N PHE D 4564 -19.42 -30.99 15.54
CA PHE D 4564 -20.35 -30.70 14.45
C PHE D 4564 -21.72 -31.30 14.73
N LEU D 4565 -21.74 -32.48 15.34
CA LEU D 4565 -23.01 -33.10 15.72
C LEU D 4565 -23.74 -32.27 16.76
N ALA D 4566 -23.00 -31.70 17.72
CA ALA D 4566 -23.62 -30.81 18.70
C ALA D 4566 -24.19 -29.59 18.03
N LEU D 4567 -23.47 -29.01 17.06
CA LEU D 4567 -24.00 -27.86 16.34
C LEU D 4567 -25.29 -28.22 15.59
N PHE D 4568 -25.29 -29.37 14.89
CA PHE D 4568 -26.48 -29.79 14.17
C PHE D 4568 -27.65 -30.05 15.11
N LEU D 4569 -27.37 -30.64 16.27
CA LEU D 4569 -28.44 -30.89 17.24
C LEU D 4569 -28.99 -29.59 17.81
N ALA D 4570 -28.13 -28.60 18.01
CA ALA D 4570 -28.60 -27.29 18.47
C ALA D 4570 -29.51 -26.66 17.43
N PHE D 4571 -29.12 -26.73 16.15
CA PHE D 4571 -29.98 -26.21 15.09
C PHE D 4571 -31.32 -26.95 15.05
N ALA D 4572 -31.29 -28.28 15.18
CA ALA D 4572 -32.53 -29.05 15.16
C ALA D 4572 -33.44 -28.69 16.33
N ILE D 4573 -32.85 -28.56 17.53
CA ILE D 4573 -33.64 -28.23 18.71
C ILE D 4573 -34.26 -26.85 18.56
N ASN D 4574 -33.48 -25.88 18.07
CA ASN D 4574 -34.02 -24.53 17.93
C ASN D 4574 -35.07 -24.44 16.82
N PHE D 4575 -34.90 -25.21 15.76
CA PHE D 4575 -35.93 -25.27 14.72
C PHE D 4575 -37.22 -25.84 15.28
N ILE D 4576 -37.12 -26.85 16.15
CA ILE D 4576 -38.33 -27.33 16.82
C ILE D 4576 -38.89 -26.27 17.74
N LEU D 4577 -38.02 -25.53 18.43
CA LEU D 4577 -38.46 -24.46 19.32
C LEU D 4577 -39.18 -23.35 18.57
N LEU D 4578 -38.95 -23.22 17.26
CA LEU D 4578 -39.71 -22.26 16.48
C LEU D 4578 -41.21 -22.57 16.44
N PHE D 4579 -41.65 -23.65 17.07
CA PHE D 4579 -43.05 -24.06 17.04
C PHE D 4579 -43.75 -23.91 18.38
N TYR D 4580 -43.07 -23.38 19.40
CA TYR D 4580 -43.73 -23.14 20.67
C TYR D 4580 -44.82 -22.09 20.57
N LYS D 4581 -45.81 -22.23 21.44
CA LYS D 4581 -46.95 -21.33 21.51
C LYS D 4581 -47.32 -21.17 22.98
N VAL D 4582 -47.77 -19.98 23.35
CA VAL D 4582 -48.17 -19.68 24.71
C VAL D 4582 -49.69 -19.51 24.73
N SER D 4583 -50.33 -20.04 25.77
CA SER D 4583 -51.76 -19.93 25.93
C SER D 4583 -52.12 -19.86 27.41
N ASP D 4584 -53.17 -19.10 27.71
CA ASP D 4584 -53.71 -19.09 29.06
C ASP D 4584 -54.31 -20.45 29.41
N SER D 4585 -55.03 -21.06 28.48
CA SER D 4585 -55.63 -22.36 28.68
C SER D 4585 -54.58 -23.47 28.55
N PRO D 4586 -54.75 -24.58 29.26
CA PRO D 4586 -53.84 -25.70 29.09
C PRO D 4586 -53.95 -26.26 27.69
N PRO D 4587 -52.86 -26.86 27.17
CA PRO D 4587 -52.77 -27.45 25.83
C PRO D 4587 -53.99 -28.28 25.44
N MET D 4627 -51.45 -17.75 35.08
CA MET D 4627 -50.68 -18.92 34.68
C MET D 4627 -50.70 -19.09 33.16
N VAL D 4628 -49.53 -19.26 32.56
CA VAL D 4628 -49.39 -19.43 31.13
C VAL D 4628 -48.57 -20.69 30.87
N TYR D 4629 -49.05 -21.51 29.92
CA TYR D 4629 -48.40 -22.75 29.55
C TYR D 4629 -47.76 -22.61 28.18
N TYR D 4630 -46.60 -23.24 28.02
CA TYR D 4630 -45.88 -23.26 26.75
C TYR D 4630 -45.94 -24.67 26.18
N PHE D 4631 -46.28 -24.78 24.90
CA PHE D 4631 -46.43 -26.09 24.28
C PHE D 4631 -46.10 -25.98 22.79
N LEU D 4632 -45.95 -27.13 22.15
CA LEU D 4632 -45.69 -27.22 20.73
C LEU D 4632 -47.01 -27.41 19.99
N GLU D 4633 -47.26 -26.56 19.00
CA GLU D 4633 -48.44 -26.68 18.16
C GLU D 4633 -47.99 -26.93 16.72
N GLU D 4634 -48.01 -28.19 16.32
CA GLU D 4634 -47.69 -28.56 14.95
C GLU D 4634 -48.51 -29.79 14.57
N SER D 4635 -48.69 -29.97 13.26
CA SER D 4635 -49.65 -30.96 12.77
C SER D 4635 -49.17 -32.38 12.97
N THR D 4636 -47.90 -32.66 12.67
CA THR D 4636 -47.44 -34.04 12.60
C THR D 4636 -47.55 -34.75 13.94
N GLY D 4637 -47.14 -34.10 15.02
CA GLY D 4637 -47.13 -34.73 16.33
C GLY D 4637 -45.85 -35.45 16.68
N TYR D 4638 -44.86 -35.45 15.79
CA TYR D 4638 -43.58 -36.09 16.05
C TYR D 4638 -42.55 -35.15 16.66
N MET D 4639 -42.76 -33.83 16.53
CA MET D 4639 -41.82 -32.87 17.09
C MET D 4639 -41.79 -32.92 18.61
N GLU D 4640 -42.92 -33.18 19.25
CA GLU D 4640 -42.95 -33.23 20.71
C GLU D 4640 -42.02 -34.29 21.29
N PRO D 4641 -42.00 -35.55 20.79
CA PRO D 4641 -41.02 -36.51 21.31
C PRO D 4641 -39.64 -36.33 20.69
N ALA D 4642 -39.59 -35.84 19.44
CA ALA D 4642 -38.31 -35.58 18.81
C ALA D 4642 -37.50 -34.57 19.61
N LEU D 4643 -38.16 -33.56 20.17
CA LEU D 4643 -37.46 -32.55 20.94
C LEU D 4643 -36.82 -33.12 22.20
N TRP D 4644 -37.56 -33.97 22.92
CA TRP D 4644 -37.00 -34.61 24.11
C TRP D 4644 -35.83 -35.52 23.74
N CYS D 4645 -35.99 -36.32 22.69
CA CYS D 4645 -34.91 -37.20 22.27
C CYS D 4645 -33.67 -36.41 21.87
N LEU D 4646 -33.85 -35.31 21.12
CA LEU D 4646 -32.71 -34.54 20.67
C LEU D 4646 -32.07 -33.76 21.81
N SER D 4647 -32.86 -33.33 22.80
CA SER D 4647 -32.26 -32.66 23.95
C SER D 4647 -31.39 -33.62 24.76
N LEU D 4648 -31.87 -34.85 24.98
CA LEU D 4648 -31.04 -35.84 25.66
C LEU D 4648 -29.79 -36.16 24.86
N LEU D 4649 -29.95 -36.35 23.54
CA LEU D 4649 -28.81 -36.66 22.69
C LEU D 4649 -27.80 -35.52 22.69
N HIS D 4650 -28.28 -34.28 22.74
CA HIS D 4650 -27.38 -33.14 22.73
C HIS D 4650 -26.62 -33.02 24.04
N THR D 4651 -27.29 -33.28 25.17
CA THR D 4651 -26.58 -33.29 26.44
C THR D 4651 -25.51 -34.37 26.45
N LEU D 4652 -25.85 -35.56 25.96
CA LEU D 4652 -24.87 -36.64 25.87
C LEU D 4652 -23.69 -36.25 24.98
N VAL D 4653 -23.97 -35.62 23.84
CA VAL D 4653 -22.92 -35.24 22.91
C VAL D 4653 -22.02 -34.16 23.52
N ALA D 4654 -22.60 -33.24 24.30
CA ALA D 4654 -21.77 -32.24 24.97
C ALA D 4654 -20.87 -32.87 26.03
N PHE D 4655 -21.40 -33.83 26.79
CA PHE D 4655 -20.57 -34.54 27.76
C PHE D 4655 -19.43 -35.29 27.06
N LEU D 4656 -19.74 -35.98 25.96
CA LEU D 4656 -18.71 -36.69 25.22
C LEU D 4656 -17.71 -35.73 24.60
N CYS D 4657 -18.14 -34.53 24.23
CA CYS D 4657 -17.22 -33.52 23.73
C CYS D 4657 -16.24 -33.08 24.81
N ILE D 4658 -16.73 -32.91 26.04
CA ILE D 4658 -15.82 -32.58 27.14
C ILE D 4658 -14.81 -33.70 27.34
N ILE D 4659 -15.28 -34.95 27.35
CA ILE D 4659 -14.36 -36.06 27.58
C ILE D 4659 -13.34 -36.16 26.44
N GLY D 4660 -13.79 -35.97 25.21
CA GLY D 4660 -12.87 -36.01 24.09
C GLY D 4660 -11.84 -34.89 24.14
N TYR D 4661 -12.25 -33.71 24.58
CA TYR D 4661 -11.29 -32.63 24.78
C TYR D 4661 -10.28 -33.01 25.85
N ASN D 4662 -10.76 -33.52 26.98
CA ASN D 4662 -9.87 -33.91 28.08
C ASN D 4662 -8.86 -34.96 27.62
N CYS D 4663 -9.25 -35.81 26.69
CA CYS D 4663 -8.36 -36.87 26.23
C CYS D 4663 -7.57 -36.52 24.98
N LEU D 4664 -7.87 -35.39 24.33
CA LEU D 4664 -7.19 -35.05 23.08
C LEU D 4664 -6.37 -33.78 23.17
N LYS D 4665 -6.91 -32.70 23.76
CA LYS D 4665 -6.25 -31.40 23.72
C LYS D 4665 -5.73 -30.92 25.07
N VAL D 4666 -6.20 -31.52 26.17
CA VAL D 4666 -5.57 -31.25 27.47
C VAL D 4666 -4.12 -31.69 27.51
N PRO D 4667 -3.73 -32.86 27.00
CA PRO D 4667 -2.31 -33.24 27.08
C PRO D 4667 -1.37 -32.24 26.43
N LEU D 4668 -1.77 -31.61 25.33
CA LEU D 4668 -0.92 -30.59 24.72
C LEU D 4668 -0.74 -29.40 25.65
N VAL D 4669 -1.81 -28.98 26.32
CA VAL D 4669 -1.72 -27.85 27.25
C VAL D 4669 -0.81 -28.19 28.42
N ILE D 4670 -0.94 -29.41 28.96
CA ILE D 4670 -0.10 -29.82 30.08
C ILE D 4670 1.36 -29.91 29.64
N PHE D 4671 1.61 -30.50 28.47
CA PHE D 4671 2.97 -30.60 27.95
C PHE D 4671 3.58 -29.22 27.79
N LYS D 4672 2.83 -28.29 27.19
CA LYS D 4672 3.30 -26.92 27.07
C LYS D 4672 3.68 -26.37 28.44
N ARG D 4673 2.69 -26.26 29.33
CA ARG D 4673 2.94 -25.60 30.61
C ARG D 4673 4.12 -26.22 31.34
N GLU D 4674 4.25 -27.54 31.28
CA GLU D 4674 5.42 -28.18 31.87
C GLU D 4674 6.71 -27.74 31.19
N LYS D 4675 6.69 -27.57 29.87
CA LYS D 4675 7.92 -27.19 29.18
C LYS D 4675 8.31 -25.74 29.46
N GLU D 4676 7.34 -24.81 29.48
CA GLU D 4676 7.73 -23.46 29.88
C GLU D 4676 8.18 -23.40 31.34
N LEU D 4677 7.53 -24.18 32.23
CA LEU D 4677 7.98 -24.17 33.62
C LEU D 4677 9.40 -24.70 33.73
N ALA D 4678 9.71 -25.79 33.02
CA ALA D 4678 11.06 -26.34 33.05
C ALA D 4678 12.08 -25.35 32.50
N ARG D 4679 11.76 -24.69 31.39
CA ARG D 4679 12.70 -23.74 30.79
C ARG D 4679 12.92 -22.55 31.71
N LYS D 4680 11.85 -21.98 32.27
CA LYS D 4680 12.00 -20.85 33.17
C LYS D 4680 12.73 -21.24 34.45
N LEU D 4681 12.56 -22.47 34.90
CA LEU D 4681 13.22 -22.91 36.13
C LEU D 4681 14.71 -23.15 35.91
N GLU D 4682 15.07 -23.76 34.78
CA GLU D 4682 16.44 -24.23 34.62
C GLU D 4682 17.32 -23.25 33.83
N PHE D 4683 16.72 -22.34 33.05
CA PHE D 4683 17.50 -21.29 32.40
C PHE D 4683 17.47 -19.99 33.18
N ASP D 4684 16.27 -19.55 33.58
CA ASP D 4684 16.14 -18.26 34.24
C ASP D 4684 16.21 -18.34 35.77
N GLY D 4685 16.05 -19.53 36.34
CA GLY D 4685 16.03 -19.66 37.77
C GLY D 4685 14.88 -18.87 38.37
N LEU D 4686 13.69 -19.04 37.81
CA LEU D 4686 12.55 -18.21 38.21
C LEU D 4686 12.22 -18.39 39.67
N TYR D 4687 12.27 -19.62 40.17
CA TYR D 4687 11.98 -19.88 41.59
C TYR D 4687 13.25 -19.91 42.44
N ILE D 4688 14.40 -20.24 41.85
CA ILE D 4688 15.64 -20.23 42.61
C ILE D 4688 16.07 -18.80 42.92
N THR D 4689 15.98 -17.91 41.94
CA THR D 4689 16.48 -16.55 42.09
C THR D 4689 15.39 -15.50 41.93
N GLU D 4690 14.55 -15.60 40.89
CA GLU D 4690 13.62 -14.53 40.57
C GLU D 4690 12.49 -14.47 41.58
N GLN D 4691 11.93 -15.62 41.96
CA GLN D 4691 10.83 -15.70 42.91
C GLN D 4691 9.67 -14.81 42.50
N PRO D 4692 8.90 -15.19 41.47
CA PRO D 4692 7.83 -14.31 40.98
C PRO D 4692 6.80 -14.01 42.06
N GLY D 4693 6.27 -12.79 42.02
CA GLY D 4693 5.36 -12.31 43.03
C GLY D 4693 3.95 -12.83 42.84
N ASP D 4694 3.05 -12.30 43.67
CA ASP D 4694 1.64 -12.71 43.64
C ASP D 4694 0.92 -12.27 42.37
N ASP D 4695 1.50 -11.35 41.59
CA ASP D 4695 0.86 -10.92 40.36
C ASP D 4695 0.77 -12.07 39.36
N ASP D 4696 1.83 -12.86 39.25
CA ASP D 4696 1.87 -14.00 38.33
C ASP D 4696 1.10 -15.14 38.95
N VAL D 4697 -0.20 -15.23 38.62
CA VAL D 4697 -1.04 -16.29 39.18
C VAL D 4697 -0.58 -17.65 38.67
N LYS D 4698 -0.12 -17.71 37.42
CA LYS D 4698 0.40 -18.98 36.89
C LYS D 4698 1.64 -19.41 37.67
N GLY D 4699 2.56 -18.48 37.93
CA GLY D 4699 3.74 -18.81 38.69
C GLY D 4699 3.42 -19.23 40.12
N GLN D 4700 2.46 -18.55 40.74
CA GLN D 4700 2.08 -18.91 42.11
C GLN D 4700 1.39 -20.28 42.16
N TRP D 4701 0.60 -20.61 41.14
CA TRP D 4701 -0.05 -21.91 41.11
C TRP D 4701 0.94 -23.02 40.79
N ASP D 4702 1.98 -22.72 40.01
CA ASP D 4702 2.94 -23.73 39.59
C ASP D 4702 3.78 -24.28 40.74
N ARG D 4703 3.74 -23.66 41.92
CA ARG D 4703 4.50 -24.16 43.05
C ARG D 4703 4.05 -25.55 43.49
N LEU D 4704 2.81 -25.93 43.19
CA LEU D 4704 2.27 -27.20 43.67
C LEU D 4704 2.83 -28.41 42.94
N VAL D 4705 3.58 -28.20 41.85
CA VAL D 4705 4.06 -29.31 41.04
C VAL D 4705 5.58 -29.49 41.12
N LEU D 4706 6.31 -28.49 41.63
CA LEU D 4706 7.77 -28.57 41.65
C LEU D 4706 8.26 -29.76 42.48
N ASN D 4707 7.65 -29.97 43.65
CA ASN D 4707 8.07 -31.03 44.55
C ASN D 4707 7.36 -32.35 44.31
N THR D 4708 6.55 -32.45 43.27
CA THR D 4708 5.80 -33.68 43.01
C THR D 4708 6.75 -34.78 42.54
N PRO D 4709 6.38 -36.05 42.76
CA PRO D 4709 7.24 -37.15 42.27
C PRO D 4709 7.51 -37.09 40.78
N SER D 4710 6.52 -36.67 39.98
CA SER D 4710 6.69 -36.53 38.53
C SER D 4710 6.27 -35.13 38.14
N PHE D 4711 7.21 -34.18 38.25
CA PHE D 4711 6.94 -32.83 37.76
C PHE D 4711 6.74 -32.79 36.25
N PRO D 4712 7.63 -33.35 35.41
CA PRO D 4712 7.27 -33.52 34.00
C PRO D 4712 6.62 -34.88 33.76
N SER D 4713 5.40 -34.88 33.22
CA SER D 4713 4.73 -36.11 32.86
C SER D 4713 4.36 -36.19 31.38
N ASN D 4714 4.17 -35.05 30.73
CA ASN D 4714 4.00 -35.00 29.28
C ASN D 4714 5.22 -34.43 28.56
N TYR D 4715 6.00 -33.59 29.23
CA TYR D 4715 7.22 -33.05 28.66
C TYR D 4715 8.27 -34.16 28.51
N TRP D 4716 8.97 -34.16 27.37
CA TRP D 4716 9.95 -35.20 27.11
C TRP D 4716 11.10 -35.18 28.12
N ASP D 4717 11.57 -33.98 28.47
CA ASP D 4717 12.77 -33.85 29.30
C ASP D 4717 12.45 -34.27 30.73
N LYS D 4718 12.73 -35.54 31.05
CA LYS D 4718 12.49 -36.08 32.38
C LYS D 4718 13.67 -35.88 33.32
N PHE D 4719 14.75 -35.25 32.87
CA PHE D 4719 15.91 -34.96 33.70
C PHE D 4719 16.00 -33.49 34.08
N VAL D 4720 14.86 -32.78 34.05
CA VAL D 4720 14.87 -31.36 34.35
C VAL D 4720 15.25 -31.11 35.80
N LYS D 4721 14.83 -31.99 36.70
CA LYS D 4721 15.19 -31.84 38.11
C LYS D 4721 16.69 -31.98 38.29
N ARG D 4722 17.30 -32.96 37.62
CA ARG D 4722 18.75 -33.12 37.69
C ARG D 4722 19.46 -31.90 37.12
N LYS D 4723 18.97 -31.39 35.98
CA LYS D 4723 19.60 -30.23 35.37
C LYS D 4723 19.50 -29.00 36.27
N VAL D 4724 18.34 -28.79 36.89
CA VAL D 4724 18.17 -27.67 37.81
C VAL D 4724 19.12 -27.82 38.99
N LEU D 4725 19.22 -29.04 39.53
CA LEU D 4725 20.14 -29.29 40.64
C LEU D 4725 21.56 -28.90 40.25
N ASP D 4726 22.06 -29.46 39.14
CA ASP D 4726 23.44 -29.19 38.75
C ASP D 4726 23.66 -27.71 38.48
N LYS D 4727 22.71 -27.04 37.83
CA LYS D 4727 22.94 -25.65 37.43
C LYS D 4727 22.86 -24.69 38.61
N HIS D 4728 21.95 -24.91 39.56
CA HIS D 4728 21.67 -23.89 40.56
C HIS D 4728 21.95 -24.29 42.00
N GLY D 4729 21.98 -25.58 42.34
CA GLY D 4729 22.19 -25.96 43.73
C GLY D 4729 23.57 -25.58 44.24
N ASP D 4730 24.60 -25.78 43.42
CA ASP D 4730 25.97 -25.52 43.85
C ASP D 4730 26.18 -24.07 44.27
N ILE D 4731 25.33 -23.15 43.83
CA ILE D 4731 25.48 -21.74 44.15
C ILE D 4731 24.40 -21.28 45.14
N PHE D 4732 23.23 -21.92 45.12
CA PHE D 4732 22.11 -21.47 45.93
C PHE D 4732 21.70 -22.46 47.01
N GLY D 4733 22.57 -23.40 47.36
CA GLY D 4733 22.23 -24.37 48.39
C GLY D 4733 21.69 -25.65 47.80
N ARG D 4734 22.53 -26.70 47.77
CA ARG D 4734 22.08 -27.96 47.20
C ARG D 4734 20.93 -28.56 47.99
N GLU D 4735 21.03 -28.51 49.32
CA GLU D 4735 19.95 -29.03 50.17
C GLU D 4735 18.66 -28.25 49.94
N ARG D 4736 18.75 -26.92 49.84
CA ARG D 4736 17.53 -26.14 49.66
C ARG D 4736 16.92 -26.37 48.29
N ILE D 4737 17.75 -26.53 47.26
CA ILE D 4737 17.25 -26.83 45.93
C ILE D 4737 16.55 -28.19 45.92
N ALA D 4738 17.15 -29.19 46.58
CA ALA D 4738 16.52 -30.51 46.66
C ALA D 4738 15.19 -30.43 47.41
N GLU D 4739 15.14 -29.66 48.50
CA GLU D 4739 13.89 -29.49 49.24
C GLU D 4739 12.84 -28.81 48.38
N LEU D 4740 13.22 -27.79 47.62
CA LEU D 4740 12.28 -27.10 46.75
C LEU D 4740 11.73 -28.02 45.68
N LEU D 4741 12.59 -28.83 45.07
CA LEU D 4741 12.16 -29.70 43.98
C LEU D 4741 11.63 -31.05 44.45
N GLY D 4742 11.62 -31.30 45.75
CA GLY D 4742 11.01 -32.53 46.27
C GLY D 4742 11.69 -33.80 45.81
N MET D 4743 13.02 -33.79 45.72
CA MET D 4743 13.79 -34.96 45.35
C MET D 4743 14.74 -35.31 46.49
N ASP D 4744 14.77 -36.59 46.85
CA ASP D 4744 15.65 -37.05 47.92
C ASP D 4744 17.07 -37.18 47.39
N LEU D 4745 18.01 -36.48 48.03
CA LEU D 4745 19.40 -36.53 47.59
C LEU D 4745 19.99 -37.92 47.78
N ALA D 4746 19.64 -38.59 48.89
CA ALA D 4746 20.13 -39.94 49.13
C ALA D 4746 19.60 -40.94 48.11
N SER D 4747 18.43 -40.67 47.53
CA SER D 4747 17.87 -41.58 46.54
C SER D 4747 18.65 -41.58 45.24
N LEU D 4748 19.42 -40.53 44.96
CA LEU D 4748 20.20 -40.48 43.73
C LEU D 4748 21.26 -41.57 43.71
N GLU D 4749 21.95 -41.77 44.83
CA GLU D 4749 22.99 -42.81 44.88
C GLU D 4749 22.39 -44.19 44.72
N ILE D 4750 21.26 -44.45 45.35
CA ILE D 4750 20.61 -45.75 45.26
C ILE D 4750 19.36 -45.66 44.37
N ASP D 4772 -0.39 -39.50 42.85
CA ASP D 4772 0.19 -38.18 42.96
C ASP D 4772 -0.92 -37.14 43.07
N VAL D 4773 -1.50 -37.04 44.26
CA VAL D 4773 -2.69 -36.20 44.47
C VAL D 4773 -2.36 -34.73 44.24
N LYS D 4774 -1.21 -34.28 44.73
CA LYS D 4774 -0.83 -32.88 44.56
C LYS D 4774 -0.66 -32.53 43.09
N TYR D 4775 0.00 -33.41 42.32
CA TYR D 4775 0.16 -33.17 40.90
C TYR D 4775 -1.18 -33.19 40.18
N GLN D 4776 -2.08 -34.07 40.60
CA GLN D 4776 -3.41 -34.10 40.00
C GLN D 4776 -4.16 -32.80 40.27
N ILE D 4777 -4.06 -32.27 41.50
CA ILE D 4777 -4.69 -30.99 41.80
C ILE D 4777 -4.10 -29.88 40.93
N TRP D 4778 -2.76 -29.88 40.77
CA TRP D 4778 -2.15 -28.88 39.92
C TRP D 4778 -2.66 -28.97 38.49
N LYS D 4779 -2.71 -30.19 37.95
CA LYS D 4779 -3.15 -30.38 36.58
C LYS D 4779 -4.61 -29.95 36.40
N PHE D 4780 -5.46 -30.29 37.37
CA PHE D 4780 -6.86 -29.89 37.26
C PHE D 4780 -7.03 -28.38 37.37
N GLY D 4781 -6.26 -27.73 38.24
CA GLY D 4781 -6.28 -26.28 38.28
C GLY D 4781 -5.80 -25.65 36.99
N VAL D 4782 -4.87 -26.32 36.31
CA VAL D 4782 -4.41 -25.84 35.00
C VAL D 4782 -5.51 -26.00 33.95
N ILE D 4783 -6.19 -27.16 33.97
CA ILE D 4783 -7.22 -27.43 32.99
C ILE D 4783 -8.40 -26.48 33.15
N PHE D 4784 -8.80 -26.22 34.40
CA PHE D 4784 -9.95 -25.34 34.64
C PHE D 4784 -9.68 -23.89 34.27
N THR D 4785 -8.44 -23.51 33.99
CA THR D 4785 -8.12 -22.19 33.48
C THR D 4785 -7.98 -22.19 31.96
N ASP D 4786 -8.26 -23.30 31.30
CA ASP D 4786 -8.18 -23.39 29.84
C ASP D 4786 -9.44 -22.80 29.24
N ASN D 4787 -9.27 -21.90 28.27
CA ASN D 4787 -10.41 -21.22 27.67
C ASN D 4787 -11.32 -22.19 26.93
N SER D 4788 -10.74 -23.11 26.15
CA SER D 4788 -11.54 -24.06 25.40
C SER D 4788 -12.27 -25.03 26.33
N PHE D 4789 -11.59 -25.50 27.37
CA PHE D 4789 -12.24 -26.39 28.33
C PHE D 4789 -13.37 -25.67 29.05
N LEU D 4790 -13.18 -24.40 29.39
CA LEU D 4790 -14.23 -23.64 30.04
C LEU D 4790 -15.41 -23.43 29.10
N TYR D 4791 -15.14 -23.18 27.81
CA TYR D 4791 -16.22 -23.05 26.85
C TYR D 4791 -17.01 -24.35 26.74
N LEU D 4792 -16.33 -25.49 26.70
CA LEU D 4792 -17.04 -26.76 26.63
C LEU D 4792 -17.83 -27.03 27.90
N GLY D 4793 -17.30 -26.61 29.06
CA GLY D 4793 -18.04 -26.73 30.30
C GLY D 4793 -19.29 -25.87 30.31
N TRP D 4794 -19.19 -24.65 29.79
CA TRP D 4794 -20.38 -23.80 29.66
C TRP D 4794 -21.38 -24.40 28.70
N TYR D 4795 -20.92 -25.00 27.61
CA TYR D 4795 -21.78 -25.70 26.69
C TYR D 4795 -22.55 -26.81 27.41
N MET D 4796 -21.85 -27.60 28.22
CA MET D 4796 -22.49 -28.64 29.01
C MET D 4796 -23.49 -28.06 30.00
N VAL D 4797 -23.14 -26.93 30.63
CA VAL D 4797 -24.03 -26.33 31.62
C VAL D 4797 -25.33 -25.88 30.98
N MET D 4798 -25.25 -25.23 29.81
CA MET D 4798 -26.48 -24.82 29.14
C MET D 4798 -27.23 -26.02 28.57
N SER D 4799 -26.54 -27.10 28.20
CA SER D 4799 -27.24 -28.32 27.81
C SER D 4799 -28.03 -28.89 28.98
N LEU D 4800 -27.46 -28.87 30.18
CA LEU D 4800 -28.19 -29.32 31.35
C LEU D 4800 -29.36 -28.39 31.66
N LEU D 4801 -29.16 -27.08 31.53
CA LEU D 4801 -30.24 -26.13 31.78
C LEU D 4801 -31.34 -26.21 30.72
N GLY D 4802 -31.04 -26.76 29.55
CA GLY D 4802 -32.08 -26.95 28.54
C GLY D 4802 -33.18 -27.88 29.00
N HIS D 4803 -32.86 -28.86 29.82
CA HIS D 4803 -33.89 -29.76 30.33
C HIS D 4803 -34.76 -29.07 31.37
N TYR D 4804 -34.22 -28.07 32.06
CA TYR D 4804 -35.06 -27.23 32.91
C TYR D 4804 -35.95 -26.31 32.09
N ASN D 4805 -35.37 -25.65 31.09
CA ASN D 4805 -36.12 -24.74 30.21
C ASN D 4805 -35.52 -24.83 28.81
N ASN D 4806 -36.17 -25.61 27.94
CA ASN D 4806 -35.75 -25.85 26.56
C ASN D 4806 -35.21 -24.64 25.83
N PHE D 4807 -35.69 -23.44 26.16
CA PHE D 4807 -35.18 -22.25 25.48
C PHE D 4807 -33.76 -21.91 25.85
N PHE D 4808 -33.21 -22.52 26.91
CA PHE D 4808 -31.78 -22.40 27.19
C PHE D 4808 -30.92 -23.03 26.11
N PHE D 4809 -31.49 -23.88 25.27
CA PHE D 4809 -30.76 -24.44 24.14
C PHE D 4809 -30.48 -23.41 23.05
N ALA D 4810 -31.10 -22.23 23.13
CA ALA D 4810 -30.81 -21.18 22.17
C ALA D 4810 -29.43 -20.59 22.39
N ALA D 4811 -28.90 -20.67 23.61
CA ALA D 4811 -27.56 -20.20 23.89
C ALA D 4811 -26.49 -20.99 23.16
N HIS D 4812 -26.84 -22.16 22.63
CA HIS D 4812 -25.92 -22.96 21.84
C HIS D 4812 -25.81 -22.50 20.40
N LEU D 4813 -26.73 -21.64 19.94
CA LEU D 4813 -26.58 -21.07 18.61
C LEU D 4813 -25.40 -20.12 18.52
N LEU D 4814 -24.92 -19.61 19.66
CA LEU D 4814 -23.68 -18.84 19.67
C LEU D 4814 -22.47 -19.66 19.27
N ASP D 4815 -22.59 -21.00 19.27
CA ASP D 4815 -21.50 -21.86 18.85
C ASP D 4815 -21.15 -21.72 17.38
N ILE D 4816 -22.02 -21.13 16.57
CA ILE D 4816 -21.67 -20.92 15.16
C ILE D 4816 -20.47 -19.98 15.04
N ALA D 4817 -20.41 -18.97 15.90
CA ALA D 4817 -19.27 -18.06 15.90
C ALA D 4817 -17.99 -18.79 16.25
N MET D 4818 -18.04 -19.68 17.24
CA MET D 4818 -16.87 -20.45 17.62
C MET D 4818 -16.45 -21.42 16.52
N GLY D 4819 -17.43 -22.02 15.84
CA GLY D 4819 -17.14 -23.08 14.88
C GLY D 4819 -16.76 -22.63 13.49
N VAL D 4820 -17.60 -21.80 12.86
CA VAL D 4820 -17.41 -21.48 11.45
C VAL D 4820 -16.23 -20.54 11.29
N LYS D 4821 -15.29 -20.92 10.42
CA LYS D 4821 -14.12 -20.07 10.18
C LYS D 4821 -14.52 -18.78 9.49
N THR D 4822 -15.48 -18.84 8.55
CA THR D 4822 -15.94 -17.63 7.89
C THR D 4822 -16.57 -16.67 8.89
N LEU D 4823 -17.39 -17.19 9.81
CA LEU D 4823 -17.99 -16.35 10.83
C LEU D 4823 -16.93 -15.77 11.76
N ARG D 4824 -15.92 -16.57 12.11
CA ARG D 4824 -14.83 -16.05 12.93
C ARG D 4824 -14.11 -14.91 12.23
N THR D 4825 -13.84 -15.07 10.94
CA THR D 4825 -13.18 -14.00 10.18
C THR D 4825 -14.05 -12.75 10.12
N ILE D 4826 -15.36 -12.92 9.92
CA ILE D 4826 -16.24 -11.76 9.84
C ILE D 4826 -16.30 -11.04 11.18
N LEU D 4827 -16.42 -11.78 12.28
CA LEU D 4827 -16.49 -11.16 13.60
C LEU D 4827 -15.14 -10.63 14.06
N SER D 4828 -14.04 -11.08 13.45
CA SER D 4828 -12.75 -10.49 13.75
C SER D 4828 -12.72 -9.02 13.35
N SER D 4829 -13.50 -8.63 12.34
CA SER D 4829 -13.61 -7.22 12.00
C SER D 4829 -14.24 -6.42 13.13
N VAL D 4830 -15.26 -6.98 13.78
CA VAL D 4830 -15.88 -6.29 14.90
C VAL D 4830 -14.95 -6.25 16.10
N THR D 4831 -14.25 -7.36 16.37
CA THR D 4831 -13.44 -7.44 17.59
C THR D 4831 -12.05 -6.83 17.44
N HIS D 4832 -11.60 -6.53 16.21
CA HIS D 4832 -10.28 -5.96 16.03
C HIS D 4832 -10.18 -4.58 16.65
N ASN D 4833 -11.20 -3.75 16.44
CA ASN D 4833 -11.30 -2.42 17.06
C ASN D 4833 -12.34 -2.43 18.17
N GLY D 4834 -12.41 -3.51 18.94
CA GLY D 4834 -13.40 -3.60 20.00
C GLY D 4834 -13.17 -2.57 21.09
N LYS D 4835 -11.90 -2.32 21.44
CA LYS D 4835 -11.59 -1.31 22.45
C LYS D 4835 -12.03 0.07 21.98
N GLN D 4836 -11.78 0.39 20.71
CA GLN D 4836 -12.21 1.67 20.17
C GLN D 4836 -13.72 1.76 20.07
N LEU D 4837 -14.40 0.65 19.79
CA LEU D 4837 -15.85 0.64 19.77
C LEU D 4837 -16.43 0.92 21.16
N VAL D 4838 -15.86 0.29 22.19
CA VAL D 4838 -16.30 0.56 23.55
C VAL D 4838 -16.04 2.02 23.91
N MET D 4839 -14.87 2.53 23.54
CA MET D 4839 -14.53 3.92 23.84
C MET D 4839 -15.46 4.89 23.14
N THR D 4840 -15.82 4.62 21.89
CA THR D 4840 -16.72 5.53 21.19
C THR D 4840 -18.15 5.42 21.69
N VAL D 4841 -18.55 4.25 22.20
CA VAL D 4841 -19.84 4.16 22.88
C VAL D 4841 -19.84 5.00 24.15
N GLY D 4842 -18.75 4.95 24.92
CA GLY D 4842 -18.65 5.80 26.09
C GLY D 4842 -18.65 7.28 25.74
N LEU D 4843 -17.97 7.64 24.64
CA LEU D 4843 -17.98 9.03 24.18
C LEU D 4843 -19.39 9.45 23.76
N LEU D 4844 -20.12 8.56 23.11
CA LEU D 4844 -21.52 8.82 22.79
C LEU D 4844 -22.33 9.08 24.05
N ALA D 4845 -22.10 8.27 25.09
CA ALA D 4845 -22.81 8.47 26.35
C ALA D 4845 -22.50 9.81 26.97
N VAL D 4846 -21.23 10.22 26.95
CA VAL D 4846 -20.83 11.51 27.51
C VAL D 4846 -21.44 12.67 26.72
N VAL D 4847 -21.41 12.60 25.39
CA VAL D 4847 -21.96 13.67 24.56
C VAL D 4847 -23.46 13.78 24.77
N VAL D 4848 -24.15 12.64 24.83
CA VAL D 4848 -25.58 12.68 25.08
C VAL D 4848 -25.87 13.21 26.48
N TYR D 4849 -24.99 12.95 27.45
CA TYR D 4849 -25.16 13.54 28.77
C TYR D 4849 -25.04 15.06 28.72
N LEU D 4850 -24.11 15.57 27.92
CA LEU D 4850 -23.99 17.02 27.78
C LEU D 4850 -25.23 17.63 27.13
N TYR D 4851 -25.75 16.97 26.10
CA TYR D 4851 -27.00 17.45 25.52
C TYR D 4851 -28.14 17.38 26.54
N THR D 4852 -28.12 16.37 27.41
CA THR D 4852 -29.14 16.26 28.44
C THR D 4852 -29.02 17.38 29.47
N VAL D 4853 -27.80 17.75 29.87
CA VAL D 4853 -27.66 18.81 30.86
C VAL D 4853 -28.08 20.13 30.26
N VAL D 4854 -27.89 20.32 28.95
CA VAL D 4854 -28.39 21.53 28.30
C VAL D 4854 -29.93 21.51 28.23
N ALA D 4855 -30.50 20.35 27.88
CA ALA D 4855 -31.95 20.26 27.73
C ALA D 4855 -32.65 20.45 29.06
N PHE D 4856 -32.19 19.78 30.11
CA PHE D 4856 -32.83 19.85 31.41
C PHE D 4856 -32.83 21.26 31.98
N ASN D 4857 -31.93 22.11 31.50
CA ASN D 4857 -31.85 23.48 31.97
C ASN D 4857 -32.58 24.48 31.07
N PHE D 4858 -32.69 24.21 29.76
CA PHE D 4858 -33.24 25.23 28.87
C PHE D 4858 -34.45 24.82 28.05
N PHE D 4859 -34.74 23.52 27.91
CA PHE D 4859 -35.76 23.07 26.96
C PHE D 4859 -36.73 22.09 27.61
N ARG D 4860 -37.01 22.26 28.90
CA ARG D 4860 -37.84 21.30 29.62
C ARG D 4860 -39.26 21.26 29.09
N LYS D 4861 -39.76 22.37 28.54
CA LYS D 4861 -41.15 22.42 28.10
C LYS D 4861 -41.41 21.62 26.84
N PHE D 4862 -40.37 21.31 26.07
CA PHE D 4862 -40.53 20.60 24.80
C PHE D 4862 -40.57 19.09 24.94
N TYR D 4863 -40.45 18.56 26.16
CA TYR D 4863 -40.32 17.12 26.38
C TYR D 4863 -41.60 16.51 26.93
N ASN D 4864 -42.75 17.01 26.50
CA ASN D 4864 -44.04 16.46 26.90
C ASN D 4864 -44.40 15.35 25.91
N LYS D 4865 -44.40 14.10 26.38
CA LYS D 4865 -44.69 12.95 25.55
C LYS D 4865 -46.05 12.35 25.84
N SER D 4866 -47.04 13.20 26.13
CA SER D 4866 -48.41 12.77 26.37
C SER D 4866 -49.32 13.52 25.41
N GLU D 4867 -50.10 12.78 24.63
CA GLU D 4867 -51.08 13.40 23.75
C GLU D 4867 -52.19 14.08 24.56
N ASP D 4868 -52.61 13.44 25.65
CA ASP D 4868 -53.66 13.99 26.49
C ASP D 4868 -53.18 15.29 27.13
N GLU D 4869 -54.05 16.31 27.11
CA GLU D 4869 -53.72 17.59 27.74
C GLU D 4869 -53.86 17.53 29.25
N ASP D 4870 -54.72 16.64 29.76
CA ASP D 4870 -55.00 16.61 31.19
C ASP D 4870 -53.77 16.19 31.99
N GLU D 4871 -53.14 15.08 31.61
CA GLU D 4871 -52.00 14.59 32.35
C GLU D 4871 -50.72 14.72 31.52
N PRO D 4872 -49.77 15.56 31.94
CA PRO D 4872 -48.50 15.64 31.22
C PRO D 4872 -47.63 14.42 31.48
N ASP D 4873 -46.70 14.19 30.56
CA ASP D 4873 -45.71 13.12 30.65
C ASP D 4873 -44.32 13.67 30.39
N MET D 4874 -43.98 14.75 31.09
CA MET D 4874 -42.70 15.43 30.90
C MET D 4874 -41.54 14.46 31.06
N LYS D 4875 -40.76 14.29 30.00
CA LYS D 4875 -39.65 13.37 29.97
C LYS D 4875 -38.32 14.02 30.34
N CYS D 4876 -38.35 15.28 30.77
CA CYS D 4876 -37.10 15.96 31.13
C CYS D 4876 -37.25 16.80 32.39
N ASP D 4877 -38.22 16.48 33.25
CA ASP D 4877 -38.31 17.12 34.56
C ASP D 4877 -37.38 16.47 35.58
N ASP D 4878 -36.86 15.28 35.28
CA ASP D 4878 -35.87 14.60 36.09
C ASP D 4878 -34.61 14.45 35.26
N MET D 4879 -33.46 14.61 35.90
CA MET D 4879 -32.20 14.48 35.17
C MET D 4879 -31.99 13.04 34.69
N MET D 4880 -32.28 12.06 35.56
CA MET D 4880 -32.15 10.67 35.18
C MET D 4880 -33.12 10.32 34.05
N THR D 4881 -34.37 10.78 34.15
CA THR D 4881 -35.36 10.51 33.12
C THR D 4881 -34.98 11.15 31.81
N CYS D 4882 -34.46 12.39 31.85
CA CYS D 4882 -34.07 13.05 30.61
C CYS D 4882 -32.87 12.37 29.96
N TYR D 4883 -31.90 11.92 30.76
CA TYR D 4883 -30.78 11.19 30.19
C TYR D 4883 -31.22 9.87 29.57
N LEU D 4884 -32.11 9.15 30.27
CA LEU D 4884 -32.63 7.91 29.71
C LEU D 4884 -33.39 8.16 28.42
N PHE D 4885 -34.22 9.21 28.40
CA PHE D 4885 -34.96 9.55 27.19
C PHE D 4885 -34.01 9.85 26.05
N HIS D 4886 -32.98 10.66 26.30
CA HIS D 4886 -32.03 11.01 25.26
C HIS D 4886 -31.34 9.77 24.72
N MET D 4887 -30.67 9.01 25.59
CA MET D 4887 -29.95 7.81 25.16
C MET D 4887 -30.86 6.82 24.43
N TYR D 4888 -32.06 6.58 24.97
CA TYR D 4888 -32.93 5.56 24.40
C TYR D 4888 -33.51 5.99 23.06
N VAL D 4889 -33.99 7.23 22.97
CA VAL D 4889 -34.85 7.64 21.87
C VAL D 4889 -34.12 8.49 20.85
N GLY D 4890 -33.33 9.47 21.30
CA GLY D 4890 -32.69 10.37 20.36
C GLY D 4890 -31.53 9.76 19.61
N VAL D 4891 -30.94 8.69 20.16
CA VAL D 4891 -29.87 8.02 19.44
C VAL D 4891 -30.42 7.04 18.42
N ARG D 4892 -31.58 6.45 18.70
CA ARG D 4892 -32.25 5.57 17.75
C ARG D 4892 -33.10 6.32 16.75
N ALA D 4893 -33.35 7.61 16.96
CA ALA D 4893 -34.11 8.40 16.00
C ALA D 4893 -33.24 8.77 14.81
N GLY D 4894 -33.88 8.86 13.64
CA GLY D 4894 -33.14 9.16 12.42
C GLY D 4894 -32.56 10.55 12.41
N GLY D 4895 -33.33 11.54 12.81
CA GLY D 4895 -32.88 12.92 12.89
C GLY D 4895 -32.54 13.41 14.27
N GLY D 4896 -32.38 12.52 15.25
CA GLY D 4896 -32.03 12.93 16.58
C GLY D 4896 -33.26 13.19 17.44
N ILE D 4897 -33.02 13.91 18.54
CA ILE D 4897 -34.08 14.21 19.49
C ILE D 4897 -35.13 15.15 18.91
N GLY D 4898 -34.81 15.82 17.80
CA GLY D 4898 -35.75 16.75 17.21
C GLY D 4898 -36.96 16.09 16.60
N ASP D 4899 -36.83 14.82 16.20
CA ASP D 4899 -38.00 14.06 15.77
C ASP D 4899 -38.94 13.79 16.93
N GLU D 4900 -38.39 13.58 18.12
CA GLU D 4900 -39.13 13.03 19.24
C GLU D 4900 -39.57 14.07 20.26
N ILE D 4901 -39.12 15.31 20.16
CA ILE D 4901 -39.62 16.33 21.08
C ILE D 4901 -40.45 17.36 20.32
N GLU D 4902 -41.03 18.31 21.07
CA GLU D 4902 -42.00 19.24 20.50
C GLU D 4902 -41.36 20.14 19.46
N ASP D 4903 -42.17 20.57 18.49
CA ASP D 4903 -41.70 21.48 17.46
C ASP D 4903 -41.37 22.83 18.06
N PRO D 4904 -40.22 23.43 17.72
CA PRO D 4904 -39.83 24.70 18.32
C PRO D 4904 -40.32 25.94 17.60
N ALA D 4905 -41.05 25.80 16.50
CA ALA D 4905 -41.53 26.95 15.74
C ALA D 4905 -42.50 27.78 16.57
N GLY D 4906 -42.47 29.09 16.34
CA GLY D 4906 -43.31 29.99 17.11
C GLY D 4906 -42.97 30.06 18.58
N ASP D 4907 -41.68 30.11 18.90
CA ASP D 4907 -41.22 30.13 20.29
C ASP D 4907 -40.01 31.05 20.38
N GLU D 4908 -39.76 31.55 21.59
CA GLU D 4908 -38.65 32.47 21.78
C GLU D 4908 -37.30 31.76 21.70
N TYR D 4909 -37.26 30.47 22.02
CA TYR D 4909 -36.04 29.68 21.95
C TYR D 4909 -35.95 28.85 20.68
N GLU D 4910 -36.54 29.33 19.59
CA GLU D 4910 -36.61 28.52 18.37
C GLU D 4910 -35.24 28.30 17.76
N LEU D 4911 -34.43 29.36 17.65
CA LEU D 4911 -33.11 29.21 17.04
C LEU D 4911 -32.18 28.40 17.93
N TYR D 4912 -32.28 28.59 19.24
CA TYR D 4912 -31.50 27.75 20.16
C TYR D 4912 -31.89 26.29 20.02
N ARG D 4913 -33.19 26.02 19.88
CA ARG D 4913 -33.65 24.65 19.75
C ARG D 4913 -33.20 24.03 18.42
N VAL D 4914 -33.23 24.79 17.33
CA VAL D 4914 -32.80 24.23 16.05
C VAL D 4914 -31.29 23.99 16.07
N VAL D 4915 -30.53 24.87 16.70
CA VAL D 4915 -29.09 24.63 16.85
C VAL D 4915 -28.84 23.38 17.68
N PHE D 4916 -29.58 23.24 18.78
CA PHE D 4916 -29.51 22.05 19.63
C PHE D 4916 -29.77 20.79 18.82
N ASP D 4917 -30.89 20.76 18.09
CA ASP D 4917 -31.28 19.57 17.34
C ASP D 4917 -30.29 19.25 16.23
N ILE D 4918 -29.84 20.28 15.49
CA ILE D 4918 -28.97 20.03 14.36
C ILE D 4918 -27.59 19.58 14.81
N THR D 4919 -27.07 20.16 15.90
CA THR D 4919 -25.80 19.70 16.42
C THR D 4919 -25.92 18.29 16.98
N PHE D 4920 -27.05 17.96 17.61
CA PHE D 4920 -27.27 16.59 18.05
C PHE D 4920 -27.25 15.62 16.87
N PHE D 4921 -27.97 15.97 15.80
CA PHE D 4921 -28.03 15.11 14.62
C PHE D 4921 -26.68 14.98 13.96
N PHE D 4922 -25.88 16.04 13.95
CA PHE D 4922 -24.58 15.98 13.29
C PHE D 4922 -23.58 15.18 14.13
N PHE D 4923 -23.36 15.61 15.38
CA PHE D 4923 -22.33 14.98 16.20
C PHE D 4923 -22.69 13.55 16.58
N VAL D 4924 -23.95 13.31 16.95
CA VAL D 4924 -24.35 12.01 17.47
C VAL D 4924 -24.74 11.08 16.34
N ILE D 4925 -25.77 11.47 15.58
CA ILE D 4925 -26.33 10.57 14.56
C ILE D 4925 -25.34 10.35 13.43
N VAL D 4926 -24.66 11.40 12.99
CA VAL D 4926 -23.81 11.33 11.81
C VAL D 4926 -22.37 10.99 12.19
N ILE D 4927 -21.75 11.83 13.03
CA ILE D 4927 -20.32 11.72 13.26
C ILE D 4927 -19.96 10.45 14.03
N LEU D 4928 -20.68 10.16 15.11
CA LEU D 4928 -20.28 9.04 15.97
C LEU D 4928 -20.63 7.70 15.32
N LEU D 4929 -21.81 7.60 14.70
CA LEU D 4929 -22.12 6.39 13.96
C LEU D 4929 -21.18 6.20 12.78
N ALA D 4930 -20.76 7.32 12.17
CA ALA D 4930 -19.73 7.25 11.13
C ALA D 4930 -18.42 6.73 11.69
N ILE D 4931 -18.08 7.12 12.92
CA ILE D 4931 -16.87 6.61 13.55
C ILE D 4931 -16.96 5.11 13.72
N ILE D 4932 -18.12 4.61 14.14
CA ILE D 4932 -18.29 3.16 14.30
C ILE D 4932 -18.17 2.46 12.95
N GLN D 4933 -18.87 2.98 11.93
CA GLN D 4933 -18.77 2.44 10.57
C GLN D 4933 -17.33 2.36 10.11
N GLY D 4934 -16.59 3.47 10.27
CA GLY D 4934 -15.21 3.51 9.84
C GLY D 4934 -14.30 2.60 10.63
N LEU D 4935 -14.58 2.41 11.92
CA LEU D 4935 -13.80 1.48 12.71
C LEU D 4935 -13.94 0.06 12.17
N ILE D 4936 -15.18 -0.33 11.85
CA ILE D 4936 -15.39 -1.68 11.31
C ILE D 4936 -14.73 -1.83 9.94
N ILE D 4937 -14.89 -0.82 9.07
CA ILE D 4937 -14.32 -0.89 7.73
C ILE D 4937 -12.79 -0.91 7.78
N ASP D 4938 -12.21 -0.07 8.63
CA ASP D 4938 -10.76 -0.06 8.80
C ASP D 4938 -10.26 -1.36 9.40
N ALA D 4939 -11.06 -2.02 10.24
CA ALA D 4939 -10.66 -3.34 10.71
C ALA D 4939 -10.62 -4.34 9.56
N PHE D 4940 -11.62 -4.31 8.69
CA PHE D 4940 -11.59 -5.14 7.49
C PHE D 4940 -10.32 -4.90 6.69
N GLY D 4941 -10.02 -3.63 6.42
CA GLY D 4941 -8.84 -3.30 5.62
C GLY D 4941 -7.54 -3.71 6.29
N GLU D 4942 -7.44 -3.50 7.61
CA GLU D 4942 -6.23 -3.83 8.33
C GLU D 4942 -6.00 -5.34 8.35
N LEU D 4943 -7.04 -6.13 8.57
CA LEU D 4943 -6.88 -7.58 8.54
C LEU D 4943 -6.47 -8.07 7.15
N ARG D 4944 -7.10 -7.51 6.11
CA ARG D 4944 -6.70 -7.87 4.74
C ARG D 4944 -5.24 -7.53 4.48
N ASP D 4945 -4.81 -6.34 4.92
CA ASP D 4945 -3.43 -5.93 4.71
C ASP D 4945 -2.47 -6.82 5.49
N GLN D 4946 -2.86 -7.26 6.69
CA GLN D 4946 -2.02 -8.17 7.45
C GLN D 4946 -1.84 -9.50 6.72
N GLN D 4947 -2.94 -10.05 6.20
CA GLN D 4947 -2.83 -11.30 5.44
C GLN D 4947 -1.94 -11.13 4.22
N GLU D 4948 -2.13 -10.02 3.49
CA GLU D 4948 -1.33 -9.76 2.29
C GLU D 4948 0.14 -9.61 2.64
N GLN D 4949 0.44 -8.92 3.76
CA GLN D 4949 1.83 -8.73 4.16
C GLN D 4949 2.49 -10.06 4.55
N VAL D 4950 1.76 -10.92 5.26
CA VAL D 4950 2.32 -12.22 5.59
C VAL D 4950 2.61 -13.03 4.33
N LYS D 4951 1.66 -13.03 3.39
CA LYS D 4951 1.87 -13.76 2.14
C LYS D 4951 3.07 -13.21 1.37
N GLU D 4952 3.19 -11.89 1.30
CA GLU D 4952 4.30 -11.28 0.57
C GLU D 4952 5.64 -11.58 1.23
N ASP D 4953 5.69 -11.54 2.57
CA ASP D 4953 6.94 -11.86 3.26
C ASP D 4953 7.35 -13.30 3.00
N MET D 4954 6.40 -14.23 3.07
CA MET D 4954 6.72 -15.62 2.79
C MET D 4954 7.15 -15.81 1.34
N GLU D 4955 6.53 -15.08 0.41
CA GLU D 4955 6.88 -15.23 -1.00
C GLU D 4955 8.27 -14.67 -1.31
N THR D 4956 8.65 -13.58 -0.65
CA THR D 4956 9.85 -12.85 -1.02
C THR D 4956 11.06 -13.13 -0.12
N LYS D 4957 10.88 -13.85 0.99
CA LYS D 4957 12.02 -14.20 1.84
C LYS D 4957 11.94 -15.67 2.24
N CYS D 4958 13.11 -16.23 2.54
CA CYS D 4958 13.20 -17.58 3.08
C CYS D 4958 13.01 -17.54 4.59
N PHE D 4959 12.24 -18.50 5.10
CA PHE D 4959 11.92 -18.50 6.53
C PHE D 4959 13.15 -18.72 7.39
N ILE D 4960 14.05 -19.59 6.97
CA ILE D 4960 15.17 -19.98 7.83
C ILE D 4960 16.28 -18.96 7.77
N CYS D 4961 16.73 -18.59 6.57
CA CYS D 4961 17.92 -17.74 6.44
C CYS D 4961 17.59 -16.28 6.17
N GLY D 4962 16.37 -15.96 5.72
CA GLY D 4962 16.00 -14.59 5.48
C GLY D 4962 16.57 -13.98 4.22
N ILE D 4963 17.23 -14.77 3.38
CA ILE D 4963 17.78 -14.26 2.13
C ILE D 4963 16.64 -14.10 1.13
N GLY D 4964 16.61 -12.96 0.44
CA GLY D 4964 15.50 -12.67 -0.45
C GLY D 4964 15.48 -13.56 -1.67
N SER D 4965 14.30 -13.61 -2.30
CA SER D 4965 14.13 -14.41 -3.51
C SER D 4965 14.86 -13.80 -4.71
N ASP D 4966 15.20 -12.51 -4.64
CA ASP D 4966 15.92 -11.88 -5.74
C ASP D 4966 17.29 -12.52 -5.94
N TYR D 4967 17.93 -12.94 -4.85
CA TYR D 4967 19.21 -13.61 -4.97
C TYR D 4967 19.05 -15.02 -5.53
N PHE D 4968 18.08 -15.78 -5.02
CA PHE D 4968 17.93 -17.16 -5.43
C PHE D 4968 17.37 -17.28 -6.84
N ASP D 4969 16.70 -16.26 -7.36
CA ASP D 4969 16.12 -16.29 -8.69
C ASP D 4969 17.15 -16.05 -9.79
N THR D 4970 18.44 -16.10 -9.47
CA THR D 4970 19.46 -16.06 -10.51
C THR D 4970 19.32 -17.24 -11.46
N THR D 4971 19.11 -18.43 -10.91
CA THR D 4971 18.80 -19.63 -11.67
C THR D 4971 17.29 -19.77 -11.84
N PRO D 4972 16.83 -20.49 -12.86
CA PRO D 4972 15.39 -20.71 -13.02
C PRO D 4972 14.83 -21.53 -11.87
N HIS D 4973 13.77 -21.01 -11.24
CA HIS D 4973 13.13 -21.65 -10.08
C HIS D 4973 14.12 -21.86 -8.94
N GLY D 4974 15.08 -20.95 -8.82
CA GLY D 4974 16.07 -21.07 -7.75
C GLY D 4974 15.48 -20.91 -6.38
N PHE D 4975 14.55 -19.96 -6.20
CA PHE D 4975 13.92 -19.78 -4.90
C PHE D 4975 13.04 -20.97 -4.55
N GLU D 4976 12.32 -21.51 -5.54
CA GLU D 4976 11.52 -22.70 -5.29
C GLU D 4976 12.41 -23.88 -4.88
N THR D 4977 13.53 -24.06 -5.57
CA THR D 4977 14.46 -25.12 -5.19
C THR D 4977 15.00 -24.91 -3.79
N HIS D 4978 15.34 -23.66 -3.45
CA HIS D 4978 15.88 -23.37 -2.13
C HIS D 4978 14.86 -23.65 -1.03
N THR D 4979 13.61 -23.24 -1.23
CA THR D 4979 12.61 -23.39 -0.19
C THR D 4979 11.93 -24.75 -0.20
N LEU D 4980 12.19 -25.59 -1.20
CA LEU D 4980 11.67 -26.96 -1.18
C LEU D 4980 12.71 -28.02 -0.92
N GLU D 4981 14.00 -27.71 -1.06
CA GLU D 4981 15.01 -28.73 -0.85
C GLU D 4981 16.12 -28.32 0.11
N GLU D 4982 16.45 -27.03 0.17
CA GLU D 4982 17.60 -26.60 0.94
C GLU D 4982 17.23 -26.16 2.36
N HIS D 4983 16.27 -25.26 2.50
CA HIS D 4983 15.93 -24.71 3.80
C HIS D 4983 14.45 -24.92 4.13
N ASN D 4984 13.96 -26.13 3.94
CA ASN D 4984 12.56 -26.43 4.21
C ASN D 4984 12.33 -26.49 5.72
N LEU D 4985 11.41 -25.64 6.21
CA LEU D 4985 11.09 -25.66 7.63
C LEU D 4985 10.49 -27.00 8.05
N ALA D 4986 9.71 -27.63 7.15
CA ALA D 4986 9.25 -28.98 7.42
C ALA D 4986 10.42 -29.93 7.55
N ASN D 4987 11.46 -29.76 6.73
CA ASN D 4987 12.65 -30.59 6.84
C ASN D 4987 13.34 -30.39 8.18
N TYR D 4988 13.42 -29.14 8.65
CA TYR D 4988 14.04 -28.89 9.95
C TYR D 4988 13.23 -29.54 11.08
N MET D 4989 11.91 -29.45 11.01
CA MET D 4989 11.08 -30.13 12.01
C MET D 4989 11.29 -31.64 11.96
N PHE D 4990 11.35 -32.20 10.75
CA PHE D 4990 11.59 -33.63 10.59
C PHE D 4990 12.94 -34.02 11.18
N PHE D 4991 13.94 -33.15 11.01
CA PHE D 4991 15.26 -33.43 11.57
C PHE D 4991 15.24 -33.41 13.09
N LEU D 4992 14.51 -32.45 13.67
CA LEU D 4992 14.37 -32.43 15.12
C LEU D 4992 13.69 -33.70 15.62
N MET D 4993 12.62 -34.11 14.95
CA MET D 4993 11.94 -35.35 15.32
C MET D 4993 12.87 -36.55 15.19
N TYR D 4994 13.65 -36.60 14.11
CA TYR D 4994 14.56 -37.70 13.88
C TYR D 4994 15.63 -37.78 14.96
N LEU D 4995 16.17 -36.62 15.36
CA LEU D 4995 17.12 -36.60 16.47
C LEU D 4995 16.47 -37.09 17.75
N ILE D 4996 15.23 -36.65 18.02
CA ILE D 4996 14.56 -37.05 19.26
C ILE D 4996 14.36 -38.56 19.29
N ASN D 4997 13.89 -39.14 18.19
CA ASN D 4997 13.68 -40.59 18.16
C ASN D 4997 14.99 -41.35 18.22
N LYS D 4998 16.04 -40.83 17.60
CA LYS D 4998 17.32 -41.53 17.58
C LYS D 4998 17.92 -41.60 18.99
N ASP D 4999 18.66 -42.67 19.24
CA ASP D 4999 19.36 -42.83 20.50
C ASP D 4999 20.61 -41.94 20.53
N GLU D 5000 21.07 -41.66 21.75
CA GLU D 5000 22.22 -40.77 21.92
C GLU D 5000 23.49 -41.37 21.30
N THR D 5001 23.69 -42.68 21.49
CA THR D 5001 24.92 -43.31 21.02
C THR D 5001 25.00 -43.35 19.49
N GLU D 5002 23.87 -43.59 18.84
CA GLU D 5002 23.86 -43.76 17.38
C GLU D 5002 24.10 -42.48 16.62
N HIS D 5003 24.14 -41.33 17.31
CA HIS D 5003 24.33 -40.05 16.64
C HIS D 5003 25.63 -40.02 15.86
N THR D 5004 25.58 -39.47 14.65
CA THR D 5004 26.80 -39.12 13.92
C THR D 5004 27.37 -37.84 14.52
N GLY D 5005 28.50 -37.39 13.98
CA GLY D 5005 29.14 -36.21 14.55
C GLY D 5005 28.29 -34.96 14.43
N GLN D 5006 27.75 -34.71 13.24
CA GLN D 5006 26.92 -33.53 13.03
C GLN D 5006 25.61 -33.64 13.80
N GLU D 5007 25.02 -34.84 13.83
CA GLU D 5007 23.79 -35.04 14.58
C GLU D 5007 24.01 -34.78 16.07
N SER D 5008 25.12 -35.28 16.62
CA SER D 5008 25.39 -35.07 18.03
C SER D 5008 25.71 -33.60 18.32
N TYR D 5009 26.42 -32.94 17.41
CA TYR D 5009 26.70 -31.52 17.57
C TYR D 5009 25.40 -30.73 17.67
N VAL D 5010 24.50 -30.92 16.70
CA VAL D 5010 23.25 -30.16 16.70
C VAL D 5010 22.34 -30.61 17.86
N TRP D 5011 22.41 -31.87 18.26
CA TRP D 5011 21.61 -32.34 19.38
C TRP D 5011 22.02 -31.67 20.69
N LYS D 5012 23.32 -31.64 20.98
CA LYS D 5012 23.79 -30.98 22.19
C LYS D 5012 23.51 -29.48 22.12
N MET D 5013 23.70 -28.87 20.95
CA MET D 5013 23.50 -27.44 20.83
C MET D 5013 22.03 -27.07 20.95
N TYR D 5014 21.13 -27.99 20.60
CA TYR D 5014 19.70 -27.80 20.84
C TYR D 5014 19.35 -28.03 22.31
N GLN D 5015 20.00 -29.00 22.96
CA GLN D 5015 19.77 -29.23 24.38
C GLN D 5015 20.17 -28.02 25.20
N GLU D 5016 21.20 -27.29 24.75
CA GLU D 5016 21.55 -26.02 25.35
C GLU D 5016 20.69 -24.87 24.83
N ARG D 5017 19.83 -25.13 23.85
CA ARG D 5017 18.93 -24.13 23.26
C ARG D 5017 19.70 -22.92 22.73
N CYS D 5018 20.68 -23.19 21.86
CA CYS D 5018 21.39 -22.16 21.12
C CYS D 5018 21.01 -22.33 19.65
N TRP D 5019 20.27 -21.37 19.11
CA TRP D 5019 19.75 -21.45 17.74
C TRP D 5019 20.67 -20.72 16.76
N ASP D 5020 21.93 -21.14 16.75
CA ASP D 5020 22.90 -20.61 15.79
C ASP D 5020 23.25 -21.61 14.70
N PHE D 5021 22.89 -22.89 14.86
CA PHE D 5021 23.07 -23.84 13.77
C PHE D 5021 22.06 -23.60 12.65
N PHE D 5022 20.98 -22.89 12.93
CA PHE D 5022 20.09 -22.45 11.85
C PHE D 5022 20.83 -21.43 11.01
N PRO D 5023 20.99 -21.65 9.71
CA PRO D 5023 21.79 -20.73 8.90
C PRO D 5023 21.16 -19.35 8.80
N ALA D 5024 21.79 -18.35 9.40
CA ALA D 5024 21.27 -16.99 9.45
C ALA D 5024 22.02 -16.13 8.44
N GLY D 5025 21.36 -15.77 7.35
CA GLY D 5025 21.95 -14.92 6.35
C GLY D 5025 22.93 -15.59 5.42
N ASP D 5026 23.10 -16.90 5.52
CA ASP D 5026 24.01 -17.63 4.66
C ASP D 5026 23.36 -18.92 4.20
N CYS D 5027 23.78 -19.41 3.04
CA CYS D 5027 23.26 -20.65 2.49
C CYS D 5027 24.37 -21.35 1.74
N PHE D 5028 24.06 -22.57 1.28
CA PHE D 5028 25.05 -23.38 0.56
C PHE D 5028 25.50 -22.67 -0.72
N ARG D 5029 24.56 -22.11 -1.47
CA ARG D 5029 24.91 -21.38 -2.69
C ARG D 5029 25.75 -20.15 -2.38
N LYS D 5030 25.29 -19.33 -1.44
CA LYS D 5030 26.04 -18.12 -1.10
C LYS D 5030 27.42 -18.45 -0.55
N GLN D 5031 27.61 -19.64 0.00
CA GLN D 5031 28.94 -20.05 0.45
C GLN D 5031 29.79 -20.50 -0.74
N TYR D 5032 29.39 -21.56 -1.42
CA TYR D 5032 30.17 -22.12 -2.52
C TYR D 5032 29.69 -21.61 -3.88
N GLU D 5033 29.49 -20.30 -4.05
CA GLU D 5033 29.21 -19.77 -5.38
C GLU D 5033 30.23 -20.21 -6.42
N ASP D 5034 31.52 -19.97 -6.14
CA ASP D 5034 32.55 -20.25 -7.12
C ASP D 5034 32.65 -21.75 -7.41
N GLN D 5035 32.59 -22.57 -6.37
CA GLN D 5035 32.78 -24.01 -6.56
C GLN D 5035 31.55 -24.67 -7.16
N LEU D 5036 30.35 -24.12 -6.95
CA LEU D 5036 29.17 -24.63 -7.63
C LEU D 5036 29.10 -24.16 -9.08
N SER D 5037 29.60 -22.96 -9.37
CA SER D 5037 29.60 -22.44 -10.73
C SER D 5037 30.48 -23.27 -11.65
#